data_6DM1
#
_entry.id   6DM1
#
_cell.length_a   1
_cell.length_b   1
_cell.length_c   1
_cell.angle_alpha   90.00
_cell.angle_beta   90.00
_cell.angle_gamma   90.00
#
_symmetry.space_group_name_H-M   'P 1'
#
loop_
_entity.id
_entity.type
_entity.pdbx_description
1 polymer 'Glutamate receptor 2,Voltage-dependent calcium channel gamma-2 subunit'
2 non-polymer 'GLUTAMIC ACID'
3 non-polymer CYCLOTHIAZIDE
4 non-polymer N-[3-({4-[(3-aminopropyl)amino]butyl}amino)propyl]-2-(naphthalen-1-yl)acetamide
#
_entity_poly.entity_id   1
_entity_poly.type   'polypeptide(L)'
_entity_poly.pdbx_seq_one_letter_code
;NSIQIGGLFPRGADQEYSAFRVGMVQFSTSEFRLTPHIDNLEVANSFAVTNAFCSQFSRGVYAIFGFYDKKSVNTITSFC
GTLHVSFITPSFPTDGTHPFVIQMRPDLKGALLSLIEYYQWDKFAYLYDSDRGLSTLQAVLDSAAEKKWQVTAINVGNIN
NDKKDETYRSLFQDLELKKERRVILDCERDKVNDIVDQVITIGKHVKGYHYIIANLGFTDGDLLKIQFGGAEVSGFQIVD
YDDSLVSKFIERWSTLEEKEYPGAHTATIKYTSALTYDAVQVMTEAFRNLRKQRIEISRRGNAGDCLANPAVPWGQGVEI
ERALKQVQVEGLSGNIKFDQNGKRINYTINIMELKTNGPRKIGYWSEVDKMVLTEDDTSGLEQKTVVVTTILESPYVMMK
KNHEMLEGNERYEGYCVDLAAEIAKHCGFKYKLTIVGDGKYGARDADTKIWNGMVGELVYGKADIAIAPLTITLVREEVI
DFSKPFMSLGISIMIKKPQKSKPGVFSFLDPLAYEIWMCIVFAYIGVSVVLFLVSRFSPYEWHTEEFEDGRETQSSESTN
EFGIFNSLWFSLGAFMQQGCDISPRSLSGRIVGGVWWFFTLIIISSYTANLAAFLTVERMVSPIESAEDLSKQTEIAYGT
LDSGSTKEFFRRSKIAVFDKMWTYMRSAEPSVFVRTTAEGVARVRKSKGKYAYLLESTMNEYIEQRKPCDTMKVGGNLDS
KGYGIATPKGSSLGTPVNLAVLKLSEQGVLDKLKNKWWYDKGECGAKDSGSKEKTSALSLSNVAGVFYILVGGLGLAMLV
ALIEFCYKSRAEAKRMKGTGLFDRGVQMLLTTVGAFAAFSLMTIAVGTDYWLYSRGVCKTKSVSEDETSKKNEEVMTHSG
LWRTCCLEGNFKGLCKQIDHFPEDADYEADTAEYFLRAVRASSIFPILSVILLFMGGLCIAASEFYKTRHNIILSAGIFF
VSAGLSNIIGIIVYISANAGDPSKSDSKKNSYSYGWSFYFGALSFIIAEMVGVLAVHMFIDRHKQLTGGAE
;
_entity_poly.pdbx_strand_id   A,B,C,D
#
loop_
_chem_comp.id
_chem_comp.type
_chem_comp.name
_chem_comp.formula
CYZ non-polymer CYCLOTHIAZIDE 'C14 H16 Cl N3 O4 S2'
GYY non-polymer N-[3-({4-[(3-aminopropyl)amino]butyl}amino)propyl]-2-(naphthalen-1-yl)acetamide 'C22 H34 N4 O'
#
# COMPACT_ATOMS: atom_id res chain seq x y z
N ASN A 1 40.11 -61.20 -68.46
CA ASN A 1 39.39 -60.08 -69.05
C ASN A 1 39.96 -58.75 -68.59
N SER A 2 40.88 -58.20 -69.37
CA SER A 2 41.47 -56.90 -69.07
C SER A 2 40.49 -55.79 -69.41
N ILE A 3 39.88 -55.20 -68.40
CA ILE A 3 38.85 -54.17 -68.58
C ILE A 3 39.47 -52.81 -68.29
N GLN A 4 39.30 -51.87 -69.22
CA GLN A 4 39.79 -50.52 -69.04
C GLN A 4 39.00 -49.77 -67.96
N ILE A 5 39.68 -49.25 -66.95
CA ILE A 5 39.09 -48.33 -66.01
C ILE A 5 39.89 -47.03 -66.04
N GLY A 6 39.38 -46.01 -65.35
CA GLY A 6 40.06 -44.74 -65.31
C GLY A 6 40.07 -44.17 -63.91
N GLY A 7 41.15 -43.50 -63.53
CA GLY A 7 41.24 -42.95 -62.19
C GLY A 7 41.85 -41.57 -62.19
N LEU A 8 41.31 -40.69 -61.34
CA LEU A 8 41.73 -39.30 -61.27
C LEU A 8 42.15 -38.99 -59.84
N PHE A 9 43.43 -38.88 -59.62
CA PHE A 9 43.81 -38.51 -58.27
C PHE A 9 44.27 -37.06 -58.25
N PRO A 10 43.86 -36.30 -57.23
CA PRO A 10 44.44 -34.99 -57.01
C PRO A 10 45.91 -35.10 -56.64
N ARG A 11 46.70 -34.15 -57.14
CA ARG A 11 48.15 -34.20 -56.97
C ARG A 11 48.51 -33.92 -55.52
N GLY A 12 48.96 -34.96 -54.83
CA GLY A 12 49.15 -34.96 -53.40
C GLY A 12 48.47 -36.12 -52.69
N ALA A 13 47.71 -36.94 -53.41
CA ALA A 13 47.02 -38.07 -52.79
C ALA A 13 47.86 -39.33 -52.87
N ASP A 14 49.09 -39.26 -52.38
CA ASP A 14 50.04 -40.35 -52.52
C ASP A 14 49.65 -41.54 -51.67
N GLN A 15 49.14 -41.28 -50.46
CA GLN A 15 48.69 -42.34 -49.57
C GLN A 15 47.49 -43.08 -50.17
N GLU A 16 46.58 -42.32 -50.78
CA GLU A 16 45.42 -42.93 -51.41
C GLU A 16 45.81 -43.70 -52.66
N TYR A 17 46.83 -43.23 -53.38
CA TYR A 17 47.30 -43.99 -54.53
C TYR A 17 47.99 -45.28 -54.11
N SER A 18 48.75 -45.24 -53.01
CA SER A 18 49.34 -46.45 -52.46
C SER A 18 48.26 -47.42 -52.02
N ALA A 19 47.21 -46.90 -51.38
CA ALA A 19 46.09 -47.75 -50.97
C ALA A 19 45.35 -48.31 -52.18
N PHE A 20 45.30 -47.57 -53.28
CA PHE A 20 44.68 -48.06 -54.49
C PHE A 20 45.49 -49.21 -55.08
N ARG A 21 46.82 -49.10 -55.06
CA ARG A 21 47.63 -50.21 -55.55
C ARG A 21 47.58 -51.40 -54.61
N VAL A 22 47.41 -51.15 -53.31
CA VAL A 22 47.28 -52.26 -52.35
C VAL A 22 45.98 -53.00 -52.57
N GLY A 23 44.89 -52.27 -52.84
CA GLY A 23 43.64 -52.91 -53.21
C GLY A 23 43.73 -53.65 -54.54
N MET A 24 44.49 -53.09 -55.49
CA MET A 24 44.76 -53.78 -56.75
C MET A 24 45.50 -55.09 -56.52
N VAL A 25 46.40 -55.12 -55.54
CA VAL A 25 47.07 -56.36 -55.18
C VAL A 25 46.08 -57.32 -54.53
N GLN A 26 45.33 -56.85 -53.54
CA GLN A 26 44.53 -57.72 -52.70
C GLN A 26 43.30 -58.26 -53.41
N PHE A 27 42.88 -57.67 -54.52
CA PHE A 27 41.65 -58.10 -55.15
C PHE A 27 41.77 -58.46 -56.62
N SER A 28 42.98 -58.59 -57.17
CA SER A 28 43.14 -59.04 -58.54
C SER A 28 42.90 -60.55 -58.63
N THR A 29 42.03 -60.96 -59.54
CA THR A 29 41.71 -62.37 -59.71
C THR A 29 42.40 -62.94 -60.96
N SER A 30 42.03 -64.17 -61.31
CA SER A 30 42.68 -64.85 -62.43
C SER A 30 42.00 -64.54 -63.76
N GLU A 31 40.67 -64.55 -63.78
CA GLU A 31 39.94 -64.36 -65.03
C GLU A 31 39.98 -62.92 -65.52
N PHE A 32 39.38 -62.00 -64.77
CA PHE A 32 39.25 -60.63 -65.24
C PHE A 32 40.27 -59.73 -64.56
N ARG A 33 40.91 -58.90 -65.36
CA ARG A 33 42.00 -58.06 -64.91
C ARG A 33 41.65 -56.60 -65.16
N LEU A 34 42.47 -55.71 -64.64
CA LEU A 34 42.15 -54.29 -64.67
C LEU A 34 43.22 -53.56 -65.46
N THR A 35 42.79 -52.56 -66.23
CA THR A 35 43.68 -51.67 -66.97
C THR A 35 43.47 -50.29 -66.38
N PRO A 36 44.23 -49.92 -65.36
CA PRO A 36 44.03 -48.59 -64.77
C PRO A 36 44.72 -47.53 -65.58
N HIS A 37 44.01 -46.44 -65.87
CA HIS A 37 44.65 -45.27 -66.42
C HIS A 37 44.60 -44.20 -65.33
N ILE A 38 45.74 -44.02 -64.68
CA ILE A 38 45.83 -43.13 -63.53
C ILE A 38 46.26 -41.75 -64.01
N ASP A 39 45.52 -40.72 -63.61
CA ASP A 39 45.81 -39.35 -63.95
C ASP A 39 45.94 -38.56 -62.66
N ASN A 40 47.18 -38.30 -62.26
CA ASN A 40 47.45 -37.41 -61.14
C ASN A 40 47.34 -36.00 -61.68
N LEU A 41 46.10 -35.48 -61.70
CA LEU A 41 45.83 -34.15 -62.22
C LEU A 41 45.01 -33.38 -61.20
N GLU A 42 44.76 -32.11 -61.52
CA GLU A 42 44.20 -31.20 -60.55
C GLU A 42 42.71 -31.43 -60.36
N VAL A 43 42.13 -30.66 -59.44
CA VAL A 43 40.71 -30.79 -59.12
C VAL A 43 39.99 -29.45 -59.10
N ALA A 44 40.71 -28.35 -58.96
CA ALA A 44 40.04 -27.05 -58.81
C ALA A 44 39.61 -26.48 -60.15
N ASN A 45 40.36 -26.78 -61.21
CA ASN A 45 40.11 -26.18 -62.51
C ASN A 45 39.23 -27.11 -63.34
N SER A 46 37.97 -26.70 -63.53
CA SER A 46 37.02 -27.48 -64.29
C SER A 46 37.41 -27.61 -65.75
N PHE A 47 38.20 -26.69 -66.27
CA PHE A 47 38.80 -26.84 -67.60
C PHE A 47 39.66 -28.11 -67.66
N ALA A 48 40.57 -28.27 -66.70
CA ALA A 48 41.43 -29.44 -66.71
C ALA A 48 40.65 -30.71 -66.40
N VAL A 49 39.61 -30.59 -65.56
CA VAL A 49 38.76 -31.75 -65.27
C VAL A 49 38.01 -32.19 -66.52
N THR A 50 37.50 -31.23 -67.28
CA THR A 50 36.81 -31.51 -68.53
C THR A 50 37.76 -32.11 -69.54
N ASN A 51 39.00 -31.61 -69.57
CA ASN A 51 40.03 -32.16 -70.45
C ASN A 51 40.31 -33.62 -70.12
N ALA A 52 40.47 -33.94 -68.83
CA ALA A 52 40.77 -35.31 -68.44
C ALA A 52 39.60 -36.24 -68.71
N PHE A 53 38.37 -35.78 -68.48
CA PHE A 53 37.23 -36.67 -68.67
C PHE A 53 36.96 -36.90 -70.15
N CYS A 54 37.06 -35.86 -70.97
CA CYS A 54 36.93 -36.03 -72.41
C CYS A 54 38.04 -36.89 -72.98
N SER A 55 39.26 -36.77 -72.44
CA SER A 55 40.36 -37.60 -72.91
C SER A 55 40.14 -39.07 -72.57
N GLN A 56 39.68 -39.36 -71.35
CA GLN A 56 39.50 -40.78 -71.03
C GLN A 56 38.24 -41.37 -71.65
N PHE A 57 37.22 -40.58 -71.94
CA PHE A 57 36.10 -41.14 -72.68
C PHE A 57 36.45 -41.30 -74.16
N SER A 58 37.39 -40.49 -74.66
CA SER A 58 37.95 -40.78 -75.98
C SER A 58 38.78 -42.05 -75.95
N ARG A 59 39.50 -42.29 -74.85
CA ARG A 59 40.21 -43.55 -74.64
C ARG A 59 39.27 -44.74 -74.51
N GLY A 60 38.00 -44.52 -74.15
CA GLY A 60 37.07 -45.63 -74.14
C GLY A 60 36.99 -46.33 -72.82
N VAL A 61 36.94 -45.57 -71.73
CA VAL A 61 36.92 -46.10 -70.38
C VAL A 61 35.59 -46.77 -70.09
N TYR A 62 35.60 -47.87 -69.33
CA TYR A 62 34.38 -48.57 -68.96
C TYR A 62 33.87 -48.15 -67.59
N ALA A 63 34.72 -47.60 -66.73
CA ALA A 63 34.31 -47.15 -65.41
C ALA A 63 35.27 -46.07 -64.94
N ILE A 64 34.71 -44.92 -64.60
CA ILE A 64 35.49 -43.77 -64.19
C ILE A 64 35.47 -43.66 -62.67
N PHE A 65 36.63 -43.35 -62.09
CA PHE A 65 36.82 -43.23 -60.66
C PHE A 65 37.73 -42.04 -60.40
N GLY A 66 37.44 -41.32 -59.34
CA GLY A 66 38.25 -40.18 -59.00
C GLY A 66 37.55 -39.31 -57.99
N PHE A 67 38.22 -38.23 -57.59
CA PHE A 67 37.71 -37.40 -56.53
C PHE A 67 37.13 -36.15 -57.18
N TYR A 68 36.47 -35.32 -56.38
CA TYR A 68 36.05 -34.01 -56.87
C TYR A 68 35.95 -33.05 -55.69
N ASP A 69 36.13 -31.77 -56.00
CA ASP A 69 36.04 -30.71 -55.02
C ASP A 69 34.66 -30.05 -55.16
N LYS A 70 34.45 -28.93 -54.48
CA LYS A 70 33.13 -28.31 -54.52
C LYS A 70 32.89 -27.58 -55.83
N LYS A 71 33.92 -27.39 -56.65
CA LYS A 71 33.76 -26.58 -57.84
C LYS A 71 33.55 -27.42 -59.10
N SER A 72 33.97 -28.68 -59.10
CA SER A 72 33.82 -29.53 -60.27
C SER A 72 32.69 -30.52 -60.14
N VAL A 73 31.90 -30.43 -59.07
CA VAL A 73 30.89 -31.45 -58.81
C VAL A 73 29.76 -31.35 -59.83
N ASN A 74 29.36 -30.14 -60.21
CA ASN A 74 28.36 -29.99 -61.24
C ASN A 74 28.86 -30.40 -62.61
N THR A 75 30.14 -30.13 -62.91
CA THR A 75 30.70 -30.53 -64.20
C THR A 75 30.71 -32.04 -64.34
N ILE A 76 31.09 -32.75 -63.28
CA ILE A 76 31.12 -34.20 -63.40
C ILE A 76 29.71 -34.80 -63.39
N THR A 77 28.80 -34.26 -62.58
CA THR A 77 27.46 -34.85 -62.60
C THR A 77 26.72 -34.50 -63.89
N SER A 78 27.05 -33.37 -64.51
CA SER A 78 26.43 -32.95 -65.76
C SER A 78 26.99 -33.71 -66.95
N PHE A 79 28.27 -34.08 -66.94
CA PHE A 79 28.75 -35.03 -67.94
C PHE A 79 28.21 -36.43 -67.73
N CYS A 80 28.12 -36.91 -66.49
CA CYS A 80 27.77 -38.31 -66.29
C CYS A 80 26.28 -38.56 -66.50
N GLY A 81 25.43 -37.57 -66.21
CA GLY A 81 24.02 -37.72 -66.52
C GLY A 81 23.74 -37.80 -68.00
N THR A 82 24.54 -37.11 -68.81
CA THR A 82 24.39 -37.22 -70.26
C THR A 82 25.01 -38.51 -70.77
N LEU A 83 26.28 -38.75 -70.46
CA LEU A 83 27.02 -39.80 -71.13
C LEU A 83 26.81 -41.18 -70.51
N HIS A 84 26.08 -41.27 -69.39
CA HIS A 84 25.65 -42.54 -68.79
C HIS A 84 26.84 -43.43 -68.43
N VAL A 85 27.79 -42.86 -67.72
CA VAL A 85 29.02 -43.55 -67.33
C VAL A 85 29.01 -43.64 -65.80
N SER A 86 29.32 -44.82 -65.28
CA SER A 86 29.29 -45.05 -63.84
C SER A 86 30.52 -44.42 -63.19
N PHE A 87 30.29 -43.49 -62.27
CA PHE A 87 31.35 -42.77 -61.57
C PHE A 87 31.28 -43.12 -60.08
N ILE A 88 32.45 -43.30 -59.47
CA ILE A 88 32.56 -43.78 -58.10
C ILE A 88 33.46 -42.80 -57.35
N THR A 89 33.10 -42.48 -56.11
CA THR A 89 33.89 -41.46 -55.45
C THR A 89 33.98 -41.68 -53.94
N PRO A 90 35.09 -41.28 -53.33
CA PRO A 90 35.17 -41.09 -51.87
C PRO A 90 34.94 -39.67 -51.39
N SER A 91 34.53 -38.74 -52.26
CA SER A 91 34.45 -37.33 -51.88
C SER A 91 33.21 -37.08 -51.04
N PHE A 92 32.89 -35.80 -50.85
CA PHE A 92 31.70 -35.42 -50.10
C PHE A 92 30.45 -35.83 -50.86
N PRO A 93 29.41 -36.24 -50.14
CA PRO A 93 28.16 -36.58 -50.82
C PRO A 93 27.46 -35.34 -51.34
N THR A 94 26.63 -35.56 -52.35
CA THR A 94 25.89 -34.48 -52.99
C THR A 94 24.66 -34.11 -52.20
N ASP A 95 23.79 -33.33 -52.83
CA ASP A 95 22.53 -32.91 -52.23
C ASP A 95 21.33 -33.46 -52.97
N GLY A 96 21.27 -33.21 -54.28
CA GLY A 96 20.20 -33.76 -55.09
C GLY A 96 20.53 -35.17 -55.53
N THR A 97 19.50 -35.94 -55.80
CA THR A 97 19.65 -37.33 -56.23
C THR A 97 20.14 -37.34 -57.67
N HIS A 98 21.43 -37.54 -57.84
CA HIS A 98 21.97 -37.58 -59.18
C HIS A 98 22.23 -39.03 -59.60
N PRO A 99 22.02 -39.35 -60.86
CA PRO A 99 22.30 -40.71 -61.32
C PRO A 99 23.79 -40.91 -61.57
N PHE A 100 24.16 -42.19 -61.64
CA PHE A 100 25.48 -42.67 -62.07
C PHE A 100 26.61 -42.24 -61.16
N VAL A 101 26.31 -41.86 -59.91
CA VAL A 101 27.32 -41.45 -58.96
C VAL A 101 27.18 -42.32 -57.73
N ILE A 102 28.13 -43.22 -57.52
CA ILE A 102 28.23 -44.01 -56.31
C ILE A 102 29.21 -43.30 -55.40
N GLN A 103 28.88 -43.20 -54.12
CA GLN A 103 29.73 -42.47 -53.20
C GLN A 103 29.93 -43.24 -51.91
N MET A 104 31.21 -43.44 -51.57
CA MET A 104 31.62 -44.25 -50.44
C MET A 104 31.56 -43.52 -49.12
N ARG A 105 31.62 -42.21 -49.11
CA ARG A 105 31.62 -41.44 -47.87
C ARG A 105 30.20 -41.34 -47.35
N PRO A 106 29.92 -41.83 -46.14
CA PRO A 106 28.54 -41.84 -45.66
C PRO A 106 28.10 -40.46 -45.23
N ASP A 107 26.80 -40.32 -45.01
CA ASP A 107 26.25 -39.07 -44.52
C ASP A 107 26.61 -38.90 -43.05
N LEU A 108 26.55 -37.66 -42.58
CA LEU A 108 27.00 -37.32 -41.25
C LEU A 108 25.96 -36.62 -40.41
N LYS A 109 25.03 -35.92 -41.05
CA LYS A 109 24.22 -34.89 -40.39
C LYS A 109 23.27 -35.47 -39.36
N GLY A 110 22.75 -36.67 -39.61
CA GLY A 110 21.92 -37.33 -38.63
C GLY A 110 22.68 -37.68 -37.37
N ALA A 111 23.90 -38.20 -37.52
CA ALA A 111 24.73 -38.52 -36.37
C ALA A 111 25.12 -37.27 -35.61
N LEU A 112 25.38 -36.17 -36.31
CA LEU A 112 25.82 -34.96 -35.62
C LEU A 112 24.67 -34.32 -34.86
N LEU A 113 23.47 -34.32 -35.45
CA LEU A 113 22.30 -33.86 -34.72
C LEU A 113 21.97 -34.74 -33.53
N SER A 114 22.17 -36.05 -33.67
CA SER A 114 21.95 -36.95 -32.55
C SER A 114 22.95 -36.70 -31.43
N LEU A 115 24.17 -36.32 -31.79
CA LEU A 115 25.16 -36.07 -30.75
C LEU A 115 24.87 -34.75 -30.04
N ILE A 116 24.35 -33.75 -30.77
CA ILE A 116 23.96 -32.50 -30.12
C ILE A 116 22.78 -32.74 -29.18
N GLU A 117 21.82 -33.56 -29.60
CA GLU A 117 20.71 -33.89 -28.72
C GLU A 117 21.16 -34.71 -27.52
N TYR A 118 22.21 -35.53 -27.68
CA TYR A 118 22.68 -36.31 -26.54
C TYR A 118 23.43 -35.44 -25.54
N TYR A 119 24.31 -34.56 -26.01
CA TYR A 119 24.98 -33.64 -25.11
C TYR A 119 24.06 -32.56 -24.56
N GLN A 120 22.86 -32.39 -25.14
CA GLN A 120 21.79 -31.56 -24.61
C GLN A 120 22.22 -30.08 -24.53
N TRP A 121 22.43 -29.51 -25.70
CA TRP A 121 22.88 -28.12 -25.83
C TRP A 121 21.74 -27.19 -26.20
N ASP A 122 22.03 -25.90 -26.10
CA ASP A 122 21.12 -24.88 -26.63
C ASP A 122 21.85 -23.78 -27.38
N LYS A 123 23.10 -23.52 -26.99
CA LYS A 123 23.81 -22.35 -27.49
C LYS A 123 25.25 -22.71 -27.78
N PHE A 124 25.66 -22.51 -29.02
CA PHE A 124 27.01 -22.92 -29.38
C PHE A 124 27.51 -22.15 -30.59
N ALA A 125 28.82 -22.23 -30.81
CA ALA A 125 29.41 -21.68 -31.99
C ALA A 125 29.77 -22.80 -32.97
N TYR A 126 29.94 -22.41 -34.23
CA TYR A 126 30.04 -23.36 -35.33
C TYR A 126 31.02 -22.77 -36.34
N LEU A 127 32.24 -23.30 -36.35
CA LEU A 127 33.20 -22.81 -37.32
C LEU A 127 33.21 -23.71 -38.55
N TYR A 128 33.05 -23.09 -39.72
CA TYR A 128 32.93 -23.93 -40.90
C TYR A 128 33.98 -23.53 -41.93
N ASP A 129 34.23 -24.47 -42.85
CA ASP A 129 35.00 -24.22 -44.06
C ASP A 129 34.10 -24.45 -45.25
N SER A 130 34.33 -23.68 -46.32
CA SER A 130 33.40 -23.70 -47.44
C SER A 130 33.73 -24.77 -48.46
N ASP A 131 35.01 -25.21 -48.51
CA ASP A 131 35.48 -26.03 -49.62
C ASP A 131 34.87 -27.41 -49.65
N ARG A 132 34.44 -27.94 -48.51
CA ARG A 132 33.81 -29.24 -48.48
C ARG A 132 32.32 -29.14 -48.78
N GLY A 133 31.76 -27.93 -48.77
CA GLY A 133 30.36 -27.73 -48.99
C GLY A 133 29.68 -27.07 -47.80
N LEU A 134 28.41 -26.75 -47.99
CA LEU A 134 27.64 -26.05 -46.97
C LEU A 134 26.36 -26.78 -46.59
N SER A 135 26.25 -28.07 -46.90
CA SER A 135 25.03 -28.81 -46.62
C SER A 135 24.80 -28.98 -45.13
N THR A 136 25.86 -29.19 -44.34
CA THR A 136 25.68 -29.32 -42.91
C THR A 136 25.26 -27.99 -42.30
N LEU A 137 25.77 -26.89 -42.85
CA LEU A 137 25.37 -25.58 -42.37
C LEU A 137 23.92 -25.30 -42.71
N GLN A 138 23.46 -25.76 -43.87
CA GLN A 138 22.04 -25.63 -44.18
C GLN A 138 21.20 -26.58 -43.34
N ALA A 139 21.79 -27.67 -42.87
CA ALA A 139 21.01 -28.63 -42.11
C ALA A 139 20.81 -28.18 -40.67
N VAL A 140 21.85 -27.69 -40.03
CA VAL A 140 21.74 -27.43 -38.60
C VAL A 140 20.93 -26.18 -38.32
N LEU A 141 20.80 -25.29 -39.30
CA LEU A 141 19.97 -24.11 -39.09
C LEU A 141 18.49 -24.44 -39.03
N ASP A 142 18.05 -25.51 -39.70
CA ASP A 142 16.64 -25.87 -39.61
C ASP A 142 16.32 -26.47 -38.24
N SER A 143 17.21 -27.29 -37.70
CA SER A 143 17.02 -27.78 -36.36
C SER A 143 17.21 -26.69 -35.33
N ALA A 144 17.97 -25.65 -35.67
CA ALA A 144 18.00 -24.47 -34.81
C ALA A 144 16.68 -23.72 -34.85
N ALA A 145 16.03 -23.70 -36.02
CA ALA A 145 14.72 -23.07 -36.14
C ALA A 145 13.67 -23.86 -35.39
N GLU A 146 13.82 -25.17 -35.31
CA GLU A 146 12.83 -25.98 -34.62
C GLU A 146 13.08 -26.02 -33.12
N LYS A 147 14.27 -26.45 -32.70
CA LYS A 147 14.57 -26.68 -31.30
C LYS A 147 15.00 -25.41 -30.57
N LYS A 148 14.77 -24.24 -31.17
CA LYS A 148 15.12 -22.89 -30.66
C LYS A 148 16.54 -22.82 -30.09
N TRP A 149 17.53 -23.11 -30.92
CA TRP A 149 18.91 -23.04 -30.49
C TRP A 149 19.48 -21.65 -30.71
N GLN A 150 20.47 -21.28 -29.90
CA GLN A 150 21.22 -20.05 -30.08
C GLN A 150 22.55 -20.39 -30.76
N VAL A 151 22.61 -20.16 -32.06
CA VAL A 151 23.69 -20.64 -32.89
C VAL A 151 24.46 -19.46 -33.45
N THR A 152 25.78 -19.46 -33.29
CA THR A 152 26.64 -18.50 -33.96
C THR A 152 27.58 -19.24 -34.89
N ALA A 153 27.46 -18.97 -36.19
CA ALA A 153 28.22 -19.71 -37.19
C ALA A 153 29.13 -18.76 -37.96
N ILE A 154 30.41 -19.11 -38.07
CA ILE A 154 31.42 -18.19 -38.59
C ILE A 154 32.23 -18.92 -39.66
N ASN A 155 32.45 -18.25 -40.78
CA ASN A 155 33.35 -18.73 -41.82
C ASN A 155 34.79 -18.61 -41.35
N VAL A 156 35.63 -19.56 -41.77
CA VAL A 156 37.04 -19.50 -41.45
C VAL A 156 37.93 -19.77 -42.66
N GLY A 157 37.41 -20.29 -43.77
CA GLY A 157 38.26 -20.79 -44.83
C GLY A 157 38.85 -19.74 -45.75
N ASN A 158 38.50 -18.48 -45.57
CA ASN A 158 39.00 -17.45 -46.46
C ASN A 158 40.32 -16.86 -46.00
N ILE A 159 40.72 -17.13 -44.75
CA ILE A 159 41.85 -16.44 -44.16
C ILE A 159 43.16 -16.97 -44.72
N ASN A 160 43.98 -16.07 -45.24
CA ASN A 160 45.22 -16.46 -45.90
C ASN A 160 46.33 -16.71 -44.87
N ASN A 161 47.26 -17.59 -45.25
CA ASN A 161 48.30 -18.13 -44.36
C ASN A 161 49.16 -17.07 -43.72
N ASP A 162 49.47 -15.99 -44.45
CA ASP A 162 50.29 -14.91 -43.94
C ASP A 162 49.67 -14.18 -42.75
N LYS A 163 48.40 -14.41 -42.45
CA LYS A 163 47.80 -13.77 -41.29
C LYS A 163 47.23 -14.77 -40.29
N LYS A 164 47.63 -16.06 -40.37
CA LYS A 164 46.92 -17.00 -39.50
C LYS A 164 47.54 -17.10 -38.10
N ASP A 165 47.80 -15.96 -37.50
CA ASP A 165 48.24 -15.89 -36.11
C ASP A 165 47.44 -14.89 -35.29
N GLU A 166 47.06 -13.76 -35.89
CA GLU A 166 46.28 -12.75 -35.22
C GLU A 166 44.81 -12.76 -35.61
N THR A 167 44.49 -13.23 -36.82
CA THR A 167 43.10 -13.29 -37.25
C THR A 167 42.31 -14.30 -36.43
N TYR A 168 42.90 -15.48 -36.19
CA TYR A 168 42.27 -16.47 -35.32
C TYR A 168 42.17 -15.94 -33.90
N ARG A 169 43.15 -15.15 -33.48
CA ARG A 169 43.13 -14.58 -32.13
C ARG A 169 42.00 -13.59 -31.98
N SER A 170 41.80 -12.75 -33.00
CA SER A 170 40.69 -11.81 -33.01
C SER A 170 39.36 -12.55 -33.06
N LEU A 171 39.33 -13.68 -33.77
CA LEU A 171 38.14 -14.52 -33.84
C LEU A 171 37.78 -15.09 -32.47
N PHE A 172 38.76 -15.62 -31.76
CA PHE A 172 38.48 -16.15 -30.43
C PHE A 172 38.20 -15.06 -29.41
N GLN A 173 38.78 -13.87 -29.56
CA GLN A 173 38.40 -12.76 -28.69
C GLN A 173 36.96 -12.34 -28.94
N ASP A 174 36.52 -12.40 -30.19
CA ASP A 174 35.13 -12.06 -30.48
C ASP A 174 34.18 -13.18 -30.06
N LEU A 175 34.69 -14.40 -29.95
CA LEU A 175 33.92 -15.42 -29.25
C LEU A 175 33.86 -15.14 -27.76
N GLU A 176 34.96 -14.64 -27.20
CA GLU A 176 34.96 -14.30 -25.78
C GLU A 176 34.20 -13.02 -25.47
N LEU A 177 33.73 -12.31 -26.49
CA LEU A 177 32.73 -11.27 -26.24
C LEU A 177 31.45 -11.88 -25.71
N LYS A 178 31.13 -13.11 -26.13
CA LYS A 178 29.99 -13.82 -25.59
C LYS A 178 30.40 -14.98 -24.71
N LYS A 179 31.69 -15.28 -24.62
CA LYS A 179 32.27 -16.37 -23.82
C LYS A 179 31.64 -17.71 -24.19
N GLU A 180 31.93 -18.13 -25.42
CA GLU A 180 31.40 -19.39 -25.93
C GLU A 180 32.09 -20.58 -25.26
N ARG A 181 31.30 -21.59 -24.98
CA ARG A 181 31.79 -22.76 -24.29
C ARG A 181 31.75 -24.02 -25.13
N ARG A 182 30.96 -24.04 -26.20
CA ARG A 182 30.66 -25.23 -26.96
C ARG A 182 30.94 -24.91 -28.41
N VAL A 183 31.91 -25.57 -29.02
CA VAL A 183 32.33 -25.24 -30.37
C VAL A 183 32.25 -26.51 -31.21
N ILE A 184 31.60 -26.41 -32.36
CA ILE A 184 31.68 -27.45 -33.38
C ILE A 184 32.64 -26.97 -34.45
N LEU A 185 33.77 -27.64 -34.59
CA LEU A 185 34.64 -27.40 -35.72
C LEU A 185 34.17 -28.27 -36.87
N ASP A 186 34.24 -27.75 -38.09
CA ASP A 186 33.82 -28.52 -39.25
C ASP A 186 34.76 -28.15 -40.39
N CYS A 187 35.85 -28.89 -40.52
CA CYS A 187 36.85 -28.55 -41.52
C CYS A 187 37.51 -29.84 -41.99
N GLU A 188 38.64 -29.69 -42.69
CA GLU A 188 39.48 -30.83 -43.00
C GLU A 188 40.60 -30.97 -41.97
N ARG A 189 41.37 -32.04 -42.12
CA ARG A 189 42.38 -32.42 -41.13
C ARG A 189 43.49 -31.39 -41.03
N ASP A 190 43.81 -30.74 -42.15
CA ASP A 190 44.83 -29.71 -42.14
C ASP A 190 44.37 -28.49 -41.36
N LYS A 191 43.12 -28.07 -41.57
CA LYS A 191 42.61 -26.92 -40.84
C LYS A 191 42.42 -27.23 -39.36
N VAL A 192 42.10 -28.49 -39.04
CA VAL A 192 41.99 -28.88 -37.63
C VAL A 192 43.35 -28.80 -36.95
N ASN A 193 44.38 -29.34 -37.60
CA ASN A 193 45.74 -29.23 -37.05
C ASN A 193 46.24 -27.79 -37.03
N ASP A 194 45.70 -26.92 -37.87
CA ASP A 194 46.12 -25.52 -37.81
C ASP A 194 45.35 -24.75 -36.75
N ILE A 195 44.15 -25.20 -36.40
CA ILE A 195 43.36 -24.44 -35.46
C ILE A 195 43.55 -24.92 -34.02
N VAL A 196 43.88 -26.19 -33.80
CA VAL A 196 44.05 -26.69 -32.43
C VAL A 196 45.33 -26.16 -31.82
N ASP A 197 46.37 -25.99 -32.66
CA ASP A 197 47.59 -25.34 -32.19
C ASP A 197 47.34 -23.90 -31.78
N GLN A 198 46.44 -23.22 -32.47
CA GLN A 198 46.08 -21.87 -32.09
C GLN A 198 45.28 -21.86 -30.80
N VAL A 199 44.45 -22.89 -30.59
CA VAL A 199 43.71 -23.03 -29.33
C VAL A 199 44.68 -23.26 -28.17
N ILE A 200 45.76 -24.00 -28.42
CA ILE A 200 46.78 -24.18 -27.41
C ILE A 200 47.50 -22.87 -27.12
N THR A 201 47.81 -22.11 -28.19
CA THR A 201 48.51 -20.84 -28.05
C THR A 201 47.69 -19.83 -27.23
N ILE A 202 46.37 -19.81 -27.44
CA ILE A 202 45.53 -18.95 -26.63
C ILE A 202 45.22 -19.60 -25.29
N GLY A 203 45.47 -20.90 -25.14
CA GLY A 203 45.34 -21.53 -23.84
C GLY A 203 43.95 -21.95 -23.44
N LYS A 204 43.09 -22.29 -24.39
CA LYS A 204 41.70 -22.62 -24.11
C LYS A 204 41.45 -24.12 -24.10
N HIS A 205 42.40 -24.89 -23.59
CA HIS A 205 42.25 -26.34 -23.50
C HIS A 205 41.99 -26.80 -22.08
N VAL A 206 41.60 -25.90 -21.19
CA VAL A 206 41.33 -26.21 -19.80
C VAL A 206 39.92 -26.77 -19.66
N LYS A 207 39.60 -27.22 -18.45
CA LYS A 207 38.25 -27.63 -18.08
C LYS A 207 37.23 -26.53 -18.38
N GLY A 208 36.09 -26.96 -18.92
CA GLY A 208 34.95 -26.10 -19.16
C GLY A 208 34.57 -25.98 -20.62
N TYR A 209 35.55 -25.84 -21.49
CA TYR A 209 35.30 -25.70 -22.91
C TYR A 209 34.99 -27.07 -23.48
N HIS A 210 34.37 -27.10 -24.65
CA HIS A 210 33.89 -28.37 -25.16
C HIS A 210 33.97 -28.31 -26.68
N TYR A 211 34.50 -29.36 -27.28
CA TYR A 211 34.85 -29.34 -28.69
C TYR A 211 34.31 -30.58 -29.36
N ILE A 212 33.73 -30.38 -30.55
CA ILE A 212 33.30 -31.51 -31.36
C ILE A 212 33.91 -31.38 -32.74
N ILE A 213 34.62 -32.43 -33.17
CA ILE A 213 35.29 -32.43 -34.45
C ILE A 213 34.44 -33.19 -35.45
N ALA A 214 34.05 -32.52 -36.53
CA ALA A 214 33.18 -33.15 -37.52
C ALA A 214 33.96 -33.76 -38.67
N ASN A 215 34.99 -34.53 -38.33
CA ASN A 215 35.74 -35.27 -39.33
C ASN A 215 35.63 -36.75 -39.02
N LEU A 216 35.52 -37.55 -40.08
CA LEU A 216 35.38 -38.99 -39.92
C LEU A 216 36.66 -39.60 -39.36
N GLY A 217 37.80 -39.01 -39.68
CA GLY A 217 39.08 -39.45 -39.16
C GLY A 217 39.47 -38.77 -37.86
N PHE A 218 38.81 -39.18 -36.77
CA PHE A 218 38.98 -38.50 -35.49
C PHE A 218 40.36 -38.74 -34.88
N THR A 219 40.99 -39.86 -35.18
CA THR A 219 42.35 -40.11 -34.76
C THR A 219 43.39 -39.75 -35.80
N ASP A 220 43.01 -39.03 -36.85
CA ASP A 220 44.00 -38.66 -37.85
C ASP A 220 44.81 -37.46 -37.41
N GLY A 221 44.17 -36.48 -36.79
CA GLY A 221 44.86 -35.32 -36.27
C GLY A 221 45.69 -35.66 -35.06
N ASP A 222 46.61 -34.76 -34.75
CA ASP A 222 47.49 -34.94 -33.60
C ASP A 222 46.76 -34.46 -32.36
N LEU A 223 46.08 -35.37 -31.69
CA LEU A 223 45.34 -35.07 -30.46
C LEU A 223 46.19 -35.19 -29.22
N LEU A 224 47.45 -35.57 -29.36
CA LEU A 224 48.30 -35.77 -28.20
C LEU A 224 48.70 -34.45 -27.56
N LYS A 225 48.54 -33.35 -28.29
CA LYS A 225 48.88 -32.05 -27.72
C LYS A 225 47.73 -31.42 -26.96
N ILE A 226 46.55 -32.04 -26.95
CA ILE A 226 45.45 -31.61 -26.08
C ILE A 226 44.86 -32.76 -25.29
N GLN A 227 45.58 -33.89 -25.19
CA GLN A 227 45.06 -35.01 -24.44
C GLN A 227 45.04 -34.74 -22.95
N PHE A 228 46.04 -34.03 -22.46
CA PHE A 228 46.28 -33.90 -21.03
C PHE A 228 45.92 -32.51 -20.55
N GLY A 229 45.23 -31.76 -21.41
CA GLY A 229 44.91 -30.37 -21.11
C GLY A 229 43.81 -30.22 -20.09
N GLY A 230 42.62 -30.67 -20.41
CA GLY A 230 41.48 -30.48 -19.54
C GLY A 230 40.19 -30.23 -20.29
N ALA A 231 40.29 -29.91 -21.57
CA ALA A 231 39.12 -29.74 -22.42
C ALA A 231 38.49 -31.09 -22.74
N GLU A 232 37.31 -31.06 -23.35
CA GLU A 232 36.56 -32.28 -23.63
C GLU A 232 36.29 -32.35 -25.13
N VAL A 233 36.97 -33.27 -25.81
CA VAL A 233 36.98 -33.32 -27.27
C VAL A 233 36.32 -34.62 -27.72
N SER A 234 35.24 -34.50 -28.47
CA SER A 234 34.56 -35.67 -28.97
C SER A 234 34.52 -35.65 -30.49
N GLY A 235 34.35 -36.83 -31.06
CA GLY A 235 34.27 -36.99 -32.50
C GLY A 235 33.75 -38.36 -32.80
N PHE A 236 34.17 -38.91 -33.95
CA PHE A 236 33.61 -40.16 -34.42
C PHE A 236 34.52 -40.80 -35.46
N GLN A 237 34.38 -42.12 -35.59
CA GLN A 237 35.17 -42.92 -36.49
C GLN A 237 34.29 -43.76 -37.40
N ILE A 238 34.84 -44.11 -38.55
CA ILE A 238 34.26 -45.12 -39.42
C ILE A 238 35.21 -46.30 -39.55
N VAL A 239 36.46 -46.14 -39.13
CA VAL A 239 37.47 -47.19 -39.24
C VAL A 239 37.62 -47.84 -37.88
N ASP A 240 37.34 -49.14 -37.81
CA ASP A 240 37.29 -49.87 -36.55
C ASP A 240 38.57 -50.67 -36.36
N TYR A 241 39.51 -50.11 -35.58
CA TYR A 241 40.75 -50.81 -35.27
C TYR A 241 40.55 -52.01 -34.36
N ASP A 242 39.37 -52.20 -33.78
CA ASP A 242 39.06 -53.37 -32.97
C ASP A 242 38.63 -54.58 -33.79
N ASP A 243 38.50 -54.45 -35.10
CA ASP A 243 38.06 -55.58 -35.90
C ASP A 243 39.24 -56.39 -36.41
N SER A 244 38.97 -57.68 -36.63
CA SER A 244 40.02 -58.62 -36.96
C SER A 244 40.59 -58.36 -38.35
N LEU A 245 39.71 -58.14 -39.34
CA LEU A 245 40.16 -57.89 -40.70
C LEU A 245 40.92 -56.58 -40.79
N VAL A 246 40.50 -55.59 -39.99
CA VAL A 246 41.17 -54.30 -39.99
C VAL A 246 42.55 -54.42 -39.34
N SER A 247 42.64 -55.22 -38.28
CA SER A 247 43.94 -55.47 -37.67
C SER A 247 44.87 -56.24 -38.59
N LYS A 248 44.31 -57.17 -39.36
CA LYS A 248 45.08 -57.86 -40.39
C LYS A 248 45.60 -56.88 -41.44
N PHE A 249 44.75 -55.94 -41.85
CA PHE A 249 45.15 -54.95 -42.82
C PHE A 249 46.23 -54.02 -42.26
N ILE A 250 46.15 -53.70 -40.97
CA ILE A 250 47.18 -52.88 -40.34
C ILE A 250 48.51 -53.64 -40.28
N GLU A 251 48.45 -54.93 -39.96
CA GLU A 251 49.67 -55.73 -39.89
C GLU A 251 50.29 -55.92 -41.26
N ARG A 252 49.48 -56.09 -42.30
CA ARG A 252 49.97 -56.02 -43.67
C ARG A 252 50.48 -54.64 -44.03
N TRP A 253 49.91 -53.60 -43.44
CA TRP A 253 50.17 -52.23 -43.87
C TRP A 253 51.52 -51.74 -43.39
N SER A 254 51.71 -51.72 -42.07
CA SER A 254 52.78 -50.94 -41.45
C SER A 254 54.16 -51.48 -41.78
N THR A 255 54.26 -52.77 -42.07
CA THR A 255 55.54 -53.40 -42.36
C THR A 255 56.08 -53.05 -43.74
N LEU A 256 55.29 -52.41 -44.59
CA LEU A 256 55.67 -52.26 -45.97
C LEU A 256 56.73 -51.17 -46.16
N GLU A 257 57.15 -51.02 -47.41
CA GLU A 257 58.23 -50.10 -47.75
C GLU A 257 57.69 -48.70 -48.00
N GLU A 258 58.24 -47.74 -47.25
CA GLU A 258 57.86 -46.34 -47.42
C GLU A 258 58.30 -45.79 -48.77
N LYS A 259 59.40 -46.30 -49.32
CA LYS A 259 59.86 -45.84 -50.62
C LYS A 259 58.98 -46.38 -51.74
N GLU A 260 58.57 -47.63 -51.63
CA GLU A 260 57.73 -48.21 -52.68
C GLU A 260 56.29 -47.70 -52.55
N TYR A 261 55.84 -47.44 -51.34
CA TYR A 261 54.51 -46.87 -51.12
C TYR A 261 54.64 -45.72 -50.13
N PRO A 262 54.59 -44.48 -50.61
CA PRO A 262 54.77 -43.33 -49.70
C PRO A 262 53.57 -43.16 -48.79
N GLY A 263 53.83 -42.77 -47.55
CA GLY A 263 52.78 -42.59 -46.57
C GLY A 263 52.10 -43.88 -46.15
N ALA A 264 52.85 -44.97 -46.02
CA ALA A 264 52.27 -46.25 -45.68
C ALA A 264 52.98 -46.97 -44.54
N HIS A 265 54.09 -46.45 -44.05
CA HIS A 265 54.82 -47.10 -42.96
C HIS A 265 54.44 -46.47 -41.61
N THR A 266 53.14 -46.49 -41.33
CA THR A 266 52.60 -45.97 -40.09
C THR A 266 51.59 -46.94 -39.52
N ALA A 267 51.14 -46.63 -38.30
CA ALA A 267 50.16 -47.47 -37.63
C ALA A 267 48.74 -47.12 -38.07
N THR A 268 48.49 -45.84 -38.33
CA THR A 268 47.16 -45.36 -38.65
C THR A 268 47.03 -45.11 -40.15
N ILE A 269 45.83 -44.75 -40.58
CA ILE A 269 45.52 -44.57 -42.00
C ILE A 269 44.38 -43.57 -42.09
N LYS A 270 44.22 -42.97 -43.27
CA LYS A 270 43.14 -42.01 -43.46
C LYS A 270 41.90 -42.72 -43.98
N TYR A 271 40.74 -42.15 -43.65
CA TYR A 271 39.47 -42.75 -44.05
C TYR A 271 39.27 -42.62 -45.56
N THR A 272 39.89 -41.60 -46.16
CA THR A 272 39.91 -41.50 -47.62
C THR A 272 40.62 -42.70 -48.24
N SER A 273 41.79 -43.04 -47.72
CA SER A 273 42.51 -44.21 -48.23
C SER A 273 41.77 -45.50 -47.90
N ALA A 274 41.03 -45.53 -46.79
CA ALA A 274 40.25 -46.72 -46.46
C ALA A 274 39.12 -46.93 -47.46
N LEU A 275 38.41 -45.85 -47.80
CA LEU A 275 37.39 -45.97 -48.83
C LEU A 275 37.99 -46.23 -50.20
N THR A 276 39.22 -45.76 -50.43
CA THR A 276 39.94 -46.08 -51.67
C THR A 276 40.22 -47.57 -51.77
N TYR A 277 40.62 -48.18 -50.66
CA TYR A 277 40.82 -49.62 -50.61
C TYR A 277 39.50 -50.36 -50.78
N ASP A 278 38.40 -49.81 -50.26
CA ASP A 278 37.12 -50.49 -50.40
C ASP A 278 36.58 -50.40 -51.82
N ALA A 279 36.92 -49.34 -52.54
CA ALA A 279 36.37 -49.14 -53.88
C ALA A 279 36.85 -50.20 -54.86
N VAL A 280 38.08 -50.70 -54.67
CA VAL A 280 38.61 -51.73 -55.54
C VAL A 280 37.86 -53.04 -55.32
N GLN A 281 37.53 -53.34 -54.07
CA GLN A 281 36.72 -54.53 -53.77
C GLN A 281 35.33 -54.40 -54.36
N VAL A 282 34.78 -53.19 -54.33
CA VAL A 282 33.48 -52.93 -54.96
C VAL A 282 33.56 -53.17 -56.47
N MET A 283 34.64 -52.71 -57.09
CA MET A 283 34.84 -52.84 -58.53
C MET A 283 34.99 -54.31 -58.94
N THR A 284 35.78 -55.06 -58.17
CA THR A 284 36.01 -56.47 -58.45
C THR A 284 34.74 -57.28 -58.26
N GLU A 285 33.98 -56.99 -57.20
CA GLU A 285 32.71 -57.67 -56.99
C GLU A 285 31.69 -57.35 -58.09
N ALA A 286 31.69 -56.10 -58.57
CA ALA A 286 30.78 -55.71 -59.64
C ALA A 286 31.08 -56.46 -60.93
N PHE A 287 32.33 -56.39 -61.39
CA PHE A 287 32.69 -57.11 -62.61
C PHE A 287 32.72 -58.62 -62.42
N ARG A 288 32.79 -59.11 -61.19
CA ARG A 288 32.55 -60.50 -60.88
C ARG A 288 31.12 -60.92 -61.16
N ASN A 289 30.15 -60.21 -60.58
CA ASN A 289 28.75 -60.57 -60.80
C ASN A 289 28.27 -60.27 -62.22
N LEU A 290 28.98 -59.41 -62.94
CA LEU A 290 28.74 -59.28 -64.38
C LEU A 290 29.03 -60.56 -65.15
N ARG A 291 29.99 -61.37 -64.73
CA ARG A 291 30.23 -62.62 -65.44
C ARG A 291 29.20 -63.68 -65.07
N LYS A 292 28.80 -63.72 -63.80
CA LYS A 292 27.85 -64.75 -63.37
C LYS A 292 26.44 -64.44 -63.83
N GLN A 293 26.10 -63.15 -63.98
CA GLN A 293 24.86 -62.80 -64.65
C GLN A 293 25.02 -62.76 -66.16
N ARG A 294 26.24 -62.97 -66.66
CA ARG A 294 26.56 -63.09 -68.09
C ARG A 294 26.20 -61.83 -68.87
N ILE A 295 26.37 -60.68 -68.23
CA ILE A 295 26.16 -59.40 -68.88
C ILE A 295 27.46 -59.02 -69.58
N GLU A 296 27.40 -58.83 -70.89
CA GLU A 296 28.59 -58.47 -71.64
C GLU A 296 28.65 -56.96 -71.86
N ILE A 297 29.79 -56.38 -71.50
CA ILE A 297 30.01 -54.95 -71.60
C ILE A 297 31.04 -54.69 -72.69
N SER A 298 31.04 -55.58 -73.69
CA SER A 298 31.97 -55.54 -74.81
C SER A 298 31.88 -54.23 -75.57
N ARG A 299 32.99 -53.87 -76.22
CA ARG A 299 33.30 -52.52 -76.69
C ARG A 299 32.26 -51.95 -77.64
N ARG A 300 31.97 -50.67 -77.44
CA ARG A 300 31.09 -49.88 -78.28
C ARG A 300 31.92 -49.10 -79.29
N GLY A 301 31.31 -48.14 -79.97
CA GLY A 301 32.04 -47.18 -80.81
C GLY A 301 33.06 -46.45 -79.99
N ASN A 302 34.21 -46.16 -80.59
CA ASN A 302 35.47 -45.84 -79.90
C ASN A 302 35.31 -44.58 -79.05
N ALA A 303 35.13 -43.41 -79.63
CA ALA A 303 35.14 -42.20 -78.81
C ALA A 303 33.85 -41.43 -78.79
N GLY A 304 33.43 -40.86 -79.91
CA GLY A 304 32.48 -39.76 -79.91
C GLY A 304 32.78 -38.67 -78.90
N ASP A 305 33.88 -37.92 -79.08
CA ASP A 305 34.82 -37.53 -78.02
C ASP A 305 34.20 -37.06 -76.72
N CYS A 306 33.64 -35.84 -76.70
CA CYS A 306 32.66 -35.48 -75.69
C CYS A 306 31.66 -34.47 -76.24
N LEU A 307 31.97 -33.90 -77.40
CA LEU A 307 31.15 -32.81 -77.93
C LEU A 307 30.18 -33.31 -78.99
N ALA A 308 29.69 -34.54 -78.82
CA ALA A 308 28.66 -35.06 -79.70
C ALA A 308 27.36 -34.31 -79.47
N ASN A 309 26.83 -33.69 -80.52
CA ASN A 309 25.65 -32.85 -80.34
C ASN A 309 24.40 -33.72 -80.22
N PRO A 310 24.19 -34.77 -81.06
CA PRO A 310 23.24 -35.80 -80.59
C PRO A 310 23.97 -36.94 -79.87
N ALA A 311 24.38 -36.65 -78.63
CA ALA A 311 25.20 -37.55 -77.82
C ALA A 311 24.52 -38.89 -77.56
N VAL A 312 25.27 -39.97 -77.66
CA VAL A 312 24.72 -41.32 -77.73
C VAL A 312 25.10 -42.09 -76.47
N PRO A 313 24.13 -42.50 -75.68
CA PRO A 313 24.41 -43.37 -74.54
C PRO A 313 24.47 -44.84 -74.93
N TRP A 314 24.62 -45.68 -73.90
CA TRP A 314 24.52 -47.13 -74.01
C TRP A 314 24.22 -47.69 -72.63
N GLY A 315 23.12 -48.44 -72.51
CA GLY A 315 22.51 -48.92 -71.29
C GLY A 315 23.15 -50.12 -70.62
N GLN A 316 24.19 -50.67 -71.24
CA GLN A 316 25.00 -51.66 -70.55
C GLN A 316 25.66 -51.07 -69.32
N GLY A 317 26.03 -49.78 -69.38
CA GLY A 317 26.45 -49.08 -68.19
C GLY A 317 25.35 -48.89 -67.18
N VAL A 318 24.10 -48.81 -67.63
CA VAL A 318 22.97 -48.75 -66.69
C VAL A 318 22.82 -50.08 -65.97
N GLU A 319 23.11 -51.19 -66.68
CA GLU A 319 23.02 -52.48 -66.00
C GLU A 319 24.25 -52.74 -65.13
N ILE A 320 25.39 -52.15 -65.50
CA ILE A 320 26.54 -52.06 -64.60
C ILE A 320 26.13 -51.37 -63.32
N GLU A 321 25.40 -50.25 -63.45
CA GLU A 321 24.90 -49.52 -62.30
C GLU A 321 23.94 -50.35 -61.45
N ARG A 322 23.07 -51.11 -62.11
CA ARG A 322 22.14 -51.99 -61.39
C ARG A 322 22.89 -53.06 -60.61
N ALA A 323 23.97 -53.58 -61.19
CA ALA A 323 24.84 -54.49 -60.46
C ALA A 323 25.58 -53.79 -59.33
N LEU A 324 25.94 -52.51 -59.51
CA LEU A 324 26.61 -51.75 -58.47
C LEU A 324 25.73 -51.59 -57.25
N LYS A 325 24.46 -51.19 -57.46
CA LYS A 325 23.54 -51.01 -56.33
C LYS A 325 23.22 -52.32 -55.61
N GLN A 326 23.40 -53.47 -56.26
CA GLN A 326 23.11 -54.74 -55.62
C GLN A 326 24.33 -55.38 -54.96
N VAL A 327 25.44 -54.65 -54.85
CA VAL A 327 26.60 -55.17 -54.13
C VAL A 327 26.30 -55.12 -52.64
N GLN A 328 26.52 -56.24 -51.96
CA GLN A 328 26.46 -56.27 -50.49
C GLN A 328 27.68 -57.06 -50.04
N VAL A 329 28.80 -56.36 -49.85
CA VAL A 329 30.02 -57.00 -49.35
C VAL A 329 30.48 -56.29 -48.08
N GLU A 330 31.59 -56.73 -47.53
CA GLU A 330 32.08 -56.26 -46.25
C GLU A 330 33.48 -55.69 -46.40
N GLY A 331 33.65 -54.43 -46.01
CA GLY A 331 34.94 -53.77 -46.11
C GLY A 331 35.39 -53.14 -44.82
N LEU A 332 36.33 -52.19 -44.91
CA LEU A 332 36.91 -51.61 -43.72
C LEU A 332 35.95 -50.68 -42.99
N SER A 333 34.92 -50.19 -43.67
CA SER A 333 33.87 -49.46 -43.00
C SER A 333 32.74 -50.37 -42.52
N GLY A 334 32.87 -51.67 -42.68
CA GLY A 334 31.85 -52.60 -42.26
C GLY A 334 30.94 -53.02 -43.39
N ASN A 335 29.63 -52.94 -43.18
CA ASN A 335 28.68 -53.31 -44.21
C ASN A 335 28.45 -52.12 -45.14
N ILE A 336 28.13 -52.41 -46.39
CA ILE A 336 27.72 -51.39 -47.36
C ILE A 336 26.39 -51.79 -47.97
N LYS A 337 25.57 -50.79 -48.30
CA LYS A 337 24.32 -51.03 -48.99
C LYS A 337 23.97 -49.76 -49.76
N PHE A 338 23.38 -49.91 -50.93
CA PHE A 338 23.09 -48.77 -51.78
C PHE A 338 21.60 -48.59 -51.92
N ASP A 339 21.19 -47.35 -52.08
CA ASP A 339 19.78 -47.01 -52.30
C ASP A 339 19.50 -47.06 -53.80
N GLN A 340 18.37 -46.51 -54.22
CA GLN A 340 18.11 -46.30 -55.65
C GLN A 340 18.95 -45.18 -56.24
N ASN A 341 19.66 -44.42 -55.42
CA ASN A 341 20.35 -43.22 -55.87
C ASN A 341 21.87 -43.34 -55.84
N GLY A 342 22.39 -44.38 -55.19
CA GLY A 342 23.82 -44.53 -55.05
C GLY A 342 24.37 -44.11 -53.69
N LYS A 343 23.52 -43.66 -52.78
CA LYS A 343 23.99 -43.27 -51.46
C LYS A 343 24.01 -44.48 -50.53
N ARG A 344 24.89 -44.43 -49.54
CA ARG A 344 25.12 -45.58 -48.69
C ARG A 344 24.17 -45.62 -47.51
N ILE A 345 23.54 -46.78 -47.32
CA ILE A 345 22.80 -47.15 -46.13
C ILE A 345 23.33 -48.49 -45.63
N ASN A 346 22.74 -48.94 -44.53
CA ASN A 346 23.23 -50.06 -43.71
C ASN A 346 24.68 -49.84 -43.32
N TYR A 347 24.96 -48.64 -42.81
CA TYR A 347 26.27 -48.26 -42.33
C TYR A 347 26.18 -47.96 -40.84
N THR A 348 27.34 -47.89 -40.20
CA THR A 348 27.39 -47.73 -38.75
C THR A 348 28.57 -46.84 -38.39
N ILE A 349 28.31 -45.81 -37.60
CA ILE A 349 29.31 -44.83 -37.22
C ILE A 349 29.58 -44.97 -35.73
N ASN A 350 30.85 -45.01 -35.34
CA ASN A 350 31.14 -45.15 -33.92
C ASN A 350 31.56 -43.81 -33.35
N ILE A 351 31.16 -43.56 -32.11
CA ILE A 351 31.35 -42.27 -31.46
C ILE A 351 32.54 -42.38 -30.51
N MET A 352 33.46 -41.43 -30.58
CA MET A 352 34.70 -41.47 -29.82
C MET A 352 34.79 -40.23 -28.92
N GLU A 353 35.45 -40.40 -27.78
CA GLU A 353 35.66 -39.31 -26.83
C GLU A 353 37.09 -39.37 -26.32
N LEU A 354 37.78 -38.24 -26.31
CA LEU A 354 39.15 -38.22 -25.84
C LEU A 354 39.22 -38.28 -24.32
N LYS A 355 40.03 -39.20 -23.80
CA LYS A 355 40.26 -39.30 -22.37
C LYS A 355 41.76 -39.27 -22.07
N THR A 356 42.11 -39.55 -20.82
CA THR A 356 43.52 -39.56 -20.43
C THR A 356 44.25 -40.74 -21.07
N ASN A 357 43.60 -41.90 -21.12
CA ASN A 357 44.21 -43.06 -21.74
C ASN A 357 44.26 -42.93 -23.27
N GLY A 358 43.47 -42.04 -23.84
CA GLY A 358 43.45 -41.83 -25.26
C GLY A 358 42.03 -41.78 -25.78
N PRO A 359 41.86 -42.00 -27.07
CA PRO A 359 40.51 -42.12 -27.61
C PRO A 359 39.87 -43.42 -27.17
N ARG A 360 38.57 -43.35 -26.91
CA ARG A 360 37.84 -44.54 -26.52
C ARG A 360 36.41 -44.43 -27.02
N LYS A 361 35.75 -45.56 -27.15
CA LYS A 361 34.41 -45.62 -27.72
C LYS A 361 33.39 -45.55 -26.60
N ILE A 362 32.30 -44.82 -26.83
CA ILE A 362 31.21 -44.78 -25.88
C ILE A 362 29.88 -45.24 -26.47
N GLY A 363 29.79 -45.36 -27.79
CA GLY A 363 28.55 -45.79 -28.39
C GLY A 363 28.66 -45.83 -29.90
N TYR A 364 27.57 -46.23 -30.52
CA TYR A 364 27.50 -46.31 -31.97
C TYR A 364 26.17 -45.75 -32.45
N TRP A 365 26.06 -45.65 -33.78
CA TRP A 365 24.87 -45.09 -34.39
C TRP A 365 24.64 -45.79 -35.72
N SER A 366 23.43 -46.25 -35.94
CA SER A 366 23.08 -46.92 -37.18
C SER A 366 22.27 -46.00 -38.09
N GLU A 367 21.76 -46.59 -39.17
CA GLU A 367 21.12 -45.79 -40.20
C GLU A 367 19.72 -45.32 -39.80
N VAL A 368 18.90 -46.21 -39.23
CA VAL A 368 17.57 -45.80 -38.76
C VAL A 368 17.55 -46.01 -37.26
N ASP A 369 18.35 -46.94 -36.78
CA ASP A 369 18.50 -47.14 -35.34
C ASP A 369 19.33 -45.99 -34.79
N LYS A 370 18.80 -45.28 -33.81
CA LYS A 370 19.47 -44.09 -33.33
C LYS A 370 20.55 -44.45 -32.33
N MET A 371 21.06 -43.44 -31.61
CA MET A 371 22.30 -43.53 -30.85
C MET A 371 22.18 -44.56 -29.73
N VAL A 372 23.00 -45.60 -29.79
CA VAL A 372 23.02 -46.65 -28.79
C VAL A 372 24.38 -46.59 -28.10
N LEU A 373 24.39 -46.17 -26.84
CA LEU A 373 25.62 -46.10 -26.09
C LEU A 373 25.91 -47.43 -25.41
N THR A 374 27.16 -47.88 -25.50
CA THR A 374 27.60 -49.14 -24.91
C THR A 374 28.68 -48.79 -23.91
N GLU A 375 28.31 -48.74 -22.63
CA GLU A 375 29.27 -48.45 -21.59
C GLU A 375 30.24 -49.61 -21.42
N ASP A 376 31.42 -49.45 -21.99
CA ASP A 376 32.41 -50.52 -22.05
C ASP A 376 33.12 -50.75 -20.74
N ASP A 377 33.75 -49.73 -20.14
CA ASP A 377 34.46 -49.91 -18.89
C ASP A 377 34.01 -48.87 -17.88
N THR A 378 33.01 -49.23 -17.06
CA THR A 378 32.59 -48.37 -15.96
C THR A 378 33.45 -48.55 -14.73
N SER A 379 34.31 -49.56 -14.71
CA SER A 379 35.23 -49.79 -13.60
C SER A 379 36.46 -48.90 -13.79
N GLY A 380 37.46 -49.10 -12.93
CA GLY A 380 38.58 -48.17 -12.91
C GLY A 380 38.11 -46.86 -12.34
N LEU A 381 38.26 -45.80 -13.14
CA LEU A 381 37.66 -44.49 -12.92
C LEU A 381 38.09 -43.88 -11.58
N GLU A 382 39.37 -43.53 -11.54
CA GLU A 382 39.89 -42.72 -10.44
C GLU A 382 39.07 -41.44 -10.34
N GLN A 383 38.47 -41.24 -9.17
CA GLN A 383 37.46 -40.20 -8.98
C GLN A 383 38.11 -38.83 -9.06
N LYS A 384 37.69 -38.05 -10.05
CA LYS A 384 38.26 -36.74 -10.28
C LYS A 384 37.90 -35.80 -9.14
N THR A 385 38.78 -34.84 -8.89
CA THR A 385 38.52 -33.89 -7.83
C THR A 385 37.41 -32.92 -8.24
N VAL A 386 36.39 -32.87 -7.41
CA VAL A 386 35.25 -32.00 -7.61
C VAL A 386 35.69 -30.59 -7.24
N VAL A 387 35.75 -29.71 -8.23
CA VAL A 387 36.24 -28.36 -7.99
C VAL A 387 35.16 -27.57 -7.28
N VAL A 388 35.34 -27.38 -5.98
CA VAL A 388 34.36 -26.71 -5.13
C VAL A 388 34.79 -25.27 -5.01
N THR A 389 33.91 -24.35 -5.34
CA THR A 389 34.19 -22.94 -5.18
C THR A 389 33.46 -22.39 -3.98
N THR A 390 34.08 -21.41 -3.33
CA THR A 390 33.51 -20.69 -2.22
C THR A 390 34.27 -19.37 -2.08
N ILE A 391 33.80 -18.50 -1.20
CA ILE A 391 34.35 -17.17 -1.04
C ILE A 391 34.67 -16.96 0.42
N LEU A 392 35.80 -16.32 0.70
CA LEU A 392 36.24 -16.15 2.07
C LEU A 392 35.34 -15.17 2.80
N GLU A 393 34.79 -15.63 3.92
CA GLU A 393 33.83 -14.83 4.68
C GLU A 393 33.73 -15.42 6.07
N SER A 394 33.95 -14.60 7.06
CA SER A 394 33.74 -15.08 8.40
C SER A 394 32.26 -15.10 8.72
N PRO A 395 31.75 -16.15 9.35
CA PRO A 395 32.51 -17.34 9.78
C PRO A 395 32.38 -18.51 8.84
N TYR A 396 31.96 -18.29 7.60
CA TYR A 396 31.76 -19.41 6.70
C TYR A 396 33.08 -19.99 6.20
N VAL A 397 33.94 -19.13 5.66
CA VAL A 397 35.28 -19.51 5.23
C VAL A 397 36.25 -18.57 5.91
N MET A 398 37.13 -19.11 6.74
CA MET A 398 38.13 -18.33 7.45
C MET A 398 39.50 -18.98 7.28
N MET A 399 40.52 -18.13 7.22
CA MET A 399 41.88 -18.60 7.09
C MET A 399 42.40 -19.11 8.43
N LYS A 400 43.08 -20.25 8.41
CA LYS A 400 43.82 -20.67 9.57
C LYS A 400 45.13 -19.88 9.58
N LYS A 401 45.67 -19.64 10.77
CA LYS A 401 46.79 -18.71 10.93
C LYS A 401 48.10 -19.25 10.36
N ASN A 402 48.23 -20.57 10.24
CA ASN A 402 49.48 -21.18 9.81
C ASN A 402 49.34 -21.72 8.40
N HIS A 403 48.65 -20.97 7.54
CA HIS A 403 48.41 -21.40 6.17
C HIS A 403 49.66 -21.35 5.31
N GLU A 404 50.71 -20.68 5.78
CA GLU A 404 52.02 -20.77 5.14
C GLU A 404 52.52 -22.21 5.16
N MET A 405 52.58 -22.80 6.35
CA MET A 405 53.13 -24.14 6.50
C MET A 405 52.19 -25.21 5.96
N LEU A 406 50.88 -25.00 6.14
CA LEU A 406 49.92 -26.03 5.78
C LEU A 406 49.68 -26.06 4.27
N GLU A 407 48.82 -26.97 3.82
CA GLU A 407 48.69 -27.18 2.38
C GLU A 407 47.24 -27.31 1.98
N GLY A 408 46.85 -26.52 0.98
CA GLY A 408 45.66 -26.80 0.18
C GLY A 408 44.37 -26.69 0.96
N ASN A 409 43.75 -27.84 1.18
CA ASN A 409 42.53 -27.93 1.95
C ASN A 409 42.72 -27.54 3.41
N GLU A 410 43.89 -27.83 3.98
CA GLU A 410 44.03 -27.68 5.42
C GLU A 410 44.35 -26.25 5.82
N ARG A 411 44.44 -25.34 4.85
CA ARG A 411 44.65 -23.94 5.18
C ARG A 411 43.35 -23.26 5.60
N TYR A 412 42.22 -23.91 5.43
CA TYR A 412 40.92 -23.27 5.51
C TYR A 412 40.10 -23.90 6.63
N GLU A 413 39.46 -23.07 7.45
CA GLU A 413 38.51 -23.53 8.45
C GLU A 413 37.25 -22.70 8.31
N GLY A 414 36.26 -23.00 9.13
CA GLY A 414 35.07 -22.18 9.16
C GLY A 414 33.82 -23.03 9.21
N TYR A 415 32.70 -22.39 8.85
CA TYR A 415 31.41 -23.08 8.89
C TYR A 415 31.30 -24.12 7.78
N CYS A 416 31.34 -23.67 6.53
CA CYS A 416 31.12 -24.57 5.40
C CYS A 416 32.28 -25.53 5.17
N VAL A 417 33.45 -25.23 5.75
CA VAL A 417 34.58 -26.15 5.69
C VAL A 417 34.24 -27.45 6.40
N ASP A 418 33.48 -27.37 7.50
CA ASP A 418 32.98 -28.57 8.13
C ASP A 418 31.94 -29.26 7.25
N LEU A 419 31.09 -28.49 6.59
CA LEU A 419 29.99 -29.07 5.83
C LEU A 419 30.48 -29.78 4.58
N ALA A 420 31.61 -29.32 4.03
CA ALA A 420 32.17 -29.90 2.81
C ALA A 420 32.58 -31.34 3.02
N ALA A 421 33.29 -31.63 4.10
CA ALA A 421 33.67 -33.00 4.38
C ALA A 421 32.47 -33.87 4.72
N GLU A 422 31.41 -33.26 5.28
CA GLU A 422 30.19 -34.00 5.55
C GLU A 422 29.52 -34.45 4.27
N ILE A 423 29.42 -33.54 3.30
CA ILE A 423 28.80 -33.89 2.03
C ILE A 423 29.63 -34.90 1.26
N ALA A 424 30.96 -34.74 1.31
CA ALA A 424 31.81 -35.69 0.60
C ALA A 424 31.85 -37.05 1.28
N LYS A 425 31.72 -37.08 2.61
CA LYS A 425 31.59 -38.36 3.31
C LYS A 425 30.25 -39.00 3.00
N HIS A 426 29.24 -38.19 2.74
CA HIS A 426 27.93 -38.75 2.45
C HIS A 426 27.86 -39.27 1.02
N CYS A 427 28.60 -38.67 0.10
CA CYS A 427 28.46 -39.03 -1.31
C CYS A 427 29.71 -39.63 -1.94
N GLY A 428 30.75 -39.92 -1.15
CA GLY A 428 31.83 -40.75 -1.62
C GLY A 428 32.85 -40.12 -2.55
N PHE A 429 32.71 -38.84 -2.90
CA PHE A 429 33.61 -38.25 -3.88
C PHE A 429 34.82 -37.61 -3.19
N LYS A 430 35.69 -36.99 -3.98
CA LYS A 430 36.81 -36.21 -3.49
C LYS A 430 36.69 -34.80 -4.03
N TYR A 431 37.45 -33.86 -3.46
CA TYR A 431 37.28 -32.47 -3.85
C TYR A 431 38.54 -31.66 -3.60
N LYS A 432 38.45 -30.38 -3.95
CA LYS A 432 39.51 -29.40 -3.74
C LYS A 432 38.86 -28.03 -3.61
N LEU A 433 39.21 -27.28 -2.58
CA LEU A 433 38.61 -25.98 -2.35
C LEU A 433 39.28 -24.93 -3.21
N THR A 434 38.49 -24.02 -3.75
CA THR A 434 38.98 -22.87 -4.50
C THR A 434 38.29 -21.61 -4.03
N ILE A 435 39.01 -20.51 -4.11
CA ILE A 435 38.48 -19.19 -3.76
C ILE A 435 38.23 -18.45 -5.06
N VAL A 436 37.09 -17.75 -5.14
CA VAL A 436 36.71 -17.06 -6.37
C VAL A 436 37.65 -15.90 -6.61
N GLY A 437 37.90 -15.61 -7.89
CA GLY A 437 38.92 -14.66 -8.29
C GLY A 437 38.59 -13.22 -7.99
N ASP A 438 37.50 -12.71 -8.55
CA ASP A 438 37.12 -11.32 -8.34
C ASP A 438 36.65 -11.07 -6.91
N GLY A 439 36.11 -12.06 -6.23
CA GLY A 439 35.66 -11.88 -4.86
C GLY A 439 34.26 -11.36 -4.72
N LYS A 440 33.42 -11.57 -5.72
CA LYS A 440 32.05 -11.08 -5.68
C LYS A 440 31.09 -12.26 -5.78
N TYR A 441 29.87 -12.05 -5.30
CA TYR A 441 28.91 -13.14 -5.21
C TYR A 441 28.36 -13.52 -6.58
N GLY A 442 28.05 -12.53 -7.40
CA GLY A 442 27.63 -12.81 -8.75
C GLY A 442 26.27 -12.30 -9.12
N ALA A 443 26.22 -11.38 -10.07
CA ALA A 443 24.97 -10.92 -10.64
C ALA A 443 25.18 -10.78 -12.13
N ARG A 444 24.10 -10.52 -12.85
CA ARG A 444 24.26 -10.29 -14.27
C ARG A 444 24.72 -8.86 -14.51
N ASP A 445 25.42 -8.68 -15.62
CA ASP A 445 25.84 -7.35 -16.01
C ASP A 445 24.67 -6.61 -16.65
N ALA A 446 24.77 -5.28 -16.66
CA ALA A 446 23.79 -4.47 -17.38
C ALA A 446 23.90 -4.72 -18.87
N ASP A 447 22.76 -5.05 -19.49
CA ASP A 447 22.53 -5.07 -20.94
C ASP A 447 23.28 -6.16 -21.68
N THR A 448 24.09 -6.97 -21.00
CA THR A 448 24.83 -8.03 -21.69
C THR A 448 24.42 -9.42 -21.22
N LYS A 449 23.85 -9.53 -20.01
CA LYS A 449 23.60 -10.78 -19.30
C LYS A 449 24.91 -11.59 -19.26
N ILE A 450 25.88 -11.07 -18.52
CA ILE A 450 27.12 -11.78 -18.26
C ILE A 450 27.28 -11.91 -16.76
N TRP A 451 27.14 -13.13 -16.26
CA TRP A 451 27.23 -13.40 -14.83
C TRP A 451 28.68 -13.40 -14.40
N ASN A 452 29.07 -12.42 -13.60
CA ASN A 452 30.38 -12.46 -12.97
C ASN A 452 30.31 -13.24 -11.67
N GLY A 453 31.38 -13.18 -10.88
CA GLY A 453 31.31 -13.73 -9.53
C GLY A 453 31.32 -15.25 -9.54
N MET A 454 30.56 -15.83 -8.62
CA MET A 454 30.53 -17.28 -8.46
C MET A 454 29.47 -17.97 -9.29
N VAL A 455 28.37 -17.30 -9.60
CA VAL A 455 27.31 -17.94 -10.37
C VAL A 455 27.77 -18.15 -11.81
N GLY A 456 28.60 -17.23 -12.31
CA GLY A 456 29.25 -17.44 -13.59
C GLY A 456 30.23 -18.60 -13.59
N GLU A 457 30.81 -18.92 -12.43
CA GLU A 457 31.70 -20.07 -12.35
C GLU A 457 30.93 -21.37 -12.50
N LEU A 458 29.66 -21.40 -12.12
CA LEU A 458 28.84 -22.57 -12.38
C LEU A 458 28.22 -22.57 -13.77
N VAL A 459 27.91 -21.39 -14.31
CA VAL A 459 27.28 -21.36 -15.63
C VAL A 459 28.31 -21.65 -16.71
N TYR A 460 29.50 -21.08 -16.59
CA TYR A 460 30.49 -21.17 -17.66
C TYR A 460 31.40 -22.37 -17.50
N GLY A 461 30.96 -23.40 -16.79
CA GLY A 461 31.67 -24.67 -16.72
C GLY A 461 32.99 -24.66 -16.00
N LYS A 462 33.29 -23.62 -15.23
CA LYS A 462 34.60 -23.53 -14.60
C LYS A 462 34.61 -24.22 -13.24
N ALA A 463 33.48 -24.23 -12.55
CA ALA A 463 33.36 -24.85 -11.24
C ALA A 463 32.51 -26.11 -11.34
N ASP A 464 32.27 -26.72 -10.19
CA ASP A 464 31.49 -27.95 -10.13
C ASP A 464 30.35 -27.89 -9.14
N ILE A 465 30.55 -27.21 -8.02
CA ILE A 465 29.53 -27.06 -7.00
C ILE A 465 29.97 -25.87 -6.15
N ALA A 466 29.03 -25.26 -5.44
CA ALA A 466 29.33 -24.06 -4.66
C ALA A 466 28.64 -24.14 -3.30
N ILE A 467 29.35 -24.69 -2.32
CA ILE A 467 28.94 -24.61 -0.93
C ILE A 467 29.36 -23.25 -0.43
N ALA A 468 28.39 -22.37 -0.21
CA ALA A 468 28.68 -20.96 -0.05
C ALA A 468 27.48 -20.28 0.58
N PRO A 469 27.67 -19.12 1.20
CA PRO A 469 26.52 -18.32 1.63
C PRO A 469 25.83 -17.65 0.45
N LEU A 470 24.92 -18.38 -0.18
CA LEU A 470 24.33 -17.96 -1.45
C LEU A 470 22.82 -17.89 -1.30
N THR A 471 22.23 -16.75 -1.65
CA THR A 471 20.81 -16.52 -1.43
C THR A 471 20.01 -16.98 -2.64
N ILE A 472 18.99 -17.81 -2.41
CA ILE A 472 18.11 -18.25 -3.46
C ILE A 472 17.22 -17.08 -3.90
N THR A 473 17.50 -16.54 -5.07
CA THR A 473 16.68 -15.51 -5.69
C THR A 473 15.86 -16.13 -6.81
N LEU A 474 15.19 -15.27 -7.58
CA LEU A 474 14.46 -15.73 -8.75
C LEU A 474 15.37 -16.02 -9.93
N VAL A 475 16.16 -15.04 -10.35
CA VAL A 475 16.89 -15.14 -11.61
C VAL A 475 18.05 -16.12 -11.52
N ARG A 476 18.46 -16.51 -10.32
CA ARG A 476 19.46 -17.55 -10.21
C ARG A 476 18.87 -18.93 -10.48
N GLU A 477 17.55 -19.07 -10.39
CA GLU A 477 16.94 -20.36 -10.68
C GLU A 477 16.94 -20.70 -12.15
N GLU A 478 16.94 -19.69 -13.02
CA GLU A 478 16.83 -19.97 -14.44
C GLU A 478 18.14 -20.42 -15.05
N VAL A 479 19.25 -20.36 -14.33
CA VAL A 479 20.52 -20.80 -14.89
C VAL A 479 21.17 -21.93 -14.12
N ILE A 480 20.96 -22.06 -12.81
CA ILE A 480 21.67 -23.06 -12.01
C ILE A 480 20.73 -23.58 -10.93
N ASP A 481 20.86 -24.86 -10.60
CA ASP A 481 19.88 -25.48 -9.74
C ASP A 481 20.28 -25.33 -8.28
N PHE A 482 19.27 -25.26 -7.41
CA PHE A 482 19.45 -25.17 -5.98
C PHE A 482 18.84 -26.40 -5.31
N SER A 483 19.39 -26.74 -4.15
CA SER A 483 18.85 -27.78 -3.30
C SER A 483 17.77 -27.18 -2.41
N LYS A 484 17.35 -27.92 -1.41
CA LYS A 484 16.47 -27.32 -0.43
C LYS A 484 17.30 -26.38 0.46
N PRO A 485 16.68 -25.37 1.06
CA PRO A 485 17.45 -24.47 1.92
C PRO A 485 17.85 -25.15 3.21
N PHE A 486 19.04 -24.82 3.69
CA PHE A 486 19.51 -25.35 4.95
C PHE A 486 19.53 -24.34 6.08
N MET A 487 19.54 -23.04 5.78
CA MET A 487 19.55 -22.04 6.84
C MET A 487 18.76 -20.83 6.39
N SER A 488 17.90 -20.32 7.28
CA SER A 488 16.98 -19.25 6.94
C SER A 488 17.40 -17.93 7.57
N LEU A 489 17.13 -16.84 6.87
CA LEU A 489 17.54 -15.53 7.33
C LEU A 489 16.65 -14.46 6.69
N GLY A 490 16.96 -13.21 6.99
CA GLY A 490 16.29 -12.07 6.40
C GLY A 490 17.20 -10.87 6.48
N ILE A 491 16.81 -9.82 5.77
CA ILE A 491 17.59 -8.60 5.70
C ILE A 491 17.42 -7.84 7.01
N SER A 492 18.54 -7.43 7.63
CA SER A 492 18.53 -6.61 8.81
C SER A 492 19.45 -5.39 8.64
N ILE A 493 19.34 -4.49 9.61
CA ILE A 493 19.96 -3.18 9.60
C ILE A 493 20.94 -3.11 10.75
N MET A 494 22.17 -2.71 10.48
CA MET A 494 23.20 -2.63 11.51
C MET A 494 23.63 -1.18 11.64
N ILE A 495 23.71 -0.68 12.88
CA ILE A 495 24.18 0.67 13.16
C ILE A 495 25.24 0.64 14.25
N LYS A 496 25.83 1.79 14.50
CA LYS A 496 26.72 1.92 15.64
C LYS A 496 25.91 2.02 16.92
N LYS A 497 26.26 1.18 17.89
CA LYS A 497 25.63 1.18 19.20
C LYS A 497 26.00 2.46 19.94
N PRO A 498 25.04 3.29 20.35
CA PRO A 498 25.37 4.48 21.13
C PRO A 498 25.83 4.10 22.51
N GLN A 499 26.84 4.81 23.02
CA GLN A 499 27.45 4.46 24.30
C GLN A 499 26.59 5.01 25.42
N LYS A 500 25.94 4.10 26.14
CA LYS A 500 25.08 4.50 27.24
C LYS A 500 25.91 4.85 28.46
N SER A 501 25.31 5.60 29.39
CA SER A 501 25.98 6.03 30.59
C SER A 501 25.61 5.15 31.76
N LYS A 502 26.58 4.87 32.62
CA LYS A 502 26.29 4.04 33.78
C LYS A 502 26.13 4.92 35.02
N PRO A 503 25.25 4.53 35.95
CA PRO A 503 25.18 5.23 37.22
C PRO A 503 26.42 4.97 38.05
N GLY A 504 27.06 6.06 38.47
CA GLY A 504 28.25 5.99 39.28
C GLY A 504 27.97 5.59 40.71
N VAL A 505 28.97 5.80 41.56
CA VAL A 505 28.82 5.48 42.97
C VAL A 505 27.85 6.44 43.63
N PHE A 506 28.06 7.74 43.48
CA PHE A 506 27.18 8.73 44.10
C PHE A 506 26.06 9.09 43.14
N SER A 507 25.27 8.10 42.79
CA SER A 507 24.16 8.31 41.89
C SER A 507 22.85 8.61 42.60
N PHE A 508 22.90 9.05 43.85
CA PHE A 508 21.71 9.47 44.56
C PHE A 508 21.65 10.97 44.73
N LEU A 509 22.74 11.67 44.42
CA LEU A 509 22.76 13.13 44.47
C LEU A 509 22.42 13.69 43.11
N ASP A 510 21.91 12.83 42.23
CA ASP A 510 21.56 13.20 40.88
C ASP A 510 20.45 14.23 40.74
N PRO A 511 19.25 14.12 41.39
CA PRO A 511 18.21 15.09 41.04
C PRO A 511 18.31 16.42 41.76
N LEU A 512 19.52 16.92 41.95
CA LEU A 512 19.83 18.32 42.23
C LEU A 512 21.26 18.54 41.78
N ALA A 513 21.52 19.63 41.08
CA ALA A 513 22.88 19.86 40.59
C ALA A 513 23.76 20.52 41.66
N TYR A 514 25.06 20.57 41.39
CA TYR A 514 26.05 20.88 42.43
C TYR A 514 25.97 22.34 42.85
N GLU A 515 25.43 23.19 41.98
CA GLU A 515 25.15 24.57 42.36
C GLU A 515 24.13 24.62 43.48
N ILE A 516 23.04 23.86 43.34
CA ILE A 516 22.03 23.79 44.38
C ILE A 516 22.59 23.13 45.64
N TRP A 517 23.45 22.13 45.48
CA TRP A 517 24.06 21.52 46.65
C TRP A 517 25.00 22.45 47.40
N MET A 518 25.66 23.37 46.73
CA MET A 518 26.47 24.29 47.51
C MET A 518 25.65 25.44 48.09
N CYS A 519 24.56 25.83 47.41
CA CYS A 519 23.77 26.93 47.93
C CYS A 519 22.97 26.50 49.14
N ILE A 520 22.53 25.24 49.19
CA ILE A 520 21.84 24.74 50.37
C ILE A 520 22.79 24.57 51.54
N VAL A 521 24.10 24.39 51.28
CA VAL A 521 25.06 24.39 52.37
C VAL A 521 25.30 25.80 52.90
N PHE A 522 25.46 26.78 52.01
CA PHE A 522 25.65 28.18 52.41
C PHE A 522 24.47 28.69 53.24
N ALA A 523 23.25 28.48 52.73
CA ALA A 523 22.07 29.05 53.36
C ALA A 523 21.79 28.40 54.70
N TYR A 524 22.22 27.16 54.88
CA TYR A 524 22.14 26.48 56.17
C TYR A 524 22.91 27.22 57.24
N ILE A 525 24.18 27.53 56.94
CA ILE A 525 25.03 28.28 57.85
C ILE A 525 24.44 29.64 58.14
N GLY A 526 23.97 30.32 57.08
CA GLY A 526 23.39 31.64 57.24
C GLY A 526 22.17 31.68 58.13
N VAL A 527 21.23 30.77 57.91
CA VAL A 527 20.03 30.71 58.73
C VAL A 527 20.35 30.38 60.18
N SER A 528 21.27 29.44 60.42
CA SER A 528 21.55 29.09 61.80
C SER A 528 22.27 30.21 62.55
N VAL A 529 23.14 30.95 61.86
CA VAL A 529 23.86 32.00 62.57
C VAL A 529 22.96 33.22 62.77
N VAL A 530 21.98 33.41 61.88
CA VAL A 530 21.03 34.50 62.09
C VAL A 530 20.13 34.19 63.27
N LEU A 531 19.74 32.92 63.40
CA LEU A 531 18.94 32.51 64.54
C LEU A 531 19.72 32.60 65.84
N PHE A 532 21.03 32.38 65.78
CA PHE A 532 21.86 32.62 66.95
C PHE A 532 21.92 34.09 67.34
N LEU A 533 22.22 34.94 66.35
CA LEU A 533 22.34 36.38 66.53
C LEU A 533 21.08 36.97 67.15
N VAL A 534 19.92 36.56 66.65
CA VAL A 534 18.69 37.13 67.15
C VAL A 534 18.34 36.59 68.52
N SER A 535 18.87 35.44 68.90
CA SER A 535 18.52 34.87 70.20
C SER A 535 19.37 35.48 71.30
N ARG A 536 20.70 35.38 71.17
CA ARG A 536 21.56 35.89 72.23
C ARG A 536 21.90 37.35 71.96
N PHE A 537 21.08 38.25 72.48
CA PHE A 537 21.17 39.65 72.05
C PHE A 537 20.94 40.59 73.23
N SER A 538 21.15 40.10 74.45
CA SER A 538 20.83 40.81 75.68
C SER A 538 19.39 41.32 75.73
N PRO A 539 18.40 40.42 75.94
CA PRO A 539 17.00 40.85 75.90
C PRO A 539 16.59 41.75 77.06
N TYR A 540 16.92 41.33 78.28
CA TYR A 540 16.46 41.89 79.56
C TYR A 540 15.02 42.42 79.59
N SER A 556 17.49 35.99 83.37
CA SER A 556 17.68 37.26 82.67
C SER A 556 18.37 37.06 81.34
N GLU A 557 19.62 36.60 81.40
CA GLU A 557 20.39 36.38 80.18
C GLU A 557 20.48 34.90 79.82
N SER A 558 20.70 34.03 80.80
CA SER A 558 20.72 32.60 80.51
C SER A 558 19.32 31.99 80.47
N THR A 559 18.28 32.82 80.39
CA THR A 559 16.89 32.38 80.36
C THR A 559 16.58 31.61 79.09
N ASN A 560 16.90 32.18 77.93
CA ASN A 560 16.66 31.49 76.67
C ASN A 560 17.69 30.39 76.51
N GLU A 561 17.38 29.39 75.67
CA GLU A 561 18.15 28.16 75.58
C GLU A 561 18.96 28.02 74.32
N PHE A 562 19.01 29.05 73.48
CA PHE A 562 19.67 28.89 72.19
C PHE A 562 21.11 29.35 72.25
N GLY A 563 21.88 28.82 71.30
CA GLY A 563 23.25 29.22 71.09
C GLY A 563 23.66 28.72 69.73
N ILE A 564 24.96 28.85 69.43
CA ILE A 564 25.48 28.46 68.12
C ILE A 564 25.34 26.98 67.89
N PHE A 565 25.40 26.19 68.95
CA PHE A 565 25.55 24.76 68.80
C PHE A 565 24.17 24.10 68.70
N ASN A 566 23.34 24.40 69.71
CA ASN A 566 21.90 24.14 69.68
C ASN A 566 21.28 24.58 68.37
N SER A 567 21.65 25.78 67.90
CA SER A 567 21.06 26.30 66.67
C SER A 567 21.52 25.51 65.45
N LEU A 568 22.81 25.14 65.41
CA LEU A 568 23.33 24.37 64.30
C LEU A 568 22.67 23.01 64.18
N TRP A 569 22.24 22.41 65.29
CA TRP A 569 21.55 21.17 64.95
C TRP A 569 20.03 21.33 64.98
N PHE A 570 19.53 22.46 65.46
CA PHE A 570 18.11 22.77 65.31
C PHE A 570 17.74 22.94 63.85
N SER A 571 18.57 23.67 63.11
CA SER A 571 18.27 23.89 61.70
C SER A 571 18.35 22.59 60.92
N LEU A 572 19.26 21.70 61.32
CA LEU A 572 19.37 20.42 60.65
C LEU A 572 18.17 19.54 60.97
N GLY A 573 17.73 19.56 62.22
CA GLY A 573 16.60 18.75 62.62
C GLY A 573 15.29 19.29 62.10
N ALA A 574 15.28 20.56 61.70
CA ALA A 574 14.12 21.07 61.00
C ALA A 574 14.20 20.74 59.53
N PHE A 575 15.40 20.72 58.96
CA PHE A 575 15.55 20.43 57.54
C PHE A 575 15.19 18.99 57.24
N MET A 576 15.91 18.04 57.80
CA MET A 576 15.44 16.67 57.71
C MET A 576 14.33 16.50 58.73
N GLN A 577 13.21 15.89 58.31
CA GLN A 577 12.03 15.90 59.16
C GLN A 577 12.21 14.96 60.33
N GLN A 578 12.86 15.44 61.39
CA GLN A 578 13.06 14.59 62.54
C GLN A 578 12.64 15.27 63.82
N GLY A 579 11.99 16.42 63.68
CA GLY A 579 11.56 17.16 64.84
C GLY A 579 12.72 17.90 65.48
N CYS A 580 12.55 18.21 66.75
CA CYS A 580 13.52 19.02 67.45
C CYS A 580 13.52 18.62 68.91
N ASP A 581 14.10 19.44 69.76
CA ASP A 581 13.91 19.36 71.18
C ASP A 581 13.33 20.65 71.76
N ILE A 582 13.54 21.77 71.09
CA ILE A 582 13.10 23.09 71.55
C ILE A 582 12.66 23.92 70.36
N SER A 583 12.00 25.03 70.66
CA SER A 583 11.43 25.89 69.65
C SER A 583 11.84 27.32 69.96
N PRO A 584 11.95 28.18 68.95
CA PRO A 584 12.13 29.60 69.24
C PRO A 584 10.91 30.17 69.92
N ARG A 585 11.14 30.90 71.01
CA ARG A 585 10.03 31.50 71.75
C ARG A 585 9.95 33.00 71.53
N SER A 586 11.07 33.66 71.25
CA SER A 586 11.05 35.07 70.92
C SER A 586 10.40 35.29 69.56
N LEU A 587 9.89 36.51 69.36
CA LEU A 587 9.08 36.79 68.19
C LEU A 587 9.90 36.73 66.92
N SER A 588 11.09 37.31 66.96
CA SER A 588 11.90 37.31 65.75
C SER A 588 12.50 35.93 65.51
N GLY A 589 12.69 35.16 66.58
CA GLY A 589 13.08 33.78 66.42
C GLY A 589 12.00 32.94 65.75
N ARG A 590 10.76 33.16 66.13
CA ARG A 590 9.67 32.48 65.45
C ARG A 590 9.52 32.94 64.02
N ILE A 591 9.71 34.23 63.76
CA ILE A 591 9.48 34.74 62.43
C ILE A 591 10.67 34.43 61.52
N VAL A 592 11.81 34.02 62.07
CA VAL A 592 12.87 33.49 61.24
C VAL A 592 12.75 31.97 61.08
N GLY A 593 12.16 31.27 62.04
CA GLY A 593 12.05 29.83 61.92
C GLY A 593 11.04 29.41 60.88
N GLY A 594 9.98 30.21 60.74
CA GLY A 594 8.95 29.89 59.78
C GLY A 594 9.44 29.97 58.35
N VAL A 595 10.43 30.82 58.11
CA VAL A 595 11.01 30.93 56.78
C VAL A 595 11.76 29.67 56.44
N TRP A 596 12.48 29.11 57.41
CA TRP A 596 13.23 27.89 57.17
C TRP A 596 12.29 26.70 57.00
N TRP A 597 11.20 26.70 57.76
CA TRP A 597 10.12 25.73 57.58
C TRP A 597 9.51 25.79 56.19
N PHE A 598 9.37 26.99 55.65
CA PHE A 598 8.88 27.05 54.29
C PHE A 598 9.94 26.64 53.29
N PHE A 599 11.19 26.90 53.62
CA PHE A 599 12.27 26.62 52.69
C PHE A 599 12.47 25.14 52.50
N THR A 600 12.29 24.35 53.56
CA THR A 600 12.49 22.92 53.41
C THR A 600 11.38 22.26 52.62
N LEU A 601 10.16 22.79 52.72
CA LEU A 601 9.00 22.11 52.15
C LEU A 601 8.98 22.19 50.65
N ILE A 602 9.67 23.16 50.05
CA ILE A 602 9.80 23.20 48.62
C ILE A 602 10.92 22.31 48.12
N ILE A 603 12.07 22.28 48.78
CA ILE A 603 13.20 21.56 48.23
C ILE A 603 13.11 20.07 48.46
N ILE A 604 12.78 19.63 49.67
CA ILE A 604 12.81 18.18 49.93
C ILE A 604 11.66 17.49 49.20
N SER A 605 10.58 18.22 48.96
CA SER A 605 9.48 17.69 48.17
C SER A 605 9.89 17.55 46.72
N SER A 606 10.57 18.55 46.18
CA SER A 606 11.14 18.46 44.85
C SER A 606 12.09 17.30 44.73
N TYR A 607 12.88 17.05 45.78
CA TYR A 607 13.84 15.97 45.83
C TYR A 607 13.17 14.62 45.68
N THR A 608 12.19 14.34 46.55
CA THR A 608 11.53 13.03 46.49
C THR A 608 10.72 12.87 45.21
N ALA A 609 10.02 13.93 44.80
CA ALA A 609 9.15 13.83 43.64
C ALA A 609 9.96 13.70 42.36
N ASN A 610 11.20 14.15 42.37
CA ASN A 610 12.03 13.93 41.19
C ASN A 610 12.81 12.64 41.27
N LEU A 611 13.11 12.15 42.48
CA LEU A 611 13.79 10.87 42.59
C LEU A 611 12.87 9.75 42.15
N ALA A 612 11.57 9.95 42.36
CA ALA A 612 10.57 9.08 41.75
C ALA A 612 10.56 9.15 40.23
N ALA A 613 11.12 10.20 39.63
CA ALA A 613 11.22 10.23 38.18
C ALA A 613 12.50 9.57 37.66
N PHE A 614 13.61 9.63 38.40
CA PHE A 614 14.81 8.92 38.01
C PHE A 614 14.68 7.41 38.23
N LEU A 615 13.81 6.99 39.14
CA LEU A 615 13.74 5.56 39.39
C LEU A 615 12.61 4.90 38.60
N THR A 616 12.32 5.39 37.39
CA THR A 616 11.38 4.72 36.51
C THR A 616 12.03 4.22 35.22
N VAL A 617 12.97 4.98 34.67
CA VAL A 617 13.44 4.70 33.33
C VAL A 617 14.96 4.93 33.27
N GLU A 618 15.64 4.12 32.46
CA GLU A 618 17.07 4.31 32.21
C GLU A 618 17.38 4.01 30.74
N ARG A 619 16.36 3.67 29.95
CA ARG A 619 16.57 3.08 28.62
C ARG A 619 16.57 4.19 27.57
N MET A 620 17.38 4.00 26.52
CA MET A 620 17.52 5.02 25.48
C MET A 620 16.36 4.97 24.49
N VAL A 621 16.22 6.06 23.72
CA VAL A 621 14.97 6.33 23.01
C VAL A 621 14.90 5.56 21.69
N SER A 622 15.98 4.82 21.33
CA SER A 622 16.04 3.90 20.19
C SER A 622 15.75 4.56 18.84
N PRO A 623 16.78 5.14 18.19
CA PRO A 623 16.63 5.73 16.85
C PRO A 623 16.26 4.76 15.73
N ILE A 624 16.62 5.09 14.49
CA ILE A 624 15.94 5.04 13.19
C ILE A 624 15.21 3.72 12.82
N GLU A 625 14.81 2.93 13.83
CA GLU A 625 14.00 1.70 13.77
C GLU A 625 12.99 1.55 12.64
N SER A 626 12.98 0.36 12.04
CA SER A 626 11.95 -0.17 11.13
C SER A 626 12.02 0.51 9.76
N ALA A 627 13.13 1.20 9.51
CA ALA A 627 13.57 1.67 8.20
C ALA A 627 12.65 2.66 7.50
N GLU A 628 11.57 3.08 8.16
CA GLU A 628 10.64 3.96 7.51
C GLU A 628 11.20 5.37 7.56
N ASP A 629 11.80 5.72 8.69
CA ASP A 629 12.55 6.97 8.76
C ASP A 629 13.82 6.90 7.93
N LEU A 630 14.32 5.71 7.59
CA LEU A 630 15.38 5.63 6.60
C LEU A 630 14.89 6.08 5.23
N SER A 631 13.60 5.89 4.94
CA SER A 631 13.04 6.48 3.72
C SER A 631 12.71 7.95 3.91
N LYS A 632 12.38 8.34 5.14
CA LYS A 632 11.90 9.70 5.40
C LYS A 632 13.03 10.72 5.50
N GLN A 633 13.97 10.51 6.42
CA GLN A 633 15.03 11.47 6.68
C GLN A 633 16.04 11.47 5.54
N THR A 634 16.88 12.50 5.53
CA THR A 634 18.00 12.58 4.61
C THR A 634 19.32 12.63 5.34
N GLU A 635 19.32 12.45 6.66
CA GLU A 635 20.53 12.68 7.44
C GLU A 635 21.47 11.49 7.39
N ILE A 636 21.03 10.34 7.87
CA ILE A 636 21.89 9.16 7.96
C ILE A 636 21.80 8.43 6.63
N ALA A 637 22.95 8.16 6.02
CA ALA A 637 22.98 7.43 4.78
C ALA A 637 22.90 5.93 5.06
N TYR A 638 22.81 5.15 3.99
CA TYR A 638 22.73 3.69 4.07
C TYR A 638 23.04 3.07 2.73
N GLY A 639 23.64 1.88 2.74
CA GLY A 639 23.96 1.19 1.50
C GLY A 639 23.91 -0.30 1.68
N THR A 640 24.23 -1.00 0.60
CA THR A 640 24.23 -2.46 0.55
C THR A 640 25.57 -2.93 0.03
N LEU A 641 25.64 -4.21 -0.30
CA LEU A 641 26.81 -4.77 -0.96
C LEU A 641 26.62 -4.77 -2.47
N ASP A 642 27.64 -4.34 -3.18
CA ASP A 642 27.61 -4.42 -4.64
C ASP A 642 27.77 -5.85 -5.10
N SER A 643 27.24 -6.13 -6.30
CA SER A 643 27.06 -7.48 -6.84
C SER A 643 26.33 -8.37 -5.85
N GLY A 644 25.27 -7.84 -5.25
CA GLY A 644 24.59 -8.50 -4.16
C GLY A 644 23.11 -8.71 -4.41
N SER A 645 22.59 -9.78 -3.81
CA SER A 645 21.17 -10.10 -3.96
C SER A 645 20.28 -9.07 -3.29
N THR A 646 20.76 -8.43 -2.21
CA THR A 646 19.97 -7.40 -1.56
C THR A 646 19.90 -6.14 -2.41
N LYS A 647 21.03 -5.78 -3.03
CA LYS A 647 21.06 -4.63 -3.94
C LYS A 647 20.19 -4.89 -5.16
N GLU A 648 20.13 -6.15 -5.61
CA GLU A 648 19.20 -6.46 -6.69
C GLU A 648 17.76 -6.45 -6.20
N PHE A 649 17.54 -6.84 -4.95
CA PHE A 649 16.19 -6.90 -4.39
C PHE A 649 15.57 -5.52 -4.28
N PHE A 650 16.37 -4.53 -3.90
CA PHE A 650 15.81 -3.18 -3.85
C PHE A 650 15.62 -2.59 -5.24
N ARG A 651 16.37 -3.07 -6.24
CA ARG A 651 16.11 -2.64 -7.60
C ARG A 651 14.79 -3.19 -8.11
N ARG A 652 14.53 -4.46 -7.86
CA ARG A 652 13.35 -5.10 -8.40
C ARG A 652 12.13 -4.96 -7.49
N SER A 653 12.30 -4.42 -6.29
CA SER A 653 11.19 -4.35 -5.34
C SER A 653 10.18 -3.28 -5.77
N LYS A 654 8.92 -3.52 -5.45
CA LYS A 654 7.83 -2.65 -5.86
C LYS A 654 7.07 -2.03 -4.70
N ILE A 655 7.38 -2.42 -3.46
CA ILE A 655 6.81 -1.74 -2.31
C ILE A 655 7.38 -0.33 -2.23
N ALA A 656 6.51 0.65 -1.97
CA ALA A 656 6.82 2.05 -2.27
C ALA A 656 7.91 2.61 -1.37
N VAL A 657 7.92 2.20 -0.10
CA VAL A 657 8.98 2.63 0.80
C VAL A 657 10.33 2.07 0.35
N PHE A 658 10.34 0.83 -0.15
CA PHE A 658 11.56 0.25 -0.67
C PHE A 658 11.95 0.92 -1.98
N ASP A 659 10.96 1.40 -2.72
CA ASP A 659 11.22 2.12 -3.97
C ASP A 659 11.90 3.44 -3.68
N LYS A 660 11.44 4.15 -2.66
CA LYS A 660 12.08 5.41 -2.31
C LYS A 660 13.46 5.17 -1.72
N MET A 661 13.64 4.05 -1.01
CA MET A 661 14.98 3.69 -0.53
C MET A 661 15.91 3.41 -1.69
N TRP A 662 15.43 2.71 -2.72
CA TRP A 662 16.22 2.47 -3.91
C TRP A 662 16.54 3.76 -4.65
N THR A 663 15.58 4.69 -4.65
CA THR A 663 15.80 5.99 -5.25
C THR A 663 16.92 6.75 -4.55
N TYR A 664 16.91 6.74 -3.22
CA TYR A 664 17.98 7.40 -2.48
C TYR A 664 19.31 6.68 -2.66
N MET A 665 19.28 5.35 -2.79
CA MET A 665 20.53 4.63 -2.96
C MET A 665 21.12 4.85 -4.34
N ARG A 666 20.29 4.96 -5.38
CA ARG A 666 20.83 5.21 -6.71
C ARG A 666 21.19 6.68 -6.91
N SER A 667 20.60 7.58 -6.13
CA SER A 667 20.95 9.00 -6.17
C SER A 667 21.81 9.30 -4.97
N ALA A 668 23.12 9.05 -5.09
CA ALA A 668 24.00 9.09 -3.94
C ALA A 668 25.24 9.89 -4.27
N GLU A 669 25.68 10.68 -3.30
CA GLU A 669 26.87 11.52 -3.42
C GLU A 669 27.62 11.54 -2.10
N PRO A 670 28.73 10.80 -1.96
CA PRO A 670 29.37 9.82 -2.85
C PRO A 670 28.64 8.48 -2.90
N SER A 671 29.36 7.45 -3.29
CA SER A 671 28.82 6.10 -3.33
C SER A 671 28.44 5.62 -1.94
N VAL A 672 27.15 5.35 -1.74
CA VAL A 672 26.69 4.67 -0.54
C VAL A 672 26.99 3.17 -0.59
N PHE A 673 27.38 2.64 -1.74
CA PHE A 673 27.61 1.22 -1.88
C PHE A 673 29.07 0.90 -1.58
N VAL A 674 29.31 -0.34 -1.14
CA VAL A 674 30.65 -0.80 -0.81
C VAL A 674 30.97 -2.03 -1.63
N ARG A 675 32.19 -2.51 -1.46
CA ARG A 675 32.68 -3.62 -2.27
C ARG A 675 32.75 -4.93 -1.49
N THR A 676 33.14 -4.88 -0.23
CA THR A 676 33.12 -6.08 0.59
C THR A 676 32.44 -5.77 1.92
N THR A 677 32.17 -6.80 2.71
CA THR A 677 31.40 -6.67 3.96
C THR A 677 32.15 -5.88 5.01
N ALA A 678 33.42 -6.22 5.25
CA ALA A 678 34.25 -5.54 6.22
C ALA A 678 34.48 -4.07 5.89
N GLU A 679 34.39 -3.71 4.61
CA GLU A 679 34.46 -2.31 4.21
C GLU A 679 33.31 -1.51 4.80
N GLY A 680 32.08 -1.99 4.61
CA GLY A 680 30.94 -1.35 5.22
C GLY A 680 30.93 -1.43 6.73
N VAL A 681 31.48 -2.50 7.29
CA VAL A 681 31.64 -2.61 8.74
C VAL A 681 32.50 -1.47 9.27
N ALA A 682 33.67 -1.27 8.69
CA ALA A 682 34.55 -0.18 9.09
C ALA A 682 33.94 1.18 8.81
N ARG A 683 33.16 1.30 7.73
CA ARG A 683 32.54 2.57 7.41
C ARG A 683 31.49 2.95 8.43
N VAL A 684 30.72 1.97 8.92
CA VAL A 684 29.75 2.28 9.96
C VAL A 684 30.43 2.46 11.32
N ARG A 685 31.54 1.75 11.54
CA ARG A 685 32.29 1.95 12.78
C ARG A 685 32.97 3.31 12.84
N LYS A 686 33.17 3.97 11.70
CA LYS A 686 33.76 5.29 11.70
C LYS A 686 32.81 6.41 11.30
N SER A 687 31.59 6.10 10.87
CA SER A 687 30.69 7.15 10.41
C SER A 687 29.99 7.87 11.55
N LYS A 688 30.04 7.32 12.77
CA LYS A 688 29.48 7.92 13.98
C LYS A 688 27.98 8.20 13.85
N GLY A 689 27.25 7.20 13.37
CA GLY A 689 25.82 7.35 13.23
C GLY A 689 25.39 8.23 12.08
N LYS A 690 26.18 8.26 11.00
CA LYS A 690 25.81 8.99 9.80
C LYS A 690 25.68 8.09 8.59
N TYR A 691 25.96 6.81 8.73
CA TYR A 691 25.82 5.86 7.64
C TYR A 691 25.34 4.53 8.20
N ALA A 692 24.11 4.16 7.86
CA ALA A 692 23.59 2.87 8.23
C ALA A 692 24.12 1.79 7.29
N TYR A 693 23.77 0.54 7.58
CA TYR A 693 24.24 -0.56 6.74
C TYR A 693 23.18 -1.64 6.67
N LEU A 694 23.05 -2.25 5.51
CA LEU A 694 22.12 -3.34 5.28
C LEU A 694 22.89 -4.62 5.04
N LEU A 695 22.56 -5.66 5.79
CA LEU A 695 23.13 -6.98 5.50
C LEU A 695 22.13 -8.04 5.94
N GLU A 696 22.59 -9.26 6.09
CA GLU A 696 21.75 -10.39 6.46
C GLU A 696 21.96 -10.73 7.93
N SER A 697 20.89 -11.26 8.54
CA SER A 697 20.79 -11.29 10.00
C SER A 697 21.82 -12.22 10.63
N THR A 698 22.28 -13.22 9.90
CA THR A 698 23.32 -14.08 10.46
C THR A 698 24.66 -13.38 10.54
N MET A 699 25.03 -12.66 9.48
CA MET A 699 26.18 -11.75 9.53
C MET A 699 26.02 -10.74 10.66
N ASN A 700 24.79 -10.26 10.87
CA ASN A 700 24.53 -9.24 11.86
C ASN A 700 24.77 -9.76 13.27
N GLU A 701 24.24 -10.94 13.58
CA GLU A 701 24.43 -11.47 14.93
C GLU A 701 25.86 -11.96 15.14
N TYR A 702 26.56 -12.37 14.07
CA TYR A 702 27.96 -12.70 14.27
C TYR A 702 28.78 -11.45 14.55
N ILE A 703 28.53 -10.35 13.85
CA ILE A 703 29.23 -9.11 14.16
C ILE A 703 28.87 -8.58 15.54
N GLU A 704 27.62 -8.79 16.00
CA GLU A 704 27.27 -8.43 17.36
C GLU A 704 28.02 -9.27 18.40
N GLN A 705 28.25 -10.55 18.13
CA GLN A 705 28.90 -11.38 19.14
C GLN A 705 30.42 -11.36 19.06
N ARG A 706 31.01 -10.28 18.56
CA ARG A 706 32.46 -10.14 18.60
C ARG A 706 32.85 -8.86 19.33
N LYS A 707 34.12 -8.78 19.68
CA LYS A 707 34.68 -7.53 20.15
C LYS A 707 34.88 -6.59 18.96
N PRO A 708 34.71 -5.27 19.15
CA PRO A 708 34.48 -4.52 20.38
C PRO A 708 33.02 -4.33 20.78
N CYS A 709 32.09 -5.09 20.18
CA CYS A 709 30.65 -4.98 20.43
C CYS A 709 30.10 -3.58 20.21
N ASP A 710 30.73 -2.76 19.37
CA ASP A 710 30.24 -1.40 19.19
C ASP A 710 29.11 -1.29 18.18
N THR A 711 28.65 -2.40 17.63
CA THR A 711 27.59 -2.38 16.63
C THR A 711 26.29 -2.86 17.26
N MET A 712 25.19 -2.69 16.54
CA MET A 712 23.89 -3.06 17.09
C MET A 712 22.87 -3.33 16.00
N LYS A 713 22.12 -4.41 16.16
CA LYS A 713 20.98 -4.69 15.29
C LYS A 713 19.75 -3.94 15.77
N VAL A 714 19.10 -3.21 14.88
CA VAL A 714 17.86 -2.53 15.20
C VAL A 714 16.75 -3.08 14.32
N GLY A 715 15.52 -2.87 14.74
CA GLY A 715 14.35 -3.31 14.02
C GLY A 715 14.21 -4.83 13.98
N GLY A 716 13.25 -5.25 13.17
CA GLY A 716 13.02 -6.65 12.91
C GLY A 716 13.68 -7.10 11.62
N ASN A 717 13.08 -8.11 11.00
CA ASN A 717 13.54 -8.56 9.71
C ASN A 717 12.72 -7.88 8.61
N LEU A 718 13.00 -8.23 7.37
CA LEU A 718 12.22 -7.72 6.25
C LEU A 718 11.61 -8.81 5.38
N ASP A 719 12.22 -9.98 5.31
CA ASP A 719 11.76 -11.02 4.40
C ASP A 719 12.28 -12.37 4.89
N SER A 720 12.20 -13.36 4.01
CA SER A 720 12.61 -14.73 4.33
C SER A 720 13.39 -15.27 3.14
N LYS A 721 14.70 -15.09 3.15
CA LYS A 721 15.55 -15.70 2.16
C LYS A 721 16.03 -17.05 2.69
N GLY A 722 17.02 -17.63 2.05
CA GLY A 722 17.56 -18.89 2.53
C GLY A 722 18.82 -19.28 1.79
N TYR A 723 19.79 -19.81 2.51
CA TYR A 723 20.99 -20.31 1.83
C TYR A 723 20.76 -21.72 1.34
N GLY A 724 21.46 -22.08 0.28
CA GLY A 724 21.30 -23.40 -0.31
C GLY A 724 22.58 -23.88 -0.97
N ILE A 725 22.55 -25.11 -1.44
CA ILE A 725 23.65 -25.66 -2.23
C ILE A 725 23.33 -25.47 -3.70
N ALA A 726 24.31 -25.00 -4.47
CA ALA A 726 24.12 -24.68 -5.87
C ALA A 726 24.90 -25.63 -6.76
N THR A 727 24.23 -26.15 -7.79
CA THR A 727 24.80 -27.07 -8.76
C THR A 727 24.58 -26.53 -10.17
N PRO A 728 25.40 -26.93 -11.15
CA PRO A 728 25.10 -26.58 -12.54
C PRO A 728 23.86 -27.31 -13.01
N LYS A 729 23.19 -26.73 -13.98
CA LYS A 729 21.87 -27.19 -14.35
C LYS A 729 21.96 -28.47 -15.17
N GLY A 730 21.46 -29.56 -14.61
CA GLY A 730 21.32 -30.80 -15.34
C GLY A 730 22.31 -31.90 -14.99
N SER A 731 23.28 -31.63 -14.13
CA SER A 731 24.25 -32.65 -13.81
C SER A 731 23.66 -33.68 -12.85
N SER A 732 24.42 -34.76 -12.63
CA SER A 732 23.91 -35.90 -11.87
C SER A 732 24.09 -35.74 -10.36
N LEU A 733 24.70 -34.64 -9.91
CA LEU A 733 24.93 -34.46 -8.49
C LEU A 733 23.72 -33.93 -7.75
N GLY A 734 22.72 -33.42 -8.48
CA GLY A 734 21.59 -32.70 -7.91
C GLY A 734 20.76 -33.45 -6.91
N THR A 735 20.16 -34.57 -7.34
CA THR A 735 19.37 -35.36 -6.41
C THR A 735 20.15 -36.05 -5.29
N PRO A 736 21.40 -36.54 -5.44
CA PRO A 736 22.08 -37.04 -4.24
C PRO A 736 22.50 -35.94 -3.28
N VAL A 737 22.85 -34.73 -3.76
CA VAL A 737 23.11 -33.63 -2.83
C VAL A 737 21.85 -33.21 -2.10
N ASN A 738 20.74 -33.09 -2.84
CA ASN A 738 19.44 -32.76 -2.27
C ASN A 738 18.97 -33.82 -1.29
N LEU A 739 19.29 -35.08 -1.52
CA LEU A 739 19.01 -36.11 -0.54
C LEU A 739 19.94 -36.01 0.66
N ALA A 740 21.19 -35.60 0.44
CA ALA A 740 22.17 -35.51 1.51
C ALA A 740 21.85 -34.41 2.51
N VAL A 741 21.23 -33.32 2.05
CA VAL A 741 20.96 -32.19 2.93
C VAL A 741 19.92 -32.57 3.98
N LEU A 742 18.92 -33.36 3.60
CA LEU A 742 17.83 -33.67 4.51
C LEU A 742 18.26 -34.59 5.64
N LYS A 743 19.22 -35.47 5.40
CA LYS A 743 19.74 -36.31 6.46
C LYS A 743 20.44 -35.49 7.53
N LEU A 744 21.28 -34.54 7.10
CA LEU A 744 21.93 -33.63 8.02
C LEU A 744 20.94 -32.73 8.73
N SER A 745 19.82 -32.41 8.07
CA SER A 745 18.80 -31.61 8.74
C SER A 745 18.10 -32.41 9.82
N GLU A 746 17.76 -33.65 9.52
CA GLU A 746 16.95 -34.42 10.46
C GLU A 746 17.83 -34.97 11.59
N GLN A 747 19.14 -35.04 11.40
CA GLN A 747 20.00 -35.56 12.44
C GLN A 747 20.62 -34.49 13.35
N GLY A 748 20.23 -33.23 13.19
CA GLY A 748 20.69 -32.20 14.11
C GLY A 748 22.11 -31.72 13.91
N VAL A 749 22.78 -32.22 12.86
CA VAL A 749 24.15 -31.84 12.57
C VAL A 749 24.23 -30.35 12.25
N LEU A 750 23.21 -29.82 11.58
CA LEU A 750 23.18 -28.40 11.24
C LEU A 750 23.10 -27.54 12.48
N ASP A 751 22.28 -27.93 13.45
CA ASP A 751 22.16 -27.18 14.68
C ASP A 751 23.45 -27.27 15.50
N LYS A 752 24.10 -28.44 15.48
CA LYS A 752 25.36 -28.59 16.19
C LYS A 752 26.43 -27.68 15.61
N LEU A 753 26.53 -27.65 14.27
CA LEU A 753 27.52 -26.81 13.61
C LEU A 753 27.20 -25.33 13.79
N LYS A 754 25.91 -24.98 13.77
CA LYS A 754 25.53 -23.60 13.91
C LYS A 754 25.85 -23.06 15.29
N ASN A 755 25.57 -23.85 16.34
CA ASN A 755 25.98 -23.47 17.67
C ASN A 755 27.49 -23.39 17.79
N LYS A 756 28.19 -24.35 17.17
CA LYS A 756 29.64 -24.43 17.25
C LYS A 756 30.31 -23.20 16.64
N TRP A 757 29.76 -22.69 15.55
CA TRP A 757 30.40 -21.59 14.84
C TRP A 757 29.70 -20.25 15.03
N TRP A 758 28.64 -20.19 15.83
CA TRP A 758 28.11 -18.89 16.24
C TRP A 758 28.18 -18.63 17.73
N TYR A 759 27.61 -19.49 18.56
CA TYR A 759 27.41 -19.10 19.96
C TYR A 759 28.46 -19.63 20.90
N ASP A 760 29.18 -20.67 20.51
CA ASP A 760 30.22 -21.20 21.37
C ASP A 760 31.48 -20.37 21.33
N LYS A 761 31.59 -19.45 20.38
CA LYS A 761 32.67 -18.47 20.35
C LYS A 761 32.23 -17.18 21.04
N GLY A 762 31.37 -17.30 22.06
CA GLY A 762 30.95 -16.14 22.81
C GLY A 762 32.11 -15.55 23.58
N GLU A 763 32.62 -14.43 23.06
CA GLU A 763 33.74 -13.72 23.69
C GLU A 763 33.25 -12.44 24.35
N CYS A 764 32.63 -11.58 23.55
CA CYS A 764 32.13 -10.30 24.02
C CYS A 764 30.68 -10.52 24.44
N GLY A 765 30.50 -11.28 25.51
CA GLY A 765 29.17 -11.61 25.97
C GLY A 765 28.48 -10.45 26.65
N ALA A 766 28.17 -9.40 25.89
CA ALA A 766 27.53 -8.20 26.42
C ALA A 766 26.11 -8.51 26.89
N LYS A 767 25.32 -9.16 26.03
CA LYS A 767 24.07 -9.83 26.38
C LYS A 767 23.01 -8.84 26.87
N ASP A 768 22.91 -7.70 26.18
CA ASP A 768 21.92 -6.67 26.52
C ASP A 768 20.67 -6.81 25.67
N SER A 769 19.54 -7.12 26.30
CA SER A 769 18.27 -7.27 25.62
C SER A 769 17.25 -6.23 26.03
N GLY A 770 16.97 -6.10 27.33
CA GLY A 770 16.06 -5.08 27.81
C GLY A 770 14.65 -5.58 28.09
N SER A 771 14.24 -5.54 29.35
CA SER A 771 12.89 -5.89 29.77
C SER A 771 12.17 -4.64 30.25
N LYS A 772 10.96 -4.41 29.74
CA LYS A 772 10.16 -3.23 30.06
C LYS A 772 9.49 -3.31 31.42
N GLU A 773 9.76 -4.35 32.21
CA GLU A 773 9.14 -4.53 33.51
C GLU A 773 9.68 -3.50 34.48
N LYS A 774 8.89 -2.46 34.76
CA LYS A 774 9.30 -1.38 35.65
C LYS A 774 9.18 -1.75 37.11
N THR A 775 8.74 -2.96 37.41
CA THR A 775 8.65 -3.48 38.77
C THR A 775 9.90 -4.26 39.16
N SER A 776 11.06 -3.87 38.66
CA SER A 776 12.30 -4.50 39.08
C SER A 776 12.84 -3.78 40.31
N ALA A 777 13.18 -4.57 41.33
CA ALA A 777 13.68 -4.01 42.57
C ALA A 777 15.08 -3.45 42.40
N LEU A 778 15.52 -2.70 43.40
CA LEU A 778 16.86 -2.15 43.36
C LEU A 778 17.89 -3.20 43.77
N SER A 779 19.05 -3.14 43.15
CA SER A 779 20.18 -3.92 43.61
C SER A 779 20.82 -3.18 44.79
N LEU A 780 21.77 -3.82 45.44
CA LEU A 780 22.60 -3.12 46.40
C LEU A 780 23.59 -2.19 45.73
N SER A 781 23.93 -2.47 44.48
CA SER A 781 24.97 -1.75 43.74
C SER A 781 24.59 -0.32 43.41
N ASN A 782 23.33 0.07 43.56
CA ASN A 782 22.95 1.45 43.36
C ASN A 782 22.99 2.26 44.65
N VAL A 783 23.04 1.61 45.80
CA VAL A 783 22.74 2.26 47.07
C VAL A 783 23.99 2.31 47.97
N ALA A 784 25.01 1.50 47.66
CA ALA A 784 26.10 1.24 48.60
C ALA A 784 26.93 2.49 48.89
N GLY A 785 26.90 3.46 47.97
CA GLY A 785 27.56 4.72 48.20
C GLY A 785 27.01 5.47 49.39
N VAL A 786 25.74 5.25 49.71
CA VAL A 786 25.20 5.75 50.96
C VAL A 786 25.86 5.09 52.15
N PHE A 787 26.01 3.76 52.11
CA PHE A 787 26.56 3.03 53.25
C PHE A 787 27.99 3.41 53.55
N TYR A 788 28.76 3.80 52.53
CA TYR A 788 30.13 4.23 52.81
C TYR A 788 30.16 5.50 53.64
N ILE A 789 29.24 6.43 53.36
CA ILE A 789 29.10 7.64 54.18
C ILE A 789 28.75 7.29 55.62
N LEU A 790 27.88 6.29 55.81
CA LEU A 790 27.48 5.90 57.15
C LEU A 790 28.64 5.32 57.94
N VAL A 791 29.38 4.39 57.32
CA VAL A 791 30.52 3.76 57.97
C VAL A 791 31.60 4.78 58.28
N GLY A 792 31.81 5.75 57.38
CA GLY A 792 32.82 6.76 57.63
C GLY A 792 32.45 7.70 58.76
N GLY A 793 31.18 8.09 58.79
CA GLY A 793 30.72 8.99 59.83
C GLY A 793 30.77 8.37 61.20
N LEU A 794 30.53 7.05 61.29
CA LEU A 794 30.60 6.37 62.58
C LEU A 794 32.02 6.42 63.15
N GLY A 795 33.01 6.13 62.31
CA GLY A 795 34.39 6.17 62.75
C GLY A 795 34.84 7.57 63.10
N LEU A 796 34.34 8.57 62.35
CA LEU A 796 34.65 9.95 62.66
C LEU A 796 34.14 10.36 64.03
N ALA A 797 32.88 10.01 64.32
CA ALA A 797 32.31 10.34 65.62
C ALA A 797 33.03 9.63 66.75
N MET A 798 33.38 8.36 66.54
CA MET A 798 34.10 7.61 67.57
C MET A 798 35.46 8.22 67.82
N LEU A 799 36.14 8.67 66.76
CA LEU A 799 37.43 9.33 66.90
C LEU A 799 37.31 10.63 67.68
N VAL A 800 36.25 11.39 67.42
CA VAL A 800 36.09 12.68 68.09
C VAL A 800 35.83 12.48 69.58
N ALA A 801 35.00 11.49 69.90
CA ALA A 801 34.73 11.19 71.31
C ALA A 801 35.98 10.69 72.03
N LEU A 802 36.81 9.91 71.32
CA LEU A 802 38.04 9.41 71.92
C LEU A 802 39.03 10.53 72.19
N ILE A 803 39.21 11.46 71.26
CA ILE A 803 40.19 12.52 71.49
C ILE A 803 39.66 13.51 72.51
N GLU A 804 38.34 13.63 72.64
CA GLU A 804 37.81 14.49 73.69
C GLU A 804 38.01 13.85 75.06
N PHE A 805 37.91 12.53 75.13
CA PHE A 805 38.20 11.85 76.39
C PHE A 805 39.68 11.93 76.72
N CYS A 806 40.54 11.93 75.70
CA CYS A 806 41.96 12.11 75.94
C CYS A 806 42.26 13.52 76.47
N TYR A 807 41.56 14.52 75.94
CA TYR A 807 41.70 15.87 76.47
C TYR A 807 41.19 15.96 77.90
N LYS A 808 40.10 15.25 78.20
CA LYS A 808 39.60 15.21 79.57
C LYS A 808 40.57 14.46 80.48
N SER A 809 41.25 13.45 79.95
CA SER A 809 42.13 12.63 80.77
C SER A 809 43.42 13.38 81.10
N ARG A 810 43.94 14.10 80.12
CA ARG A 810 45.04 15.03 80.39
C ARG A 810 44.57 16.18 81.26
N ALA A 811 43.29 16.50 81.18
CA ALA A 811 42.67 17.45 82.08
C ALA A 811 42.37 16.83 83.44
N LEU A 821 36.14 30.83 73.04
CA LEU A 821 37.37 30.05 72.89
C LEU A 821 38.22 30.08 74.15
N PHE A 822 39.50 29.80 73.98
CA PHE A 822 40.39 29.68 75.13
C PHE A 822 41.23 30.94 75.30
N ASP A 823 41.32 31.41 76.55
CA ASP A 823 42.04 32.61 76.97
C ASP A 823 41.60 33.85 76.21
N ARG A 824 40.38 34.33 76.52
CA ARG A 824 39.84 35.58 75.98
C ARG A 824 40.84 36.73 76.07
N GLY A 825 40.89 37.51 75.00
CA GLY A 825 41.92 38.51 74.78
C GLY A 825 42.56 38.26 73.45
N VAL A 826 42.78 36.97 73.14
CA VAL A 826 43.30 36.58 71.83
C VAL A 826 42.19 36.63 70.79
N GLN A 827 40.94 36.73 71.25
CA GLN A 827 39.78 36.73 70.37
C GLN A 827 39.76 37.96 69.48
N MET A 828 40.23 39.09 69.99
CA MET A 828 40.24 40.32 69.19
C MET A 828 41.28 40.24 68.09
N LEU A 829 42.46 39.70 68.42
CA LEU A 829 43.47 39.37 67.42
C LEU A 829 42.91 38.43 66.36
N LEU A 830 42.16 37.43 66.80
CA LEU A 830 41.68 36.39 65.90
C LEU A 830 40.61 36.94 64.97
N THR A 831 39.74 37.82 65.49
CA THR A 831 38.68 38.37 64.64
C THR A 831 39.23 39.43 63.70
N THR A 832 40.29 40.14 64.11
CA THR A 832 40.88 41.12 63.21
C THR A 832 41.61 40.44 62.06
N VAL A 833 42.35 39.37 62.36
CA VAL A 833 43.04 38.66 61.27
C VAL A 833 42.04 37.92 60.40
N GLY A 834 40.91 37.47 60.97
CA GLY A 834 39.87 36.87 60.19
C GLY A 834 39.18 37.83 59.24
N ALA A 835 38.83 39.01 59.76
CA ALA A 835 38.17 40.02 58.93
C ALA A 835 39.11 40.55 57.87
N PHE A 836 40.40 40.62 58.18
CA PHE A 836 41.38 41.04 57.20
C PHE A 836 41.53 40.00 56.09
N ALA A 837 41.50 38.71 56.47
CA ALA A 837 41.57 37.65 55.48
C ALA A 837 40.35 37.64 54.58
N ALA A 838 39.17 37.88 55.15
CA ALA A 838 37.95 37.91 54.37
C ALA A 838 37.92 39.12 53.43
N PHE A 839 38.41 40.26 53.92
CA PHE A 839 38.45 41.46 53.10
C PHE A 839 39.42 41.29 51.94
N SER A 840 40.58 40.69 52.23
CA SER A 840 41.57 40.43 51.18
C SER A 840 41.03 39.47 50.14
N LEU A 841 40.40 38.38 50.59
CA LEU A 841 39.90 37.38 49.66
C LEU A 841 38.73 37.90 48.83
N MET A 842 37.89 38.74 49.42
CA MET A 842 36.77 39.30 48.67
C MET A 842 37.25 40.33 47.66
N THR A 843 38.24 41.15 48.04
CA THR A 843 38.76 42.12 47.09
C THR A 843 39.52 41.45 45.96
N ILE A 844 40.20 40.34 46.25
CA ILE A 844 40.87 39.58 45.20
C ILE A 844 39.82 38.98 44.27
N ALA A 845 38.79 38.35 44.85
CA ALA A 845 37.73 37.72 44.07
C ALA A 845 36.92 38.70 43.23
N VAL A 846 36.76 39.93 43.67
CA VAL A 846 36.15 40.94 42.82
C VAL A 846 37.12 41.41 41.75
N GLY A 847 38.34 41.76 42.15
CA GLY A 847 39.33 42.20 41.18
C GLY A 847 39.94 41.01 40.47
N THR A 848 39.20 40.45 39.52
CA THR A 848 39.51 39.10 39.05
C THR A 848 38.88 38.89 37.67
N ASP A 849 39.68 38.38 36.73
CA ASP A 849 39.13 37.93 35.47
C ASP A 849 39.00 36.42 35.37
N TYR A 850 39.40 35.69 36.40
CA TYR A 850 39.39 34.23 36.38
C TYR A 850 38.34 33.70 37.34
N TRP A 851 37.10 33.60 36.87
CA TRP A 851 36.13 32.81 37.60
C TRP A 851 35.78 31.52 36.87
N LEU A 852 35.24 31.60 35.66
CA LEU A 852 34.86 30.37 34.99
C LEU A 852 35.67 30.15 33.73
N TYR A 853 35.53 28.94 33.21
CA TYR A 853 36.18 28.54 31.99
C TYR A 853 35.21 27.75 31.12
N SER A 854 35.04 28.19 29.88
CA SER A 854 34.06 27.65 28.97
C SER A 854 34.60 27.75 27.57
N ARG A 855 33.71 27.64 26.59
CA ARG A 855 34.09 27.72 25.18
C ARG A 855 33.30 28.85 24.51
N GLY A 856 34.03 29.86 24.04
CA GLY A 856 33.43 30.99 23.35
C GLY A 856 34.44 31.68 22.45
N VAL A 857 34.24 32.99 22.29
CA VAL A 857 35.04 33.81 21.39
C VAL A 857 35.90 34.77 22.21
N CYS A 858 36.82 35.45 21.54
CA CYS A 858 37.60 36.52 22.16
C CYS A 858 37.07 37.89 21.78
N LYS A 859 37.03 38.19 20.49
CA LYS A 859 36.56 39.48 20.00
C LYS A 859 36.17 39.33 18.54
N THR A 860 34.89 39.52 18.26
CA THR A 860 34.37 39.36 16.91
C THR A 860 34.17 40.72 16.28
N LYS A 861 33.92 40.70 14.97
CA LYS A 861 33.53 41.85 14.15
C LYS A 861 34.54 43.00 14.18
N VAL A 875 36.79 28.54 21.53
CA VAL A 875 38.01 28.97 22.20
C VAL A 875 37.82 28.78 23.69
N MET A 876 38.79 28.15 24.36
CA MET A 876 38.74 28.04 25.82
C MET A 876 38.89 29.43 26.42
N THR A 877 37.95 29.80 27.29
CA THR A 877 37.78 31.21 27.63
C THR A 877 38.04 31.48 29.11
N HIS A 878 39.00 32.35 29.36
CA HIS A 878 39.47 32.72 30.70
C HIS A 878 38.51 33.73 31.34
N SER A 879 37.25 33.32 31.50
CA SER A 879 36.20 34.30 31.64
C SER A 879 35.99 34.69 33.10
N GLY A 880 35.64 35.95 33.32
CA GLY A 880 35.43 36.46 34.66
C GLY A 880 34.21 37.32 34.81
N LEU A 881 34.38 38.49 35.46
CA LEU A 881 33.24 39.32 35.82
C LEU A 881 32.68 40.06 34.61
N TRP A 882 33.49 40.92 34.00
CA TRP A 882 33.07 41.55 32.76
C TRP A 882 34.13 41.39 31.68
N ARG A 883 35.38 41.37 32.08
CA ARG A 883 36.44 41.09 31.13
C ARG A 883 36.40 39.63 30.76
N THR A 884 35.64 39.28 29.73
CA THR A 884 35.61 37.90 29.27
C THR A 884 36.88 37.57 28.48
N CYS A 885 38.01 37.53 29.20
CA CYS A 885 39.31 37.42 28.58
C CYS A 885 39.52 35.98 28.15
N CYS A 886 40.51 35.75 27.30
CA CYS A 886 40.62 34.45 26.67
C CYS A 886 42.08 34.03 26.54
N LEU A 887 42.27 32.75 26.23
CA LEU A 887 43.55 32.14 25.97
C LEU A 887 43.38 31.02 24.95
N GLU A 888 44.51 30.42 24.57
CA GLU A 888 44.60 29.24 23.70
C GLU A 888 43.94 29.50 22.33
N GLY A 889 44.58 30.38 21.57
CA GLY A 889 44.09 30.65 20.23
C GLY A 889 45.11 31.39 19.41
N ASN A 890 44.60 32.24 18.51
CA ASN A 890 45.47 33.07 17.68
C ASN A 890 46.21 34.11 18.51
N PHE A 891 45.55 34.67 19.52
CA PHE A 891 46.19 35.54 20.50
C PHE A 891 45.72 35.14 21.88
N LYS A 892 46.58 35.32 22.87
CA LYS A 892 46.30 34.91 24.24
C LYS A 892 46.39 36.11 25.16
N GLY A 893 45.24 36.52 25.72
CA GLY A 893 45.21 37.56 26.71
C GLY A 893 44.72 38.91 26.21
N LEU A 894 43.67 38.92 25.40
CA LEU A 894 43.02 40.15 24.98
C LEU A 894 41.62 40.17 25.60
N CYS A 895 41.45 41.03 26.60
CA CYS A 895 40.32 40.94 27.51
C CYS A 895 39.19 41.87 27.04
N LYS A 896 38.27 41.31 26.27
CA LYS A 896 37.07 42.03 25.86
C LYS A 896 36.16 42.29 27.06
N GLN A 897 35.70 43.53 27.18
CA GLN A 897 34.73 43.90 28.21
C GLN A 897 33.34 43.60 27.68
N ILE A 898 32.56 42.82 28.45
CA ILE A 898 31.26 42.34 28.00
C ILE A 898 30.16 43.08 28.75
N ASP A 899 28.99 43.14 28.15
CA ASP A 899 27.76 43.55 28.81
C ASP A 899 26.64 42.77 28.12
N HIS A 900 25.40 43.19 28.36
CA HIS A 900 24.24 42.51 27.79
C HIS A 900 23.84 43.20 26.49
N PHE A 901 23.72 42.40 25.42
CA PHE A 901 22.94 42.78 24.24
C PHE A 901 22.58 41.55 23.44
N PRO A 902 21.44 40.93 23.74
CA PRO A 902 21.00 39.80 22.91
C PRO A 902 20.36 40.25 21.60
N GLU A 903 19.96 39.28 20.77
CA GLU A 903 19.14 39.55 19.59
C GLU A 903 17.88 38.67 19.71
N ASP A 904 16.95 39.15 20.53
CA ASP A 904 15.79 38.36 20.94
C ASP A 904 14.55 38.64 20.11
N ALA A 905 13.40 38.22 20.64
CA ALA A 905 12.10 38.54 20.09
C ALA A 905 11.55 39.85 20.67
N ASP A 906 12.47 40.75 21.06
CA ASP A 906 12.19 42.08 21.61
C ASP A 906 11.34 42.00 22.87
N TYR A 907 11.89 41.43 23.94
CA TYR A 907 11.23 41.42 25.24
C TYR A 907 11.15 42.88 25.72
N GLU A 908 9.92 43.35 25.92
CA GLU A 908 9.71 44.77 26.19
C GLU A 908 10.12 45.14 27.60
N ALA A 909 9.41 44.61 28.58
CA ALA A 909 9.71 44.86 29.98
C ALA A 909 9.63 43.53 30.72
N ASP A 910 10.11 42.47 30.07
CA ASP A 910 10.15 41.14 30.67
C ASP A 910 11.12 41.22 31.82
N THR A 911 10.58 41.31 33.04
CA THR A 911 11.34 41.85 34.15
C THR A 911 12.29 40.82 34.72
N ALA A 912 11.85 39.56 34.81
CA ALA A 912 12.69 38.51 35.37
C ALA A 912 13.83 38.12 34.42
N GLU A 913 13.78 38.62 33.18
CA GLU A 913 14.88 38.49 32.24
C GLU A 913 15.50 39.84 31.88
N TYR A 914 15.04 40.92 32.50
CA TYR A 914 15.58 42.24 32.20
C TYR A 914 16.24 42.88 33.41
N PHE A 915 15.48 43.03 34.49
CA PHE A 915 15.94 43.63 35.73
C PHE A 915 16.98 42.72 36.36
N LEU A 916 16.80 41.41 36.12
CA LEU A 916 17.81 40.43 36.51
C LEU A 916 19.13 40.69 35.80
N ARG A 917 19.08 40.98 34.49
CA ARG A 917 20.29 41.34 33.75
C ARG A 917 20.86 42.66 34.24
N ALA A 918 19.98 43.57 34.64
CA ALA A 918 20.40 44.86 35.15
C ALA A 918 21.16 44.72 36.46
N VAL A 919 20.77 43.77 37.29
CA VAL A 919 21.50 43.56 38.53
C VAL A 919 22.72 42.70 38.21
N ARG A 920 22.64 41.93 37.12
CA ARG A 920 23.77 41.08 36.75
C ARG A 920 24.96 41.84 36.21
N ALA A 921 24.83 42.55 35.08
CA ALA A 921 26.01 43.18 34.49
C ALA A 921 26.22 44.58 35.03
N SER A 922 26.04 44.68 36.35
CA SER A 922 26.48 45.73 37.22
C SER A 922 26.46 45.13 38.61
N SER A 923 27.61 44.69 39.11
CA SER A 923 27.63 43.99 40.38
C SER A 923 27.40 44.96 41.51
N ILE A 924 26.19 44.96 42.08
CA ILE A 924 25.85 45.80 43.21
C ILE A 924 25.75 45.00 44.49
N PHE A 925 25.17 43.82 44.43
CA PHE A 925 25.22 42.86 45.54
C PHE A 925 26.62 42.31 45.81
N PRO A 926 27.46 41.90 44.79
CA PRO A 926 28.81 41.46 45.16
C PRO A 926 29.70 42.58 45.62
N ILE A 927 29.46 43.80 45.15
CA ILE A 927 30.33 44.91 45.54
C ILE A 927 30.01 45.39 46.96
N LEU A 928 28.81 45.08 47.46
CA LEU A 928 28.39 45.65 48.72
C LEU A 928 28.94 44.85 49.88
N SER A 929 29.39 43.62 49.60
CA SER A 929 30.10 42.82 50.59
C SER A 929 31.39 43.51 51.00
N VAL A 930 32.11 44.09 50.03
CA VAL A 930 33.35 44.82 50.31
C VAL A 930 33.04 46.02 51.18
N ILE A 931 31.93 46.70 50.88
CA ILE A 931 31.57 47.94 51.55
C ILE A 931 31.23 47.68 53.01
N LEU A 932 30.32 46.75 53.25
CA LEU A 932 29.98 46.38 54.62
C LEU A 932 31.13 45.73 55.35
N LEU A 933 31.99 45.00 54.64
CA LEU A 933 33.07 44.27 55.27
C LEU A 933 34.12 45.23 55.80
N PHE A 934 34.47 46.25 55.01
CA PHE A 934 35.39 47.25 55.54
C PHE A 934 34.70 48.19 56.52
N MET A 935 33.38 48.37 56.37
CA MET A 935 32.63 49.20 57.31
C MET A 935 32.62 48.58 58.71
N GLY A 936 32.57 47.26 58.77
CA GLY A 936 32.71 46.58 60.05
C GLY A 936 34.15 46.46 60.49
N GLY A 937 35.08 46.35 59.54
CA GLY A 937 36.49 46.31 59.90
C GLY A 937 36.97 47.60 60.53
N LEU A 938 36.35 48.72 60.16
CA LEU A 938 36.60 49.98 60.85
C LEU A 938 36.06 49.95 62.27
N CYS A 939 34.88 49.35 62.46
CA CYS A 939 34.26 49.38 63.77
C CYS A 939 34.98 48.47 64.75
N ILE A 940 35.53 47.36 64.28
CA ILE A 940 36.35 46.52 65.14
C ILE A 940 37.71 47.17 65.34
N ALA A 941 38.14 47.99 64.38
CA ALA A 941 39.32 48.81 64.60
C ALA A 941 39.06 49.97 65.55
N ALA A 942 37.85 50.52 65.53
CA ALA A 942 37.48 51.59 66.44
C ALA A 942 37.00 51.09 67.79
N SER A 943 37.26 49.82 68.12
CA SER A 943 36.83 49.28 69.40
C SER A 943 37.65 49.85 70.55
N GLU A 944 38.96 50.00 70.33
CA GLU A 944 39.87 50.44 71.38
C GLU A 944 39.60 51.89 71.75
N PHE A 945 39.53 52.77 70.75
CA PHE A 945 39.21 54.15 71.03
C PHE A 945 37.72 54.28 71.32
N TYR A 946 37.38 55.26 72.14
CA TYR A 946 36.01 55.61 72.52
C TYR A 946 35.33 54.43 73.21
N LYS A 947 36.12 53.72 74.02
CA LYS A 947 35.68 52.46 74.61
C LYS A 947 34.95 52.66 75.91
N THR A 948 34.62 51.54 76.57
CA THR A 948 33.85 51.46 77.81
C THR A 948 32.51 52.19 77.66
N ARG A 949 31.77 51.74 76.65
CA ARG A 949 30.36 52.08 76.46
C ARG A 949 29.62 50.79 76.13
N HIS A 950 30.39 49.72 76.00
CA HIS A 950 29.97 48.31 75.90
C HIS A 950 28.84 48.08 74.89
N ASN A 951 28.89 48.84 73.80
CA ASN A 951 27.79 48.81 72.85
C ASN A 951 28.28 48.76 71.42
N ILE A 952 29.50 49.24 71.19
CA ILE A 952 29.93 49.55 69.83
C ILE A 952 30.27 48.31 69.01
N ILE A 953 30.84 47.27 69.62
CA ILE A 953 31.30 46.14 68.81
C ILE A 953 30.15 45.23 68.42
N LEU A 954 29.00 45.39 69.09
CA LEU A 954 27.76 44.77 68.62
C LEU A 954 27.39 45.27 67.24
N SER A 955 27.62 46.56 66.99
CA SER A 955 27.29 47.13 65.69
C SER A 955 28.21 46.59 64.60
N ALA A 956 29.41 46.17 64.98
CA ALA A 956 30.43 45.71 64.05
C ALA A 956 30.00 44.44 63.32
N GLY A 957 29.61 43.42 64.09
CA GLY A 957 29.34 42.10 63.56
C GLY A 957 28.14 42.01 62.64
N ILE A 958 27.23 42.97 62.77
CA ILE A 958 26.04 43.01 61.91
C ILE A 958 26.46 43.24 60.47
N PHE A 959 27.48 44.07 60.27
CA PHE A 959 28.03 44.28 58.93
C PHE A 959 28.61 43.00 58.37
N PHE A 960 29.32 42.24 59.20
CA PHE A 960 29.95 41.00 58.75
C PHE A 960 28.91 39.96 58.41
N VAL A 961 27.79 39.96 59.14
CA VAL A 961 26.70 39.06 58.82
C VAL A 961 26.05 39.46 57.50
N SER A 962 25.68 40.73 57.37
CA SER A 962 24.93 41.18 56.22
C SER A 962 25.75 41.20 54.94
N ALA A 963 27.08 41.29 55.05
CA ALA A 963 27.91 41.22 53.87
C ALA A 963 27.86 39.82 53.25
N GLY A 964 27.79 38.80 54.10
CA GLY A 964 27.65 37.46 53.61
C GLY A 964 26.30 37.24 52.97
N LEU A 965 25.27 37.88 53.52
CA LEU A 965 23.93 37.80 52.96
C LEU A 965 23.87 38.50 51.62
N SER A 966 24.68 39.52 51.42
CA SER A 966 24.78 40.11 50.09
C SER A 966 25.55 39.19 49.15
N ASN A 967 26.60 38.55 49.68
CA ASN A 967 27.45 37.68 48.89
C ASN A 967 26.67 36.50 48.32
N ILE A 968 25.82 35.92 49.15
CA ILE A 968 25.12 34.69 48.79
C ILE A 968 24.06 35.03 47.74
N ILE A 969 23.57 36.26 47.73
CA ILE A 969 22.64 36.69 46.70
C ILE A 969 23.39 36.89 45.40
N GLY A 970 24.59 37.47 45.51
CA GLY A 970 25.39 37.72 44.31
C GLY A 970 25.79 36.44 43.61
N ILE A 971 26.08 35.41 44.39
CA ILE A 971 26.45 34.12 43.81
C ILE A 971 25.27 33.51 43.07
N ILE A 972 24.08 33.61 43.68
CA ILE A 972 22.87 33.05 43.09
C ILE A 972 22.51 33.78 41.80
N VAL A 973 22.64 35.10 41.80
CA VAL A 973 22.26 35.82 40.58
C VAL A 973 23.31 35.65 39.49
N TYR A 974 24.56 35.40 39.87
CA TYR A 974 25.57 35.14 38.85
C TYR A 974 25.36 33.79 38.20
N ILE A 975 25.10 32.76 39.02
CA ILE A 975 24.84 31.44 38.47
C ILE A 975 23.51 31.45 37.71
N SER A 976 22.58 32.30 38.12
CA SER A 976 21.32 32.48 37.42
C SER A 976 21.51 33.03 36.03
N ALA A 977 22.28 34.11 35.88
CA ALA A 977 22.40 34.72 34.57
C ALA A 977 23.54 34.14 33.74
N ASN A 978 24.31 33.21 34.29
CA ASN A 978 25.17 32.41 33.43
C ASN A 978 24.26 31.52 32.59
N ALA A 979 23.26 30.94 33.24
CA ALA A 979 22.29 30.12 32.53
C ALA A 979 21.08 30.96 32.13
N GLY A 980 21.16 32.27 32.33
CA GLY A 980 20.06 33.14 31.99
C GLY A 980 19.82 33.30 30.51
N LYS A 988 24.54 22.12 24.56
CA LYS A 988 24.52 21.24 25.73
C LYS A 988 25.84 20.45 25.71
N LYS A 989 26.22 19.91 26.87
CA LYS A 989 27.48 19.20 27.10
C LYS A 989 28.66 20.13 26.82
N ASN A 990 28.64 21.25 27.53
CA ASN A 990 29.66 22.27 27.37
C ASN A 990 30.74 22.13 28.44
N SER A 991 30.39 21.54 29.57
CA SER A 991 31.26 21.22 30.71
C SER A 991 32.01 22.44 31.21
N TYR A 992 31.28 23.52 31.45
CA TYR A 992 31.83 24.78 31.91
C TYR A 992 32.30 24.58 33.35
N SER A 993 33.40 25.20 33.71
CA SER A 993 33.94 24.98 35.04
C SER A 993 33.94 26.27 35.84
N TYR A 994 33.44 26.18 37.07
CA TYR A 994 33.43 27.32 37.97
C TYR A 994 34.80 27.65 38.53
N GLY A 995 35.77 26.78 38.29
CA GLY A 995 37.17 27.14 38.25
C GLY A 995 37.73 27.71 39.52
N TRP A 996 38.74 28.55 39.34
CA TRP A 996 39.49 29.17 40.42
C TRP A 996 38.76 30.38 40.96
N SER A 997 39.48 31.35 41.51
CA SER A 997 39.15 32.23 42.64
C SER A 997 37.71 32.63 42.96
N PHE A 998 36.73 32.33 42.11
CA PHE A 998 35.33 32.25 42.55
C PHE A 998 35.17 31.55 43.90
N TYR A 999 35.90 30.45 44.14
CA TYR A 999 35.93 29.81 45.43
C TYR A 999 36.52 30.67 46.53
N PHE A 1000 37.32 31.70 46.20
CA PHE A 1000 37.79 32.58 47.27
C PHE A 1000 36.62 33.39 47.81
N GLY A 1001 35.63 33.68 46.98
CA GLY A 1001 34.42 34.33 47.47
C GLY A 1001 33.62 33.43 48.40
N ALA A 1002 33.51 32.16 48.05
CA ALA A 1002 32.78 31.21 48.89
C ALA A 1002 33.51 30.96 50.20
N LEU A 1003 34.85 30.93 50.15
CA LEU A 1003 35.63 30.84 51.37
C LEU A 1003 35.49 32.10 52.20
N SER A 1004 35.44 33.26 51.54
CA SER A 1004 35.33 34.53 52.24
C SER A 1004 34.01 34.67 52.96
N PHE A 1005 32.95 34.07 52.40
CA PHE A 1005 31.67 34.02 53.08
C PHE A 1005 31.76 33.31 54.43
N ILE A 1006 32.41 32.16 54.44
CA ILE A 1006 32.51 31.35 55.66
C ILE A 1006 33.38 32.06 56.69
N ILE A 1007 34.47 32.67 56.22
CA ILE A 1007 35.38 33.40 57.10
C ILE A 1007 34.71 34.63 57.69
N ALA A 1008 33.99 35.38 56.86
CA ALA A 1008 33.32 36.59 57.32
C ALA A 1008 32.19 36.25 58.29
N GLU A 1009 31.52 35.13 58.06
CA GLU A 1009 30.44 34.77 58.96
C GLU A 1009 30.99 34.23 60.27
N MET A 1010 32.14 33.57 60.23
CA MET A 1010 32.78 33.11 61.46
C MET A 1010 33.35 34.30 62.23
N VAL A 1011 33.70 35.37 61.53
CA VAL A 1011 34.03 36.62 62.20
C VAL A 1011 32.82 37.21 62.90
N GLY A 1012 31.71 37.35 62.19
CA GLY A 1012 30.55 38.05 62.72
C GLY A 1012 29.90 37.38 63.91
N VAL A 1013 29.99 36.05 63.99
CA VAL A 1013 29.44 35.35 65.15
C VAL A 1013 30.29 35.57 66.39
N LEU A 1014 31.59 35.74 66.24
CA LEU A 1014 32.51 35.79 67.39
C LEU A 1014 32.40 37.16 68.04
N ALA A 1015 32.02 38.16 67.25
CA ALA A 1015 31.76 39.51 67.72
C ALA A 1015 30.64 39.51 68.74
N VAL A 1016 29.63 38.67 68.51
CA VAL A 1016 28.49 38.65 69.41
C VAL A 1016 28.87 37.96 70.71
N HIS A 1017 29.78 36.97 70.62
CA HIS A 1017 30.34 36.37 71.83
C HIS A 1017 31.08 37.40 72.65
N MET A 1018 31.90 38.22 71.98
CA MET A 1018 32.60 39.31 72.66
C MET A 1018 31.64 40.31 73.26
N PHE A 1019 30.54 40.64 72.58
CA PHE A 1019 29.55 41.55 73.13
C PHE A 1019 28.93 40.99 74.40
N ILE A 1020 28.42 39.77 74.32
CA ILE A 1020 27.60 39.26 75.42
C ILE A 1020 28.49 38.92 76.61
N ASP A 1021 29.73 38.51 76.35
CA ASP A 1021 30.65 38.23 77.44
C ASP A 1021 31.15 39.52 78.05
N ARG A 1022 31.42 40.53 77.23
CA ARG A 1022 31.88 41.82 77.71
C ARG A 1022 30.78 42.54 78.48
N HIS A 1023 29.53 42.34 78.10
CA HIS A 1023 28.45 42.93 78.88
C HIS A 1023 28.17 42.14 80.15
N LYS A 1024 28.33 40.82 80.11
CA LYS A 1024 28.17 39.99 81.30
C LYS A 1024 29.24 40.28 82.33
N GLN A 1025 30.41 40.76 81.89
CA GLN A 1025 31.43 41.21 82.83
C GLN A 1025 30.96 42.41 83.66
N LEU A 1026 30.24 43.35 83.05
CA LEU A 1026 29.66 44.42 83.86
C LEU A 1026 28.22 44.12 84.27
N THR A 1027 28.03 42.91 84.82
CA THR A 1027 26.77 42.58 85.48
C THR A 1027 26.94 42.15 86.92
N ASN B 1 32.69 -2.82 -90.02
CA ASN B 1 33.36 -3.89 -89.30
C ASN B 1 32.36 -4.72 -88.48
N SER B 2 31.64 -5.62 -89.16
CA SER B 2 30.71 -6.51 -88.45
C SER B 2 31.52 -7.56 -87.68
N ILE B 3 31.67 -7.34 -86.38
CA ILE B 3 32.54 -8.14 -85.53
C ILE B 3 31.72 -9.26 -84.91
N GLN B 4 32.21 -10.50 -85.04
CA GLN B 4 31.55 -11.69 -84.51
C GLN B 4 31.53 -11.73 -82.99
N ILE B 5 30.35 -11.85 -82.39
CA ILE B 5 30.22 -12.06 -80.96
C ILE B 5 29.33 -13.29 -80.74
N GLY B 6 29.25 -13.71 -79.49
CA GLY B 6 28.37 -14.82 -79.12
C GLY B 6 27.42 -14.45 -78.00
N GLY B 7 26.20 -14.99 -78.02
CA GLY B 7 25.23 -14.66 -76.99
C GLY B 7 24.54 -15.88 -76.44
N LEU B 8 24.39 -15.92 -75.12
CA LEU B 8 23.76 -17.03 -74.40
C LEU B 8 22.46 -16.53 -73.79
N PHE B 9 21.36 -17.23 -74.06
CA PHE B 9 20.10 -16.78 -73.49
C PHE B 9 19.24 -17.96 -73.06
N PRO B 10 18.58 -17.86 -71.92
CA PRO B 10 17.75 -18.98 -71.45
C PRO B 10 16.47 -19.08 -72.25
N ARG B 11 15.79 -20.21 -72.11
CA ARG B 11 14.52 -20.42 -72.81
C ARG B 11 13.37 -19.95 -71.95
N GLY B 12 13.03 -18.66 -72.08
CA GLY B 12 12.10 -17.99 -71.22
C GLY B 12 12.52 -16.60 -70.83
N ALA B 13 13.71 -16.14 -71.25
CA ALA B 13 14.16 -14.78 -70.97
C ALA B 13 13.78 -13.87 -72.12
N ASP B 14 12.48 -13.84 -72.45
CA ASP B 14 12.02 -13.19 -73.66
C ASP B 14 12.07 -11.68 -73.54
N GLN B 15 11.74 -11.14 -72.37
CA GLN B 15 11.84 -9.71 -72.15
C GLN B 15 13.29 -9.23 -72.24
N GLU B 16 14.21 -10.04 -71.72
CA GLU B 16 15.62 -9.68 -71.75
C GLU B 16 16.18 -9.73 -73.18
N TYR B 17 15.82 -10.76 -73.94
CA TYR B 17 16.30 -10.85 -75.31
C TYR B 17 15.67 -9.76 -76.18
N SER B 18 14.43 -9.39 -75.88
CA SER B 18 13.78 -8.31 -76.61
C SER B 18 14.43 -6.97 -76.30
N ALA B 19 14.82 -6.77 -75.04
CA ALA B 19 15.54 -5.55 -74.69
C ALA B 19 16.91 -5.51 -75.33
N PHE B 20 17.55 -6.67 -75.49
CA PHE B 20 18.82 -6.71 -76.21
C PHE B 20 18.62 -6.35 -77.68
N ARG B 21 17.54 -6.84 -78.30
CA ARG B 21 17.26 -6.49 -79.69
C ARG B 21 16.95 -5.01 -79.85
N VAL B 22 16.31 -4.42 -78.84
CA VAL B 22 16.07 -2.98 -78.85
C VAL B 22 17.38 -2.21 -78.77
N GLY B 23 18.21 -2.57 -77.77
CA GLY B 23 19.46 -1.85 -77.58
C GLY B 23 20.46 -2.07 -78.70
N MET B 24 20.26 -3.12 -79.50
CA MET B 24 21.06 -3.36 -80.70
C MET B 24 21.00 -2.20 -81.67
N VAL B 25 19.82 -1.65 -81.89
CA VAL B 25 19.66 -0.59 -82.89
C VAL B 25 19.28 0.71 -82.22
N GLN B 26 19.26 0.72 -80.88
CA GLN B 26 18.96 1.95 -80.15
C GLN B 26 20.06 2.98 -80.35
N PHE B 27 21.31 2.50 -80.47
CA PHE B 27 22.46 3.34 -80.78
C PHE B 27 23.57 2.44 -81.32
N SER B 28 23.88 2.62 -82.60
CA SER B 28 24.97 1.94 -83.31
C SER B 28 25.19 2.58 -84.66
N THR B 29 26.05 1.96 -85.46
CA THR B 29 26.16 2.16 -86.92
C THR B 29 26.51 3.60 -87.28
N SER B 30 27.67 4.03 -86.82
CA SER B 30 28.48 5.04 -87.49
C SER B 30 29.83 4.46 -87.85
N GLU B 31 29.95 3.14 -87.73
CA GLU B 31 31.19 2.42 -87.56
C GLU B 31 30.89 0.93 -87.65
N PHE B 32 31.77 0.12 -87.05
CA PHE B 32 31.60 -1.30 -86.76
C PHE B 32 30.19 -1.72 -86.38
N ARG B 33 29.75 -2.87 -86.88
CA ARG B 33 28.51 -3.48 -86.45
C ARG B 33 28.81 -4.75 -85.69
N LEU B 34 27.77 -5.41 -85.23
CA LEU B 34 27.90 -6.61 -84.42
C LEU B 34 27.31 -7.78 -85.18
N THR B 35 27.85 -8.97 -84.92
CA THR B 35 27.36 -10.22 -85.51
C THR B 35 26.96 -11.12 -84.34
N PRO B 36 25.74 -11.00 -83.85
CA PRO B 36 25.34 -11.82 -82.71
C PRO B 36 24.84 -13.18 -83.12
N HIS B 37 25.54 -14.24 -82.74
CA HIS B 37 24.98 -15.58 -82.85
C HIS B 37 24.35 -15.92 -81.52
N ILE B 38 23.04 -16.11 -81.54
CA ILE B 38 22.25 -16.27 -80.33
C ILE B 38 22.07 -17.76 -80.04
N ASP B 39 22.18 -18.14 -78.78
CA ASP B 39 22.00 -19.52 -78.34
C ASP B 39 20.89 -19.53 -77.30
N ASN B 40 19.67 -19.82 -77.75
CA ASN B 40 18.50 -19.91 -76.89
C ASN B 40 18.49 -21.30 -76.26
N LEU B 41 19.40 -21.51 -75.32
CA LEU B 41 19.61 -22.83 -74.74
C LEU B 41 19.49 -22.71 -73.23
N GLU B 42 19.63 -23.85 -72.56
CA GLU B 42 19.45 -23.87 -71.12
C GLU B 42 20.70 -23.32 -70.42
N VAL B 43 20.60 -23.24 -69.10
CA VAL B 43 21.69 -22.76 -68.27
C VAL B 43 21.97 -23.67 -67.09
N ALA B 44 21.05 -24.59 -66.77
CA ALA B 44 21.28 -25.50 -65.67
C ALA B 44 22.30 -26.56 -66.03
N ASN B 45 22.17 -27.14 -67.22
CA ASN B 45 23.09 -28.20 -67.63
C ASN B 45 24.41 -27.58 -68.05
N SER B 46 25.44 -27.80 -67.23
CA SER B 46 26.77 -27.30 -67.55
C SER B 46 27.36 -28.02 -68.75
N PHE B 47 26.91 -29.23 -69.06
CA PHE B 47 27.27 -29.86 -70.31
C PHE B 47 26.71 -29.09 -71.50
N ALA B 48 25.49 -28.57 -71.37
CA ALA B 48 24.93 -27.73 -72.42
C ALA B 48 25.67 -26.41 -72.52
N VAL B 49 26.08 -25.86 -71.38
CA VAL B 49 26.89 -24.65 -71.38
C VAL B 49 28.23 -24.91 -72.05
N THR B 50 28.79 -26.10 -71.83
CA THR B 50 30.05 -26.49 -72.44
C THR B 50 29.92 -26.63 -73.95
N ASN B 51 28.85 -27.28 -74.40
CA ASN B 51 28.59 -27.44 -75.82
C ASN B 51 28.40 -26.09 -76.50
N ALA B 52 27.65 -25.18 -75.87
CA ALA B 52 27.46 -23.86 -76.47
C ALA B 52 28.74 -23.04 -76.46
N PHE B 53 29.57 -23.19 -75.42
CA PHE B 53 30.80 -22.43 -75.33
C PHE B 53 31.80 -22.90 -76.37
N CYS B 54 31.93 -24.22 -76.53
CA CYS B 54 32.82 -24.73 -77.57
C CYS B 54 32.28 -24.49 -78.98
N SER B 55 30.95 -24.40 -79.14
CA SER B 55 30.41 -24.05 -80.45
C SER B 55 30.73 -22.61 -80.82
N GLN B 56 30.55 -21.69 -79.88
CA GLN B 56 30.88 -20.30 -80.17
C GLN B 56 32.39 -20.06 -80.24
N PHE B 57 33.20 -20.89 -79.57
CA PHE B 57 34.63 -20.76 -79.77
C PHE B 57 35.07 -21.41 -81.08
N SER B 58 34.32 -22.40 -81.55
CA SER B 58 34.54 -22.94 -82.89
C SER B 58 34.19 -21.90 -83.94
N ARG B 59 33.17 -21.09 -83.67
CA ARG B 59 32.95 -19.88 -84.45
C ARG B 59 34.14 -18.94 -84.34
N GLY B 60 34.70 -18.79 -83.14
CA GLY B 60 35.89 -17.98 -82.97
C GLY B 60 35.58 -16.52 -82.77
N VAL B 61 34.54 -16.25 -81.99
CA VAL B 61 34.13 -14.87 -81.76
C VAL B 61 35.09 -14.18 -80.80
N TYR B 62 34.96 -12.86 -80.71
CA TYR B 62 35.84 -12.06 -79.87
C TYR B 62 35.31 -11.81 -78.47
N ALA B 63 34.00 -11.90 -78.27
CA ALA B 63 33.42 -11.66 -76.96
C ALA B 63 32.08 -12.39 -76.88
N ILE B 64 31.73 -12.84 -75.69
CA ILE B 64 30.50 -13.59 -75.46
C ILE B 64 29.75 -12.96 -74.29
N PHE B 65 28.47 -12.68 -74.53
CA PHE B 65 27.60 -12.05 -73.56
C PHE B 65 26.43 -12.99 -73.25
N GLY B 66 26.04 -13.03 -71.98
CA GLY B 66 24.92 -13.85 -71.60
C GLY B 66 24.85 -14.02 -70.10
N PHE B 67 24.05 -15.00 -69.69
CA PHE B 67 23.74 -15.25 -68.30
C PHE B 67 24.52 -16.46 -67.80
N TYR B 68 24.43 -16.70 -66.50
CA TYR B 68 24.89 -17.96 -65.94
C TYR B 68 24.11 -18.25 -64.68
N ASP B 69 24.08 -19.53 -64.34
CA ASP B 69 23.45 -20.04 -63.14
C ASP B 69 24.54 -20.43 -62.14
N LYS B 70 24.13 -20.66 -60.89
CA LYS B 70 25.08 -21.06 -59.87
C LYS B 70 25.63 -22.46 -60.08
N LYS B 71 25.05 -23.25 -60.99
CA LYS B 71 25.67 -24.51 -61.33
C LYS B 71 26.62 -24.40 -62.51
N SER B 72 26.88 -23.19 -62.97
CA SER B 72 27.67 -22.95 -64.16
C SER B 72 28.74 -21.89 -63.99
N VAL B 73 28.74 -21.19 -62.85
CA VAL B 73 29.67 -20.09 -62.64
C VAL B 73 31.10 -20.60 -62.59
N ASN B 74 31.31 -21.78 -62.00
CA ASN B 74 32.62 -22.40 -61.99
C ASN B 74 33.08 -22.78 -63.39
N THR B 75 32.16 -23.27 -64.22
CA THR B 75 32.52 -23.67 -65.57
C THR B 75 32.90 -22.46 -66.42
N ILE B 76 32.13 -21.38 -66.30
CA ILE B 76 32.41 -20.18 -67.07
C ILE B 76 33.71 -19.52 -66.64
N THR B 77 33.95 -19.41 -65.33
CA THR B 77 35.23 -18.87 -64.87
C THR B 77 36.39 -19.78 -65.25
N SER B 78 36.20 -21.10 -65.17
CA SER B 78 37.28 -22.04 -65.46
C SER B 78 37.66 -22.07 -66.94
N PHE B 79 36.71 -21.88 -67.84
CA PHE B 79 37.05 -21.75 -69.26
C PHE B 79 37.56 -20.38 -69.64
N CYS B 80 37.02 -19.30 -69.06
CA CYS B 80 37.46 -17.98 -69.49
C CYS B 80 38.81 -17.60 -68.92
N GLY B 81 39.13 -18.06 -67.70
CA GLY B 81 40.45 -17.81 -67.16
C GLY B 81 41.54 -18.60 -67.89
N THR B 82 41.16 -19.68 -68.56
CA THR B 82 42.09 -20.36 -69.43
C THR B 82 42.22 -19.64 -70.76
N LEU B 83 41.13 -19.54 -71.50
CA LEU B 83 41.24 -19.16 -72.91
C LEU B 83 41.18 -17.65 -73.13
N HIS B 84 41.21 -16.84 -72.08
CA HIS B 84 41.46 -15.38 -72.16
C HIS B 84 40.35 -14.65 -72.92
N VAL B 85 39.18 -15.27 -73.01
CA VAL B 85 38.04 -14.70 -73.72
C VAL B 85 37.24 -13.89 -72.72
N SER B 86 37.07 -12.60 -73.01
CA SER B 86 36.35 -11.72 -72.11
C SER B 86 34.87 -12.05 -72.10
N PHE B 87 34.30 -12.18 -70.91
CA PHE B 87 32.91 -12.60 -70.73
C PHE B 87 32.18 -11.58 -69.87
N ILE B 88 31.01 -11.15 -70.31
CA ILE B 88 30.27 -10.07 -69.68
C ILE B 88 28.88 -10.59 -69.34
N THR B 89 28.38 -10.23 -68.15
CA THR B 89 27.16 -10.83 -67.64
C THR B 89 26.38 -9.89 -66.73
N PRO B 90 25.06 -10.04 -66.69
CA PRO B 90 24.21 -9.32 -65.73
C PRO B 90 23.83 -10.09 -64.47
N SER B 91 24.34 -11.31 -64.28
CA SER B 91 23.83 -12.22 -63.27
C SER B 91 24.32 -11.82 -61.88
N PHE B 92 24.19 -12.73 -60.92
CA PHE B 92 24.69 -12.46 -59.58
C PHE B 92 26.20 -12.36 -59.60
N PRO B 93 26.76 -11.44 -58.82
CA PRO B 93 28.20 -11.22 -58.83
C PRO B 93 28.94 -12.42 -58.25
N THR B 94 30.13 -12.65 -58.78
CA THR B 94 30.93 -13.78 -58.35
C THR B 94 31.49 -13.55 -56.96
N ASP B 95 32.00 -14.63 -56.36
CA ASP B 95 32.53 -14.59 -55.01
C ASP B 95 34.02 -14.23 -55.03
N GLY B 96 34.82 -15.04 -55.73
CA GLY B 96 36.23 -14.76 -55.85
C GLY B 96 36.50 -13.80 -56.98
N THR B 97 37.59 -13.06 -56.86
CA THR B 97 38.02 -12.12 -57.89
C THR B 97 38.53 -12.94 -59.06
N HIS B 98 37.74 -13.02 -60.09
CA HIS B 98 38.19 -13.81 -61.22
C HIS B 98 38.53 -12.91 -62.39
N PRO B 99 39.52 -13.26 -63.19
CA PRO B 99 39.85 -12.46 -64.37
C PRO B 99 38.86 -12.73 -65.50
N PHE B 100 38.88 -11.81 -66.47
CA PHE B 100 38.15 -11.92 -67.74
C PHE B 100 36.63 -12.01 -67.56
N VAL B 101 36.11 -11.43 -66.48
CA VAL B 101 34.67 -11.41 -66.25
C VAL B 101 34.29 -9.98 -65.90
N ILE B 102 33.39 -9.41 -66.68
CA ILE B 102 32.75 -8.15 -66.34
C ILE B 102 31.33 -8.49 -65.91
N GLN B 103 30.93 -7.98 -64.75
CA GLN B 103 29.62 -8.33 -64.22
C GLN B 103 28.82 -7.07 -63.91
N MET B 104 27.60 -7.03 -64.46
CA MET B 104 26.80 -5.83 -64.57
C MET B 104 25.94 -5.53 -63.37
N ARG B 105 25.80 -6.45 -62.43
CA ARG B 105 24.90 -6.23 -61.30
C ARG B 105 25.71 -5.67 -60.14
N PRO B 106 25.24 -4.62 -59.47
CA PRO B 106 25.99 -4.09 -58.33
C PRO B 106 25.86 -4.99 -57.12
N ASP B 107 26.62 -4.66 -56.08
CA ASP B 107 26.46 -5.34 -54.81
C ASP B 107 25.12 -4.94 -54.18
N LEU B 108 24.58 -5.86 -53.39
CA LEU B 108 23.42 -5.60 -52.56
C LEU B 108 23.75 -5.59 -51.09
N LYS B 109 24.87 -6.20 -50.69
CA LYS B 109 25.05 -6.63 -49.31
C LYS B 109 25.32 -5.47 -48.37
N GLY B 110 26.18 -4.53 -48.78
CA GLY B 110 26.43 -3.36 -47.95
C GLY B 110 25.20 -2.47 -47.85
N ALA B 111 24.42 -2.42 -48.91
CA ALA B 111 23.15 -1.70 -48.88
C ALA B 111 22.20 -2.33 -47.87
N LEU B 112 22.16 -3.66 -47.82
CA LEU B 112 21.18 -4.31 -46.96
C LEU B 112 21.60 -4.21 -45.49
N LEU B 113 22.91 -4.26 -45.24
CA LEU B 113 23.41 -3.99 -43.90
C LEU B 113 23.11 -2.56 -43.47
N SER B 114 23.23 -1.60 -44.40
CA SER B 114 22.90 -0.22 -44.10
C SER B 114 21.42 -0.08 -43.76
N LEU B 115 20.57 -0.81 -44.48
CA LEU B 115 19.12 -0.70 -44.24
C LEU B 115 18.74 -1.28 -42.89
N ILE B 116 19.33 -2.42 -42.53
CA ILE B 116 19.01 -3.03 -41.25
C ILE B 116 19.52 -2.17 -40.11
N GLU B 117 20.73 -1.60 -40.26
CA GLU B 117 21.23 -0.70 -39.23
C GLU B 117 20.42 0.58 -39.14
N TYR B 118 19.80 1.01 -40.24
CA TYR B 118 18.95 2.18 -40.16
C TYR B 118 17.66 1.88 -39.42
N TYR B 119 17.01 0.76 -39.73
CA TYR B 119 15.79 0.41 -39.02
C TYR B 119 16.03 -0.02 -37.58
N GLN B 120 17.27 -0.38 -37.23
CA GLN B 120 17.69 -0.76 -35.88
C GLN B 120 16.90 -1.97 -35.37
N TRP B 121 17.12 -3.09 -36.03
CA TRP B 121 16.54 -4.35 -35.59
C TRP B 121 17.50 -5.11 -34.69
N ASP B 122 16.95 -6.10 -34.02
CA ASP B 122 17.75 -6.98 -33.19
C ASP B 122 17.45 -8.45 -33.46
N LYS B 123 16.20 -8.75 -33.79
CA LYS B 123 15.77 -10.13 -33.92
C LYS B 123 14.84 -10.27 -35.11
N PHE B 124 15.18 -11.16 -36.04
CA PHE B 124 14.37 -11.26 -37.23
C PHE B 124 14.52 -12.62 -37.88
N ALA B 125 13.69 -12.84 -38.88
CA ALA B 125 13.75 -14.07 -39.66
C ALA B 125 14.21 -13.76 -41.07
N TYR B 126 14.86 -14.75 -41.67
CA TYR B 126 15.53 -14.54 -42.95
C TYR B 126 15.17 -15.71 -43.85
N LEU B 127 14.17 -15.53 -44.70
CA LEU B 127 13.82 -16.58 -45.63
C LEU B 127 14.69 -16.46 -46.88
N TYR B 128 15.44 -17.51 -47.17
CA TYR B 128 16.33 -17.41 -48.32
C TYR B 128 15.98 -18.49 -49.34
N ASP B 129 16.49 -18.29 -50.54
CA ASP B 129 16.38 -19.27 -51.61
C ASP B 129 17.78 -19.75 -51.96
N SER B 130 17.93 -21.06 -52.05
CA SER B 130 19.24 -21.67 -52.25
C SER B 130 19.76 -21.45 -53.66
N ASP B 131 18.89 -21.43 -54.66
CA ASP B 131 19.36 -21.50 -56.03
C ASP B 131 19.89 -20.18 -56.56
N ARG B 132 19.81 -19.10 -55.80
CA ARG B 132 20.51 -17.89 -56.16
C ARG B 132 21.89 -17.82 -55.52
N GLY B 133 22.25 -18.82 -54.73
CA GLY B 133 23.51 -18.80 -54.01
C GLY B 133 23.33 -18.35 -52.57
N LEU B 134 24.44 -18.28 -51.85
CA LEU B 134 24.39 -18.03 -50.42
C LEU B 134 25.35 -16.95 -49.94
N SER B 135 25.79 -16.05 -50.82
CA SER B 135 26.77 -15.05 -50.41
C SER B 135 26.19 -14.05 -49.41
N THR B 136 24.95 -13.62 -49.62
CA THR B 136 24.31 -12.74 -48.66
C THR B 136 24.06 -13.44 -47.35
N LEU B 137 23.75 -14.74 -47.41
CA LEU B 137 23.55 -15.51 -46.20
C LEU B 137 24.84 -15.62 -45.40
N GLN B 138 25.97 -15.77 -46.08
CA GLN B 138 27.24 -15.74 -45.38
C GLN B 138 27.56 -14.36 -44.84
N ALA B 139 27.14 -13.32 -45.54
CA ALA B 139 27.52 -11.98 -45.13
C ALA B 139 26.72 -11.52 -43.92
N VAL B 140 25.45 -11.90 -43.82
CA VAL B 140 24.65 -11.37 -42.73
C VAL B 140 24.96 -12.05 -41.42
N LEU B 141 25.48 -13.27 -41.47
CA LEU B 141 25.77 -13.97 -40.22
C LEU B 141 26.97 -13.41 -39.49
N ASP B 142 27.96 -12.90 -40.22
CA ASP B 142 29.12 -12.29 -39.57
C ASP B 142 28.72 -11.03 -38.83
N SER B 143 27.99 -10.14 -39.49
CA SER B 143 27.57 -8.93 -38.83
C SER B 143 26.47 -9.20 -37.81
N ALA B 144 25.78 -10.33 -37.91
CA ALA B 144 24.82 -10.69 -36.89
C ALA B 144 25.52 -11.19 -35.64
N ALA B 145 26.64 -11.87 -35.81
CA ALA B 145 27.45 -12.27 -34.66
C ALA B 145 28.09 -11.06 -34.01
N GLU B 146 28.57 -10.12 -34.81
CA GLU B 146 29.26 -8.96 -34.24
C GLU B 146 28.27 -7.99 -33.62
N LYS B 147 27.17 -7.70 -34.30
CA LYS B 147 26.18 -6.73 -33.86
C LYS B 147 25.09 -7.33 -33.01
N LYS B 148 25.36 -8.47 -32.35
CA LYS B 148 24.48 -9.20 -31.40
C LYS B 148 23.04 -9.39 -31.90
N TRP B 149 22.87 -9.61 -33.20
CA TRP B 149 21.55 -9.87 -33.74
C TRP B 149 21.11 -11.30 -33.42
N GLN B 150 19.83 -11.56 -33.60
CA GLN B 150 19.26 -12.89 -33.45
C GLN B 150 18.55 -13.26 -34.73
N VAL B 151 19.21 -14.09 -35.54
CA VAL B 151 18.73 -14.47 -36.86
C VAL B 151 18.15 -15.86 -36.79
N THR B 152 16.92 -16.01 -37.25
CA THR B 152 16.40 -17.33 -37.59
C THR B 152 16.38 -17.42 -39.11
N ALA B 153 17.37 -18.07 -39.69
CA ALA B 153 17.45 -18.23 -41.13
C ALA B 153 16.72 -19.50 -41.51
N ILE B 154 16.00 -19.49 -42.62
CA ILE B 154 15.23 -20.65 -43.05
C ILE B 154 15.40 -20.84 -44.55
N ASN B 155 15.81 -22.03 -44.95
CA ASN B 155 15.78 -22.41 -46.36
C ASN B 155 14.34 -22.74 -46.77
N VAL B 156 13.95 -22.25 -47.94
CA VAL B 156 12.59 -22.45 -48.42
C VAL B 156 12.53 -22.89 -49.87
N GLY B 157 13.62 -22.83 -50.62
CA GLY B 157 13.55 -22.90 -52.06
C GLY B 157 13.34 -24.27 -52.66
N ASN B 158 13.67 -25.35 -51.94
CA ASN B 158 13.54 -26.67 -52.53
C ASN B 158 12.15 -27.26 -52.39
N ILE B 159 11.18 -26.48 -51.91
CA ILE B 159 9.84 -26.99 -51.70
C ILE B 159 9.13 -27.13 -53.04
N ASN B 160 8.58 -28.31 -53.29
CA ASN B 160 7.87 -28.60 -54.52
C ASN B 160 6.57 -27.81 -54.62
N ASN B 161 5.98 -27.85 -55.83
CA ASN B 161 4.74 -27.13 -56.08
C ASN B 161 3.54 -27.81 -55.45
N ASP B 162 3.50 -29.15 -55.45
CA ASP B 162 2.30 -29.90 -55.13
C ASP B 162 2.00 -29.98 -53.65
N LYS B 163 2.88 -29.47 -52.80
CA LYS B 163 2.59 -29.33 -51.38
C LYS B 163 2.64 -27.85 -51.01
N LYS B 164 2.68 -26.96 -52.01
CA LYS B 164 3.00 -25.56 -51.85
C LYS B 164 1.76 -24.77 -51.46
N ASP B 165 1.02 -25.25 -50.47
CA ASP B 165 -0.03 -24.43 -49.90
C ASP B 165 -0.04 -24.62 -48.39
N GLU B 166 0.51 -25.74 -47.95
CA GLU B 166 0.50 -26.10 -46.54
C GLU B 166 1.87 -26.03 -45.90
N THR B 167 2.92 -26.13 -46.72
CA THR B 167 4.28 -25.93 -46.23
C THR B 167 4.47 -24.54 -45.68
N TYR B 168 3.94 -23.53 -46.38
CA TYR B 168 4.04 -22.17 -45.90
C TYR B 168 3.22 -21.96 -44.64
N ARG B 169 2.09 -22.68 -44.53
CA ARG B 169 1.28 -22.56 -43.32
C ARG B 169 2.00 -23.17 -42.13
N SER B 170 2.67 -24.29 -42.33
CA SER B 170 3.47 -24.86 -41.25
C SER B 170 4.65 -23.97 -40.92
N LEU B 171 5.21 -23.32 -41.93
CA LEU B 171 6.38 -22.47 -41.75
C LEU B 171 6.05 -21.24 -40.92
N PHE B 172 5.03 -20.51 -41.32
CA PHE B 172 4.68 -19.31 -40.58
C PHE B 172 4.05 -19.61 -39.23
N GLN B 173 3.43 -20.77 -39.05
CA GLN B 173 2.96 -21.13 -37.72
C GLN B 173 4.12 -21.54 -36.82
N ASP B 174 5.21 -22.04 -37.39
CA ASP B 174 6.42 -22.19 -36.60
C ASP B 174 7.05 -20.84 -36.28
N LEU B 175 6.89 -19.87 -37.18
CA LEU B 175 7.35 -18.52 -36.86
C LEU B 175 6.49 -17.87 -35.79
N GLU B 176 5.23 -18.30 -35.68
CA GLU B 176 4.34 -17.85 -34.61
C GLU B 176 4.76 -18.35 -33.24
N LEU B 177 5.64 -19.35 -33.16
CA LEU B 177 6.08 -19.85 -31.87
C LEU B 177 6.92 -18.83 -31.13
N LYS B 178 7.92 -18.26 -31.78
CA LYS B 178 8.65 -17.14 -31.22
C LYS B 178 7.97 -15.81 -31.47
N LYS B 179 6.82 -15.81 -32.17
CA LYS B 179 6.02 -14.64 -32.50
C LYS B 179 6.84 -13.62 -33.28
N GLU B 180 7.20 -14.03 -34.49
CA GLU B 180 8.04 -13.23 -35.36
C GLU B 180 7.28 -12.01 -35.87
N ARG B 181 8.05 -10.95 -36.15
CA ARG B 181 7.48 -9.70 -36.61
C ARG B 181 8.22 -9.13 -37.81
N ARG B 182 9.44 -9.58 -38.08
CA ARG B 182 10.32 -8.90 -39.03
C ARG B 182 10.89 -9.95 -39.97
N VAL B 183 10.62 -9.79 -41.25
CA VAL B 183 10.93 -10.81 -42.24
C VAL B 183 11.75 -10.20 -43.35
N ILE B 184 12.88 -10.81 -43.68
CA ILE B 184 13.64 -10.44 -44.86
C ILE B 184 13.50 -11.56 -45.87
N LEU B 185 12.96 -11.23 -47.04
CA LEU B 185 12.80 -12.19 -48.11
C LEU B 185 13.98 -12.06 -49.07
N ASP B 186 14.48 -13.19 -49.56
CA ASP B 186 15.56 -13.15 -50.55
C ASP B 186 15.24 -14.20 -51.60
N CYS B 187 14.53 -13.81 -52.64
CA CYS B 187 14.11 -14.78 -53.63
C CYS B 187 14.12 -14.13 -55.00
N GLU B 188 13.79 -14.93 -56.02
CA GLU B 188 13.42 -14.42 -57.32
C GLU B 188 12.01 -13.88 -57.28
N ARG B 189 11.63 -13.19 -58.36
CA ARG B 189 10.34 -12.50 -58.39
C ARG B 189 9.18 -13.49 -58.39
N ASP B 190 9.40 -14.69 -58.95
CA ASP B 190 8.36 -15.70 -58.95
C ASP B 190 8.09 -16.22 -57.55
N LYS B 191 9.15 -16.45 -56.78
CA LYS B 191 8.95 -16.90 -55.40
C LYS B 191 8.40 -15.78 -54.53
N VAL B 192 8.71 -14.52 -54.87
CA VAL B 192 8.11 -13.41 -54.13
C VAL B 192 6.61 -13.34 -54.40
N ASN B 193 6.22 -13.43 -55.66
CA ASN B 193 4.79 -13.42 -55.99
C ASN B 193 4.07 -14.66 -55.50
N ASP B 194 4.79 -15.76 -55.27
CA ASP B 194 4.14 -16.90 -54.63
C ASP B 194 3.97 -16.67 -53.13
N ILE B 195 4.99 -16.15 -52.47
CA ILE B 195 4.93 -16.08 -51.02
C ILE B 195 4.05 -14.94 -50.53
N VAL B 196 3.93 -13.86 -51.31
CA VAL B 196 3.07 -12.75 -50.91
C VAL B 196 1.61 -13.18 -50.93
N ASP B 197 1.25 -14.03 -51.90
CA ASP B 197 -0.13 -14.49 -51.98
C ASP B 197 -0.48 -15.43 -50.84
N GLN B 198 0.48 -16.25 -50.41
CA GLN B 198 0.18 -17.13 -49.29
C GLN B 198 0.14 -16.39 -47.97
N VAL B 199 0.96 -15.33 -47.84
CA VAL B 199 0.86 -14.46 -46.67
C VAL B 199 -0.50 -13.77 -46.65
N ILE B 200 -0.94 -13.27 -47.80
CA ILE B 200 -2.18 -12.52 -47.84
C ILE B 200 -3.38 -13.45 -47.72
N THR B 201 -3.20 -14.76 -47.95
CA THR B 201 -4.28 -15.69 -47.65
C THR B 201 -4.34 -15.99 -46.16
N ILE B 202 -3.20 -16.33 -45.55
CA ILE B 202 -3.24 -16.66 -44.13
C ILE B 202 -3.31 -15.44 -43.23
N GLY B 203 -3.39 -14.24 -43.79
CA GLY B 203 -3.73 -13.08 -42.99
C GLY B 203 -2.59 -12.56 -42.16
N LYS B 204 -1.43 -12.36 -42.74
CA LYS B 204 -0.27 -11.81 -42.04
C LYS B 204 0.24 -10.53 -42.69
N HIS B 205 -0.65 -9.59 -42.98
CA HIS B 205 -0.25 -8.31 -43.53
C HIS B 205 -0.96 -7.14 -42.85
N VAL B 206 -1.35 -7.33 -41.60
CA VAL B 206 -1.98 -6.30 -40.79
C VAL B 206 -0.92 -5.33 -40.30
N LYS B 207 -1.36 -4.26 -39.65
CA LYS B 207 -0.43 -3.43 -38.89
C LYS B 207 0.33 -4.25 -37.85
N GLY B 208 1.65 -4.16 -37.90
CA GLY B 208 2.53 -4.84 -36.98
C GLY B 208 3.66 -5.58 -37.64
N TYR B 209 3.42 -6.23 -38.76
CA TYR B 209 4.46 -7.00 -39.45
C TYR B 209 5.27 -6.06 -40.34
N HIS B 210 6.43 -6.53 -40.77
CA HIS B 210 7.33 -5.65 -41.50
C HIS B 210 8.22 -6.49 -42.39
N TYR B 211 8.31 -6.09 -43.66
CA TYR B 211 8.90 -6.91 -44.70
C TYR B 211 9.98 -6.13 -45.43
N ILE B 212 11.08 -6.80 -45.72
CA ILE B 212 12.13 -6.23 -46.54
C ILE B 212 12.39 -7.16 -47.71
N ILE B 213 12.19 -6.65 -48.91
CA ILE B 213 12.47 -7.40 -50.13
C ILE B 213 13.91 -7.15 -50.53
N ALA B 214 14.67 -8.21 -50.74
CA ALA B 214 16.06 -8.09 -51.17
C ALA B 214 16.14 -8.36 -52.66
N ASN B 215 15.70 -7.40 -53.44
CA ASN B 215 15.92 -7.46 -54.88
C ASN B 215 16.28 -6.09 -55.38
N LEU B 216 16.31 -5.97 -56.70
CA LEU B 216 16.64 -4.70 -57.32
C LEU B 216 15.44 -4.09 -58.01
N GLY B 217 14.54 -4.92 -58.52
CA GLY B 217 13.26 -4.47 -59.01
C GLY B 217 12.19 -4.56 -57.94
N PHE B 218 12.25 -3.65 -56.95
CA PHE B 218 11.26 -3.62 -55.87
C PHE B 218 9.84 -3.43 -56.37
N THR B 219 9.65 -2.59 -57.38
CA THR B 219 8.32 -2.38 -57.94
C THR B 219 8.07 -3.25 -59.15
N ASP B 220 9.00 -4.13 -59.49
CA ASP B 220 8.80 -4.97 -60.66
C ASP B 220 7.80 -6.07 -60.36
N GLY B 221 7.68 -6.45 -59.10
CA GLY B 221 6.70 -7.43 -58.67
C GLY B 221 5.37 -6.77 -58.35
N ASP B 222 4.44 -7.61 -57.88
CA ASP B 222 3.10 -7.16 -57.55
C ASP B 222 3.15 -6.43 -56.21
N LEU B 223 2.53 -5.24 -56.16
CA LEU B 223 2.38 -4.56 -54.89
C LEU B 223 0.95 -4.08 -54.65
N LEU B 224 0.02 -4.37 -55.54
CA LEU B 224 -1.36 -3.97 -55.29
C LEU B 224 -2.01 -4.85 -54.24
N LYS B 225 -1.42 -6.00 -53.95
CA LYS B 225 -2.00 -6.90 -52.97
C LYS B 225 -1.86 -6.34 -51.56
N ILE B 226 -0.63 -6.12 -51.12
CA ILE B 226 -0.38 -5.71 -49.74
C ILE B 226 -0.16 -4.21 -49.65
N GLN B 227 -0.68 -3.45 -50.60
CA GLN B 227 -0.57 -2.00 -50.49
C GLN B 227 -1.45 -1.45 -49.38
N PHE B 228 -2.67 -1.97 -49.25
CA PHE B 228 -3.66 -1.43 -48.32
C PHE B 228 -3.68 -2.19 -47.01
N GLY B 229 -2.66 -3.01 -46.75
CA GLY B 229 -2.75 -3.96 -45.66
C GLY B 229 -2.63 -3.32 -44.29
N GLY B 230 -1.46 -2.78 -43.99
CA GLY B 230 -1.18 -2.30 -42.65
C GLY B 230 0.25 -2.63 -42.31
N ALA B 231 0.77 -3.68 -42.93
CA ALA B 231 2.18 -3.99 -42.85
C ALA B 231 2.98 -2.97 -43.66
N GLU B 232 4.28 -2.92 -43.41
CA GLU B 232 5.16 -1.95 -44.05
C GLU B 232 6.23 -2.70 -44.82
N VAL B 233 6.45 -2.31 -46.07
CA VAL B 233 7.25 -3.07 -47.02
C VAL B 233 8.31 -2.16 -47.61
N SER B 234 9.58 -2.53 -47.48
CA SER B 234 10.66 -1.72 -48.01
C SER B 234 11.56 -2.55 -48.90
N GLY B 235 12.17 -1.89 -49.89
CA GLY B 235 13.07 -2.54 -50.81
C GLY B 235 14.01 -1.60 -51.54
N PHE B 236 14.60 -2.06 -52.63
CA PHE B 236 15.67 -1.32 -53.29
C PHE B 236 15.38 -1.16 -54.77
N GLN B 237 15.82 -0.02 -55.33
CA GLN B 237 15.74 0.22 -56.76
C GLN B 237 17.05 0.73 -57.33
N ILE B 238 17.36 0.26 -58.54
CA ILE B 238 18.45 0.81 -59.32
C ILE B 238 17.97 1.47 -60.59
N VAL B 239 16.68 1.39 -60.90
CA VAL B 239 16.10 2.01 -62.08
C VAL B 239 15.09 3.04 -61.62
N ASP B 240 15.44 4.33 -61.73
CA ASP B 240 14.63 5.40 -61.18
C ASP B 240 13.86 6.08 -62.31
N TYR B 241 12.53 6.06 -62.21
CA TYR B 241 11.68 6.50 -63.31
C TYR B 241 11.60 8.01 -63.45
N ASP B 242 12.13 8.77 -62.49
CA ASP B 242 12.04 10.23 -62.55
C ASP B 242 12.94 10.85 -63.60
N ASP B 243 13.96 10.15 -64.08
CA ASP B 243 15.02 10.79 -64.82
C ASP B 243 14.70 10.92 -66.30
N SER B 244 15.53 11.71 -66.97
CA SER B 244 15.25 12.15 -68.34
C SER B 244 15.37 11.00 -69.32
N LEU B 245 16.54 10.38 -69.38
CA LEU B 245 16.77 9.29 -70.32
C LEU B 245 15.95 8.08 -69.96
N VAL B 246 15.68 7.89 -68.66
CA VAL B 246 14.81 6.81 -68.21
C VAL B 246 13.41 6.99 -68.77
N SER B 247 12.84 8.19 -68.59
CA SER B 247 11.48 8.45 -69.06
C SER B 247 11.42 8.46 -70.59
N LYS B 248 12.51 8.86 -71.24
CA LYS B 248 12.61 8.72 -72.68
C LYS B 248 12.53 7.26 -73.11
N PHE B 249 13.23 6.39 -72.39
CA PHE B 249 13.16 4.97 -72.71
C PHE B 249 11.81 4.39 -72.35
N ILE B 250 11.15 4.95 -71.34
CA ILE B 250 9.80 4.52 -70.97
C ILE B 250 8.83 4.83 -72.11
N GLU B 251 8.89 6.05 -72.64
CA GLU B 251 8.01 6.42 -73.74
C GLU B 251 8.35 5.64 -75.01
N ARG B 252 9.62 5.41 -75.27
CA ARG B 252 10.04 4.56 -76.37
C ARG B 252 9.56 3.14 -76.21
N TRP B 253 9.56 2.63 -74.98
CA TRP B 253 9.29 1.23 -74.70
C TRP B 253 7.80 0.96 -74.72
N SER B 254 7.00 1.89 -74.21
CA SER B 254 5.56 1.70 -74.14
C SER B 254 4.92 1.70 -75.52
N THR B 255 5.45 2.51 -76.43
CA THR B 255 4.87 2.64 -77.75
C THR B 255 5.24 1.51 -78.70
N LEU B 256 6.04 0.55 -78.28
CA LEU B 256 6.36 -0.54 -79.18
C LEU B 256 5.22 -1.55 -79.21
N GLU B 257 5.24 -2.39 -80.25
CA GLU B 257 4.22 -3.40 -80.41
C GLU B 257 4.59 -4.65 -79.64
N GLU B 258 3.61 -5.19 -78.90
CA GLU B 258 3.82 -6.40 -78.11
C GLU B 258 4.11 -7.61 -78.99
N LYS B 259 3.57 -7.64 -80.20
CA LYS B 259 3.72 -8.80 -81.07
C LYS B 259 5.13 -8.92 -81.62
N GLU B 260 5.79 -7.78 -81.84
CA GLU B 260 7.16 -7.82 -82.34
C GLU B 260 8.15 -8.08 -81.21
N TYR B 261 7.93 -7.48 -80.06
CA TYR B 261 8.78 -7.69 -78.90
C TYR B 261 7.90 -8.09 -77.74
N PRO B 262 7.94 -9.34 -77.29
CA PRO B 262 7.03 -9.77 -76.22
C PRO B 262 7.44 -9.17 -74.88
N GLY B 263 6.43 -8.84 -74.08
CA GLY B 263 6.69 -8.20 -72.80
C GLY B 263 7.17 -6.77 -72.90
N ALA B 264 6.96 -6.11 -74.04
CA ALA B 264 7.45 -4.76 -74.22
C ALA B 264 6.39 -3.68 -74.10
N HIS B 265 5.11 -4.02 -74.27
CA HIS B 265 4.08 -3.00 -74.33
C HIS B 265 3.48 -2.78 -72.93
N THR B 266 4.36 -2.50 -71.98
CA THR B 266 3.98 -2.19 -70.61
C THR B 266 4.54 -0.82 -70.22
N ALA B 267 4.37 -0.49 -68.94
CA ALA B 267 4.90 0.78 -68.44
C ALA B 267 6.28 0.59 -67.84
N THR B 268 6.43 -0.37 -66.95
CA THR B 268 7.68 -0.64 -66.26
C THR B 268 8.48 -1.70 -67.00
N ILE B 269 9.69 -1.94 -66.52
CA ILE B 269 10.60 -2.88 -67.17
C ILE B 269 11.42 -3.57 -66.08
N LYS B 270 11.92 -4.76 -66.39
CA LYS B 270 12.76 -5.48 -65.44
C LYS B 270 14.17 -4.87 -65.39
N TYR B 271 14.77 -4.94 -64.20
CA TYR B 271 16.12 -4.46 -64.02
C TYR B 271 17.11 -5.32 -64.79
N THR B 272 16.80 -6.60 -64.98
CA THR B 272 17.65 -7.47 -65.80
C THR B 272 17.69 -6.98 -67.24
N SER B 273 16.52 -6.63 -67.78
CA SER B 273 16.48 -6.06 -69.12
C SER B 273 17.16 -4.70 -69.18
N ALA B 274 17.09 -3.93 -68.10
CA ALA B 274 17.76 -2.63 -68.05
C ALA B 274 19.28 -2.79 -68.11
N LEU B 275 19.81 -3.75 -67.35
CA LEU B 275 21.24 -4.01 -67.40
C LEU B 275 21.64 -4.61 -68.73
N THR B 276 20.75 -5.38 -69.36
CA THR B 276 21.02 -5.90 -70.69
C THR B 276 21.13 -4.77 -71.69
N TYR B 277 20.31 -3.73 -71.52
CA TYR B 277 20.40 -2.56 -72.37
C TYR B 277 21.71 -1.82 -72.16
N ASP B 278 22.12 -1.61 -70.90
CA ASP B 278 23.37 -0.88 -70.65
C ASP B 278 24.60 -1.69 -71.06
N ALA B 279 24.45 -3.01 -71.14
CA ALA B 279 25.55 -3.87 -71.56
C ALA B 279 25.96 -3.58 -73.00
N VAL B 280 24.99 -3.25 -73.85
CA VAL B 280 25.30 -2.92 -75.23
C VAL B 280 26.06 -1.61 -75.30
N GLN B 281 25.75 -0.67 -74.41
CA GLN B 281 26.46 0.61 -74.36
C GLN B 281 27.92 0.40 -73.98
N VAL B 282 28.16 -0.44 -72.97
CA VAL B 282 29.54 -0.75 -72.57
C VAL B 282 30.28 -1.47 -73.70
N MET B 283 29.61 -2.44 -74.31
CA MET B 283 30.25 -3.30 -75.29
C MET B 283 30.55 -2.55 -76.58
N THR B 284 29.77 -1.50 -76.87
CA THR B 284 30.05 -0.71 -78.07
C THR B 284 31.08 0.37 -77.78
N GLU B 285 31.09 0.90 -76.54
CA GLU B 285 32.15 1.81 -76.11
C GLU B 285 33.53 1.15 -76.20
N ALA B 286 33.57 -0.17 -75.96
CA ALA B 286 34.82 -0.94 -76.08
C ALA B 286 35.40 -0.87 -77.50
N PHE B 287 34.66 -1.34 -78.49
CA PHE B 287 35.15 -1.34 -79.86
C PHE B 287 35.24 0.08 -80.43
N ARG B 288 34.54 1.04 -79.84
CA ARG B 288 34.76 2.43 -80.19
C ARG B 288 36.15 2.89 -79.77
N ASN B 289 36.53 2.61 -78.52
CA ASN B 289 37.82 3.06 -78.02
C ASN B 289 38.98 2.30 -78.66
N LEU B 290 38.75 1.05 -79.09
CA LEU B 290 39.82 0.36 -79.79
C LEU B 290 40.05 0.89 -81.21
N ARG B 291 39.05 1.49 -81.83
CA ARG B 291 39.31 2.18 -83.09
C ARG B 291 39.81 3.59 -82.84
N LYS B 292 39.53 4.13 -81.65
CA LYS B 292 40.19 5.37 -81.24
C LYS B 292 41.70 5.18 -81.10
N GLN B 293 42.12 4.09 -80.45
CA GLN B 293 43.54 3.79 -80.34
C GLN B 293 44.07 3.00 -81.52
N ARG B 294 43.19 2.66 -82.48
CA ARG B 294 43.55 2.07 -83.77
C ARG B 294 44.25 0.71 -83.64
N ILE B 295 43.89 -0.06 -82.62
CA ILE B 295 44.53 -1.36 -82.39
C ILE B 295 43.73 -2.41 -83.14
N GLU B 296 44.40 -3.14 -84.02
CA GLU B 296 43.71 -4.11 -84.85
C GLU B 296 43.50 -5.41 -84.08
N ILE B 297 42.32 -5.99 -84.26
CA ILE B 297 41.92 -7.21 -83.58
C ILE B 297 41.89 -8.36 -84.57
N SER B 298 42.70 -8.28 -85.61
CA SER B 298 42.73 -9.28 -86.68
C SER B 298 43.19 -10.61 -86.11
N ARG B 299 42.27 -11.59 -86.15
CA ARG B 299 42.51 -12.93 -85.63
C ARG B 299 43.57 -13.63 -86.46
N ARG B 300 43.55 -13.36 -87.77
CA ARG B 300 44.57 -13.75 -88.76
C ARG B 300 44.67 -15.26 -88.97
N GLY B 301 43.75 -16.00 -88.38
CA GLY B 301 43.68 -17.44 -88.52
C GLY B 301 42.34 -17.93 -88.04
N ASN B 302 42.18 -19.25 -88.05
CA ASN B 302 40.96 -19.85 -87.53
C ASN B 302 41.17 -20.17 -86.05
N ALA B 303 40.08 -20.46 -85.35
CA ALA B 303 40.13 -21.09 -84.04
C ALA B 303 40.07 -22.60 -84.25
N GLY B 304 39.99 -23.42 -83.21
CA GLY B 304 39.96 -24.84 -83.40
C GLY B 304 39.22 -25.55 -82.29
N ASP B 305 39.78 -26.64 -81.80
CA ASP B 305 39.21 -27.38 -80.70
C ASP B 305 39.39 -26.58 -79.42
N CYS B 306 38.34 -26.57 -78.60
CA CYS B 306 38.42 -26.04 -77.25
C CYS B 306 39.18 -26.97 -76.32
N LEU B 307 39.41 -28.21 -76.74
CA LEU B 307 40.17 -29.20 -76.01
C LEU B 307 41.61 -29.32 -76.49
N ALA B 308 42.19 -28.23 -77.00
CA ALA B 308 43.53 -28.27 -77.55
C ALA B 308 44.56 -28.46 -76.44
N ASN B 309 45.49 -29.38 -76.65
CA ASN B 309 46.36 -29.84 -75.57
C ASN B 309 47.80 -29.58 -75.93
N PRO B 310 48.44 -28.53 -75.37
CA PRO B 310 47.82 -27.47 -74.57
C PRO B 310 47.29 -26.36 -75.46
N ALA B 311 46.13 -25.81 -75.11
CA ALA B 311 45.62 -24.67 -75.85
C ALA B 311 46.41 -23.41 -75.48
N VAL B 312 46.61 -22.55 -76.47
CA VAL B 312 47.36 -21.31 -76.26
C VAL B 312 46.51 -20.12 -76.69
N PRO B 313 46.27 -19.17 -75.78
CA PRO B 313 45.42 -18.02 -76.11
C PRO B 313 46.18 -16.81 -76.63
N TRP B 314 45.46 -15.71 -76.85
CA TRP B 314 45.97 -14.51 -77.50
C TRP B 314 45.69 -13.28 -76.63
N GLY B 315 46.73 -12.51 -76.33
CA GLY B 315 46.68 -11.45 -75.33
C GLY B 315 46.07 -10.13 -75.76
N GLN B 316 45.65 -10.07 -77.02
CA GLN B 316 44.88 -8.90 -77.43
C GLN B 316 43.51 -8.92 -76.76
N GLY B 317 43.02 -10.10 -76.38
CA GLY B 317 41.88 -10.18 -75.48
C GLY B 317 42.15 -9.62 -74.11
N VAL B 318 43.39 -9.76 -73.62
CA VAL B 318 43.77 -9.11 -72.36
C VAL B 318 43.69 -7.60 -72.53
N GLU B 319 44.11 -7.09 -73.69
CA GLU B 319 43.97 -5.66 -73.93
C GLU B 319 42.51 -5.25 -74.11
N ILE B 320 41.68 -6.15 -74.67
CA ILE B 320 40.25 -5.92 -74.77
C ILE B 320 39.63 -5.74 -73.39
N GLU B 321 39.97 -6.65 -72.47
CA GLU B 321 39.44 -6.57 -71.11
C GLU B 321 40.00 -5.35 -70.38
N ARG B 322 41.23 -4.98 -70.71
CA ARG B 322 41.87 -3.81 -70.12
C ARG B 322 41.16 -2.52 -70.56
N ALA B 323 40.76 -2.45 -71.82
CA ALA B 323 39.97 -1.31 -72.27
C ALA B 323 38.53 -1.40 -71.79
N LEU B 324 38.03 -2.61 -71.52
CA LEU B 324 36.70 -2.74 -70.95
C LEU B 324 36.64 -2.18 -69.54
N LYS B 325 37.70 -2.36 -68.75
CA LYS B 325 37.66 -1.88 -67.38
C LYS B 325 37.78 -0.36 -67.25
N GLN B 326 37.97 0.36 -68.35
CA GLN B 326 38.12 1.80 -68.33
C GLN B 326 36.91 2.52 -68.89
N VAL B 327 35.89 1.78 -69.30
CA VAL B 327 34.64 2.33 -69.83
C VAL B 327 33.91 3.07 -68.72
N GLN B 328 33.45 4.28 -69.01
CA GLN B 328 32.67 5.05 -68.05
C GLN B 328 31.65 5.88 -68.81
N VAL B 329 30.42 5.39 -68.86
CA VAL B 329 29.33 6.06 -69.55
C VAL B 329 28.19 6.27 -68.57
N GLU B 330 27.07 6.79 -69.06
CA GLU B 330 25.86 6.91 -68.28
C GLU B 330 24.80 6.00 -68.87
N GLY B 331 24.03 5.36 -68.02
CA GLY B 331 23.00 4.45 -68.48
C GLY B 331 21.82 4.37 -67.53
N LEU B 332 21.06 3.27 -67.64
CA LEU B 332 19.80 3.15 -66.91
C LEU B 332 20.03 3.00 -65.41
N SER B 333 21.16 2.42 -65.01
CA SER B 333 21.51 2.37 -63.61
C SER B 333 22.18 3.64 -63.12
N GLY B 334 22.53 4.56 -64.01
CA GLY B 334 23.29 5.73 -63.62
C GLY B 334 24.70 5.69 -64.16
N ASN B 335 25.67 6.16 -63.39
CA ASN B 335 27.05 6.06 -63.82
C ASN B 335 27.56 4.65 -63.55
N ILE B 336 28.59 4.25 -64.28
CA ILE B 336 29.27 2.97 -64.06
C ILE B 336 30.75 3.25 -63.92
N LYS B 337 31.40 2.47 -63.04
CA LYS B 337 32.86 2.36 -63.05
C LYS B 337 33.21 0.92 -62.75
N PHE B 338 34.41 0.53 -63.14
CA PHE B 338 34.86 -0.84 -62.91
C PHE B 338 36.08 -0.83 -62.00
N ASP B 339 36.34 -1.98 -61.40
CA ASP B 339 37.52 -2.16 -60.57
C ASP B 339 38.66 -2.69 -61.45
N GLN B 340 39.70 -3.21 -60.82
CA GLN B 340 40.76 -3.93 -61.53
C GLN B 340 40.35 -5.34 -61.91
N ASN B 341 39.12 -5.77 -61.61
CA ASN B 341 38.72 -7.15 -61.80
C ASN B 341 37.50 -7.29 -62.70
N GLY B 342 36.74 -6.22 -62.91
CA GLY B 342 35.50 -6.31 -63.65
C GLY B 342 34.26 -6.17 -62.81
N LYS B 343 34.38 -5.89 -61.52
CA LYS B 343 33.22 -5.67 -60.69
C LYS B 343 32.83 -4.20 -60.76
N ARG B 344 31.54 -3.92 -60.60
CA ARG B 344 31.06 -2.56 -60.71
C ARG B 344 31.21 -1.82 -59.40
N ILE B 345 31.82 -0.64 -59.48
CA ILE B 345 31.78 0.38 -58.47
C ILE B 345 31.14 1.62 -59.08
N ASN B 346 31.01 2.65 -58.25
CA ASN B 346 30.36 3.92 -58.60
C ASN B 346 28.91 3.69 -59.07
N TYR B 347 28.09 3.19 -58.16
CA TYR B 347 26.66 3.04 -58.39
C TYR B 347 25.92 3.77 -57.28
N THR B 348 24.59 3.82 -57.42
CA THR B 348 23.74 4.49 -56.44
C THR B 348 22.42 3.72 -56.38
N ILE B 349 21.95 3.42 -55.18
CA ILE B 349 20.74 2.62 -54.99
C ILE B 349 19.73 3.41 -54.17
N ASN B 350 18.51 3.50 -54.68
CA ASN B 350 17.43 4.21 -54.03
C ASN B 350 16.66 3.29 -53.10
N ILE B 351 16.35 3.80 -51.92
CA ILE B 351 15.60 3.07 -50.91
C ILE B 351 14.13 3.38 -51.10
N MET B 352 13.31 2.35 -51.28
CA MET B 352 11.93 2.51 -51.69
C MET B 352 10.99 1.92 -50.65
N GLU B 353 10.15 2.74 -50.05
CA GLU B 353 9.18 2.30 -49.06
C GLU B 353 7.79 2.36 -49.67
N LEU B 354 6.95 1.38 -49.36
CA LEU B 354 5.60 1.37 -49.90
C LEU B 354 4.64 2.18 -49.03
N LYS B 355 3.89 3.08 -49.64
CA LYS B 355 2.86 3.81 -48.93
C LYS B 355 1.49 3.58 -49.55
N THR B 356 0.47 4.26 -49.02
CA THR B 356 -0.91 4.01 -49.43
C THR B 356 -1.15 4.46 -50.86
N ASN B 357 -0.62 5.63 -51.22
CA ASN B 357 -0.69 6.08 -52.61
C ASN B 357 0.18 5.22 -53.52
N GLY B 358 1.25 4.65 -52.99
CA GLY B 358 2.10 3.78 -53.75
C GLY B 358 3.54 3.82 -53.28
N PRO B 359 4.46 3.41 -54.13
CA PRO B 359 5.88 3.46 -53.76
C PRO B 359 6.41 4.87 -53.78
N ARG B 360 7.44 5.10 -52.98
CA ARG B 360 8.13 6.39 -52.93
C ARG B 360 9.52 6.15 -52.38
N LYS B 361 10.41 7.10 -52.63
CA LYS B 361 11.79 7.00 -52.14
C LYS B 361 11.93 7.82 -50.87
N ILE B 362 12.88 7.44 -50.03
CA ILE B 362 13.22 8.24 -48.87
C ILE B 362 14.70 8.56 -48.81
N GLY B 363 15.52 7.93 -49.63
CA GLY B 363 16.94 8.22 -49.59
C GLY B 363 17.70 7.37 -50.58
N TYR B 364 19.01 7.61 -50.62
CA TYR B 364 19.91 6.89 -51.48
C TYR B 364 21.04 6.30 -50.67
N TRP B 365 21.79 5.41 -51.32
CA TRP B 365 22.96 4.79 -50.72
C TRP B 365 23.98 4.62 -51.83
N SER B 366 25.21 5.05 -51.58
CA SER B 366 26.20 5.01 -52.63
C SER B 366 27.17 3.85 -52.41
N GLU B 367 28.19 3.78 -53.26
CA GLU B 367 29.17 2.71 -53.16
C GLU B 367 30.11 2.91 -51.97
N VAL B 368 30.29 4.16 -51.53
CA VAL B 368 31.16 4.47 -50.41
C VAL B 368 30.35 5.18 -49.34
N ASP B 369 29.47 6.07 -49.75
CA ASP B 369 28.68 6.84 -48.80
C ASP B 369 27.59 5.97 -48.23
N LYS B 370 27.28 6.15 -46.95
CA LYS B 370 26.25 5.36 -46.29
C LYS B 370 24.87 5.94 -46.61
N MET B 371 23.85 5.48 -45.91
CA MET B 371 22.47 5.84 -46.23
C MET B 371 22.23 7.32 -45.98
N VAL B 372 21.91 8.05 -47.03
CA VAL B 372 21.59 9.46 -46.93
C VAL B 372 20.12 9.61 -47.27
N LEU B 373 19.31 9.89 -46.27
CA LEU B 373 17.92 10.21 -46.48
C LEU B 373 17.80 11.59 -47.13
N THR B 374 16.75 11.77 -47.93
CA THR B 374 16.60 12.96 -48.75
C THR B 374 15.68 13.98 -48.10
N GLU B 375 15.46 13.83 -46.80
CA GLU B 375 14.74 14.78 -45.93
C GLU B 375 13.31 15.02 -46.42
N ASP B 376 12.68 13.92 -46.82
CA ASP B 376 11.31 13.98 -47.35
C ASP B 376 10.38 13.93 -46.15
N ASP B 377 10.19 15.09 -45.52
CA ASP B 377 9.35 15.18 -44.31
C ASP B 377 7.96 15.67 -44.70
N THR B 378 7.15 14.73 -45.18
CA THR B 378 5.75 15.00 -45.47
C THR B 378 4.84 14.75 -44.27
N SER B 379 5.40 14.69 -43.06
CA SER B 379 4.58 14.50 -41.87
C SER B 379 3.84 15.79 -41.54
N GLY B 380 2.60 15.92 -42.03
CA GLY B 380 1.85 17.15 -41.85
C GLY B 380 1.30 17.36 -40.45
N LEU B 381 1.13 16.28 -39.68
CA LEU B 381 0.57 16.36 -38.34
C LEU B 381 1.64 15.91 -37.35
N GLU B 382 2.24 16.87 -36.65
CA GLU B 382 3.11 16.58 -35.54
C GLU B 382 2.43 17.06 -34.26
N GLN B 383 2.34 16.17 -33.29
CA GLN B 383 1.76 16.53 -31.99
C GLN B 383 2.70 17.48 -31.29
N LYS B 384 2.32 18.76 -31.25
CA LYS B 384 3.20 19.78 -30.71
C LYS B 384 3.33 19.66 -29.21
N THR B 385 4.57 19.75 -28.73
CA THR B 385 4.83 19.82 -27.32
C THR B 385 4.25 21.11 -26.76
N VAL B 386 3.15 21.00 -26.02
CA VAL B 386 2.31 22.15 -25.70
C VAL B 386 3.01 23.04 -24.69
N VAL B 387 2.55 24.28 -24.59
CA VAL B 387 3.20 25.28 -23.76
C VAL B 387 2.62 25.16 -22.36
N VAL B 388 3.47 24.86 -21.39
CA VAL B 388 3.08 24.75 -19.99
C VAL B 388 3.84 25.83 -19.24
N THR B 389 3.13 26.84 -18.76
CA THR B 389 3.76 27.89 -17.98
C THR B 389 3.54 27.65 -16.49
N THR B 390 4.51 28.10 -15.69
CA THR B 390 4.48 27.95 -14.24
C THR B 390 5.42 28.99 -13.65
N ILE B 391 5.75 28.84 -12.36
CA ILE B 391 6.71 29.73 -11.71
C ILE B 391 7.41 28.93 -10.61
N LEU B 392 8.63 29.34 -10.28
CA LEU B 392 9.41 28.65 -9.27
C LEU B 392 8.85 28.92 -7.88
N GLU B 393 8.43 27.86 -7.21
CA GLU B 393 7.95 27.97 -5.84
C GLU B 393 8.15 26.63 -5.14
N SER B 394 8.73 26.67 -3.98
CA SER B 394 8.89 25.41 -3.26
C SER B 394 7.58 25.06 -2.55
N PRO B 395 7.19 23.78 -2.57
CA PRO B 395 7.82 22.70 -3.33
C PRO B 395 7.02 22.43 -4.58
N TYR B 396 6.39 23.48 -5.10
CA TYR B 396 5.54 23.34 -6.27
C TYR B 396 6.37 23.10 -7.52
N VAL B 397 7.25 24.04 -7.85
CA VAL B 397 8.20 23.92 -8.94
C VAL B 397 9.55 24.40 -8.42
N MET B 398 10.54 23.51 -8.41
CA MET B 398 11.87 23.81 -7.92
C MET B 398 12.91 23.39 -8.94
N MET B 399 14.03 24.11 -8.94
CA MET B 399 15.18 23.70 -9.72
C MET B 399 15.80 22.44 -9.14
N LYS B 400 16.53 21.72 -9.97
CA LYS B 400 17.44 20.71 -9.46
C LYS B 400 18.84 21.31 -9.38
N LYS B 401 19.72 20.67 -8.62
CA LYS B 401 21.06 21.22 -8.45
C LYS B 401 21.94 20.94 -9.65
N ASN B 402 21.56 19.97 -10.48
CA ASN B 402 22.36 19.49 -11.59
C ASN B 402 21.67 19.80 -12.91
N HIS B 403 21.08 20.99 -12.97
CA HIS B 403 20.21 21.37 -14.08
C HIS B 403 20.96 21.64 -15.36
N GLU B 404 22.22 22.06 -15.28
CA GLU B 404 22.96 22.39 -16.50
C GLU B 404 23.32 21.14 -17.28
N MET B 405 23.69 20.06 -16.59
CA MET B 405 24.01 18.82 -17.28
C MET B 405 22.76 18.16 -17.84
N LEU B 406 21.66 18.20 -17.10
CA LEU B 406 20.41 17.62 -17.56
C LEU B 406 19.73 18.59 -18.52
N GLU B 407 18.52 18.24 -18.95
CA GLU B 407 17.91 19.05 -20.01
C GLU B 407 16.40 19.18 -19.84
N GLY B 408 15.94 20.43 -19.96
CA GLY B 408 14.55 20.71 -20.33
C GLY B 408 13.58 20.32 -19.24
N ASN B 409 12.71 19.38 -19.58
CA ASN B 409 11.68 18.91 -18.68
C ASN B 409 12.23 18.03 -17.57
N GLU B 410 13.50 17.63 -17.66
CA GLU B 410 14.12 16.89 -16.56
C GLU B 410 14.59 17.81 -15.46
N ARG B 411 14.77 19.10 -15.78
CA ARG B 411 15.44 20.02 -14.87
C ARG B 411 14.57 20.40 -13.67
N TYR B 412 13.25 20.31 -13.81
CA TYR B 412 12.34 20.85 -12.82
C TYR B 412 11.81 19.71 -11.96
N GLU B 413 11.45 20.01 -10.72
CA GLU B 413 11.04 18.97 -9.79
C GLU B 413 10.15 19.59 -8.73
N GLY B 414 9.08 18.88 -8.40
CA GLY B 414 8.19 19.37 -7.37
C GLY B 414 6.82 18.75 -7.47
N TYR B 415 5.87 19.40 -6.80
CA TYR B 415 4.50 18.94 -6.80
C TYR B 415 3.86 19.10 -8.17
N CYS B 416 4.05 20.27 -8.78
CA CYS B 416 3.45 20.56 -10.07
C CYS B 416 4.07 19.74 -11.19
N VAL B 417 5.37 19.45 -11.10
CA VAL B 417 6.04 18.60 -12.08
C VAL B 417 5.47 17.20 -12.05
N ASP B 418 5.25 16.66 -10.85
CA ASP B 418 4.64 15.35 -10.72
C ASP B 418 3.20 15.35 -11.19
N LEU B 419 2.49 16.46 -10.97
CA LEU B 419 1.08 16.52 -11.39
C LEU B 419 0.94 16.59 -12.90
N ALA B 420 1.79 17.38 -13.56
CA ALA B 420 1.69 17.56 -15.00
C ALA B 420 2.00 16.28 -15.75
N ALA B 421 2.91 15.47 -15.20
CA ALA B 421 3.17 14.17 -15.79
C ALA B 421 1.96 13.26 -15.71
N GLU B 422 1.20 13.35 -14.61
CA GLU B 422 -0.01 12.55 -14.49
C GLU B 422 -1.07 12.99 -15.48
N ILE B 423 -1.20 14.31 -15.66
CA ILE B 423 -2.15 14.85 -16.62
C ILE B 423 -1.79 14.44 -18.03
N ALA B 424 -0.51 14.55 -18.39
CA ALA B 424 -0.07 14.15 -19.72
C ALA B 424 -0.14 12.65 -19.92
N LYS B 425 -0.02 11.88 -18.84
CA LYS B 425 -0.19 10.44 -18.96
C LYS B 425 -1.65 10.08 -19.20
N HIS B 426 -2.57 10.80 -18.55
CA HIS B 426 -3.97 10.48 -18.76
C HIS B 426 -4.49 11.02 -20.08
N CYS B 427 -3.87 12.06 -20.62
CA CYS B 427 -4.41 12.73 -21.79
C CYS B 427 -3.60 12.53 -23.06
N GLY B 428 -2.41 11.93 -22.98
CA GLY B 428 -1.68 11.52 -24.15
C GLY B 428 -1.04 12.60 -24.98
N PHE B 429 -0.99 13.84 -24.51
CA PHE B 429 -0.37 14.89 -25.31
C PHE B 429 1.12 15.03 -24.97
N LYS B 430 1.82 15.84 -25.77
CA LYS B 430 3.20 16.21 -25.50
C LYS B 430 3.25 17.62 -24.90
N TYR B 431 4.30 17.88 -24.12
CA TYR B 431 4.37 19.13 -23.39
C TYR B 431 5.82 19.54 -23.18
N LYS B 432 6.02 20.85 -23.05
CA LYS B 432 7.31 21.40 -22.69
C LYS B 432 7.11 22.39 -21.55
N LEU B 433 7.95 22.29 -20.52
CA LEU B 433 7.76 23.06 -19.31
C LEU B 433 8.47 24.41 -19.45
N THR B 434 7.70 25.49 -19.33
CA THR B 434 8.22 26.84 -19.49
C THR B 434 8.04 27.64 -18.21
N ILE B 435 8.65 28.82 -18.18
CA ILE B 435 8.59 29.73 -17.03
C ILE B 435 7.99 31.04 -17.51
N VAL B 436 7.17 31.67 -16.66
CA VAL B 436 6.67 33.01 -16.94
C VAL B 436 7.84 33.99 -16.93
N GLY B 437 7.75 35.01 -17.77
CA GLY B 437 8.86 35.92 -17.96
C GLY B 437 9.02 36.93 -16.84
N ASP B 438 7.97 37.70 -16.58
CA ASP B 438 8.06 38.80 -15.62
C ASP B 438 8.05 38.34 -14.17
N GLY B 439 7.89 37.04 -13.90
CA GLY B 439 8.02 36.54 -12.55
C GLY B 439 6.89 36.90 -11.61
N LYS B 440 5.69 37.07 -12.14
CA LYS B 440 4.54 37.46 -11.35
C LYS B 440 3.43 36.43 -11.48
N TYR B 441 2.46 36.53 -10.57
CA TYR B 441 1.22 35.79 -10.77
C TYR B 441 0.33 36.48 -11.80
N GLY B 442 0.07 37.77 -11.61
CA GLY B 442 -0.55 38.54 -12.67
C GLY B 442 -1.87 39.19 -12.33
N ALA B 443 -1.99 40.48 -12.64
CA ALA B 443 -3.24 41.21 -12.49
C ALA B 443 -3.41 42.12 -13.70
N ARG B 444 -4.56 42.77 -13.78
CA ARG B 444 -4.81 43.64 -14.92
C ARG B 444 -4.20 45.01 -14.69
N ASP B 445 -3.97 45.72 -15.79
CA ASP B 445 -3.50 47.08 -15.70
C ASP B 445 -4.68 48.03 -15.47
N ALA B 446 -4.41 49.13 -14.79
CA ALA B 446 -5.38 50.22 -14.73
C ALA B 446 -5.49 50.87 -16.10
N ASP B 447 -6.75 51.06 -16.53
CA ASP B 447 -7.18 51.88 -17.67
C ASP B 447 -6.84 51.28 -19.03
N THR B 448 -6.10 50.17 -19.07
CA THR B 448 -5.78 49.50 -20.32
C THR B 448 -6.07 48.01 -20.28
N LYS B 449 -6.42 47.47 -19.11
CA LYS B 449 -6.76 46.06 -18.89
C LYS B 449 -5.66 45.10 -19.32
N ILE B 450 -4.40 45.53 -19.22
CA ILE B 450 -3.31 44.67 -19.65
C ILE B 450 -2.99 43.70 -18.52
N TRP B 451 -3.48 42.46 -18.66
CA TRP B 451 -3.15 41.41 -17.72
C TRP B 451 -1.70 40.99 -17.93
N ASN B 452 -0.85 41.18 -16.94
CA ASN B 452 0.53 40.73 -17.04
C ASN B 452 0.68 39.33 -16.45
N GLY B 453 1.92 38.89 -16.29
CA GLY B 453 2.19 37.70 -15.48
C GLY B 453 1.67 36.44 -16.13
N MET B 454 1.31 35.48 -15.30
CA MET B 454 0.76 34.23 -15.82
C MET B 454 -0.66 34.37 -16.33
N VAL B 455 -1.33 35.49 -16.09
CA VAL B 455 -2.67 35.67 -16.62
C VAL B 455 -2.60 35.99 -18.10
N GLY B 456 -1.79 36.98 -18.47
CA GLY B 456 -1.71 37.42 -19.86
C GLY B 456 -1.10 36.41 -20.79
N GLU B 457 -0.31 35.47 -20.27
CA GLU B 457 0.20 34.37 -21.06
C GLU B 457 -0.92 33.48 -21.57
N LEU B 458 -2.04 33.43 -20.86
CA LEU B 458 -3.18 32.64 -21.28
C LEU B 458 -4.26 33.48 -21.92
N VAL B 459 -4.38 34.74 -21.53
CA VAL B 459 -5.36 35.63 -22.15
C VAL B 459 -4.94 35.98 -23.56
N TYR B 460 -3.68 36.35 -23.75
CA TYR B 460 -3.19 36.88 -25.00
C TYR B 460 -2.68 35.80 -25.93
N GLY B 461 -3.03 34.54 -25.68
CA GLY B 461 -2.69 33.46 -26.58
C GLY B 461 -1.24 33.05 -26.60
N LYS B 462 -0.48 33.38 -25.55
CA LYS B 462 0.93 33.03 -25.54
C LYS B 462 1.14 31.60 -25.05
N ALA B 463 0.66 31.30 -23.85
CA ALA B 463 0.83 29.98 -23.26
C ALA B 463 -0.44 29.16 -23.44
N ASP B 464 -0.27 27.84 -23.45
CA ASP B 464 -1.35 26.93 -23.82
C ASP B 464 -2.06 26.36 -22.60
N ILE B 465 -1.36 26.08 -21.50
CA ILE B 465 -1.98 25.59 -20.28
C ILE B 465 -1.05 25.95 -19.13
N ALA B 466 -1.61 25.99 -17.91
CA ALA B 466 -0.89 26.46 -16.72
C ALA B 466 -1.26 25.59 -15.52
N ILE B 467 -0.46 24.57 -15.27
CA ILE B 467 -0.56 23.79 -14.03
C ILE B 467 0.39 24.47 -13.04
N ALA B 468 -0.18 25.16 -12.06
CA ALA B 468 0.56 26.09 -11.24
C ALA B 468 -0.31 26.47 -10.04
N PRO B 469 0.29 26.99 -8.95
CA PRO B 469 -0.52 27.51 -7.85
C PRO B 469 -1.26 28.79 -8.20
N LEU B 470 -2.40 28.67 -8.87
CA LEU B 470 -3.19 29.82 -9.27
C LEU B 470 -4.53 29.76 -8.55
N THR B 471 -5.01 30.90 -8.09
CA THR B 471 -6.21 30.95 -7.25
C THR B 471 -7.42 31.39 -8.06
N ILE B 472 -8.50 30.61 -7.96
CA ILE B 472 -9.75 30.95 -8.61
C ILE B 472 -10.36 32.16 -7.92
N THR B 473 -10.54 33.24 -8.67
CA THR B 473 -11.15 34.47 -8.18
C THR B 473 -12.44 34.72 -8.95
N LEU B 474 -13.00 35.92 -8.77
CA LEU B 474 -14.10 36.35 -9.61
C LEU B 474 -13.62 37.03 -10.87
N VAL B 475 -12.53 37.80 -10.78
CA VAL B 475 -12.05 38.58 -11.91
C VAL B 475 -11.25 37.73 -12.90
N ARG B 476 -11.04 36.45 -12.61
CA ARG B 476 -10.25 35.62 -13.53
C ARG B 476 -11.11 34.71 -14.39
N GLU B 477 -12.34 34.43 -13.97
CA GLU B 477 -13.21 33.56 -14.76
C GLU B 477 -13.66 34.21 -16.05
N GLU B 478 -13.65 35.54 -16.12
CA GLU B 478 -14.14 36.22 -17.30
C GLU B 478 -13.18 36.08 -18.48
N VAL B 479 -11.89 35.90 -18.22
CA VAL B 479 -10.91 35.87 -19.29
C VAL B 479 -10.34 34.48 -19.55
N ILE B 480 -10.24 33.63 -18.53
CA ILE B 480 -9.74 32.27 -18.70
C ILE B 480 -10.70 31.34 -17.97
N ASP B 481 -10.51 30.05 -18.17
CA ASP B 481 -11.37 29.10 -17.48
C ASP B 481 -10.58 28.20 -16.54
N PHE B 482 -11.26 27.71 -15.53
CA PHE B 482 -10.67 26.87 -14.51
C PHE B 482 -11.41 25.55 -14.44
N SER B 483 -10.68 24.51 -14.07
CA SER B 483 -11.24 23.19 -13.83
C SER B 483 -11.85 23.16 -12.43
N LYS B 484 -12.18 21.96 -11.97
CA LYS B 484 -12.58 21.82 -10.58
C LYS B 484 -11.34 21.97 -9.70
N PRO B 485 -11.50 22.59 -8.53
CA PRO B 485 -10.34 22.83 -7.67
C PRO B 485 -9.81 21.55 -7.06
N PHE B 486 -8.48 21.48 -6.97
CA PHE B 486 -7.81 20.26 -6.54
C PHE B 486 -7.15 20.36 -5.17
N MET B 487 -6.98 21.56 -4.62
CA MET B 487 -6.38 21.68 -3.29
C MET B 487 -6.90 22.95 -2.64
N SER B 488 -7.38 22.81 -1.41
CA SER B 488 -8.00 23.90 -0.67
C SER B 488 -7.00 24.57 0.24
N LEU B 489 -7.27 25.84 0.55
CA LEU B 489 -6.38 26.65 1.38
C LEU B 489 -7.14 27.88 1.86
N GLY B 490 -6.41 28.79 2.51
CA GLY B 490 -6.99 30.02 3.01
C GLY B 490 -5.89 31.02 3.34
N ILE B 491 -6.32 32.24 3.61
CA ILE B 491 -5.40 33.30 4.03
C ILE B 491 -4.91 32.99 5.42
N SER B 492 -3.60 32.79 5.57
CA SER B 492 -3.00 32.58 6.87
C SER B 492 -1.96 33.65 7.16
N ILE B 493 -1.66 33.79 8.44
CA ILE B 493 -0.77 34.82 8.95
C ILE B 493 0.52 34.14 9.38
N MET B 494 1.63 34.53 8.78
CA MET B 494 2.94 34.09 9.22
C MET B 494 3.55 35.16 10.11
N ILE B 495 4.10 34.75 11.25
CA ILE B 495 5.00 35.58 12.03
C ILE B 495 6.23 34.75 12.37
N LYS B 496 7.12 35.35 13.15
CA LYS B 496 8.39 34.73 13.48
C LYS B 496 8.20 33.58 14.47
N LYS B 497 9.28 32.98 14.83
CA LYS B 497 9.21 32.10 15.98
C LYS B 497 9.32 32.94 17.25
N PRO B 498 8.63 32.59 18.33
CA PRO B 498 8.91 33.25 19.61
C PRO B 498 9.97 32.47 20.38
N GLN B 499 10.41 33.05 21.49
CA GLN B 499 11.39 32.42 22.35
C GLN B 499 10.70 31.77 23.54
N LYS B 500 11.26 30.63 23.96
CA LYS B 500 10.63 29.77 24.96
C LYS B 500 10.71 30.42 26.34
N SER B 501 9.58 30.98 26.76
CA SER B 501 9.47 31.63 28.05
C SER B 501 9.53 30.62 29.18
N LYS B 502 10.61 30.66 29.94
CA LYS B 502 10.81 29.84 31.12
C LYS B 502 10.00 30.42 32.28
N PRO B 503 9.60 29.60 33.25
CA PRO B 503 8.70 30.09 34.31
C PRO B 503 9.40 31.04 35.26
N GLY B 504 8.60 31.96 35.80
CA GLY B 504 9.10 33.09 36.53
C GLY B 504 9.51 32.77 37.95
N VAL B 505 9.60 33.83 38.77
CA VAL B 505 10.05 33.74 40.15
C VAL B 505 9.03 33.00 40.98
N PHE B 506 7.83 33.55 41.06
CA PHE B 506 6.78 32.97 41.90
C PHE B 506 6.05 31.87 41.14
N SER B 507 6.75 30.80 40.82
CA SER B 507 6.14 29.67 40.14
C SER B 507 5.94 28.46 41.02
N PHE B 508 6.56 28.46 42.21
CA PHE B 508 6.49 27.34 43.12
C PHE B 508 5.08 27.11 43.62
N LEU B 509 4.29 28.18 43.71
CA LEU B 509 2.92 28.09 44.22
C LEU B 509 1.96 27.88 43.04
N ASP B 510 2.55 27.66 41.89
CA ASP B 510 1.85 27.39 40.65
C ASP B 510 0.92 26.16 40.62
N PRO B 511 1.25 24.97 41.21
CA PRO B 511 0.34 23.82 41.03
C PRO B 511 -0.99 23.92 41.74
N LEU B 512 -1.16 24.88 42.62
CA LEU B 512 -2.43 25.09 43.30
C LEU B 512 -2.97 26.47 42.92
N ALA B 513 -4.22 26.52 42.48
CA ALA B 513 -4.80 27.77 42.03
C ALA B 513 -5.05 28.71 43.20
N TYR B 514 -5.06 30.01 42.90
CA TYR B 514 -5.04 31.09 43.87
C TYR B 514 -6.19 31.06 44.86
N GLU B 515 -7.35 30.62 44.40
CA GLU B 515 -8.53 30.55 45.25
C GLU B 515 -8.32 29.57 46.40
N ILE B 516 -7.63 28.47 46.10
CA ILE B 516 -7.31 27.49 47.12
C ILE B 516 -6.36 28.07 48.14
N TRP B 517 -5.39 28.88 47.69
CA TRP B 517 -4.49 29.57 48.58
C TRP B 517 -5.21 30.58 49.46
N MET B 518 -6.23 31.24 48.93
CA MET B 518 -7.05 32.16 49.70
C MET B 518 -7.80 31.44 50.81
N CYS B 519 -8.45 30.34 50.45
CA CYS B 519 -9.19 29.56 51.44
C CYS B 519 -8.26 28.96 52.50
N ILE B 520 -7.01 28.67 52.13
CA ILE B 520 -6.01 28.21 53.08
C ILE B 520 -5.76 29.26 54.15
N VAL B 521 -5.55 30.52 53.73
CA VAL B 521 -5.24 31.57 54.69
C VAL B 521 -6.44 31.83 55.60
N PHE B 522 -7.64 31.78 55.03
CA PHE B 522 -8.83 32.00 55.84
C PHE B 522 -9.04 30.89 56.86
N ALA B 523 -8.85 29.64 56.42
CA ALA B 523 -9.01 28.52 57.33
C ALA B 523 -7.90 28.51 58.38
N TYR B 524 -6.69 28.93 58.00
CA TYR B 524 -5.59 29.04 58.94
C TYR B 524 -5.85 30.07 60.02
N ILE B 525 -6.49 31.18 59.68
CA ILE B 525 -6.86 32.13 60.72
C ILE B 525 -7.96 31.56 61.60
N GLY B 526 -8.96 30.94 60.97
CA GLY B 526 -10.11 30.47 61.71
C GLY B 526 -9.80 29.35 62.68
N VAL B 527 -8.92 28.44 62.28
CA VAL B 527 -8.57 27.30 63.12
C VAL B 527 -7.81 27.77 64.35
N SER B 528 -6.89 28.71 64.16
CA SER B 528 -6.12 29.22 65.28
C SER B 528 -6.99 30.03 66.23
N VAL B 529 -7.96 30.78 65.70
CA VAL B 529 -8.80 31.56 66.59
C VAL B 529 -9.78 30.68 67.35
N VAL B 530 -10.39 29.70 66.68
CA VAL B 530 -11.26 28.74 67.35
C VAL B 530 -10.50 27.93 68.40
N LEU B 531 -9.26 27.54 68.12
CA LEU B 531 -8.46 26.87 69.12
C LEU B 531 -8.08 27.79 70.26
N PHE B 532 -7.92 29.08 70.01
CA PHE B 532 -7.78 30.03 71.11
C PHE B 532 -9.01 30.10 71.98
N LEU B 533 -10.20 29.97 71.40
CA LEU B 533 -11.43 30.14 72.14
C LEU B 533 -11.69 28.97 73.07
N VAL B 534 -11.31 27.77 72.66
CA VAL B 534 -11.62 26.57 73.44
C VAL B 534 -10.78 26.56 74.72
N SER B 535 -9.52 26.89 74.60
CA SER B 535 -8.75 27.16 75.80
C SER B 535 -9.02 28.59 76.27
N ARG B 536 -8.44 28.94 77.42
CA ARG B 536 -8.52 30.27 78.05
C ARG B 536 -9.97 30.69 78.27
N PHE B 537 -10.79 29.73 78.71
CA PHE B 537 -12.23 29.91 78.73
C PHE B 537 -12.70 29.77 80.17
N SER B 538 -11.98 30.42 81.09
CA SER B 538 -12.05 30.24 82.54
C SER B 538 -11.98 28.77 82.94
N PRO B 539 -10.81 28.11 82.86
CA PRO B 539 -10.76 26.70 83.28
C PRO B 539 -10.80 26.53 84.79
N TYR B 540 -11.92 26.05 85.29
CA TYR B 540 -12.02 25.74 86.71
C TYR B 540 -12.57 24.34 86.90
N GLN B 554 -3.63 27.98 92.70
CA GLN B 554 -4.78 28.83 92.39
C GLN B 554 -4.87 29.05 90.89
N SER B 555 -4.25 28.15 90.13
CA SER B 555 -4.22 28.27 88.68
C SER B 555 -5.61 28.02 88.11
N SER B 556 -6.27 29.10 87.70
CA SER B 556 -7.65 29.03 87.26
C SER B 556 -7.78 29.55 85.84
N GLU B 557 -6.68 30.06 85.29
CA GLU B 557 -6.71 30.58 83.93
C GLU B 557 -5.47 30.15 83.15
N SER B 558 -4.34 30.03 83.82
CA SER B 558 -3.07 29.68 83.17
C SER B 558 -2.81 28.19 83.18
N THR B 559 -3.88 27.39 83.14
CA THR B 559 -3.80 25.94 83.09
C THR B 559 -3.09 25.48 81.83
N ASN B 560 -3.37 26.17 80.72
CA ASN B 560 -2.72 25.85 79.46
C ASN B 560 -1.68 26.91 79.11
N GLU B 561 -0.95 26.70 78.02
CA GLU B 561 0.04 27.64 77.56
C GLU B 561 -0.41 28.28 76.24
N PHE B 562 -1.60 27.94 75.78
CA PHE B 562 -2.11 28.43 74.50
C PHE B 562 -2.68 29.83 74.62
N GLY B 563 -1.85 30.82 74.31
CA GLY B 563 -2.39 32.13 74.04
C GLY B 563 -2.79 32.19 72.59
N ILE B 564 -3.28 33.34 72.13
CA ILE B 564 -3.58 33.51 70.72
C ILE B 564 -2.32 33.43 69.85
N PHE B 565 -1.19 33.91 70.32
CA PHE B 565 -0.02 33.83 69.47
C PHE B 565 0.62 32.45 69.51
N ASN B 566 0.50 31.75 70.64
CA ASN B 566 0.96 30.37 70.70
C ASN B 566 0.13 29.48 69.78
N SER B 567 -1.18 29.75 69.69
CA SER B 567 -2.02 29.00 68.76
C SER B 567 -1.68 29.35 67.32
N LEU B 568 -1.39 30.63 67.08
CA LEU B 568 -0.98 31.06 65.75
C LEU B 568 0.34 30.43 65.36
N TRP B 569 1.17 30.12 66.33
CA TRP B 569 2.37 29.34 66.09
C TRP B 569 2.10 27.87 65.90
N PHE B 570 1.21 27.27 66.67
CA PHE B 570 0.91 25.86 66.60
C PHE B 570 0.27 25.44 65.30
N SER B 571 -0.63 26.25 64.75
CA SER B 571 -1.30 25.89 63.51
C SER B 571 -0.32 25.90 62.35
N LEU B 572 0.48 26.95 62.25
CA LEU B 572 1.52 27.00 61.24
C LEU B 572 2.57 25.92 61.47
N GLY B 573 2.80 25.53 62.71
CA GLY B 573 3.72 24.44 62.97
C GLY B 573 3.19 23.11 62.47
N ALA B 574 1.92 22.84 62.74
CA ALA B 574 1.35 21.57 62.34
C ALA B 574 1.12 21.51 60.84
N PHE B 575 1.06 22.64 60.15
CA PHE B 575 0.80 22.60 58.73
C PHE B 575 2.01 22.09 57.96
N MET B 576 3.21 22.51 58.36
CA MET B 576 4.39 22.24 57.55
C MET B 576 5.24 21.13 58.17
N GLN B 577 4.55 20.15 58.73
CA GLN B 577 5.07 18.82 59.09
C GLN B 577 6.00 18.78 60.29
N GLN B 578 6.37 19.90 60.88
CA GLN B 578 7.11 19.77 62.13
C GLN B 578 6.26 20.27 63.29
N GLY B 579 5.82 19.35 64.14
CA GLY B 579 5.04 19.75 65.30
C GLY B 579 5.89 20.55 66.29
N CYS B 580 5.23 21.45 67.00
CA CYS B 580 5.91 22.27 67.99
C CYS B 580 6.04 21.53 69.30
N ASP B 581 6.45 22.22 70.35
CA ASP B 581 6.76 21.57 71.61
C ASP B 581 5.48 21.29 72.38
N ILE B 582 4.57 22.25 72.40
CA ILE B 582 3.34 22.11 73.19
C ILE B 582 2.36 21.19 72.49
N SER B 583 1.32 20.79 73.21
CA SER B 583 0.25 19.95 72.71
C SER B 583 -1.03 20.44 73.34
N PRO B 584 -2.21 20.24 72.67
CA PRO B 584 -3.48 20.79 73.18
C PRO B 584 -3.87 20.45 74.61
N ARG B 585 -3.49 19.25 75.07
CA ARG B 585 -3.46 18.86 76.51
C ARG B 585 -4.86 18.72 77.14
N SER B 586 -5.91 19.12 76.44
CA SER B 586 -7.26 18.92 76.93
C SER B 586 -8.16 18.59 75.76
N LEU B 587 -9.36 18.13 76.08
CA LEU B 587 -10.35 17.76 75.09
C LEU B 587 -10.89 19.03 74.43
N SER B 588 -11.52 18.84 73.26
CA SER B 588 -12.37 19.79 72.54
C SER B 588 -11.58 20.91 71.87
N GLY B 589 -10.29 20.96 72.12
CA GLY B 589 -9.43 21.72 71.24
C GLY B 589 -8.84 20.70 70.29
N ARG B 590 -8.87 19.45 70.72
CA ARG B 590 -8.20 18.44 69.94
C ARG B 590 -9.09 17.92 68.83
N ILE B 591 -10.40 18.07 68.97
CA ILE B 591 -11.22 17.83 67.78
C ILE B 591 -11.30 19.05 66.90
N VAL B 592 -10.55 20.11 67.22
CA VAL B 592 -10.07 21.00 66.19
C VAL B 592 -8.80 20.45 65.58
N GLY B 593 -7.83 20.10 66.44
CA GLY B 593 -6.49 19.82 65.98
C GLY B 593 -6.39 18.56 65.13
N GLY B 594 -7.21 17.57 65.44
CA GLY B 594 -7.23 16.35 64.63
C GLY B 594 -7.82 16.60 63.27
N VAL B 595 -8.83 17.46 63.21
CA VAL B 595 -9.40 17.82 61.93
C VAL B 595 -8.40 18.65 61.13
N TRP B 596 -7.61 19.47 61.81
CA TRP B 596 -6.59 20.24 61.13
C TRP B 596 -5.45 19.36 60.67
N TRP B 597 -5.16 18.29 61.41
CA TRP B 597 -4.17 17.31 60.98
C TRP B 597 -4.66 16.55 59.76
N PHE B 598 -5.94 16.22 59.73
CA PHE B 598 -6.49 15.56 58.55
C PHE B 598 -6.45 16.49 57.35
N PHE B 599 -6.75 17.76 57.59
CA PHE B 599 -6.62 18.78 56.56
C PHE B 599 -5.21 18.91 56.06
N THR B 600 -4.21 18.91 56.93
CA THR B 600 -2.86 19.08 56.42
C THR B 600 -2.31 17.80 55.83
N LEU B 601 -2.90 16.65 56.12
CA LEU B 601 -2.51 15.46 55.38
C LEU B 601 -3.05 15.45 53.97
N ILE B 602 -4.33 15.76 53.80
CA ILE B 602 -4.95 15.70 52.50
C ILE B 602 -4.47 16.81 51.57
N ILE B 603 -4.01 17.94 52.09
CA ILE B 603 -3.64 19.06 51.23
C ILE B 603 -2.24 18.92 50.68
N ILE B 604 -1.23 18.74 51.53
CA ILE B 604 0.12 18.79 50.98
C ILE B 604 0.48 17.50 50.25
N SER B 605 -0.21 16.39 50.52
CA SER B 605 -0.01 15.21 49.70
C SER B 605 -0.58 15.41 48.32
N SER B 606 -1.60 16.24 48.19
CA SER B 606 -2.06 16.68 46.88
C SER B 606 -1.19 17.76 46.29
N TYR B 607 -0.48 18.52 47.13
CA TYR B 607 0.46 19.52 46.63
C TYR B 607 1.62 18.85 45.93
N THR B 608 2.26 17.91 46.60
CA THR B 608 3.55 17.38 46.17
C THR B 608 3.41 16.17 45.27
N ALA B 609 2.31 16.07 44.53
CA ALA B 609 2.13 14.92 43.68
C ALA B 609 3.00 14.99 42.43
N ASN B 610 2.98 16.12 41.75
CA ASN B 610 3.74 16.25 40.52
C ASN B 610 4.42 17.59 40.42
N LEU B 611 5.07 18.01 41.52
CA LEU B 611 5.64 19.35 41.62
C LEU B 611 6.73 19.61 40.60
N ALA B 612 7.55 18.59 40.30
CA ALA B 612 8.68 18.80 39.41
C ALA B 612 8.26 19.06 37.98
N ALA B 613 7.07 18.60 37.59
CA ALA B 613 6.54 18.93 36.28
C ALA B 613 6.16 20.40 36.16
N PHE B 614 5.91 21.07 37.28
CA PHE B 614 5.50 22.46 37.24
C PHE B 614 6.66 23.43 37.29
N LEU B 615 7.89 22.98 37.48
CA LEU B 615 9.00 23.90 37.50
C LEU B 615 9.85 23.83 36.26
N THR B 616 9.50 22.96 35.31
CA THR B 616 10.11 22.98 33.99
C THR B 616 8.97 22.87 32.98
N VAL B 617 8.44 24.00 32.54
CA VAL B 617 7.28 23.97 31.67
C VAL B 617 7.61 24.54 30.28
N GLU B 618 8.03 25.80 30.22
CA GLU B 618 8.46 26.50 29.01
C GLU B 618 7.38 26.51 27.93
N ARG B 619 6.29 27.21 28.24
CA ARG B 619 5.24 27.46 27.26
C ARG B 619 5.46 28.78 26.55
N MET B 620 4.80 28.96 25.41
CA MET B 620 5.05 30.10 24.54
C MET B 620 4.17 31.29 24.90
N VAL B 621 4.28 32.37 24.14
CA VAL B 621 3.68 33.64 24.54
C VAL B 621 2.55 34.06 23.59
N SER B 622 2.74 33.90 22.27
CA SER B 622 1.75 34.10 21.21
C SER B 622 1.05 35.46 21.27
N PRO B 623 1.71 36.55 20.81
CA PRO B 623 1.11 37.90 20.91
C PRO B 623 -0.25 38.08 20.23
N ILE B 624 -0.39 37.64 18.98
CA ILE B 624 -1.63 37.86 18.23
C ILE B 624 -2.05 36.58 17.52
N GLU B 625 -3.36 36.36 17.42
CA GLU B 625 -3.79 35.22 16.61
C GLU B 625 -4.88 35.51 15.59
N SER B 626 -5.90 36.29 15.94
CA SER B 626 -7.04 36.54 15.06
C SER B 626 -7.04 38.03 14.76
N ALA B 627 -6.30 38.41 13.72
CA ALA B 627 -5.27 39.43 13.86
C ALA B 627 -5.66 40.67 14.66
N GLU B 628 -6.42 41.58 14.07
CA GLU B 628 -7.21 42.63 14.73
C GLU B 628 -6.43 43.60 15.64
N ASP B 629 -5.27 43.19 16.16
CA ASP B 629 -4.32 44.13 16.70
C ASP B 629 -3.46 44.66 15.59
N LEU B 630 -3.40 43.95 14.47
CA LEU B 630 -2.85 44.53 13.26
C LEU B 630 -3.73 45.67 12.76
N SER B 631 -5.00 45.69 13.15
CA SER B 631 -5.76 46.94 13.07
C SER B 631 -5.43 47.86 14.23
N LYS B 632 -5.37 47.33 15.45
CA LYS B 632 -5.37 48.19 16.63
C LYS B 632 -4.04 48.91 16.89
N GLN B 633 -2.97 48.17 17.16
CA GLN B 633 -1.69 48.82 17.41
C GLN B 633 -1.08 49.36 16.13
N THR B 634 0.03 50.07 16.29
CA THR B 634 0.81 50.58 15.17
C THR B 634 2.20 49.96 15.10
N GLU B 635 2.52 49.06 16.03
CA GLU B 635 3.92 48.66 16.21
C GLU B 635 4.35 47.63 15.17
N ILE B 636 3.68 46.49 15.11
CA ILE B 636 4.11 45.39 14.26
C ILE B 636 3.51 45.61 12.89
N ALA B 637 4.36 45.64 11.86
CA ALA B 637 3.90 45.86 10.50
C ALA B 637 3.41 44.55 9.91
N TYR B 638 2.83 44.65 8.71
CA TYR B 638 2.32 43.50 7.96
C TYR B 638 2.02 43.91 6.53
N GLY B 639 2.33 43.04 5.58
CA GLY B 639 2.05 43.31 4.18
C GLY B 639 1.94 42.01 3.43
N THR B 640 1.60 42.10 2.15
CA THR B 640 1.36 40.94 1.30
C THR B 640 2.28 41.02 0.09
N LEU B 641 2.01 40.13 -0.87
CA LEU B 641 2.77 40.11 -2.11
C LEU B 641 2.25 41.16 -3.07
N ASP B 642 3.12 41.67 -3.94
CA ASP B 642 2.66 42.49 -5.06
C ASP B 642 1.92 41.65 -6.07
N SER B 643 1.00 42.29 -6.80
CA SER B 643 0.22 41.69 -7.89
C SER B 643 -0.57 40.46 -7.42
N GLY B 644 -1.02 40.51 -6.17
CA GLY B 644 -1.59 39.35 -5.53
C GLY B 644 -3.11 39.36 -5.46
N SER B 645 -3.68 38.16 -5.52
CA SER B 645 -5.12 38.02 -5.38
C SER B 645 -5.58 38.41 -3.98
N THR B 646 -4.75 38.17 -2.96
CA THR B 646 -5.08 38.65 -1.63
C THR B 646 -4.96 40.15 -1.54
N LYS B 647 -4.00 40.72 -2.27
CA LYS B 647 -3.85 42.16 -2.39
C LYS B 647 -5.07 42.80 -3.03
N GLU B 648 -5.75 42.08 -3.91
CA GLU B 648 -7.02 42.59 -4.43
C GLU B 648 -8.19 42.25 -3.52
N PHE B 649 -8.07 41.14 -2.78
CA PHE B 649 -9.11 40.72 -1.84
C PHE B 649 -9.33 41.78 -0.77
N PHE B 650 -8.24 42.35 -0.26
CA PHE B 650 -8.40 43.44 0.67
C PHE B 650 -8.88 44.72 0.00
N ARG B 651 -8.52 44.93 -1.27
CA ARG B 651 -8.92 46.15 -1.96
C ARG B 651 -10.42 46.16 -2.22
N ARG B 652 -11.00 44.99 -2.42
CA ARG B 652 -12.43 44.88 -2.68
C ARG B 652 -13.19 44.35 -1.47
N SER B 653 -12.51 44.11 -0.35
CA SER B 653 -13.18 43.58 0.82
C SER B 653 -14.09 44.62 1.46
N LYS B 654 -15.06 44.15 2.23
CA LYS B 654 -16.11 45.00 2.78
C LYS B 654 -16.24 44.93 4.29
N ILE B 655 -15.60 43.96 4.93
CA ILE B 655 -15.65 43.85 6.38
C ILE B 655 -14.88 45.00 6.99
N ALA B 656 -15.36 45.54 8.11
CA ALA B 656 -14.81 46.79 8.65
C ALA B 656 -13.39 46.62 9.18
N VAL B 657 -13.10 45.48 9.80
CA VAL B 657 -11.75 45.21 10.26
C VAL B 657 -10.81 45.05 9.07
N PHE B 658 -11.29 44.42 7.99
CA PHE B 658 -10.52 44.32 6.77
C PHE B 658 -10.34 45.69 6.12
N ASP B 659 -11.32 46.57 6.29
CA ASP B 659 -11.26 47.91 5.72
C ASP B 659 -10.19 48.71 6.41
N LYS B 660 -10.12 48.60 7.73
CA LYS B 660 -9.04 49.25 8.47
C LYS B 660 -7.68 48.66 8.12
N MET B 661 -7.64 47.35 7.85
CA MET B 661 -6.40 46.71 7.40
C MET B 661 -5.94 47.26 6.06
N TRP B 662 -6.84 47.30 5.07
CA TRP B 662 -6.49 47.82 3.76
C TRP B 662 -6.21 49.31 3.80
N THR B 663 -6.80 50.02 4.76
CA THR B 663 -6.47 51.43 4.97
C THR B 663 -5.03 51.59 5.42
N TYR B 664 -4.59 50.76 6.37
CA TYR B 664 -3.18 50.79 6.76
C TYR B 664 -2.27 50.34 5.62
N MET B 665 -2.70 49.35 4.85
CA MET B 665 -1.91 48.83 3.73
C MET B 665 -1.69 49.89 2.67
N ARG B 666 -2.71 50.70 2.39
CA ARG B 666 -2.53 51.76 1.41
C ARG B 666 -1.82 52.96 2.00
N SER B 667 -1.96 53.21 3.31
CA SER B 667 -1.25 54.31 3.94
C SER B 667 0.13 53.89 4.45
N ALA B 668 0.63 52.74 4.01
CA ALA B 668 1.91 52.23 4.49
C ALA B 668 3.07 53.07 3.97
N GLU B 669 3.85 53.62 4.90
CA GLU B 669 5.06 54.38 4.57
C GLU B 669 6.20 53.85 5.43
N PRO B 670 7.20 53.16 4.86
CA PRO B 670 7.41 52.77 3.46
C PRO B 670 6.59 51.56 3.03
N SER B 671 7.04 50.89 1.98
CA SER B 671 6.33 49.75 1.41
C SER B 671 6.29 48.59 2.40
N VAL B 672 5.10 48.20 2.82
CA VAL B 672 4.93 46.89 3.42
C VAL B 672 4.72 45.84 2.33
N PHE B 673 4.52 46.28 1.10
CA PHE B 673 4.41 45.37 -0.02
C PHE B 673 5.79 44.87 -0.40
N VAL B 674 5.87 43.58 -0.72
CA VAL B 674 7.11 42.98 -1.21
C VAL B 674 6.82 42.19 -2.47
N ARG B 675 7.86 42.00 -3.27
CA ARG B 675 7.72 41.53 -4.64
C ARG B 675 7.77 40.01 -4.77
N THR B 676 8.58 39.34 -3.98
CA THR B 676 8.71 37.89 -4.07
C THR B 676 8.51 37.25 -2.71
N THR B 677 8.37 35.93 -2.72
CA THR B 677 8.04 35.15 -1.54
C THR B 677 9.18 35.18 -0.53
N ALA B 678 10.38 34.78 -0.98
CA ALA B 678 11.55 34.77 -0.11
C ALA B 678 11.95 36.14 0.36
N GLU B 679 11.61 37.20 -0.39
CA GLU B 679 11.78 38.56 0.08
C GLU B 679 11.01 38.82 1.36
N GLY B 680 9.73 38.48 1.36
CA GLY B 680 8.93 38.64 2.56
C GLY B 680 9.33 37.70 3.68
N VAL B 681 9.78 36.48 3.33
CA VAL B 681 10.24 35.54 4.35
C VAL B 681 11.46 36.08 5.07
N ALA B 682 12.46 36.52 4.32
CA ALA B 682 13.63 37.14 4.92
C ALA B 682 13.31 38.46 5.61
N ARG B 683 12.28 39.17 5.16
CA ARG B 683 11.88 40.40 5.84
C ARG B 683 11.31 40.09 7.22
N VAL B 684 10.48 39.06 7.32
CA VAL B 684 9.93 38.64 8.61
C VAL B 684 11.04 38.12 9.52
N ARG B 685 12.00 37.40 8.94
CA ARG B 685 13.12 36.87 9.73
C ARG B 685 13.98 37.99 10.30
N LYS B 686 14.33 38.96 9.47
CA LYS B 686 15.23 40.01 9.91
C LYS B 686 14.53 41.11 10.68
N SER B 687 13.20 41.19 10.62
CA SER B 687 12.51 42.29 11.29
C SER B 687 12.45 42.12 12.80
N LYS B 688 12.69 40.89 13.29
CA LYS B 688 12.69 40.55 14.71
C LYS B 688 11.37 40.92 15.38
N GLY B 689 10.28 40.44 14.78
CA GLY B 689 8.97 40.66 15.36
C GLY B 689 8.41 42.03 15.13
N LYS B 690 8.77 42.67 14.03
CA LYS B 690 8.21 43.96 13.67
C LYS B 690 7.40 43.91 12.39
N TYR B 691 7.37 42.77 11.70
CA TYR B 691 6.69 42.69 10.41
C TYR B 691 6.04 41.34 10.25
N ALA B 692 4.71 41.31 10.31
CA ALA B 692 3.94 40.11 10.04
C ALA B 692 3.83 39.88 8.53
N TYR B 693 3.18 38.78 8.15
CA TYR B 693 3.10 38.48 6.73
C TYR B 693 1.81 37.73 6.48
N LEU B 694 1.27 37.86 5.27
CA LEU B 694 0.03 37.20 4.89
C LEU B 694 0.28 36.37 3.64
N LEU B 695 -0.02 35.08 3.69
CA LEU B 695 0.07 34.27 2.48
C LEU B 695 -0.96 33.15 2.57
N GLU B 696 -0.77 32.11 1.76
CA GLU B 696 -1.67 30.98 1.72
C GLU B 696 -1.12 29.79 2.49
N SER B 697 -2.02 29.07 3.16
CA SER B 697 -1.66 28.28 4.33
C SER B 697 -0.82 27.06 3.96
N THR B 698 -0.90 26.59 2.71
CA THR B 698 -0.01 25.52 2.29
C THR B 698 1.44 25.95 2.33
N MET B 699 1.76 27.11 1.76
CA MET B 699 3.09 27.69 1.88
C MET B 699 3.47 27.97 3.32
N ASN B 700 2.50 28.39 4.14
CA ASN B 700 2.76 28.69 5.53
C ASN B 700 3.23 27.46 6.29
N GLU B 701 2.50 26.35 6.18
CA GLU B 701 2.92 25.16 6.90
C GLU B 701 4.11 24.49 6.25
N TYR B 702 4.32 24.68 4.94
CA TYR B 702 5.51 24.09 4.35
C TYR B 702 6.77 24.81 4.80
N ILE B 703 6.75 26.15 4.85
CA ILE B 703 7.88 26.87 5.39
C ILE B 703 7.99 26.64 6.90
N GLU B 704 6.88 26.38 7.58
CA GLU B 704 6.92 25.98 8.98
C GLU B 704 7.63 24.65 9.18
N GLN B 705 7.59 23.77 8.19
CA GLN B 705 8.37 22.54 8.30
C GLN B 705 9.73 22.61 7.60
N ARG B 706 10.37 23.77 7.60
CA ARG B 706 11.73 23.91 7.10
C ARG B 706 12.68 24.36 8.20
N LYS B 707 13.95 24.17 7.95
CA LYS B 707 14.97 24.63 8.88
C LYS B 707 15.23 26.12 8.65
N PRO B 708 15.52 26.90 9.71
CA PRO B 708 15.61 26.51 11.12
C PRO B 708 14.38 26.78 11.95
N CYS B 709 13.19 26.45 11.45
CA CYS B 709 11.90 26.54 12.16
C CYS B 709 11.63 27.91 12.75
N ASP B 710 12.10 28.97 12.10
CA ASP B 710 11.94 30.28 12.69
C ASP B 710 10.60 30.93 12.35
N THR B 711 9.75 30.24 11.60
CA THR B 711 8.44 30.74 11.24
C THR B 711 7.38 30.11 12.16
N MET B 712 6.22 30.74 12.22
CA MET B 712 5.10 30.20 12.99
C MET B 712 3.80 30.73 12.44
N LYS B 713 2.88 29.82 12.16
CA LYS B 713 1.51 30.17 11.85
C LYS B 713 0.77 30.56 13.12
N VAL B 714 -0.06 31.60 13.04
CA VAL B 714 -0.95 31.93 14.13
C VAL B 714 -2.37 31.93 13.62
N GLY B 715 -3.31 31.72 14.53
CA GLY B 715 -4.74 31.80 14.29
C GLY B 715 -5.29 30.84 13.25
N GLY B 716 -6.59 30.99 13.03
CA GLY B 716 -7.27 30.26 11.99
C GLY B 716 -7.09 30.94 10.65
N ASN B 717 -7.84 30.44 9.67
CA ASN B 717 -7.81 31.06 8.36
C ASN B 717 -8.84 32.18 8.30
N LEU B 718 -8.98 32.75 7.11
CA LEU B 718 -9.90 33.86 6.90
C LEU B 718 -10.97 33.54 5.87
N ASP B 719 -10.73 32.58 4.99
CA ASP B 719 -11.67 32.22 3.94
C ASP B 719 -11.37 30.80 3.51
N SER B 720 -11.92 30.41 2.37
CA SER B 720 -11.64 29.13 1.74
C SER B 720 -11.44 29.41 0.26
N LYS B 721 -10.24 29.16 -0.23
CA LYS B 721 -9.94 29.31 -1.64
C LYS B 721 -9.36 28.00 -2.16
N GLY B 722 -9.27 27.89 -3.48
CA GLY B 722 -8.79 26.66 -4.07
C GLY B 722 -7.92 26.86 -5.29
N TYR B 723 -6.92 26.00 -5.45
CA TYR B 723 -6.13 26.01 -6.67
C TYR B 723 -6.83 25.24 -7.77
N GLY B 724 -6.73 25.74 -9.00
CA GLY B 724 -7.35 25.07 -10.13
C GLY B 724 -6.45 25.07 -11.34
N ILE B 725 -6.74 24.17 -12.28
CA ILE B 725 -6.01 24.13 -13.54
C ILE B 725 -6.57 25.20 -14.45
N ALA B 726 -5.71 26.06 -14.97
CA ALA B 726 -6.12 27.20 -15.77
C ALA B 726 -5.88 26.95 -17.25
N THR B 727 -6.92 27.10 -18.04
CA THR B 727 -6.77 27.05 -19.49
C THR B 727 -7.28 28.35 -20.08
N PRO B 728 -6.79 28.76 -21.24
CA PRO B 728 -7.42 29.86 -21.97
C PRO B 728 -8.82 29.47 -22.41
N LYS B 729 -9.68 30.48 -22.49
CA LYS B 729 -11.12 30.26 -22.65
C LYS B 729 -11.41 29.71 -24.04
N GLY B 730 -12.42 28.85 -24.11
CA GLY B 730 -12.89 28.32 -25.37
C GLY B 730 -12.06 27.20 -25.98
N SER B 731 -11.03 26.73 -25.28
CA SER B 731 -10.19 25.69 -25.83
C SER B 731 -10.89 24.34 -25.80
N SER B 732 -10.24 23.35 -26.44
CA SER B 732 -10.79 22.01 -26.44
C SER B 732 -10.22 21.15 -25.33
N LEU B 733 -9.31 21.70 -24.52
CA LEU B 733 -8.69 20.95 -23.44
C LEU B 733 -9.42 21.10 -22.12
N GLY B 734 -10.63 21.65 -22.12
CA GLY B 734 -11.36 21.88 -20.89
C GLY B 734 -11.90 20.60 -20.28
N THR B 735 -12.83 19.96 -20.98
CA THR B 735 -13.41 18.72 -20.49
C THR B 735 -12.45 17.55 -20.24
N PRO B 736 -11.32 17.36 -20.96
CA PRO B 736 -10.41 16.30 -20.51
C PRO B 736 -9.74 16.58 -19.19
N VAL B 737 -9.37 17.83 -18.91
CA VAL B 737 -8.82 18.18 -17.60
C VAL B 737 -9.89 18.04 -16.54
N ASN B 738 -11.13 18.43 -16.88
CA ASN B 738 -12.27 18.33 -15.98
C ASN B 738 -12.54 16.88 -15.60
N LEU B 739 -12.40 15.96 -16.55
CA LEU B 739 -12.59 14.56 -16.20
C LEU B 739 -11.33 13.94 -15.60
N ALA B 740 -10.19 14.59 -15.82
CA ALA B 740 -8.93 13.99 -15.40
C ALA B 740 -8.62 14.25 -13.93
N VAL B 741 -8.89 15.47 -13.45
CA VAL B 741 -8.53 15.81 -12.08
C VAL B 741 -9.41 15.04 -11.09
N LEU B 742 -10.65 14.74 -11.50
CA LEU B 742 -11.54 13.96 -10.67
C LEU B 742 -11.09 12.51 -10.51
N LYS B 743 -10.39 11.95 -11.51
CA LYS B 743 -9.81 10.63 -11.34
C LYS B 743 -8.74 10.62 -10.26
N LEU B 744 -7.90 11.64 -10.27
CA LEU B 744 -6.84 11.74 -9.27
C LEU B 744 -7.40 12.04 -7.89
N SER B 745 -8.54 12.72 -7.82
CA SER B 745 -9.19 12.92 -6.54
C SER B 745 -9.87 11.64 -6.07
N GLU B 746 -10.35 10.84 -7.01
CA GLU B 746 -11.04 9.60 -6.65
C GLU B 746 -10.07 8.55 -6.16
N GLN B 747 -8.91 8.45 -6.79
CA GLN B 747 -7.98 7.36 -6.50
C GLN B 747 -6.88 7.76 -5.52
N GLY B 748 -7.01 8.91 -4.85
CA GLY B 748 -6.08 9.26 -3.79
C GLY B 748 -4.70 9.65 -4.25
N VAL B 749 -4.51 9.87 -5.55
CA VAL B 749 -3.21 10.25 -6.07
C VAL B 749 -2.81 11.63 -5.57
N LEU B 750 -3.80 12.51 -5.38
CA LEU B 750 -3.55 13.82 -4.78
C LEU B 750 -3.07 13.68 -3.35
N ASP B 751 -3.67 12.75 -2.59
CA ASP B 751 -3.25 12.48 -1.23
C ASP B 751 -1.82 11.95 -1.20
N LYS B 752 -1.48 11.08 -2.16
CA LYS B 752 -0.15 10.49 -2.19
C LYS B 752 0.90 11.54 -2.52
N LEU B 753 0.60 12.41 -3.48
CA LEU B 753 1.52 13.47 -3.84
C LEU B 753 1.68 14.49 -2.71
N LYS B 754 0.58 14.84 -2.04
CA LYS B 754 0.64 15.77 -0.92
C LYS B 754 1.44 15.19 0.22
N ASN B 755 1.28 13.89 0.48
CA ASN B 755 2.09 13.22 1.50
C ASN B 755 3.56 13.22 1.13
N LYS B 756 3.87 12.95 -0.14
CA LYS B 756 5.25 12.90 -0.60
C LYS B 756 5.94 14.26 -0.46
N TRP B 757 5.24 15.33 -0.82
CA TRP B 757 5.89 16.63 -0.88
C TRP B 757 5.61 17.53 0.31
N TRP B 758 4.87 17.05 1.31
CA TRP B 758 4.83 17.78 2.57
C TRP B 758 5.22 16.95 3.77
N TYR B 759 4.78 15.70 3.85
CA TYR B 759 4.88 14.97 5.11
C TYR B 759 6.03 13.99 5.18
N ASP B 760 6.55 13.54 4.04
CA ASP B 760 7.74 12.69 4.06
C ASP B 760 9.01 13.49 4.30
N LYS B 761 8.96 14.81 4.19
CA LYS B 761 10.11 15.66 4.41
C LYS B 761 9.95 16.46 5.70
N GLY B 762 9.42 15.79 6.73
CA GLY B 762 9.48 16.34 8.07
C GLY B 762 10.92 16.37 8.55
N GLU B 763 11.50 17.56 8.60
CA GLU B 763 12.92 17.72 8.86
C GLU B 763 13.18 18.44 10.18
N CYS B 764 12.61 19.62 10.33
CA CYS B 764 13.06 20.59 11.34
C CYS B 764 12.29 20.35 12.63
N GLY B 765 13.00 19.82 13.62
CA GLY B 765 12.62 19.93 15.01
C GLY B 765 11.34 19.27 15.47
N ALA B 766 10.34 20.11 15.75
CA ALA B 766 9.17 19.78 16.58
C ALA B 766 8.31 18.65 16.02
N LYS B 767 8.24 18.50 14.69
CA LYS B 767 7.48 17.40 14.10
C LYS B 767 8.08 16.05 14.47
N ASP B 768 9.41 15.96 14.45
CA ASP B 768 10.09 14.72 14.81
C ASP B 768 10.21 14.56 16.32
N SER B 769 10.78 15.57 16.98
CA SER B 769 11.13 15.47 18.39
C SER B 769 10.00 15.89 19.33
N GLY B 770 8.78 16.09 18.83
CA GLY B 770 7.69 16.50 19.69
C GLY B 770 7.12 15.37 20.54
N SER B 771 7.43 14.13 20.20
CA SER B 771 6.87 12.96 20.89
C SER B 771 7.92 12.14 21.62
N LYS B 772 8.99 12.77 22.10
CA LYS B 772 10.02 12.10 22.87
C LYS B 772 9.97 12.56 24.32
N GLU B 773 10.88 12.06 25.14
CA GLU B 773 10.82 12.29 26.58
C GLU B 773 12.24 12.39 27.15
N LYS B 774 12.42 13.40 28.00
CA LYS B 774 13.62 13.53 28.81
C LYS B 774 13.17 13.57 30.27
N THR B 775 14.00 13.04 31.16
CA THR B 775 13.51 12.87 32.52
C THR B 775 13.53 14.18 33.29
N SER B 776 14.73 14.61 33.72
CA SER B 776 15.00 15.88 34.39
C SER B 776 16.47 16.02 34.76
N ALA B 777 16.85 17.23 35.15
CA ALA B 777 17.97 17.55 36.02
C ALA B 777 17.75 18.97 36.52
N LEU B 778 17.56 19.14 37.83
CA LEU B 778 17.17 20.44 38.36
C LEU B 778 18.36 21.38 38.48
N SER B 779 18.25 22.55 37.85
CA SER B 779 19.30 23.56 37.94
C SER B 779 18.83 24.67 38.85
N LEU B 780 19.71 25.63 39.12
CA LEU B 780 19.41 26.70 40.05
C LEU B 780 18.44 27.71 39.47
N SER B 781 18.36 27.82 38.14
CA SER B 781 17.47 28.78 37.52
C SER B 781 16.01 28.47 37.79
N ASN B 782 15.69 27.21 38.03
CA ASN B 782 14.33 26.85 38.43
C ASN B 782 14.05 27.36 39.83
N VAL B 783 14.87 27.00 40.80
CA VAL B 783 14.63 27.36 42.18
C VAL B 783 15.49 28.58 42.52
N ALA B 784 14.93 29.77 42.38
CA ALA B 784 15.63 30.97 42.78
C ALA B 784 14.82 31.87 43.69
N GLY B 785 13.51 31.95 43.45
CA GLY B 785 12.67 32.79 44.29
C GLY B 785 12.54 32.23 45.69
N VAL B 786 12.74 30.92 45.84
CA VAL B 786 12.74 30.30 47.15
C VAL B 786 13.91 30.82 47.97
N PHE B 787 15.09 30.89 47.37
CA PHE B 787 16.24 31.48 48.04
C PHE B 787 16.04 32.96 48.29
N TYR B 788 15.38 33.66 47.37
CA TYR B 788 15.13 35.08 47.53
C TYR B 788 14.24 35.35 48.74
N ILE B 789 13.17 34.58 48.87
CA ILE B 789 12.29 34.64 50.03
C ILE B 789 13.05 34.28 51.29
N LEU B 790 13.91 33.25 51.23
CA LEU B 790 14.68 32.83 52.39
C LEU B 790 15.60 33.92 52.89
N VAL B 791 16.30 34.61 51.98
CA VAL B 791 17.19 35.67 52.40
C VAL B 791 16.44 36.91 52.86
N GLY B 792 15.35 37.28 52.19
CA GLY B 792 14.57 38.43 52.64
C GLY B 792 13.94 38.25 54.00
N GLY B 793 13.55 37.01 54.32
CA GLY B 793 12.99 36.75 55.65
C GLY B 793 14.00 36.95 56.74
N LEU B 794 15.27 36.66 56.45
CA LEU B 794 16.34 36.85 57.42
C LEU B 794 16.52 38.32 57.77
N GLY B 795 16.56 39.17 56.74
CA GLY B 795 16.72 40.59 56.98
C GLY B 795 15.53 41.19 57.68
N LEU B 796 14.33 40.68 57.36
CA LEU B 796 13.14 41.15 58.06
C LEU B 796 13.17 40.76 59.52
N ALA B 797 13.58 39.52 59.82
CA ALA B 797 13.63 39.05 61.19
C ALA B 797 14.68 39.79 62.00
N MET B 798 15.82 40.06 61.40
CA MET B 798 16.87 40.81 62.09
C MET B 798 16.47 42.26 62.34
N LEU B 799 15.82 42.90 61.36
CA LEU B 799 15.26 44.22 61.53
C LEU B 799 14.22 44.29 62.64
N VAL B 800 13.43 43.23 62.81
CA VAL B 800 12.48 43.20 63.92
C VAL B 800 13.16 43.25 65.28
N ALA B 801 14.18 42.43 65.51
CA ALA B 801 14.84 42.46 66.81
C ALA B 801 15.65 43.72 67.05
N LEU B 802 16.13 44.35 65.97
CA LEU B 802 16.82 45.62 66.15
C LEU B 802 15.89 46.69 66.71
N ILE B 803 14.66 46.77 66.20
CA ILE B 803 13.79 47.79 66.75
C ILE B 803 13.18 47.32 68.08
N GLU B 804 13.20 46.02 68.35
CA GLU B 804 12.83 45.55 69.68
C GLU B 804 13.82 46.02 70.73
N PHE B 805 15.11 45.86 70.45
CA PHE B 805 16.12 46.35 71.37
C PHE B 805 16.15 47.88 71.40
N CYS B 806 15.73 48.52 70.29
CA CYS B 806 15.61 49.97 70.28
C CYS B 806 14.51 50.43 71.23
N TYR B 807 13.34 49.79 71.18
CA TYR B 807 12.25 50.18 72.06
C TYR B 807 12.52 49.83 73.51
N LYS B 808 12.98 48.62 73.79
CA LYS B 808 13.26 48.23 75.17
C LYS B 808 14.70 48.57 75.52
N SER B 809 15.08 49.81 75.26
CA SER B 809 16.30 50.40 75.81
C SER B 809 15.84 51.68 76.50
N ARG B 810 14.83 52.30 75.92
CA ARG B 810 14.15 53.39 76.56
C ARG B 810 13.11 52.84 77.52
N LEU B 821 -3.93 45.61 75.08
CA LEU B 821 -3.61 46.94 74.58
C LEU B 821 -3.46 47.95 75.71
N PHE B 822 -3.43 49.20 75.32
CA PHE B 822 -3.32 50.32 76.26
C PHE B 822 -4.71 50.77 76.69
N ASP B 823 -4.83 51.08 77.98
CA ASP B 823 -6.08 51.49 78.62
C ASP B 823 -7.21 50.50 78.41
N ARG B 824 -7.11 49.36 79.08
CA ARG B 824 -8.27 48.52 79.39
C ARG B 824 -9.40 49.43 79.87
N GLY B 825 -10.51 49.41 79.17
CA GLY B 825 -11.18 50.67 78.93
C GLY B 825 -11.34 50.84 77.44
N VAL B 826 -10.52 51.69 76.80
CA VAL B 826 -10.66 52.09 75.39
C VAL B 826 -10.56 50.93 74.41
N GLN B 827 -10.17 49.76 74.89
CA GLN B 827 -10.41 48.51 74.16
C GLN B 827 -11.88 48.34 73.83
N MET B 828 -12.77 48.79 74.73
CA MET B 828 -14.20 48.76 74.45
C MET B 828 -14.55 49.68 73.30
N LEU B 829 -13.92 50.86 73.26
CA LEU B 829 -14.06 51.76 72.12
C LEU B 829 -13.58 51.10 70.83
N LEU B 830 -12.44 50.44 70.89
CA LEU B 830 -11.85 49.77 69.73
C LEU B 830 -12.75 48.65 69.21
N THR B 831 -13.29 47.84 70.11
CA THR B 831 -14.12 46.73 69.66
C THR B 831 -15.50 47.20 69.21
N THR B 832 -16.01 48.31 69.76
CA THR B 832 -17.32 48.79 69.31
C THR B 832 -17.21 49.49 67.97
N VAL B 833 -16.10 50.18 67.70
CA VAL B 833 -15.94 50.72 66.36
C VAL B 833 -15.60 49.61 65.38
N GLY B 834 -14.93 48.55 65.83
CA GLY B 834 -14.60 47.46 64.93
C GLY B 834 -15.82 46.64 64.55
N ALA B 835 -16.76 46.47 65.48
CA ALA B 835 -17.96 45.69 65.22
C ALA B 835 -18.84 46.41 64.19
N PHE B 836 -18.93 47.73 64.31
CA PHE B 836 -19.66 48.53 63.33
C PHE B 836 -18.97 48.52 61.98
N ALA B 837 -17.64 48.66 61.97
CA ALA B 837 -16.89 48.67 60.72
C ALA B 837 -16.94 47.32 60.03
N ALA B 838 -17.07 46.26 60.80
CA ALA B 838 -17.34 44.95 60.24
C ALA B 838 -18.74 44.82 59.68
N PHE B 839 -19.76 45.20 60.47
CA PHE B 839 -21.15 44.94 60.10
C PHE B 839 -21.58 45.77 58.89
N SER B 840 -21.24 47.05 58.89
CA SER B 840 -21.64 47.93 57.80
C SER B 840 -21.00 47.51 56.50
N LEU B 841 -19.70 47.21 56.54
CA LEU B 841 -19.00 46.81 55.33
C LEU B 841 -19.45 45.43 54.88
N MET B 842 -19.89 44.58 55.81
CA MET B 842 -20.45 43.29 55.46
C MET B 842 -21.77 43.43 54.72
N THR B 843 -22.65 44.30 55.23
CA THR B 843 -23.94 44.52 54.57
C THR B 843 -23.77 45.17 53.21
N ILE B 844 -22.80 46.10 53.11
CA ILE B 844 -22.46 46.70 51.83
C ILE B 844 -21.98 45.63 50.85
N ALA B 845 -21.14 44.71 51.34
CA ALA B 845 -20.62 43.64 50.50
C ALA B 845 -21.71 42.70 50.04
N VAL B 846 -22.71 42.45 50.87
CA VAL B 846 -23.82 41.59 50.46
C VAL B 846 -24.66 42.28 49.40
N GLY B 847 -25.19 43.46 49.71
CA GLY B 847 -26.06 44.11 48.77
C GLY B 847 -25.32 44.88 47.70
N THR B 848 -24.76 44.19 46.70
CA THR B 848 -23.85 44.84 45.76
C THR B 848 -23.80 44.02 44.47
N ASP B 849 -23.70 44.72 43.32
CA ASP B 849 -23.60 44.07 42.03
C ASP B 849 -22.18 43.78 41.55
N TYR B 850 -21.14 44.22 42.26
CA TYR B 850 -19.80 43.87 41.79
C TYR B 850 -19.22 42.69 42.56
N TRP B 851 -19.57 41.49 42.09
CA TRP B 851 -18.93 40.27 42.55
C TRP B 851 -17.92 39.76 41.53
N LEU B 852 -18.32 39.49 40.29
CA LEU B 852 -17.35 39.02 39.30
C LEU B 852 -17.61 39.69 37.95
N TYR B 853 -16.53 40.09 37.30
CA TYR B 853 -16.60 40.56 35.93
C TYR B 853 -16.26 39.42 34.98
N SER B 854 -17.15 39.15 34.05
CA SER B 854 -17.00 38.06 33.08
C SER B 854 -17.75 38.46 31.83
N ARG B 855 -18.01 37.49 30.96
CA ARG B 855 -18.75 37.76 29.73
C ARG B 855 -19.80 36.67 29.49
N GLY B 856 -21.04 37.11 29.33
CA GLY B 856 -22.19 36.31 28.96
C GLY B 856 -23.20 37.22 28.26
N VAL B 857 -24.47 37.01 28.59
CA VAL B 857 -25.56 37.78 27.99
C VAL B 857 -26.16 38.73 29.02
N CYS B 858 -27.03 39.63 28.56
CA CYS B 858 -27.75 40.53 29.45
C CYS B 858 -29.17 40.04 29.72
N LYS B 859 -29.97 39.90 28.68
CA LYS B 859 -31.36 39.50 28.81
C LYS B 859 -31.84 38.93 27.49
N THR B 860 -32.20 37.66 27.49
CA THR B 860 -32.58 36.95 26.27
C THR B 860 -34.09 36.72 26.25
N LYS B 861 -34.59 36.45 25.05
CA LYS B 861 -35.96 35.99 24.78
C LYS B 861 -37.04 36.95 25.27
N VAL B 875 -20.67 39.31 25.93
CA VAL B 875 -21.03 40.57 26.55
C VAL B 875 -20.36 40.66 27.91
N MET B 876 -19.54 41.69 28.14
CA MET B 876 -18.98 41.89 29.47
C MET B 876 -20.07 42.27 30.46
N THR B 877 -19.92 41.84 31.70
CA THR B 877 -21.01 41.89 32.66
C THR B 877 -20.49 42.35 34.02
N HIS B 878 -21.20 43.31 34.62
CA HIS B 878 -20.94 43.80 35.97
C HIS B 878 -21.75 42.95 36.95
N SER B 879 -21.46 41.65 36.94
CA SER B 879 -22.34 40.65 37.52
C SER B 879 -22.11 40.48 39.01
N GLY B 880 -23.20 40.30 39.74
CA GLY B 880 -23.14 40.19 41.17
C GLY B 880 -23.73 38.90 41.72
N LEU B 881 -24.14 38.94 42.99
CA LEU B 881 -24.70 37.78 43.67
C LEU B 881 -26.08 37.45 43.13
N TRP B 882 -26.92 38.46 42.90
CA TRP B 882 -28.22 38.21 42.31
C TRP B 882 -28.41 38.86 40.95
N ARG B 883 -27.90 40.06 40.74
CA ARG B 883 -28.03 40.73 39.45
C ARG B 883 -26.82 40.37 38.59
N THR B 884 -27.09 39.81 37.42
CA THR B 884 -26.07 39.74 36.38
C THR B 884 -26.18 41.00 35.49
N CYS B 885 -26.16 42.14 36.16
CA CYS B 885 -26.39 43.42 35.51
C CYS B 885 -25.16 43.76 34.67
N CYS B 886 -25.40 44.19 33.44
CA CYS B 886 -24.32 44.23 32.47
C CYS B 886 -23.95 45.66 32.10
N LEU B 887 -22.75 45.80 31.56
CA LEU B 887 -22.29 47.02 30.92
C LEU B 887 -21.79 46.67 29.53
N GLU B 888 -21.29 47.68 28.82
CA GLU B 888 -20.72 47.58 27.48
C GLU B 888 -21.70 46.97 26.50
N GLY B 889 -22.78 47.69 26.20
CA GLY B 889 -23.75 47.15 25.27
C GLY B 889 -24.65 48.21 24.69
N ASN B 890 -25.60 47.74 23.87
CA ASN B 890 -26.67 48.58 23.35
C ASN B 890 -27.54 49.16 24.45
N PHE B 891 -27.64 48.49 25.60
CA PHE B 891 -28.21 49.10 26.81
C PHE B 891 -27.29 48.77 27.97
N LYS B 892 -27.01 49.77 28.81
CA LYS B 892 -26.20 49.60 30.00
C LYS B 892 -27.06 49.82 31.23
N GLY B 893 -26.92 48.94 32.22
CA GLY B 893 -27.52 49.16 33.51
C GLY B 893 -28.85 48.47 33.71
N LEU B 894 -29.27 47.67 32.74
CA LEU B 894 -30.51 46.91 32.83
C LEU B 894 -30.17 45.52 33.33
N CYS B 895 -30.60 45.23 34.55
CA CYS B 895 -30.11 44.09 35.32
C CYS B 895 -30.97 42.88 34.98
N LYS B 896 -30.45 41.70 35.26
CA LYS B 896 -31.21 40.46 35.20
C LYS B 896 -30.94 39.64 36.44
N GLN B 897 -31.95 38.94 36.93
CA GLN B 897 -31.80 38.15 38.16
C GLN B 897 -31.41 36.72 37.79
N ILE B 898 -30.29 36.25 38.34
CA ILE B 898 -29.65 35.03 37.84
C ILE B 898 -29.61 33.95 38.92
N ASP B 899 -29.98 32.74 38.52
CA ASP B 899 -29.91 31.52 39.31
C ASP B 899 -29.89 30.31 38.38
N HIS B 900 -30.17 29.12 38.90
CA HIS B 900 -29.97 27.89 38.14
C HIS B 900 -31.05 27.70 37.09
N PHE B 901 -30.94 26.58 36.38
CA PHE B 901 -31.81 26.26 35.28
C PHE B 901 -31.89 24.76 35.06
N PRO B 902 -33.09 24.23 34.81
CA PRO B 902 -33.24 22.79 34.60
C PRO B 902 -32.86 22.37 33.18
N GLU B 903 -31.80 21.58 33.08
CA GLU B 903 -31.35 21.02 31.81
C GLU B 903 -32.01 19.66 31.59
N ASP B 904 -31.47 18.86 30.65
CA ASP B 904 -32.03 17.56 30.30
C ASP B 904 -31.90 16.61 31.49
N ALA B 905 -33.04 16.34 32.15
CA ALA B 905 -33.22 15.40 33.27
C ALA B 905 -32.47 15.78 34.54
N ASP B 906 -31.81 16.96 34.55
CA ASP B 906 -31.25 17.66 35.71
C ASP B 906 -30.08 16.95 36.38
N TYR B 907 -29.72 15.76 35.89
CA TYR B 907 -28.94 14.73 36.61
C TYR B 907 -29.34 14.68 38.09
N GLU B 908 -30.63 14.39 38.28
CA GLU B 908 -31.25 14.35 39.61
C GLU B 908 -30.67 13.23 40.47
N ALA B 909 -30.07 12.22 39.82
CA ALA B 909 -29.24 11.26 40.52
C ALA B 909 -28.08 11.90 41.26
N ASP B 910 -27.58 13.05 40.79
CA ASP B 910 -26.72 13.91 41.59
C ASP B 910 -27.58 14.92 42.34
N THR B 911 -28.43 14.38 43.23
CA THR B 911 -29.20 15.24 44.10
C THR B 911 -28.32 15.89 45.17
N ALA B 912 -27.12 15.38 45.41
CA ALA B 912 -26.13 16.13 46.17
C ALA B 912 -25.75 17.41 45.45
N GLU B 913 -25.58 17.33 44.13
CA GLU B 913 -25.32 18.53 43.34
C GLU B 913 -26.53 19.44 43.33
N TYR B 914 -27.73 18.86 43.32
CA TYR B 914 -28.94 19.66 43.44
C TYR B 914 -29.00 20.39 44.77
N PHE B 915 -28.58 19.72 45.85
CA PHE B 915 -28.56 20.30 47.18
C PHE B 915 -27.57 21.45 47.26
N LEU B 916 -26.38 21.26 46.68
CA LEU B 916 -25.37 22.31 46.67
C LEU B 916 -25.81 23.49 45.81
N ARG B 917 -26.46 23.21 44.68
CA ARG B 917 -26.97 24.26 43.82
C ARG B 917 -28.08 25.04 44.52
N ALA B 918 -28.90 24.34 45.31
CA ALA B 918 -29.97 24.98 46.06
C ALA B 918 -29.41 25.89 47.13
N VAL B 919 -28.35 25.45 47.81
CA VAL B 919 -27.71 26.32 48.79
C VAL B 919 -27.00 27.48 48.09
N ARG B 920 -26.56 27.30 46.85
CA ARG B 920 -26.00 28.43 46.11
C ARG B 920 -27.03 29.50 45.82
N ALA B 921 -28.15 29.11 45.21
CA ALA B 921 -29.14 30.08 44.77
C ALA B 921 -29.76 30.81 45.96
N SER B 922 -30.14 30.05 46.98
CA SER B 922 -30.55 30.63 48.25
C SER B 922 -29.32 30.78 49.11
N SER B 923 -28.59 31.88 48.91
CA SER B 923 -27.34 32.09 49.62
C SER B 923 -27.60 32.40 51.09
N ILE B 924 -27.97 31.37 51.84
CA ILE B 924 -28.36 31.52 53.23
C ILE B 924 -27.18 31.80 54.15
N PHE B 925 -25.97 31.37 53.77
CA PHE B 925 -24.83 31.56 54.66
C PHE B 925 -24.32 33.01 54.73
N PRO B 926 -24.15 33.78 53.64
CA PRO B 926 -23.78 35.18 53.84
C PRO B 926 -24.88 36.02 54.44
N ILE B 927 -26.13 35.58 54.29
CA ILE B 927 -27.24 36.26 54.95
C ILE B 927 -27.20 35.99 56.45
N LEU B 928 -26.98 34.73 56.83
CA LEU B 928 -26.97 34.36 58.23
C LEU B 928 -25.73 34.90 58.93
N SER B 929 -24.66 35.13 58.18
CA SER B 929 -23.50 35.83 58.72
C SER B 929 -23.87 37.24 59.14
N VAL B 930 -24.69 37.92 58.32
CA VAL B 930 -25.15 39.27 58.66
C VAL B 930 -26.07 39.23 59.87
N ILE B 931 -26.87 38.17 59.98
CA ILE B 931 -27.79 38.01 61.11
C ILE B 931 -27.02 37.85 62.41
N LEU B 932 -26.05 36.94 62.43
CA LEU B 932 -25.31 36.70 63.67
C LEU B 932 -24.36 37.85 63.97
N LEU B 933 -23.86 38.53 62.95
CA LEU B 933 -23.03 39.71 63.19
C LEU B 933 -23.87 40.86 63.73
N PHE B 934 -25.12 40.95 63.28
CA PHE B 934 -26.05 41.94 63.80
C PHE B 934 -26.45 41.62 65.23
N MET B 935 -26.63 40.33 65.54
CA MET B 935 -26.87 39.89 66.91
C MET B 935 -25.69 40.18 67.81
N GLY B 936 -24.46 40.06 67.31
CA GLY B 936 -23.29 40.44 68.05
C GLY B 936 -23.24 41.95 68.27
N GLY B 937 -23.66 42.71 67.27
CA GLY B 937 -23.73 44.15 67.39
C GLY B 937 -24.72 44.61 68.44
N LEU B 938 -25.86 43.92 68.53
CA LEU B 938 -26.82 44.21 69.58
C LEU B 938 -26.29 43.81 70.94
N CYS B 939 -25.50 42.74 70.99
CA CYS B 939 -24.97 42.24 72.24
C CYS B 939 -23.86 43.12 72.77
N ILE B 940 -23.05 43.70 71.88
CA ILE B 940 -21.88 44.47 72.32
C ILE B 940 -22.32 45.84 72.85
N ALA B 941 -23.39 46.38 72.29
CA ALA B 941 -23.94 47.63 72.79
C ALA B 941 -24.72 47.45 74.08
N ALA B 942 -25.22 46.24 74.34
CA ALA B 942 -25.98 45.93 75.54
C ALA B 942 -25.09 45.45 76.67
N SER B 943 -23.84 45.91 76.70
CA SER B 943 -22.84 45.40 77.64
C SER B 943 -22.87 46.16 78.96
N GLU B 944 -22.62 47.47 78.92
CA GLU B 944 -22.57 48.24 80.15
C GLU B 944 -23.97 48.58 80.64
N PHE B 945 -24.89 48.81 79.71
CA PHE B 945 -26.29 48.87 80.07
C PHE B 945 -26.72 47.50 80.54
N TYR B 946 -27.14 47.42 81.81
CA TYR B 946 -27.28 46.17 82.57
C TYR B 946 -25.96 45.40 82.53
N LYS B 947 -24.95 45.99 83.14
CA LYS B 947 -23.67 45.33 83.31
C LYS B 947 -23.71 44.46 84.57
N THR B 948 -22.54 43.98 84.98
CA THR B 948 -22.27 43.11 86.13
C THR B 948 -22.92 41.73 85.98
N ARG B 949 -23.52 41.44 84.83
CA ARG B 949 -23.79 40.06 84.45
C ARG B 949 -22.54 39.43 83.87
N HIS B 950 -21.85 40.18 83.00
CA HIS B 950 -20.53 39.91 82.41
C HIS B 950 -20.30 38.48 81.91
N ASN B 951 -21.36 37.85 81.40
CA ASN B 951 -21.25 36.61 80.64
C ASN B 951 -21.90 36.75 79.28
N ILE B 952 -22.80 37.72 79.16
CA ILE B 952 -23.31 38.09 77.85
C ILE B 952 -22.21 38.72 77.01
N ILE B 953 -21.28 39.42 77.66
CA ILE B 953 -20.11 39.95 76.96
C ILE B 953 -19.22 38.81 76.49
N LEU B 954 -19.23 37.68 77.20
CA LEU B 954 -18.54 36.49 76.70
C LEU B 954 -19.24 35.93 75.48
N SER B 955 -20.57 35.82 75.54
CA SER B 955 -21.33 35.30 74.41
C SER B 955 -21.29 36.19 73.19
N ALA B 956 -20.90 37.46 73.35
CA ALA B 956 -20.69 38.37 72.22
C ALA B 956 -19.67 37.86 71.21
N GLY B 957 -18.59 37.22 71.66
CA GLY B 957 -17.55 36.80 70.74
C GLY B 957 -17.87 35.56 69.93
N ILE B 958 -18.67 34.65 70.51
CA ILE B 958 -19.02 33.42 69.81
C ILE B 958 -19.81 33.70 68.55
N PHE B 959 -20.68 34.71 68.57
CA PHE B 959 -21.41 35.09 67.37
C PHE B 959 -20.47 35.63 66.30
N PHE B 960 -19.43 36.35 66.70
CA PHE B 960 -18.47 36.88 65.75
C PHE B 960 -17.67 35.76 65.09
N VAL B 961 -17.21 34.81 65.90
CA VAL B 961 -16.44 33.68 65.39
C VAL B 961 -17.31 32.81 64.50
N SER B 962 -18.58 32.64 64.87
CA SER B 962 -19.50 31.90 64.02
C SER B 962 -19.83 32.64 62.74
N ALA B 963 -19.86 33.97 62.78
CA ALA B 963 -20.08 34.76 61.58
C ALA B 963 -18.93 34.60 60.62
N GLY B 964 -17.71 34.54 61.15
CA GLY B 964 -16.56 34.31 60.30
C GLY B 964 -16.57 32.94 59.64
N LEU B 965 -16.96 31.91 60.40
CA LEU B 965 -17.07 30.56 59.86
C LEU B 965 -18.14 30.49 58.79
N SER B 966 -19.26 31.17 59.03
CA SER B 966 -20.33 31.21 58.05
C SER B 966 -19.89 31.96 56.80
N ASN B 967 -19.06 32.99 56.99
CA ASN B 967 -18.56 33.76 55.85
C ASN B 967 -17.67 32.91 54.97
N ILE B 968 -16.71 32.20 55.57
CA ILE B 968 -15.80 31.43 54.74
C ILE B 968 -16.48 30.21 54.15
N ILE B 969 -17.49 29.65 54.84
CA ILE B 969 -18.20 28.55 54.21
C ILE B 969 -19.12 29.05 53.10
N GLY B 970 -19.59 30.29 53.19
CA GLY B 970 -20.42 30.82 52.12
C GLY B 970 -19.66 31.20 50.88
N ILE B 971 -18.44 31.70 51.05
CA ILE B 971 -17.61 32.02 49.89
C ILE B 971 -17.25 30.77 49.10
N ILE B 972 -17.05 29.63 49.78
CA ILE B 972 -16.65 28.39 49.13
C ILE B 972 -17.70 27.88 48.16
N VAL B 973 -18.97 27.84 48.55
CA VAL B 973 -20.00 27.28 47.67
C VAL B 973 -20.23 28.20 46.48
N TYR B 974 -20.00 29.49 46.67
CA TYR B 974 -20.11 30.44 45.57
C TYR B 974 -19.03 30.21 44.53
N ILE B 975 -17.78 30.06 45.01
CA ILE B 975 -16.68 29.84 44.07
C ILE B 975 -16.79 28.47 43.44
N SER B 976 -17.33 27.50 44.17
CA SER B 976 -17.51 26.16 43.61
C SER B 976 -18.61 26.13 42.56
N ALA B 977 -19.68 26.90 42.75
CA ALA B 977 -20.77 26.83 41.79
C ALA B 977 -20.65 27.88 40.70
N ASN B 978 -19.61 28.71 40.75
CA ASN B 978 -19.28 29.51 39.57
C ASN B 978 -18.94 28.61 38.39
N ALA B 979 -17.88 27.81 38.52
CA ALA B 979 -17.51 26.91 37.44
C ALA B 979 -18.34 25.64 37.43
N GLY B 980 -19.25 25.47 38.38
CA GLY B 980 -20.09 24.28 38.44
C GLY B 980 -21.14 24.21 37.35
N LYS B 988 -7.67 29.49 30.99
CA LYS B 988 -8.92 29.29 31.73
C LYS B 988 -10.21 29.06 30.88
N LYS B 989 -10.57 29.82 29.82
CA LYS B 989 -9.93 31.05 29.33
C LYS B 989 -10.60 32.26 29.95
N ASN B 990 -11.83 32.57 29.52
CA ASN B 990 -12.95 33.23 30.21
C ASN B 990 -12.67 34.52 31.00
N SER B 991 -11.38 34.92 31.12
CA SER B 991 -10.84 36.18 31.63
C SER B 991 -11.61 36.83 32.79
N TYR B 992 -11.99 36.05 33.78
CA TYR B 992 -12.89 36.56 34.81
C TYR B 992 -12.09 37.36 35.84
N SER B 993 -12.79 38.14 36.65
CA SER B 993 -12.15 38.93 37.70
C SER B 993 -13.16 39.11 38.83
N TYR B 994 -12.67 39.56 39.99
CA TYR B 994 -13.49 39.62 41.18
C TYR B 994 -13.79 41.06 41.54
N GLY B 995 -15.07 41.38 41.70
CA GLY B 995 -15.49 42.70 42.10
C GLY B 995 -15.12 43.03 43.53
N TRP B 996 -15.29 44.29 43.88
CA TRP B 996 -14.84 44.76 45.18
C TRP B 996 -15.65 44.19 46.34
N SER B 997 -16.87 43.73 46.09
CA SER B 997 -17.70 43.19 47.17
C SER B 997 -17.13 41.90 47.72
N PHE B 998 -16.51 41.12 46.85
CA PHE B 998 -15.90 39.85 47.22
C PHE B 998 -14.73 40.10 48.16
N TYR B 999 -13.88 41.04 47.78
CA TYR B 999 -12.76 41.46 48.60
C TYR B 999 -13.28 42.17 49.85
N PHE B 1000 -14.45 42.79 49.75
CA PHE B 1000 -15.06 43.37 50.95
C PHE B 1000 -15.53 42.28 51.91
N GLY B 1001 -16.08 41.18 51.39
CA GLY B 1001 -16.45 40.08 52.27
C GLY B 1001 -15.24 39.44 52.92
N ALA B 1002 -14.16 39.32 52.14
CA ALA B 1002 -12.89 38.82 52.67
C ALA B 1002 -12.34 39.76 53.72
N LEU B 1003 -12.56 41.06 53.55
CA LEU B 1003 -12.17 42.02 54.57
C LEU B 1003 -13.01 41.86 55.82
N SER B 1004 -14.30 41.61 55.63
CA SER B 1004 -15.24 41.51 56.75
C SER B 1004 -14.91 40.31 57.62
N PHE B 1005 -14.46 39.23 56.98
CA PHE B 1005 -14.05 38.05 57.72
C PHE B 1005 -12.88 38.32 58.66
N ILE B 1006 -11.82 38.94 58.13
CA ILE B 1006 -10.64 39.25 58.94
C ILE B 1006 -10.98 40.24 60.05
N ILE B 1007 -11.79 41.25 59.74
CA ILE B 1007 -12.19 42.22 60.76
C ILE B 1007 -13.06 41.59 61.83
N ALA B 1008 -13.99 40.70 61.47
CA ALA B 1008 -14.81 40.00 62.45
C ALA B 1008 -13.97 39.11 63.35
N GLU B 1009 -12.93 38.49 62.80
CA GLU B 1009 -12.04 37.67 63.61
C GLU B 1009 -11.23 38.54 64.58
N MET B 1010 -10.75 39.68 64.10
CA MET B 1010 -9.95 40.56 64.95
C MET B 1010 -10.80 41.20 66.03
N VAL B 1011 -12.09 41.37 65.76
CA VAL B 1011 -12.99 41.82 66.80
C VAL B 1011 -13.23 40.72 67.82
N GLY B 1012 -13.54 39.51 67.34
CA GLY B 1012 -13.90 38.41 68.21
C GLY B 1012 -12.78 37.93 69.12
N VAL B 1013 -11.53 38.06 68.68
CA VAL B 1013 -10.40 37.71 69.53
C VAL B 1013 -10.26 38.70 70.69
N LEU B 1014 -10.69 39.94 70.52
CA LEU B 1014 -10.64 40.92 71.58
C LEU B 1014 -11.70 40.70 72.64
N ALA B 1015 -12.81 40.07 72.25
CA ALA B 1015 -13.94 39.92 73.16
C ALA B 1015 -13.59 38.99 74.31
N VAL B 1016 -12.83 37.94 74.01
CA VAL B 1016 -12.47 36.98 75.03
C VAL B 1016 -11.45 37.62 75.98
N HIS B 1017 -10.60 38.49 75.44
CA HIS B 1017 -9.67 39.23 76.29
C HIS B 1017 -10.42 40.19 77.20
N MET B 1018 -11.48 40.81 76.69
CA MET B 1018 -12.33 41.66 77.54
C MET B 1018 -12.99 40.83 78.63
N PHE B 1019 -13.40 39.60 78.30
CA PHE B 1019 -13.99 38.72 79.28
C PHE B 1019 -12.99 38.30 80.35
N ILE B 1020 -11.77 37.98 79.94
CA ILE B 1020 -10.72 37.58 80.88
C ILE B 1020 -10.34 38.75 81.76
N ASP B 1021 -10.33 39.95 81.20
CA ASP B 1021 -10.06 41.17 81.97
C ASP B 1021 -11.11 41.38 83.04
N ARG B 1022 -12.40 41.38 82.65
CA ARG B 1022 -13.47 41.61 83.62
C ARG B 1022 -13.56 40.47 84.63
N HIS B 1023 -13.26 39.25 84.21
CA HIS B 1023 -13.33 38.11 85.11
C HIS B 1023 -12.18 38.13 86.10
N LYS B 1024 -11.00 38.59 85.66
CA LYS B 1024 -9.85 38.77 86.52
C LYS B 1024 -10.10 39.86 87.53
N GLN B 1025 -10.76 40.94 87.10
CA GLN B 1025 -11.14 42.03 87.98
C GLN B 1025 -12.17 41.57 89.00
N LEU B 1026 -13.05 40.65 88.61
CA LEU B 1026 -14.00 40.08 89.55
C LEU B 1026 -13.30 39.20 90.58
N THR B 1027 -12.38 38.33 90.12
CA THR B 1027 -11.71 37.42 91.03
C THR B 1027 -10.73 38.16 91.94
N GLY B 1028 -10.23 39.31 91.51
CA GLY B 1028 -9.30 40.08 92.31
C GLY B 1028 -7.85 39.64 92.14
N ASN C 1 -58.23 26.99 -76.98
CA ASN C 1 -57.60 25.69 -77.19
C ASN C 1 -57.98 24.73 -76.08
N SER C 2 -59.03 23.94 -76.31
CA SER C 2 -59.48 22.94 -75.34
C SER C 2 -58.51 21.75 -75.37
N ILE C 3 -57.68 21.63 -74.35
CA ILE C 3 -56.66 20.59 -74.27
C ILE C 3 -57.11 19.53 -73.29
N GLN C 4 -57.10 18.27 -73.73
CA GLN C 4 -57.45 17.16 -72.84
C GLN C 4 -56.40 16.92 -71.77
N ILE C 5 -56.81 16.94 -70.50
CA ILE C 5 -55.96 16.50 -69.41
C ILE C 5 -56.68 15.37 -68.68
N GLY C 6 -55.95 14.72 -67.78
CA GLY C 6 -56.53 13.64 -67.02
C GLY C 6 -56.18 13.75 -65.55
N GLY C 7 -57.11 13.38 -64.66
CA GLY C 7 -56.86 13.49 -63.25
C GLY C 7 -57.38 12.29 -62.49
N LEU C 8 -56.61 11.85 -61.50
CA LEU C 8 -56.91 10.66 -60.71
C LEU C 8 -56.97 11.04 -59.24
N PHE C 9 -58.16 11.07 -58.71
CA PHE C 9 -58.21 11.35 -57.29
C PHE C 9 -58.56 10.09 -56.52
N PRO C 10 -57.91 9.86 -55.38
CA PRO C 10 -58.35 8.80 -54.48
C PRO C 10 -59.71 9.13 -53.88
N ARG C 11 -60.53 8.10 -53.73
CA ARG C 11 -61.91 8.29 -53.28
C ARG C 11 -61.91 8.69 -51.82
N GLY C 12 -62.25 9.95 -51.58
CA GLY C 12 -62.08 10.59 -50.28
C GLY C 12 -61.33 11.90 -50.33
N ALA C 13 -60.79 12.30 -51.49
CA ALA C 13 -60.05 13.54 -51.60
C ALA C 13 -60.94 14.68 -52.03
N ASP C 14 -62.02 14.90 -51.29
CA ASP C 14 -63.04 15.87 -51.67
C ASP C 14 -62.51 17.29 -51.54
N GLN C 15 -61.73 17.55 -50.50
CA GLN C 15 -61.15 18.87 -50.30
C GLN C 15 -60.16 19.21 -51.41
N GLU C 16 -59.38 18.21 -51.83
CA GLU C 16 -58.43 18.41 -52.91
C GLU C 16 -59.14 18.58 -54.25
N TYR C 17 -60.27 17.90 -54.43
CA TYR C 17 -61.03 18.09 -55.66
C TYR C 17 -61.68 19.48 -55.70
N SER C 18 -62.15 19.96 -54.55
CA SER C 18 -62.67 21.31 -54.46
C SER C 18 -61.58 22.32 -54.75
N ALA C 19 -60.38 22.09 -54.22
CA ALA C 19 -59.25 22.96 -54.50
C ALA C 19 -58.84 22.91 -55.95
N PHE C 20 -59.00 21.75 -56.59
CA PHE C 20 -58.71 21.63 -58.02
C PHE C 20 -59.69 22.45 -58.84
N ARG C 21 -60.97 22.42 -58.47
CA ARG C 21 -61.93 23.25 -59.19
C ARG C 21 -61.73 24.73 -58.90
N VAL C 22 -61.26 25.07 -57.70
CA VAL C 22 -60.98 26.47 -57.38
C VAL C 22 -59.80 26.97 -58.20
N GLY C 23 -58.77 26.14 -58.36
CA GLY C 23 -57.67 26.49 -59.26
C GLY C 23 -58.10 26.58 -60.71
N MET C 24 -59.02 25.70 -61.12
CA MET C 24 -59.62 25.78 -62.45
C MET C 24 -60.35 27.10 -62.66
N VAL C 25 -61.00 27.60 -61.61
CA VAL C 25 -61.64 28.90 -61.68
C VAL C 25 -60.59 30.01 -61.76
N GLN C 26 -59.61 29.97 -60.87
CA GLN C 26 -58.67 31.07 -60.71
C GLN C 26 -57.67 31.19 -61.85
N PHE C 27 -57.50 30.14 -62.66
CA PHE C 27 -56.48 30.20 -63.68
C PHE C 27 -56.97 29.87 -65.10
N SER C 28 -58.27 29.85 -65.33
CA SER C 28 -58.78 29.65 -66.69
C SER C 28 -58.63 30.94 -67.49
N THR C 29 -58.03 30.85 -68.67
CA THR C 29 -57.82 32.00 -69.54
C THR C 29 -58.82 32.00 -70.69
N SER C 30 -58.61 32.93 -71.63
CA SER C 30 -59.55 33.07 -72.75
C SER C 30 -59.18 32.16 -73.92
N GLU C 31 -57.88 32.09 -74.24
CA GLU C 31 -57.46 31.33 -75.42
C GLU C 31 -57.55 29.82 -75.21
N PHE C 32 -56.74 29.29 -74.29
CA PHE C 32 -56.65 27.85 -74.13
C PHE C 32 -57.45 27.40 -72.91
N ARG C 33 -58.23 26.34 -73.10
CA ARG C 33 -59.13 25.85 -72.08
C ARG C 33 -58.75 24.41 -71.75
N LEU C 34 -59.34 23.89 -70.68
CA LEU C 34 -58.96 22.59 -70.16
C LEU C 34 -60.14 21.64 -70.27
N THR C 35 -59.83 20.39 -70.59
CA THR C 35 -60.81 19.30 -70.65
C THR C 35 -60.40 18.32 -69.58
N PRO C 36 -60.88 18.47 -68.36
CA PRO C 36 -60.48 17.55 -67.30
C PRO C 36 -61.28 16.27 -67.38
N HIS C 37 -60.60 15.13 -67.35
CA HIS C 37 -61.28 13.86 -67.15
C HIS C 37 -60.92 13.39 -65.75
N ILE C 38 -61.86 13.58 -64.83
CA ILE C 38 -61.64 13.29 -63.43
C ILE C 38 -62.09 11.87 -63.15
N ASP C 39 -61.22 11.09 -62.51
CA ASP C 39 -61.50 9.71 -62.14
C ASP C 39 -61.29 9.59 -60.64
N ASN C 40 -62.39 9.60 -59.90
CA ASN C 40 -62.33 9.30 -58.47
C ASN C 40 -62.26 7.78 -58.34
N LEU C 41 -61.05 7.25 -58.41
CA LEU C 41 -60.82 5.82 -58.33
C LEU C 41 -59.75 5.53 -57.29
N GLU C 42 -59.51 4.24 -57.07
CA GLU C 42 -58.69 3.82 -55.96
C GLU C 42 -57.21 4.03 -56.24
N VAL C 43 -56.39 3.71 -55.25
CA VAL C 43 -54.94 3.89 -55.35
C VAL C 43 -54.16 2.67 -54.91
N ALA C 44 -54.78 1.76 -54.15
CA ALA C 44 -54.03 0.64 -53.60
C ALA C 44 -53.90 -0.48 -54.63
N ASN C 45 -54.89 -0.63 -55.50
CA ASN C 45 -54.91 -1.76 -56.43
C ASN C 45 -54.30 -1.33 -57.76
N SER C 46 -53.10 -1.86 -58.04
CA SER C 46 -52.39 -1.54 -59.27
C SER C 46 -53.12 -2.04 -60.50
N PHE C 47 -53.97 -3.06 -60.36
CA PHE C 47 -54.87 -3.46 -61.43
C PHE C 47 -55.79 -2.32 -61.85
N ALA C 48 -56.46 -1.69 -60.88
CA ALA C 48 -57.36 -0.59 -61.20
C ALA C 48 -56.59 0.63 -61.67
N VAL C 49 -55.39 0.84 -61.13
CA VAL C 49 -54.55 1.96 -61.58
C VAL C 49 -54.14 1.76 -63.03
N THR C 50 -53.78 0.54 -63.39
CA THR C 50 -53.41 0.20 -64.76
C THR C 50 -54.60 0.35 -65.69
N ASN C 51 -55.78 -0.05 -65.20
CA ASN C 51 -57.02 0.12 -65.96
C ASN C 51 -57.29 1.59 -66.26
N ALA C 52 -57.16 2.44 -65.24
CA ALA C 52 -57.43 3.86 -65.43
C ALA C 52 -56.42 4.51 -66.36
N PHE C 53 -55.14 4.14 -66.23
CA PHE C 53 -54.13 4.78 -67.05
C PHE C 53 -54.21 4.33 -68.50
N CYS C 54 -54.45 3.03 -68.74
CA CYS C 54 -54.66 2.55 -70.09
C CYS C 54 -55.92 3.13 -70.70
N SER C 55 -56.97 3.34 -69.90
CA SER C 55 -58.19 3.93 -70.42
C SER C 55 -57.98 5.37 -70.82
N GLN C 56 -57.27 6.15 -70.00
CA GLN C 56 -57.09 7.55 -70.38
C GLN C 56 -56.05 7.75 -71.48
N PHE C 57 -55.08 6.84 -71.61
CA PHE C 57 -54.19 6.95 -72.76
C PHE C 57 -54.88 6.48 -74.04
N SER C 58 -55.86 5.59 -73.90
CA SER C 58 -56.74 5.29 -75.04
C SER C 58 -57.60 6.49 -75.38
N ARG C 59 -58.06 7.22 -74.36
CA ARG C 59 -58.76 8.49 -74.56
C ARG C 59 -57.89 9.55 -75.20
N GLY C 60 -56.57 9.45 -75.08
CA GLY C 60 -55.71 10.39 -75.77
C GLY C 60 -55.38 11.61 -74.95
N VAL C 61 -55.03 11.40 -73.68
CA VAL C 61 -54.75 12.48 -72.75
C VAL C 61 -53.40 13.13 -73.10
N TYR C 62 -53.31 14.45 -72.93
CA TYR C 62 -52.08 15.18 -73.19
C TYR C 62 -51.24 15.38 -71.94
N ALA C 63 -51.85 15.31 -70.77
CA ALA C 63 -51.12 15.46 -69.52
C ALA C 63 -51.88 14.76 -68.41
N ILE C 64 -51.19 13.85 -67.73
CA ILE C 64 -51.79 13.04 -66.68
C ILE C 64 -51.40 13.62 -65.32
N PHE C 65 -52.38 13.65 -64.42
CA PHE C 65 -52.22 14.18 -63.08
C PHE C 65 -52.98 13.28 -62.12
N GLY C 66 -52.41 13.06 -60.95
CA GLY C 66 -53.05 12.23 -59.97
C GLY C 66 -52.10 11.88 -58.87
N PHE C 67 -52.59 11.12 -57.90
CA PHE C 67 -51.80 10.81 -56.72
C PHE C 67 -51.32 9.37 -56.86
N TYR C 68 -50.45 8.94 -55.97
CA TYR C 68 -50.08 7.53 -55.90
C TYR C 68 -49.67 7.18 -54.50
N ASP C 69 -49.84 5.92 -54.16
CA ASP C 69 -49.44 5.37 -52.87
C ASP C 69 -48.11 4.65 -53.03
N LYS C 70 -47.69 3.92 -51.98
CA LYS C 70 -46.38 3.28 -52.06
C LYS C 70 -46.43 2.04 -52.93
N LYS C 71 -47.61 1.57 -53.30
CA LYS C 71 -47.71 0.31 -54.03
C LYS C 71 -47.85 0.49 -55.52
N SER C 72 -48.29 1.66 -55.99
CA SER C 72 -48.47 1.90 -57.41
C SER C 72 -47.39 2.78 -57.99
N VAL C 73 -46.37 3.13 -57.21
CA VAL C 73 -45.38 4.09 -57.66
C VAL C 73 -44.52 3.50 -58.77
N ASN C 74 -44.16 2.22 -58.66
CA ASN C 74 -43.41 1.57 -59.72
C ASN C 74 -44.25 1.37 -60.98
N THR C 75 -45.54 1.08 -60.82
CA THR C 75 -46.41 0.89 -61.98
C THR C 75 -46.53 2.20 -62.77
N ILE C 76 -46.69 3.31 -62.08
CA ILE C 76 -46.83 4.57 -62.80
C ILE C 76 -45.50 5.02 -63.39
N THR C 77 -44.38 4.85 -62.66
CA THR C 77 -43.13 5.30 -63.26
C THR C 77 -42.68 4.38 -64.38
N SER C 78 -43.09 3.10 -64.35
CA SER C 78 -42.76 2.14 -65.39
C SER C 78 -43.62 2.33 -66.64
N PHE C 79 -44.88 2.74 -66.50
CA PHE C 79 -45.63 3.18 -67.65
C PHE C 79 -45.14 4.50 -68.21
N CYS C 80 -44.78 5.46 -67.37
CA CYS C 80 -44.46 6.79 -67.89
C CYS C 80 -43.08 6.84 -68.53
N GLY C 81 -42.13 6.03 -68.05
CA GLY C 81 -40.84 5.95 -68.70
C GLY C 81 -40.92 5.36 -70.10
N THR C 82 -41.85 4.42 -70.31
CA THR C 82 -42.06 3.89 -71.64
C THR C 82 -42.84 4.86 -72.51
N LEU C 83 -44.02 5.26 -72.06
CA LEU C 83 -44.95 5.97 -72.93
C LEU C 83 -44.67 7.45 -73.05
N HIS C 84 -43.72 7.98 -72.28
CA HIS C 84 -43.22 9.36 -72.42
C HIS C 84 -44.34 10.39 -72.23
N VAL C 85 -45.08 10.24 -71.13
CA VAL C 85 -46.20 11.10 -70.81
C VAL C 85 -45.86 11.85 -69.54
N SER C 86 -46.10 13.15 -69.54
CA SER C 86 -45.75 13.99 -68.39
C SER C 86 -46.76 13.79 -67.27
N PHE C 87 -46.26 13.35 -66.11
CA PHE C 87 -47.09 13.08 -64.95
C PHE C 87 -46.70 14.02 -63.81
N ILE C 88 -47.70 14.52 -63.09
CA ILE C 88 -47.51 15.56 -62.08
C ILE C 88 -48.16 15.06 -60.80
N THR C 89 -47.51 15.29 -59.66
CA THR C 89 -48.07 14.72 -58.44
C THR C 89 -47.81 15.58 -57.22
N PRO C 90 -48.73 15.53 -56.26
CA PRO C 90 -48.45 16.02 -54.89
C PRO C 90 -48.04 14.93 -53.90
N SER C 91 -47.79 13.71 -54.34
CA SER C 91 -47.56 12.61 -53.41
C SER C 91 -46.13 12.67 -52.85
N PHE C 92 -45.71 11.60 -52.20
CA PHE C 92 -44.38 11.52 -51.66
C PHE C 92 -43.35 11.49 -52.79
N PRO C 93 -42.19 12.11 -52.60
CA PRO C 93 -41.15 12.06 -53.62
C PRO C 93 -40.53 10.68 -53.69
N THR C 94 -39.97 10.38 -54.86
CA THR C 94 -39.35 9.09 -55.12
C THR C 94 -37.93 9.05 -54.56
N ASP C 95 -37.20 8.03 -54.98
CA ASP C 95 -35.82 7.84 -54.57
C ASP C 95 -34.86 7.94 -55.76
N GLY C 96 -35.10 7.13 -56.79
CA GLY C 96 -34.29 7.21 -57.99
C GLY C 96 -34.79 8.31 -58.91
N THR C 97 -33.88 8.82 -59.72
CA THR C 97 -34.19 9.90 -60.67
C THR C 97 -35.01 9.31 -61.81
N HIS C 98 -36.31 9.47 -61.72
CA HIS C 98 -37.15 8.95 -62.78
C HIS C 98 -37.57 10.08 -63.71
N PRO C 99 -37.69 9.81 -65.01
CA PRO C 99 -38.14 10.84 -65.93
C PRO C 99 -39.65 11.00 -65.89
N PHE C 100 -40.11 12.13 -66.42
CA PHE C 100 -41.51 12.43 -66.71
C PHE C 100 -42.38 12.51 -65.45
N VAL C 101 -41.77 12.71 -64.28
CA VAL C 101 -42.51 12.82 -63.03
C VAL C 101 -42.12 14.14 -62.39
N ILE C 102 -43.06 15.07 -62.36
CA ILE C 102 -42.91 16.31 -61.63
C ILE C 102 -43.61 16.13 -60.30
N GLN C 103 -42.99 16.58 -59.22
CA GLN C 103 -43.57 16.37 -57.90
C GLN C 103 -43.51 17.65 -57.07
N MET C 104 -44.67 18.04 -56.57
CA MET C 104 -44.86 19.29 -55.85
C MET C 104 -44.44 19.21 -54.39
N ARG C 105 -44.45 18.04 -53.80
CA ARG C 105 -44.11 17.89 -52.39
C ARG C 105 -42.60 17.96 -52.23
N PRO C 106 -42.08 18.90 -51.45
CA PRO C 106 -40.63 19.05 -51.36
C PRO C 106 -40.02 17.98 -50.47
N ASP C 107 -38.69 17.89 -50.54
CA ASP C 107 -37.98 16.95 -49.69
C ASP C 107 -37.99 17.47 -48.26
N LEU C 108 -37.72 16.56 -47.32
CA LEU C 108 -37.84 16.86 -45.91
C LEU C 108 -36.60 16.54 -45.11
N LYS C 109 -35.81 15.57 -45.58
CA LYS C 109 -34.82 14.90 -44.75
C LYS C 109 -33.69 15.82 -44.32
N GLY C 110 -33.30 16.75 -45.19
CA GLY C 110 -32.30 17.73 -44.82
C GLY C 110 -32.76 18.64 -43.70
N ALA C 111 -34.02 19.10 -43.78
CA ALA C 111 -34.58 19.94 -42.73
C ALA C 111 -34.70 19.18 -41.42
N LEU C 112 -35.07 17.90 -41.50
CA LEU C 112 -35.28 17.15 -40.26
C LEU C 112 -33.94 16.84 -39.58
N LEU C 113 -32.91 16.52 -40.38
CA LEU C 113 -31.57 16.35 -39.82
C LEU C 113 -31.04 17.65 -39.24
N SER C 114 -31.32 18.77 -39.89
CA SER C 114 -30.90 20.06 -39.37
C SER C 114 -31.60 20.38 -38.05
N LEU C 115 -32.84 19.95 -37.91
CA LEU C 115 -33.55 20.24 -36.67
C LEU C 115 -33.04 19.35 -35.54
N ILE C 116 -32.65 18.11 -35.86
CA ILE C 116 -32.05 17.25 -34.84
C ILE C 116 -30.70 17.82 -34.40
N GLU C 117 -29.91 18.31 -35.36
CA GLU C 117 -28.65 18.93 -34.99
C GLU C 117 -28.85 20.23 -34.20
N TYR C 118 -29.94 20.94 -34.45
CA TYR C 118 -30.18 22.16 -33.70
C TYR C 118 -30.62 21.87 -32.28
N TYR C 119 -31.54 20.93 -32.09
CA TYR C 119 -31.93 20.53 -30.75
C TYR C 119 -30.85 19.75 -30.02
N GLN C 120 -29.82 19.27 -30.73
CA GLN C 120 -28.60 18.70 -30.17
C GLN C 120 -28.92 17.45 -29.33
N TRP C 121 -29.36 16.42 -30.04
CA TRP C 121 -29.76 15.16 -29.43
C TRP C 121 -28.69 14.10 -29.61
N ASP C 122 -28.88 12.99 -28.89
CA ASP C 122 -28.06 11.80 -29.13
C ASP C 122 -28.89 10.53 -29.13
N LYS C 123 -29.99 10.52 -28.38
CA LYS C 123 -30.74 9.29 -28.14
C LYS C 123 -32.23 9.57 -28.21
N PHE C 124 -32.90 8.87 -29.10
CA PHE C 124 -34.32 9.15 -29.28
C PHE C 124 -35.04 7.96 -29.88
N ALA C 125 -36.36 8.00 -29.79
CA ALA C 125 -37.19 7.02 -30.44
C ALA C 125 -37.82 7.61 -31.69
N TYR C 126 -38.25 6.72 -32.58
CA TYR C 126 -38.66 7.10 -33.93
C TYR C 126 -39.81 6.19 -34.33
N LEU C 127 -41.03 6.71 -34.28
CA LEU C 127 -42.17 5.90 -34.68
C LEU C 127 -42.50 6.18 -36.13
N TYR C 128 -42.60 5.10 -36.92
CA TYR C 128 -42.81 5.33 -38.35
C TYR C 128 -44.03 4.58 -38.83
N ASP C 129 -44.55 5.03 -39.97
CA ASP C 129 -45.56 4.31 -40.73
C ASP C 129 -44.97 3.94 -42.08
N SER C 130 -45.39 2.79 -42.60
CA SER C 130 -44.75 2.27 -43.80
C SER C 130 -45.37 2.80 -45.08
N ASP C 131 -46.64 3.24 -45.03
CA ASP C 131 -47.41 3.50 -46.24
C ASP C 131 -46.89 4.70 -47.02
N ARG C 132 -46.25 5.64 -46.36
CA ARG C 132 -45.71 6.80 -47.06
C ARG C 132 -44.32 6.50 -47.60
N GLY C 133 -43.72 5.39 -47.20
CA GLY C 133 -42.39 5.04 -47.63
C GLY C 133 -41.42 4.93 -46.47
N LEU C 134 -40.21 4.49 -46.78
CA LEU C 134 -39.19 4.28 -45.77
C LEU C 134 -37.90 5.02 -46.06
N SER C 135 -37.94 6.04 -46.92
CA SER C 135 -36.73 6.76 -47.28
C SER C 135 -36.16 7.55 -46.12
N THR C 136 -37.02 8.15 -45.30
CA THR C 136 -36.51 8.88 -44.13
C THR C 136 -35.90 7.94 -43.12
N LEU C 137 -36.46 6.73 -43.00
CA LEU C 137 -35.89 5.74 -42.10
C LEU C 137 -34.54 5.27 -42.61
N GLN C 138 -34.39 5.14 -43.92
CA GLN C 138 -33.08 4.82 -44.47
C GLN C 138 -32.12 5.99 -44.35
N ALA C 139 -32.64 7.21 -44.29
CA ALA C 139 -31.77 8.36 -44.23
C ALA C 139 -31.21 8.57 -42.84
N VAL C 140 -32.05 8.47 -41.81
CA VAL C 140 -31.58 8.87 -40.48
C VAL C 140 -30.67 7.81 -39.88
N LEU C 141 -30.72 6.58 -40.37
CA LEU C 141 -29.81 5.56 -39.87
C LEU C 141 -28.37 5.80 -40.31
N ASP C 142 -28.16 6.43 -41.45
CA ASP C 142 -26.79 6.72 -41.88
C ASP C 142 -26.19 7.84 -41.03
N SER C 143 -26.98 8.86 -40.72
CA SER C 143 -26.50 9.90 -39.83
C SER C 143 -26.39 9.39 -38.41
N ALA C 144 -27.14 8.34 -38.06
CA ALA C 144 -26.91 7.68 -36.78
C ALA C 144 -25.61 6.92 -36.79
N ALA C 145 -25.25 6.35 -37.94
CA ALA C 145 -23.98 5.65 -38.06
C ALA C 145 -22.81 6.62 -38.01
N GLU C 146 -23.02 7.85 -38.48
CA GLU C 146 -21.94 8.82 -38.48
C GLU C 146 -21.83 9.53 -37.14
N LYS C 147 -22.91 10.16 -36.68
CA LYS C 147 -22.89 11.00 -35.49
C LYS C 147 -23.06 10.20 -34.21
N LYS C 148 -22.91 8.87 -34.27
CA LYS C 148 -23.06 7.91 -33.16
C LYS C 148 -24.29 8.17 -32.28
N TRP C 149 -25.47 8.14 -32.91
CA TRP C 149 -26.71 8.33 -32.18
C TRP C 149 -27.24 7.01 -31.64
N GLN C 150 -27.99 7.10 -30.54
CA GLN C 150 -28.70 5.95 -29.98
C GLN C 150 -30.15 6.04 -30.42
N VAL C 151 -30.51 5.25 -31.43
CA VAL C 151 -31.78 5.39 -32.11
C VAL C 151 -32.59 4.12 -31.89
N THR C 152 -33.84 4.27 -31.45
CA THR C 152 -34.77 3.16 -31.41
C THR C 152 -35.94 3.45 -32.32
N ALA C 153 -36.11 2.65 -33.37
CA ALA C 153 -37.13 2.90 -34.38
C ALA C 153 -38.14 1.76 -34.41
N ILE C 154 -39.42 2.11 -34.36
CA ILE C 154 -40.47 1.11 -34.17
C ILE C 154 -41.56 1.34 -35.23
N ASN C 155 -41.99 0.25 -35.86
CA ASN C 155 -43.13 0.29 -36.76
C ASN C 155 -44.41 0.47 -35.96
N VAL C 156 -45.37 1.18 -36.56
CA VAL C 156 -46.67 1.34 -35.93
C VAL C 156 -47.83 1.09 -36.88
N GLY C 157 -47.61 1.05 -38.19
CA GLY C 157 -48.69 1.05 -39.16
C GLY C 157 -49.43 -0.26 -39.36
N ASN C 158 -48.99 -1.33 -38.70
CA ASN C 158 -49.63 -2.62 -38.91
C ASN C 158 -50.78 -2.87 -37.93
N ILE C 159 -50.90 -2.04 -36.90
CA ILE C 159 -51.82 -2.34 -35.82
C ILE C 159 -53.25 -2.03 -36.24
N ASN C 160 -54.12 -3.03 -36.09
CA ASN C 160 -55.50 -2.90 -36.54
C ASN C 160 -56.35 -2.18 -35.51
N ASN C 161 -57.40 -1.52 -36.01
CA ASN C 161 -58.23 -0.58 -35.24
C ASN C 161 -58.86 -1.22 -34.01
N ASP C 162 -59.27 -2.48 -34.11
CA ASP C 162 -59.89 -3.20 -33.00
C ASP C 162 -58.97 -3.37 -31.80
N LYS C 163 -57.68 -3.07 -31.92
CA LYS C 163 -56.78 -3.19 -30.78
C LYS C 163 -56.07 -1.87 -30.49
N LYS C 164 -56.54 -0.74 -31.02
CA LYS C 164 -55.70 0.45 -30.85
C LYS C 164 -55.96 1.19 -29.54
N ASP C 165 -56.02 0.45 -28.45
CA ASP C 165 -56.11 1.03 -27.12
C ASP C 165 -55.07 0.45 -26.17
N GLU C 166 -54.79 -0.86 -26.27
CA GLU C 166 -53.81 -1.51 -25.43
C GLU C 166 -52.49 -1.77 -26.11
N THR C 167 -52.48 -1.88 -27.44
CA THR C 167 -51.24 -2.07 -28.17
C THR C 167 -50.35 -0.85 -28.07
N TYR C 168 -50.93 0.34 -28.25
CA TYR C 168 -50.16 1.56 -28.06
C TYR C 168 -49.71 1.72 -26.63
N ARG C 169 -50.52 1.24 -25.68
CA ARG C 169 -50.15 1.31 -24.27
C ARG C 169 -48.96 0.42 -23.98
N SER C 170 -48.96 -0.79 -24.55
CA SER C 170 -47.82 -1.69 -24.40
C SER C 170 -46.59 -1.12 -25.07
N LEU C 171 -46.79 -0.42 -26.20
CA LEU C 171 -45.70 0.25 -26.89
C LEU C 171 -45.06 1.34 -26.03
N PHE C 172 -45.89 2.19 -25.41
CA PHE C 172 -45.34 3.22 -24.55
C PHE C 172 -44.77 2.68 -23.25
N GLN C 173 -45.30 1.58 -22.73
CA GLN C 173 -44.67 0.94 -21.57
C GLN C 173 -43.31 0.37 -21.94
N ASP C 174 -43.16 -0.14 -23.16
CA ASP C 174 -41.87 -0.65 -23.60
C ASP C 174 -40.91 0.49 -23.93
N LEU C 175 -41.44 1.66 -24.27
CA LEU C 175 -40.60 2.85 -24.28
C LEU C 175 -40.18 3.25 -22.87
N GLU C 176 -41.08 3.08 -21.90
CA GLU C 176 -40.74 3.41 -20.52
C GLU C 176 -39.86 2.36 -19.88
N LEU C 177 -39.58 1.24 -20.56
CA LEU C 177 -38.49 0.38 -20.12
C LEU C 177 -37.16 1.09 -20.24
N LYS C 178 -37.01 1.99 -21.20
CA LYS C 178 -35.83 2.80 -21.31
C LYS C 178 -36.08 4.26 -20.96
N LYS C 179 -37.33 4.63 -20.71
CA LYS C 179 -37.76 5.99 -20.36
C LYS C 179 -37.32 7.01 -21.42
N GLU C 180 -37.90 6.86 -22.60
CA GLU C 180 -37.58 7.73 -23.71
C GLU C 180 -38.16 9.12 -23.49
N ARG C 181 -37.40 10.11 -23.90
CA ARG C 181 -37.77 11.49 -23.69
C ARG C 181 -37.98 12.25 -24.98
N ARG C 182 -37.47 11.76 -26.09
CA ARG C 182 -37.43 12.50 -27.34
C ARG C 182 -38.00 11.57 -28.40
N VAL C 183 -39.13 11.95 -28.99
CA VAL C 183 -39.84 11.09 -29.93
C VAL C 183 -40.03 11.85 -31.22
N ILE C 184 -39.65 11.23 -32.34
CA ILE C 184 -40.03 11.71 -33.65
C ILE C 184 -41.18 10.86 -34.15
N LEU C 185 -42.34 11.47 -34.30
CA LEU C 185 -43.45 10.80 -34.97
C LEU C 185 -43.30 11.06 -36.47
N ASP C 186 -43.61 10.06 -37.27
CA ASP C 186 -43.52 10.22 -38.72
C ASP C 186 -44.67 9.43 -39.33
N CYS C 187 -45.80 10.10 -39.51
CA CYS C 187 -46.99 9.41 -40.00
C CYS C 187 -47.82 10.39 -40.81
N GLU C 188 -49.06 10.01 -41.09
CA GLU C 188 -50.02 10.94 -41.67
C GLU C 188 -50.86 11.58 -40.57
N ARG C 189 -51.71 12.51 -41.00
CA ARG C 189 -52.48 13.35 -40.07
C ARG C 189 -53.49 12.52 -39.28
N ASP C 190 -54.02 11.47 -39.89
CA ASP C 190 -54.95 10.60 -39.18
C ASP C 190 -54.25 9.82 -38.08
N LYS C 191 -53.07 9.30 -38.37
CA LYS C 191 -52.33 8.56 -37.35
C LYS C 191 -51.83 9.47 -36.25
N VAL C 192 -51.50 10.72 -36.59
CA VAL C 192 -51.10 11.69 -35.56
C VAL C 192 -52.26 11.99 -34.62
N ASN C 193 -53.44 12.24 -35.18
CA ASN C 193 -54.62 12.46 -34.35
C ASN C 193 -55.03 11.21 -33.57
N ASP C 194 -54.66 10.02 -34.05
CA ASP C 194 -54.97 8.81 -33.30
C ASP C 194 -53.94 8.54 -32.21
N ILE C 195 -52.72 9.04 -32.39
CA ILE C 195 -51.68 8.72 -31.42
C ILE C 195 -51.57 9.80 -30.32
N VAL C 196 -51.91 11.05 -30.61
CA VAL C 196 -51.78 12.10 -29.61
C VAL C 196 -52.87 11.97 -28.56
N ASP C 197 -54.05 11.50 -28.95
CA ASP C 197 -55.10 11.19 -27.99
C ASP C 197 -54.68 10.06 -27.06
N GLN C 198 -53.92 9.10 -27.58
CA GLN C 198 -53.41 8.04 -26.73
C GLN C 198 -52.33 8.56 -25.79
N VAL C 199 -51.53 9.52 -26.26
CA VAL C 199 -50.54 10.16 -25.39
C VAL C 199 -51.22 10.92 -24.26
N ILE C 200 -52.37 11.53 -24.55
CA ILE C 200 -53.15 12.20 -23.52
C ILE C 200 -53.71 11.18 -22.53
N THR C 201 -54.20 10.05 -23.05
CA THR C 201 -54.77 9.01 -22.19
C THR C 201 -53.73 8.42 -21.24
N ILE C 202 -52.51 8.24 -21.74
CA ILE C 202 -51.45 7.78 -20.85
C ILE C 202 -50.86 8.94 -20.04
N GLY C 203 -51.15 10.18 -20.42
CA GLY C 203 -50.76 11.32 -19.60
C GLY C 203 -49.34 11.79 -19.76
N LYS C 204 -48.75 11.62 -20.93
CA LYS C 204 -47.35 11.96 -21.15
C LYS C 204 -47.18 13.31 -21.85
N HIS C 205 -48.03 14.28 -21.53
CA HIS C 205 -47.95 15.61 -22.12
C HIS C 205 -47.38 16.63 -21.17
N VAL C 206 -46.77 16.19 -20.08
CA VAL C 206 -46.19 17.08 -19.07
C VAL C 206 -44.82 17.56 -19.52
N LYS C 207 -44.25 18.48 -18.74
CA LYS C 207 -42.88 18.93 -18.92
C LYS C 207 -41.90 17.77 -18.94
N GLY C 208 -40.94 17.86 -19.86
CA GLY C 208 -39.83 16.93 -19.95
C GLY C 208 -39.79 16.16 -21.25
N TYR C 209 -40.93 15.69 -21.73
CA TYR C 209 -41.01 14.93 -22.96
C TYR C 209 -40.90 15.90 -24.12
N HIS C 210 -40.60 15.37 -25.30
CA HIS C 210 -40.32 16.26 -26.41
C HIS C 210 -40.73 15.55 -27.68
N TYR C 211 -41.46 16.26 -28.54
CA TYR C 211 -42.12 15.64 -29.67
C TYR C 211 -41.82 16.42 -30.94
N ILE C 212 -41.52 15.70 -32.00
CA ILE C 212 -41.35 16.33 -33.30
C ILE C 212 -42.26 15.65 -34.31
N ILE C 213 -43.10 16.43 -34.97
CA ILE C 213 -44.06 15.91 -35.94
C ILE C 213 -43.51 16.10 -37.34
N ALA C 214 -43.34 15.01 -38.06
CA ALA C 214 -42.75 15.09 -39.40
C ALA C 214 -43.82 15.18 -40.48
N ASN C 215 -44.78 16.07 -40.29
CA ASN C 215 -45.77 16.33 -41.31
C ASN C 215 -45.68 17.79 -41.71
N LEU C 216 -45.86 18.03 -43.01
CA LEU C 216 -45.76 19.39 -43.53
C LEU C 216 -46.91 20.25 -43.02
N GLY C 217 -48.07 19.65 -42.78
CA GLY C 217 -49.21 20.35 -42.22
C GLY C 217 -49.25 20.34 -40.71
N PHE C 218 -48.39 21.14 -40.09
CA PHE C 218 -48.21 21.11 -38.64
C PHE C 218 -49.42 21.65 -37.90
N THR C 219 -50.17 22.56 -38.51
CA THR C 219 -51.40 23.05 -37.91
C THR C 219 -52.63 22.32 -38.43
N ASP C 220 -52.46 21.18 -39.10
CA ASP C 220 -53.65 20.48 -39.57
C ASP C 220 -54.26 19.63 -38.47
N GLY C 221 -53.43 19.00 -37.64
CA GLY C 221 -53.91 18.22 -36.53
C GLY C 221 -54.48 19.11 -35.44
N ASP C 222 -55.27 18.48 -34.56
CA ASP C 222 -55.89 19.19 -33.46
C ASP C 222 -54.87 19.27 -32.32
N LEU C 223 -54.06 20.32 -32.34
CA LEU C 223 -53.04 20.54 -31.33
C LEU C 223 -53.57 21.24 -30.09
N LEU C 224 -54.85 21.58 -30.06
CA LEU C 224 -55.41 22.33 -28.95
C LEU C 224 -55.57 21.45 -27.73
N LYS C 225 -55.53 20.13 -27.90
CA LYS C 225 -55.66 19.24 -26.77
C LYS C 225 -54.34 18.94 -26.09
N ILE C 226 -53.22 19.42 -26.63
CA ILE C 226 -51.93 19.36 -25.94
C ILE C 226 -51.24 20.72 -25.90
N GLN C 227 -51.97 21.80 -26.15
CA GLN C 227 -51.35 23.12 -26.11
C GLN C 227 -50.97 23.52 -24.70
N PHE C 228 -51.79 23.16 -23.73
CA PHE C 228 -51.68 23.68 -22.37
C PHE C 228 -51.13 22.62 -21.43
N GLY C 229 -50.62 21.55 -22.00
CA GLY C 229 -50.17 20.42 -21.20
C GLY C 229 -48.86 20.67 -20.50
N GLY C 230 -47.80 20.88 -21.27
CA GLY C 230 -46.48 21.03 -20.69
C GLY C 230 -45.38 20.41 -21.54
N ALA C 231 -45.77 19.57 -22.48
CA ALA C 231 -44.82 18.97 -23.41
C ALA C 231 -44.36 20.01 -24.44
N GLU C 232 -43.36 19.67 -25.23
CA GLU C 232 -42.76 20.58 -26.19
C GLU C 232 -42.86 19.98 -27.58
N VAL C 233 -43.73 20.54 -28.42
CA VAL C 233 -44.07 19.96 -29.71
C VAL C 233 -43.61 20.88 -30.81
N SER C 234 -42.72 20.38 -31.66
CA SER C 234 -42.24 21.17 -32.78
C SER C 234 -42.56 20.50 -34.09
N GLY C 235 -42.58 21.29 -35.14
CA GLY C 235 -42.86 20.79 -36.48
C GLY C 235 -42.50 21.87 -37.46
N PHE C 236 -43.19 21.87 -38.61
CA PHE C 236 -42.83 22.75 -39.70
C PHE C 236 -43.99 22.92 -40.67
N GLN C 237 -43.96 24.04 -41.38
CA GLN C 237 -44.98 24.41 -42.34
C GLN C 237 -44.38 24.72 -43.70
N ILE C 238 -45.19 24.54 -44.73
CA ILE C 238 -44.89 25.04 -46.06
C ILE C 238 -45.92 26.09 -46.47
N VAL C 239 -47.02 26.20 -45.75
CA VAL C 239 -48.09 27.15 -46.06
C VAL C 239 -47.96 28.34 -45.13
N ASP C 240 -47.74 29.52 -45.71
CA ASP C 240 -47.44 30.71 -44.95
C ASP C 240 -48.70 31.58 -44.82
N TYR C 241 -49.39 31.47 -43.69
CA TYR C 241 -50.57 32.29 -43.43
C TYR C 241 -50.24 33.76 -43.21
N ASP C 242 -48.98 34.14 -43.09
CA ASP C 242 -48.57 35.53 -42.97
C ASP C 242 -48.45 36.23 -44.31
N ASP C 243 -48.54 35.51 -45.42
CA ASP C 243 -48.35 36.16 -46.71
C ASP C 243 -49.68 36.72 -47.23
N SER C 244 -49.55 37.77 -48.05
CA SER C 244 -50.70 38.53 -48.50
C SER C 244 -51.56 37.72 -49.46
N LEU C 245 -50.92 37.04 -50.42
CA LEU C 245 -51.66 36.23 -51.38
C LEU C 245 -52.34 35.06 -50.71
N VAL C 246 -51.70 34.50 -49.69
CA VAL C 246 -52.28 33.38 -48.96
C VAL C 246 -53.46 33.86 -48.13
N SER C 247 -53.36 35.05 -47.55
CA SER C 247 -54.48 35.61 -46.82
C SER C 247 -55.64 35.95 -47.74
N LYS C 248 -55.35 36.42 -48.96
CA LYS C 248 -56.38 36.62 -49.96
C LYS C 248 -57.06 35.32 -50.33
N PHE C 249 -56.28 34.25 -50.45
CA PHE C 249 -56.84 32.94 -50.78
C PHE C 249 -57.69 32.41 -49.64
N ILE C 250 -57.32 32.69 -48.39
CA ILE C 250 -58.12 32.29 -47.25
C ILE C 250 -59.43 33.07 -47.22
N GLU C 251 -59.37 34.36 -47.52
CA GLU C 251 -60.58 35.19 -47.53
C GLU C 251 -61.52 34.79 -48.65
N ARG C 252 -60.99 34.44 -49.82
CA ARG C 252 -61.78 33.81 -50.87
C ARG C 252 -62.28 32.44 -50.46
N TRP C 253 -61.53 31.72 -49.62
CA TRP C 253 -61.80 30.33 -49.33
C TRP C 253 -62.98 30.16 -48.38
N SER C 254 -62.86 30.76 -47.19
CA SER C 254 -63.71 30.38 -46.06
C SER C 254 -65.16 30.79 -46.28
N THR C 255 -65.41 31.82 -47.08
CA THR C 255 -66.75 32.32 -47.32
C THR C 255 -67.57 31.42 -48.23
N LEU C 256 -66.96 30.42 -48.86
CA LEU C 256 -67.64 29.70 -49.92
C LEU C 256 -68.66 28.71 -49.36
N GLU C 257 -69.35 28.05 -50.29
CA GLU C 257 -70.42 27.13 -49.94
C GLU C 257 -69.90 25.73 -49.67
N GLU C 258 -70.20 25.22 -48.49
CA GLU C 258 -69.79 23.87 -48.11
C GLU C 258 -70.51 22.81 -48.94
N LYS C 259 -71.73 23.10 -49.38
CA LYS C 259 -72.46 22.14 -50.20
C LYS C 259 -71.89 22.09 -51.61
N GLU C 260 -71.52 23.25 -52.16
CA GLU C 260 -70.97 23.26 -53.50
C GLU C 260 -69.52 22.79 -53.51
N TYR C 261 -68.79 23.06 -52.44
CA TYR C 261 -67.42 22.58 -52.31
C TYR C 261 -67.24 22.00 -50.91
N PRO C 262 -67.24 20.67 -50.77
CA PRO C 262 -67.13 20.06 -49.44
C PRO C 262 -65.74 20.25 -48.86
N GLY C 263 -65.69 20.43 -47.55
CA GLY C 263 -64.42 20.64 -46.86
C GLY C 263 -63.74 21.94 -47.20
N ALA C 264 -64.51 23.01 -47.42
CA ALA C 264 -63.93 24.28 -47.82
C ALA C 264 -64.40 25.46 -46.99
N HIS C 265 -65.35 25.27 -46.08
CA HIS C 265 -65.84 26.37 -45.26
C HIS C 265 -65.14 26.37 -43.90
N THR C 266 -63.81 26.44 -43.96
CA THR C 266 -62.96 26.48 -42.77
C THR C 266 -61.91 27.56 -42.91
N ALA C 267 -61.16 27.76 -41.83
CA ALA C 267 -60.10 28.76 -41.84
C ALA C 267 -58.81 28.19 -42.39
N THR C 268 -58.54 26.92 -42.12
CA THR C 268 -57.28 26.28 -42.49
C THR C 268 -57.49 25.40 -43.71
N ILE C 269 -56.40 24.82 -44.21
CA ILE C 269 -56.40 24.03 -45.43
C ILE C 269 -55.26 23.02 -45.33
N LYS C 270 -55.35 21.97 -46.13
CA LYS C 270 -54.29 20.97 -46.13
C LYS C 270 -53.24 21.31 -47.18
N TYR C 271 -52.00 20.88 -46.91
CA TYR C 271 -50.91 21.17 -47.83
C TYR C 271 -51.05 20.38 -49.12
N THR C 272 -51.74 19.23 -49.06
CA THR C 272 -52.10 18.51 -50.26
C THR C 272 -53.00 19.34 -51.17
N SER C 273 -54.04 19.95 -50.59
CA SER C 273 -54.91 20.81 -51.37
C SER C 273 -54.20 22.07 -51.83
N ALA C 274 -53.22 22.55 -51.05
CA ALA C 274 -52.45 23.71 -51.46
C ALA C 274 -51.60 23.41 -52.69
N LEU C 275 -50.94 22.25 -52.69
CA LEU C 275 -50.19 21.85 -53.86
C LEU C 275 -51.11 21.52 -55.04
N THR C 276 -52.33 21.06 -54.74
CA THR C 276 -53.33 20.84 -55.78
C THR C 276 -53.70 22.15 -56.46
N TYR C 277 -53.89 23.20 -55.67
CA TYR C 277 -54.14 24.52 -56.22
C TYR C 277 -52.94 25.04 -57.00
N ASP C 278 -51.72 24.70 -56.56
CA ASP C 278 -50.54 25.18 -57.27
C ASP C 278 -50.34 24.47 -58.60
N ALA C 279 -50.78 23.21 -58.68
CA ALA C 279 -50.55 22.42 -59.88
C ALA C 279 -51.31 22.96 -61.08
N VAL C 280 -52.48 23.56 -60.84
CA VAL C 280 -53.26 24.12 -61.93
C VAL C 280 -52.56 25.35 -62.50
N GLN C 281 -51.97 26.16 -61.63
CA GLN C 281 -51.18 27.32 -62.08
C GLN C 281 -49.96 26.87 -62.85
N VAL C 282 -49.33 25.77 -62.42
CA VAL C 282 -48.21 25.19 -63.16
C VAL C 282 -48.65 24.75 -64.55
N MET C 283 -49.81 24.11 -64.63
CA MET C 283 -50.33 23.60 -65.90
C MET C 283 -50.66 24.74 -66.87
N THR C 284 -51.31 25.79 -66.34
CA THR C 284 -51.69 26.93 -67.16
C THR C 284 -50.46 27.69 -67.65
N GLU C 285 -49.45 27.86 -66.78
CA GLU C 285 -48.21 28.51 -67.19
C GLU C 285 -47.46 27.69 -68.23
N ALA C 286 -47.49 26.36 -68.10
CA ALA C 286 -46.81 25.49 -69.05
C ALA C 286 -47.46 25.60 -70.44
N PHE C 287 -48.77 25.38 -70.52
CA PHE C 287 -49.43 25.50 -71.81
C PHE C 287 -49.52 26.94 -72.32
N ARG C 288 -49.33 27.93 -71.44
CA ARG C 288 -49.11 29.30 -71.85
C ARG C 288 -47.80 29.47 -72.61
N ASN C 289 -46.68 29.05 -72.02
CA ASN C 289 -45.40 29.20 -72.69
C ASN C 289 -45.24 28.28 -73.89
N LEU C 290 -46.04 27.22 -73.98
CA LEU C 290 -46.14 26.46 -75.21
C LEU C 290 -46.66 27.27 -76.40
N ARG C 291 -47.55 28.24 -76.16
CA ARG C 291 -48.04 29.05 -77.26
C ARG C 291 -47.01 30.11 -77.66
N LYS C 292 -46.31 30.69 -76.67
CA LYS C 292 -45.37 31.75 -76.98
C LYS C 292 -44.07 31.20 -77.56
N GLN C 293 -43.71 29.97 -77.20
CA GLN C 293 -42.64 29.28 -77.92
C GLN C 293 -43.14 28.59 -79.18
N ARG C 294 -44.46 28.62 -79.41
CA ARG C 294 -45.11 28.12 -80.63
C ARG C 294 -44.86 26.64 -80.84
N ILE C 295 -44.83 25.89 -79.74
CA ILE C 295 -44.70 24.44 -79.80
C ILE C 295 -46.09 23.86 -79.95
N GLU C 296 -46.33 23.14 -81.03
CA GLU C 296 -47.64 22.55 -81.25
C GLU C 296 -47.65 21.10 -80.76
N ILE C 297 -48.62 20.80 -79.92
CA ILE C 297 -48.78 19.48 -79.31
C ILE C 297 -50.04 18.85 -79.88
N SER C 298 -50.33 19.19 -81.14
CA SER C 298 -51.50 18.72 -81.86
C SER C 298 -51.53 17.21 -81.97
N ARG C 299 -52.74 16.66 -82.11
CA ARG C 299 -53.07 15.26 -81.86
C ARG C 299 -52.26 14.28 -82.69
N ARG C 300 -51.85 13.20 -82.02
CA ARG C 300 -51.14 12.08 -82.61
C ARG C 300 -52.13 10.97 -82.96
N GLY C 301 -51.62 9.77 -83.28
CA GLY C 301 -52.45 8.59 -83.41
C GLY C 301 -53.24 8.34 -82.14
N ASN C 302 -54.48 7.88 -82.29
CA ASN C 302 -55.53 7.97 -81.26
C ASN C 302 -55.12 7.20 -79.99
N ALA C 303 -54.99 5.88 -80.03
CA ALA C 303 -54.76 5.18 -78.77
C ALA C 303 -53.45 4.42 -78.72
N GLY C 304 -53.28 3.38 -79.53
CA GLY C 304 -52.28 2.35 -79.27
C GLY C 304 -52.28 1.84 -77.84
N ASP C 305 -53.35 1.16 -77.40
CA ASP C 305 -53.99 1.33 -76.09
C ASP C 305 -53.06 1.42 -74.89
N CYS C 306 -52.45 0.31 -74.47
CA CYS C 306 -51.23 0.37 -73.67
C CYS C 306 -50.34 -0.84 -73.96
N LEU C 307 -50.88 -1.85 -74.64
CA LEU C 307 -50.16 -3.09 -74.82
C LEU C 307 -49.50 -3.16 -76.18
N ALA C 308 -49.03 -2.01 -76.68
CA ALA C 308 -48.27 -1.99 -77.92
C ALA C 308 -46.91 -2.63 -77.69
N ASN C 309 -46.60 -3.67 -78.45
CA ASN C 309 -45.37 -4.41 -78.20
C ASN C 309 -44.18 -3.63 -78.76
N PRO C 310 -44.23 -3.07 -80.01
CA PRO C 310 -43.26 -1.98 -80.28
C PRO C 310 -43.86 -0.61 -79.97
N ALA C 311 -43.95 -0.32 -78.67
CA ALA C 311 -44.62 0.90 -78.16
C ALA C 311 -43.97 2.17 -78.68
N VAL C 312 -44.79 3.14 -79.07
CA VAL C 312 -44.33 4.28 -79.85
C VAL C 312 -44.47 5.55 -79.01
N PRO C 313 -43.36 6.22 -78.73
CA PRO C 313 -43.41 7.52 -78.05
C PRO C 313 -43.65 8.66 -79.03
N TRP C 314 -43.59 9.88 -78.48
CA TRP C 314 -43.60 11.12 -79.24
C TRP C 314 -43.02 12.21 -78.36
N GLY C 315 -41.97 12.88 -78.85
CA GLY C 315 -41.11 13.82 -78.15
C GLY C 315 -41.65 15.21 -77.95
N GLN C 316 -42.84 15.50 -78.48
CA GLN C 316 -43.52 16.73 -78.14
C GLN C 316 -43.84 16.78 -76.65
N GLY C 317 -44.15 15.62 -76.06
CA GLY C 317 -44.24 15.53 -74.61
C GLY C 317 -42.92 15.75 -73.90
N VAL C 318 -41.80 15.41 -74.55
CA VAL C 318 -40.49 15.70 -73.98
C VAL C 318 -40.25 17.20 -73.98
N GLU C 319 -40.75 17.90 -75.00
CA GLU C 319 -40.58 19.35 -75.00
C GLU C 319 -41.58 20.04 -74.08
N ILE C 320 -42.75 19.41 -73.89
CA ILE C 320 -43.65 19.77 -72.78
C ILE C 320 -42.91 19.69 -71.46
N GLU C 321 -42.18 18.60 -71.26
CA GLU C 321 -41.39 18.41 -70.05
C GLU C 321 -40.30 19.48 -69.91
N ARG C 322 -39.64 19.83 -71.02
CA ARG C 322 -38.63 20.88 -70.99
C ARG C 322 -39.23 22.22 -70.61
N ALA C 323 -40.44 22.49 -71.09
CA ALA C 323 -41.17 23.67 -70.65
C ALA C 323 -41.59 23.58 -69.19
N LEU C 324 -41.90 22.37 -68.71
CA LEU C 324 -42.28 22.18 -67.31
C LEU C 324 -41.13 22.52 -66.39
N LYS C 325 -39.92 22.01 -66.68
CA LYS C 325 -38.77 22.29 -65.84
C LYS C 325 -38.35 23.76 -65.85
N GLN C 326 -38.75 24.52 -66.87
CA GLN C 326 -38.38 25.93 -66.94
C GLN C 326 -39.45 26.85 -66.37
N VAL C 327 -40.47 26.31 -65.70
CA VAL C 327 -41.46 27.14 -65.04
C VAL C 327 -40.82 27.75 -63.79
N GLN C 328 -40.96 29.06 -63.63
CA GLN C 328 -40.56 29.73 -62.39
C GLN C 328 -41.68 30.71 -62.05
N VAL C 329 -42.68 30.25 -61.31
CA VAL C 329 -43.78 31.11 -60.87
C VAL C 329 -43.87 31.07 -59.36
N GLU C 330 -44.86 31.76 -58.81
CA GLU C 330 -45.00 31.92 -57.37
C GLU C 330 -46.37 31.42 -56.93
N GLY C 331 -46.36 30.48 -56.00
CA GLY C 331 -47.61 29.92 -55.50
C GLY C 331 -47.72 29.95 -53.99
N LEU C 332 -48.59 29.09 -53.45
CA LEU C 332 -48.85 29.13 -52.00
C LEU C 332 -47.69 28.56 -51.20
N SER C 333 -46.82 27.78 -51.82
CA SER C 333 -45.60 27.35 -51.15
C SER C 333 -44.45 28.32 -51.40
N GLY C 334 -44.69 29.43 -52.08
CA GLY C 334 -43.64 30.38 -52.36
C GLY C 334 -43.05 30.22 -53.75
N ASN C 335 -41.72 30.15 -53.84
CA ASN C 335 -41.06 29.98 -55.12
C ASN C 335 -41.00 28.50 -55.45
N ILE C 336 -40.97 28.19 -56.75
CA ILE C 336 -40.76 26.82 -57.23
C ILE C 336 -39.62 26.84 -58.23
N LYS C 337 -38.84 25.77 -58.27
CA LYS C 337 -37.80 25.60 -59.27
C LYS C 337 -37.57 24.10 -59.46
N PHE C 338 -37.29 23.70 -60.68
CA PHE C 338 -37.13 22.29 -60.98
C PHE C 338 -35.70 21.99 -61.39
N ASP C 339 -35.27 20.78 -61.08
CA ASP C 339 -33.95 20.30 -61.45
C ASP C 339 -34.02 19.67 -62.83
N GLN C 340 -32.99 18.92 -63.22
CA GLN C 340 -33.06 18.10 -64.43
C GLN C 340 -33.95 16.88 -64.26
N ASN C 341 -34.41 16.60 -63.04
CA ASN C 341 -35.11 15.36 -62.74
C ASN C 341 -36.58 15.58 -62.40
N GLY C 342 -37.00 16.82 -62.19
CA GLY C 342 -38.36 17.10 -61.78
C GLY C 342 -38.56 17.35 -60.31
N LYS C 343 -37.50 17.29 -59.51
CA LYS C 343 -37.63 17.54 -58.09
C LYS C 343 -37.49 19.03 -57.79
N ARG C 344 -38.12 19.47 -56.72
CA ARG C 344 -38.21 20.89 -56.43
C ARG C 344 -37.02 21.41 -55.63
N ILE C 345 -36.41 22.48 -56.14
CA ILE C 345 -35.45 23.29 -55.44
C ILE C 345 -35.94 24.74 -55.47
N ASN C 346 -35.13 25.60 -54.85
CA ASN C 346 -35.47 26.99 -54.51
C ASN C 346 -36.79 27.03 -53.74
N TYR C 347 -36.86 26.18 -52.71
CA TYR C 347 -38.00 26.12 -51.81
C TYR C 347 -37.55 26.50 -50.41
N THR C 348 -38.52 26.78 -49.55
CA THR C 348 -38.23 27.30 -48.23
C THR C 348 -39.24 26.73 -47.25
N ILE C 349 -38.74 26.15 -46.16
CA ILE C 349 -39.57 25.49 -45.16
C ILE C 349 -39.49 26.28 -43.87
N ASN C 350 -40.64 26.56 -43.26
CA ASN C 350 -40.60 27.32 -42.03
C ASN C 350 -40.79 26.39 -40.84
N ILE C 351 -40.11 26.69 -39.74
CA ILE C 351 -40.07 25.82 -38.57
C ILE C 351 -41.01 26.41 -37.52
N MET C 352 -41.87 25.58 -36.95
CA MET C 352 -42.90 26.02 -36.02
C MET C 352 -42.71 25.31 -34.68
N GLU C 353 -43.09 25.99 -33.60
CA GLU C 353 -43.01 25.45 -32.25
C GLU C 353 -44.29 25.80 -31.50
N LEU C 354 -44.90 24.83 -30.83
CA LEU C 354 -46.13 25.09 -30.10
C LEU C 354 -45.83 25.80 -28.79
N LYS C 355 -46.54 26.90 -28.56
CA LYS C 355 -46.45 27.63 -27.30
C LYS C 355 -47.83 27.81 -26.68
N THR C 356 -47.91 28.62 -25.63
CA THR C 356 -49.18 28.87 -24.97
C THR C 356 -50.12 29.68 -25.87
N ASN C 357 -49.56 30.68 -26.57
CA ASN C 357 -50.38 31.47 -27.48
C ASN C 357 -50.78 30.68 -28.72
N GLY C 358 -50.05 29.60 -29.03
CA GLY C 358 -50.36 28.78 -30.17
C GLY C 358 -49.09 28.43 -30.93
N PRO C 359 -49.24 28.07 -32.20
CA PRO C 359 -48.06 27.88 -33.04
C PRO C 359 -47.41 29.20 -33.35
N ARG C 360 -46.08 29.18 -33.44
CA ARG C 360 -45.34 30.38 -33.78
C ARG C 360 -44.07 29.98 -34.50
N LYS C 361 -43.52 30.91 -35.27
CA LYS C 361 -42.36 30.64 -36.10
C LYS C 361 -41.11 31.01 -35.32
N ILE C 362 -40.06 30.21 -35.46
CA ILE C 362 -38.77 30.54 -34.87
C ILE C 362 -37.66 30.61 -35.90
N GLY C 363 -37.87 30.11 -37.11
CA GLY C 363 -36.83 30.18 -38.11
C GLY C 363 -37.30 29.56 -39.41
N TYR C 364 -36.40 29.58 -40.37
CA TYR C 364 -36.67 29.01 -41.69
C TYR C 364 -35.47 28.23 -42.17
N TRP C 365 -35.66 27.56 -43.30
CA TRP C 365 -34.60 26.72 -43.87
C TRP C 365 -34.75 26.75 -45.38
N SER C 366 -33.64 27.00 -46.06
CA SER C 366 -33.63 27.04 -47.51
C SER C 366 -33.00 25.78 -48.08
N GLU C 367 -32.78 25.79 -49.39
CA GLU C 367 -32.36 24.58 -50.08
C GLU C 367 -30.88 24.27 -49.86
N VAL C 368 -30.00 25.27 -49.94
CA VAL C 368 -28.59 25.04 -49.66
C VAL C 368 -28.22 25.89 -48.46
N ASP C 369 -28.94 26.97 -48.26
CA ASP C 369 -28.76 27.79 -47.08
C ASP C 369 -29.37 27.05 -45.90
N LYS C 370 -28.58 26.83 -44.86
CA LYS C 370 -29.06 26.00 -43.77
C LYS C 370 -29.91 26.82 -42.79
N MET C 371 -30.16 26.26 -41.61
CA MET C 371 -31.21 26.74 -40.70
C MET C 371 -30.90 28.15 -40.20
N VAL C 372 -31.76 29.10 -40.54
CA VAL C 372 -31.61 30.48 -40.10
C VAL C 372 -32.76 30.80 -39.18
N LEU C 373 -32.45 30.98 -37.89
CA LEU C 373 -33.48 31.31 -36.93
C LEU C 373 -33.68 32.82 -36.86
N THR C 374 -34.93 33.24 -36.84
CA THR C 374 -35.30 34.67 -36.78
C THR C 374 -36.10 34.84 -35.50
N GLU C 375 -35.45 35.34 -34.46
CA GLU C 375 -36.14 35.58 -33.20
C GLU C 375 -37.10 36.75 -33.35
N ASP C 376 -38.38 36.41 -33.51
CA ASP C 376 -39.41 37.38 -33.80
C ASP C 376 -39.83 38.22 -32.60
N ASP C 377 -40.24 37.60 -31.50
CA ASP C 377 -40.64 38.35 -30.32
C ASP C 377 -39.93 37.83 -29.08
N THR C 378 -38.77 38.43 -28.77
CA THR C 378 -38.07 38.11 -27.54
C THR C 378 -38.62 38.87 -26.34
N SER C 379 -39.50 39.84 -26.57
CA SER C 379 -40.15 40.57 -25.49
C SER C 379 -41.35 39.77 -24.97
N GLY C 380 -42.12 40.39 -24.08
CA GLY C 380 -43.14 39.64 -23.38
C GLY C 380 -42.48 38.69 -22.42
N LEU C 381 -42.74 37.39 -22.61
CA LEU C 381 -42.02 36.28 -21.99
C LEU C 381 -42.11 36.36 -20.46
N GLU C 382 -43.32 36.12 -19.97
CA GLU C 382 -43.52 35.89 -18.55
C GLU C 382 -42.62 34.74 -18.08
N GLN C 383 -41.75 35.05 -17.13
CA GLN C 383 -40.68 34.15 -16.74
C GLN C 383 -41.24 32.93 -16.05
N LYS C 384 -41.04 31.76 -16.67
CA LYS C 384 -41.57 30.52 -16.14
C LYS C 384 -40.90 30.17 -14.83
N THR C 385 -41.65 29.47 -13.98
CA THR C 385 -41.10 29.07 -12.71
C THR C 385 -40.06 27.96 -12.90
N VAL C 386 -38.87 28.22 -12.40
CA VAL C 386 -37.76 27.28 -12.46
C VAL C 386 -38.02 26.21 -11.42
N VAL C 387 -38.26 24.99 -11.87
CA VAL C 387 -38.61 23.91 -10.95
C VAL C 387 -37.35 23.47 -10.24
N VAL C 388 -37.20 23.88 -8.99
CA VAL C 388 -36.02 23.59 -8.19
C VAL C 388 -36.34 22.37 -7.35
N THR C 389 -35.50 21.35 -7.44
CA THR C 389 -35.68 20.18 -6.61
C THR C 389 -34.65 20.17 -5.50
N THR C 390 -35.05 19.62 -4.36
CA THR C 390 -34.19 19.42 -3.20
C THR C 390 -34.83 18.36 -2.33
N ILE C 391 -34.10 17.93 -1.30
CA ILE C 391 -34.54 16.83 -0.46
C ILE C 391 -34.49 17.30 0.98
N LEU C 392 -35.50 16.91 1.77
CA LEU C 392 -35.60 17.38 3.14
C LEU C 392 -34.49 16.78 3.99
N GLU C 393 -33.71 17.65 4.62
CA GLU C 393 -32.58 17.22 5.41
C GLU C 393 -32.18 18.34 6.34
N SER C 394 -32.13 18.06 7.60
CA SER C 394 -31.65 19.05 8.53
C SER C 394 -30.12 19.13 8.43
N PRO C 395 -29.55 20.33 8.40
CA PRO C 395 -30.24 21.61 8.43
C PRO C 395 -30.40 22.26 7.06
N TYR C 396 -30.27 21.49 5.99
CA TYR C 396 -30.35 22.10 4.67
C TYR C 396 -31.77 22.46 4.30
N VAL C 397 -32.69 21.50 4.41
CA VAL C 397 -34.11 21.74 4.19
C VAL C 397 -34.85 21.24 5.42
N MET C 398 -35.54 22.14 6.10
CA MET C 398 -36.30 21.82 7.30
C MET C 398 -37.70 22.38 7.18
N MET C 399 -38.65 21.64 7.72
CA MET C 399 -40.04 22.07 7.72
C MET C 399 -40.27 23.13 8.80
N LYS C 400 -40.96 24.20 8.41
CA LYS C 400 -41.46 25.14 9.41
C LYS C 400 -42.69 24.50 10.04
N LYS C 401 -42.94 24.82 11.31
CA LYS C 401 -43.95 24.10 12.09
C LYS C 401 -45.38 24.41 11.66
N ASN C 402 -45.59 25.57 11.05
CA ASN C 402 -46.94 26.01 10.68
C ASN C 402 -47.16 25.85 9.19
N HIS C 403 -46.63 24.76 8.63
CA HIS C 403 -46.73 24.53 7.19
C HIS C 403 -48.14 24.15 6.77
N GLU C 404 -49.01 23.81 7.72
CA GLU C 404 -50.44 23.69 7.43
C GLU C 404 -51.00 25.01 6.93
N MET C 405 -50.81 26.06 7.72
CA MET C 405 -51.40 27.36 7.40
C MET C 405 -50.67 28.03 6.25
N LEU C 406 -49.34 27.86 6.19
CA LEU C 406 -48.56 28.59 5.19
C LEU C 406 -48.68 27.96 3.81
N GLU C 407 -47.99 28.53 2.82
CA GLU C 407 -48.22 28.08 1.46
C GLU C 407 -46.90 27.95 0.71
N GLY C 408 -46.72 26.78 0.09
CA GLY C 408 -45.76 26.63 -1.01
C GLY C 408 -44.32 26.80 -0.57
N ASN C 409 -43.74 27.90 -1.03
CA ASN C 409 -42.37 28.23 -0.68
C ASN C 409 -42.20 28.54 0.80
N GLU C 410 -43.22 29.11 1.45
CA GLU C 410 -43.01 29.61 2.79
C GLU C 410 -43.14 28.52 3.84
N ARG C 411 -43.42 27.29 3.42
CA ARG C 411 -43.45 26.18 4.37
C ARG C 411 -42.07 25.69 4.74
N TYR C 412 -41.04 26.14 4.03
CA TYR C 412 -39.72 25.53 4.08
C TYR C 412 -38.70 26.54 4.59
N GLU C 413 -37.84 26.13 5.51
CA GLU C 413 -36.71 26.93 5.95
C GLU C 413 -35.48 26.06 5.90
N GLY C 414 -34.34 26.62 6.26
CA GLY C 414 -33.13 25.84 6.37
C GLY C 414 -31.95 26.54 5.74
N TYR C 415 -30.91 25.76 5.45
CA TYR C 415 -29.70 26.33 4.89
C TYR C 415 -29.90 26.76 3.45
N CYS C 416 -30.20 25.81 2.57
CA CYS C 416 -30.30 26.11 1.15
C CYS C 416 -31.53 26.92 0.79
N VAL C 417 -32.53 26.97 1.69
CA VAL C 417 -33.69 27.83 1.49
C VAL C 417 -33.26 29.29 1.46
N ASP C 418 -32.28 29.66 2.26
CA ASP C 418 -31.70 30.99 2.17
C ASP C 418 -30.94 31.17 0.86
N LEU C 419 -30.22 30.14 0.43
CA LEU C 419 -29.36 30.27 -0.73
C LEU C 419 -30.16 30.38 -2.02
N ALA C 420 -31.36 29.78 -2.03
CA ALA C 420 -32.21 29.80 -3.21
C ALA C 420 -32.65 31.20 -3.59
N ALA C 421 -33.11 31.97 -2.60
CA ALA C 421 -33.50 33.35 -2.88
C ALA C 421 -32.31 34.20 -3.23
N GLU C 422 -31.12 33.86 -2.72
CA GLU C 422 -29.90 34.58 -3.08
C GLU C 422 -29.57 34.38 -4.55
N ILE C 423 -29.64 33.14 -5.02
CA ILE C 423 -29.34 32.85 -6.42
C ILE C 423 -30.39 33.46 -7.34
N ALA C 424 -31.66 33.40 -6.94
CA ALA C 424 -32.69 33.98 -7.78
C ALA C 424 -32.67 35.50 -7.77
N LYS C 425 -32.25 36.11 -6.66
CA LYS C 425 -32.04 37.54 -6.63
C LYS C 425 -30.85 37.93 -7.49
N HIS C 426 -29.87 37.04 -7.58
CA HIS C 426 -28.69 37.35 -8.38
C HIS C 426 -28.97 37.19 -9.87
N CYS C 427 -29.87 36.29 -10.24
CA CYS C 427 -30.08 35.99 -11.65
C CYS C 427 -31.47 36.32 -12.17
N GLY C 428 -32.32 36.98 -11.38
CA GLY C 428 -33.53 37.59 -11.89
C GLY C 428 -34.69 36.66 -12.21
N PHE C 429 -34.58 35.36 -11.95
CA PHE C 429 -35.65 34.45 -12.33
C PHE C 429 -36.62 34.24 -11.16
N LYS C 430 -37.62 33.38 -11.38
CA LYS C 430 -38.56 32.95 -10.35
C LYS C 430 -38.47 31.45 -10.23
N TYR C 431 -39.03 30.89 -9.15
CA TYR C 431 -38.87 29.46 -8.91
C TYR C 431 -40.00 28.92 -8.06
N LYS C 432 -39.93 27.60 -7.82
CA LYS C 432 -40.84 26.88 -6.95
C LYS C 432 -40.12 25.67 -6.40
N LEU C 433 -40.18 25.48 -5.09
CA LEU C 433 -39.47 24.38 -4.46
C LEU C 433 -40.26 23.10 -4.60
N THR C 434 -39.56 21.99 -4.85
CA THR C 434 -40.15 20.66 -4.87
C THR C 434 -39.30 19.71 -4.06
N ILE C 435 -39.96 18.69 -3.51
CA ILE C 435 -39.29 17.64 -2.76
C ILE C 435 -39.32 16.38 -3.61
N VAL C 436 -38.18 15.67 -3.65
CA VAL C 436 -38.06 14.50 -4.50
C VAL C 436 -38.96 13.38 -3.99
N GLY C 437 -39.47 12.57 -4.91
CA GLY C 437 -40.48 11.59 -4.60
C GLY C 437 -40.01 10.42 -3.77
N ASP C 438 -39.04 9.66 -4.28
CA ASP C 438 -38.54 8.50 -3.56
C ASP C 438 -37.75 8.88 -2.31
N GLY C 439 -37.15 10.06 -2.29
CA GLY C 439 -36.39 10.47 -1.13
C GLY C 439 -34.96 9.99 -1.11
N LYS C 440 -34.39 9.69 -2.27
CA LYS C 440 -33.03 9.20 -2.35
C LYS C 440 -32.19 10.15 -3.17
N TYR C 441 -30.87 10.11 -2.95
CA TYR C 441 -30.00 11.09 -3.59
C TYR C 441 -29.80 10.79 -5.05
N GLY C 442 -29.64 9.53 -5.41
CA GLY C 442 -29.57 9.17 -6.81
C GLY C 442 -28.29 8.47 -7.22
N ALA C 443 -28.43 7.23 -7.66
CA ALA C 443 -27.33 6.49 -8.23
C ALA C 443 -27.86 5.71 -9.42
N ARG C 444 -26.96 5.11 -10.18
CA ARG C 444 -27.43 4.29 -11.28
C ARG C 444 -27.87 2.93 -10.75
N ASP C 445 -28.80 2.32 -11.46
CA ASP C 445 -29.23 0.97 -11.13
C ASP C 445 -28.19 -0.03 -11.62
N ALA C 446 -28.22 -1.22 -11.03
CA ALA C 446 -27.40 -2.32 -11.51
C ALA C 446 -27.86 -2.73 -12.89
N ASP C 447 -26.90 -2.78 -13.83
CA ASP C 447 -27.00 -3.40 -15.15
C ASP C 447 -27.96 -2.72 -16.12
N THR C 448 -28.64 -1.64 -15.70
CA THR C 448 -29.56 -0.97 -16.60
C THR C 448 -29.14 0.46 -16.88
N LYS C 449 -28.31 1.06 -16.02
CA LYS C 449 -27.98 2.49 -16.00
C LYS C 449 -29.27 3.30 -16.02
N ILE C 450 -30.02 3.22 -14.92
CA ILE C 450 -31.21 4.03 -14.73
C ILE C 450 -31.04 4.82 -13.44
N TRP C 451 -30.87 6.13 -13.57
CA TRP C 451 -30.63 7.00 -12.43
C TRP C 451 -31.94 7.26 -11.72
N ASN C 452 -32.07 6.76 -10.50
CA ASN C 452 -33.20 7.15 -9.66
C ASN C 452 -32.88 8.41 -8.89
N GLY C 453 -33.71 8.77 -7.93
CA GLY C 453 -33.35 9.85 -7.02
C GLY C 453 -33.45 11.20 -7.70
N MET C 454 -32.53 12.10 -7.34
CA MET C 454 -32.54 13.47 -7.82
C MET C 454 -31.75 13.66 -9.11
N VAL C 455 -30.71 12.86 -9.34
CA VAL C 455 -29.91 13.05 -10.54
C VAL C 455 -30.71 12.62 -11.77
N GLY C 456 -31.57 11.63 -11.60
CA GLY C 456 -32.51 11.28 -12.65
C GLY C 456 -33.52 12.37 -12.93
N GLU C 457 -33.83 13.20 -11.94
CA GLU C 457 -34.75 14.31 -12.17
C GLU C 457 -34.11 15.37 -13.04
N LEU C 458 -32.79 15.50 -13.02
CA LEU C 458 -32.11 16.38 -13.95
C LEU C 458 -31.83 15.74 -15.30
N VAL C 459 -31.59 14.43 -15.33
CA VAL C 459 -31.29 13.78 -16.60
C VAL C 459 -32.55 13.63 -17.43
N TYR C 460 -33.65 13.23 -16.80
CA TYR C 460 -34.86 12.89 -17.52
C TYR C 460 -35.78 14.09 -17.71
N GLY C 461 -35.24 15.31 -17.62
CA GLY C 461 -35.98 16.51 -17.96
C GLY C 461 -37.10 16.88 -17.03
N LYS C 462 -37.16 16.31 -15.83
CA LYS C 462 -38.29 16.58 -14.95
C LYS C 462 -38.02 17.79 -14.07
N ALA C 463 -36.77 18.04 -13.73
CA ALA C 463 -36.38 19.16 -12.90
C ALA C 463 -35.64 20.20 -13.74
N ASP C 464 -35.18 21.25 -13.07
CA ASP C 464 -34.47 22.33 -13.74
C ASP C 464 -33.13 22.65 -13.13
N ILE C 465 -33.03 22.56 -11.80
CA ILE C 465 -31.79 22.81 -11.09
C ILE C 465 -31.96 22.15 -9.73
N ALA C 466 -30.85 21.86 -9.07
CA ALA C 466 -30.88 21.14 -7.80
C ALA C 466 -29.91 21.77 -6.81
N ILE C 467 -30.40 22.73 -6.04
CA ILE C 467 -29.67 23.25 -4.89
C ILE C 467 -29.89 22.27 -3.76
N ALA C 468 -28.85 21.54 -3.39
CA ALA C 468 -29.02 20.36 -2.57
C ALA C 468 -27.66 19.95 -2.00
N PRO C 469 -27.64 19.20 -0.90
CA PRO C 469 -26.38 18.61 -0.47
C PRO C 469 -25.94 17.45 -1.35
N LEU C 470 -25.26 17.77 -2.44
CA LEU C 470 -24.95 16.80 -3.48
C LEU C 470 -23.45 16.74 -3.67
N THR C 471 -22.90 15.53 -3.63
CA THR C 471 -21.46 15.35 -3.68
C THR C 471 -20.97 15.17 -5.10
N ILE C 472 -19.99 15.97 -5.49
CA ILE C 472 -19.38 15.84 -6.81
C ILE C 472 -18.57 14.55 -6.88
N THR C 473 -19.06 13.58 -7.62
CA THR C 473 -18.36 12.34 -7.89
C THR C 473 -17.85 12.35 -9.32
N LEU C 474 -17.34 11.20 -9.76
CA LEU C 474 -16.93 11.06 -11.15
C LEU C 474 -18.11 10.86 -12.09
N VAL C 475 -18.93 9.82 -11.84
CA VAL C 475 -19.95 9.41 -12.80
C VAL C 475 -21.11 10.39 -12.88
N ARG C 476 -21.23 11.29 -11.91
CA ARG C 476 -22.23 12.34 -12.03
C ARG C 476 -21.80 13.42 -13.01
N GLU C 477 -20.51 13.51 -13.32
CA GLU C 477 -20.05 14.51 -14.26
C GLU C 477 -20.41 14.17 -15.69
N GLU C 478 -20.55 12.89 -16.00
CA GLU C 478 -20.78 12.51 -17.38
C GLU C 478 -22.23 12.72 -17.81
N VAL C 479 -23.13 13.03 -16.89
CA VAL C 479 -24.51 13.25 -17.28
C VAL C 479 -25.03 14.63 -16.95
N ILE C 480 -24.54 15.32 -15.93
CA ILE C 480 -25.09 16.61 -15.51
C ILE C 480 -23.96 17.49 -15.01
N ASP C 481 -24.09 18.79 -15.27
CA ASP C 481 -22.96 19.67 -15.01
C ASP C 481 -23.00 20.21 -13.59
N PHE C 482 -21.82 20.46 -13.05
CA PHE C 482 -21.65 21.03 -11.72
C PHE C 482 -20.97 22.38 -11.81
N SER C 483 -21.25 23.22 -10.84
CA SER C 483 -20.58 24.50 -10.67
C SER C 483 -19.29 24.30 -9.90
N LYS C 484 -18.70 25.39 -9.45
CA LYS C 484 -17.59 25.22 -8.54
C LYS C 484 -18.13 24.83 -7.17
N PRO C 485 -17.35 24.14 -6.35
CA PRO C 485 -17.84 23.75 -5.02
C PRO C 485 -17.96 24.95 -4.11
N PHE C 486 -18.99 24.93 -3.27
CA PHE C 486 -19.19 25.99 -2.30
C PHE C 486 -18.88 25.57 -0.87
N MET C 487 -18.88 24.28 -0.56
CA MET C 487 -18.59 23.85 0.81
C MET C 487 -17.87 22.53 0.76
N SER C 488 -16.80 22.41 1.57
CA SER C 488 -15.93 21.25 1.52
C SER C 488 -16.11 20.38 2.75
N LEU C 489 -15.96 19.07 2.55
CA LEU C 489 -16.18 18.11 3.63
C LEU C 489 -15.40 16.84 3.32
N GLY C 490 -15.56 15.86 4.20
CA GLY C 490 -14.99 14.54 4.05
C GLY C 490 -15.79 13.55 4.86
N ILE C 491 -15.51 12.27 4.60
CA ILE C 491 -16.22 11.19 5.27
C ILE C 491 -15.71 11.07 6.69
N SER C 492 -16.62 11.05 7.66
CA SER C 492 -16.30 10.83 9.06
C SER C 492 -17.17 9.71 9.65
N ILE C 493 -16.79 9.32 10.86
CA ILE C 493 -17.32 8.15 11.56
C ILE C 493 -18.00 8.66 12.83
N MET C 494 -19.23 8.24 13.05
CA MET C 494 -19.99 8.68 14.22
C MET C 494 -20.29 7.46 15.08
N ILE C 495 -20.06 7.57 16.39
CA ILE C 495 -20.38 6.50 17.33
C ILE C 495 -21.16 7.07 18.51
N LYS C 496 -21.62 6.18 19.37
CA LYS C 496 -22.20 6.61 20.61
C LYS C 496 -21.11 7.03 21.59
N LYS C 497 -21.27 8.23 22.14
CA LYS C 497 -20.35 8.78 23.12
C LYS C 497 -20.47 7.97 24.41
N PRO C 498 -19.40 7.37 24.90
CA PRO C 498 -19.48 6.65 26.17
C PRO C 498 -19.62 7.63 27.33
N GLN C 499 -20.44 7.26 28.31
CA GLN C 499 -20.76 8.18 29.41
C GLN C 499 -19.64 8.12 30.43
N LYS C 500 -18.89 9.22 30.53
CA LYS C 500 -17.77 9.29 31.45
C LYS C 500 -18.27 9.57 32.86
N SER C 501 -17.44 9.25 33.85
CA SER C 501 -17.80 9.43 35.23
C SER C 501 -17.20 10.73 35.79
N LYS C 502 -17.96 11.41 36.62
CA LYS C 502 -17.47 12.64 37.20
C LYS C 502 -16.96 12.39 38.63
N PRO C 503 -15.91 13.09 39.05
CA PRO C 503 -15.49 13.03 40.43
C PRO C 503 -16.52 13.70 41.34
N GLY C 504 -17.00 12.93 42.31
CA GLY C 504 -17.98 13.42 43.26
C GLY C 504 -17.37 14.38 44.27
N VAL C 505 -18.14 14.62 45.33
CA VAL C 505 -17.68 15.51 46.38
C VAL C 505 -16.53 14.89 47.15
N PHE C 506 -16.71 13.69 47.65
CA PHE C 506 -15.66 13.02 48.41
C PHE C 506 -14.78 12.20 47.49
N SER C 507 -14.12 12.90 46.58
CA SER C 507 -13.25 12.26 45.61
C SER C 507 -11.81 12.22 46.05
N PHE C 508 -11.54 12.38 47.35
CA PHE C 508 -10.19 12.25 47.86
C PHE C 508 -10.01 10.97 48.66
N LEU C 509 -11.10 10.27 48.95
CA LEU C 509 -11.04 8.99 49.64
C LEU C 509 -10.99 7.86 48.62
N ASP C 510 -10.75 8.21 47.37
CA ASP C 510 -10.72 7.26 46.28
C ASP C 510 -9.59 6.23 46.35
N PRO C 511 -8.29 6.56 46.59
CA PRO C 511 -7.31 5.48 46.48
C PRO C 511 -7.16 4.61 47.71
N LEU C 512 -8.27 4.32 48.38
CA LEU C 512 -8.44 3.20 49.30
C LEU C 512 -9.91 2.89 49.35
N ALA C 513 -10.28 1.61 49.27
CA ALA C 513 -11.69 1.27 49.28
C ALA C 513 -12.26 1.19 50.69
N TYR C 514 -13.59 1.09 50.77
CA TYR C 514 -14.28 1.33 52.04
C TYR C 514 -14.04 0.20 53.03
N GLU C 515 -13.67 -0.98 52.52
CA GLU C 515 -13.23 -2.06 53.39
C GLU C 515 -11.98 -1.67 54.15
N ILE C 516 -11.00 -1.11 53.44
CA ILE C 516 -9.78 -0.64 54.08
C ILE C 516 -10.05 0.52 55.01
N TRP C 517 -10.98 1.41 54.64
CA TRP C 517 -11.33 2.50 55.52
C TRP C 517 -12.03 2.05 56.80
N MET C 518 -12.78 0.96 56.78
CA MET C 518 -13.33 0.53 58.06
C MET C 518 -12.34 -0.30 58.86
N CYS C 519 -11.43 -1.01 58.19
CA CYS C 519 -10.48 -1.81 58.94
C CYS C 519 -9.43 -0.93 59.62
N ILE C 520 -9.07 0.19 59.00
CA ILE C 520 -8.15 1.11 59.65
C ILE C 520 -8.81 1.84 60.82
N VAL C 521 -10.13 1.96 60.81
CA VAL C 521 -10.83 2.48 61.98
C VAL C 521 -10.86 1.47 63.12
N PHE C 522 -11.17 0.21 62.81
CA PHE C 522 -11.17 -0.86 63.81
C PHE C 522 -9.81 -1.01 64.48
N ALA C 523 -8.76 -1.11 63.67
CA ALA C 523 -7.44 -1.43 64.19
C ALA C 523 -6.89 -0.27 65.01
N TYR C 524 -7.34 0.95 64.71
CA TYR C 524 -7.00 2.12 65.51
C TYR C 524 -7.45 1.96 66.95
N ILE C 525 -8.73 1.62 67.12
CA ILE C 525 -9.31 1.41 68.44
C ILE C 525 -8.59 0.27 69.15
N GLY C 526 -8.35 -0.82 68.42
CA GLY C 526 -7.69 -1.97 69.00
C GLY C 526 -6.29 -1.68 69.51
N VAL C 527 -5.47 -1.02 68.69
CA VAL C 527 -4.11 -0.67 69.11
C VAL C 527 -4.11 0.28 70.29
N SER C 528 -5.00 1.28 70.31
CA SER C 528 -4.95 2.21 71.41
C SER C 528 -5.43 1.57 72.72
N VAL C 529 -6.40 0.67 72.65
CA VAL C 529 -6.87 0.07 73.89
C VAL C 529 -5.89 -0.97 74.39
N VAL C 530 -5.13 -1.60 73.48
CA VAL C 530 -4.11 -2.54 73.92
C VAL C 530 -2.97 -1.79 74.60
N LEU C 531 -2.63 -0.62 74.06
CA LEU C 531 -1.61 0.21 74.68
C LEU C 531 -2.06 0.74 76.03
N PHE C 532 -3.36 0.98 76.19
CA PHE C 532 -3.88 1.32 77.51
C PHE C 532 -3.77 0.17 78.49
N LEU C 533 -4.23 -1.01 78.07
CA LEU C 533 -4.22 -2.20 78.90
C LEU C 533 -2.83 -2.53 79.40
N VAL C 534 -1.84 -2.44 78.52
CA VAL C 534 -0.50 -2.80 78.92
C VAL C 534 0.13 -1.73 79.80
N SER C 535 -0.37 -0.49 79.73
CA SER C 535 0.24 0.56 80.52
C SER C 535 -0.30 0.53 81.95
N ARG C 536 -1.62 0.64 82.10
CA ARG C 536 -2.18 0.69 83.45
C ARG C 536 -2.49 -0.72 83.92
N PHE C 537 -1.52 -1.35 84.58
CA PHE C 537 -1.63 -2.77 84.85
C PHE C 537 -1.08 -3.13 86.23
N SER C 538 -1.05 -2.14 87.13
CA SER C 538 -0.40 -2.25 88.44
C SER C 538 1.04 -2.75 88.36
N PRO C 539 2.00 -1.92 87.92
CA PRO C 539 3.38 -2.40 87.74
C PRO C 539 4.09 -2.72 89.04
N TYR C 540 4.05 -1.79 90.00
CA TYR C 540 4.81 -1.76 91.25
C TYR C 540 6.24 -2.32 91.16
N SER C 556 4.37 5.27 92.22
CA SER C 556 4.10 3.83 92.22
C SER C 556 3.09 3.46 91.14
N GLU C 557 1.87 3.98 91.28
CA GLU C 557 0.83 3.68 90.30
C GLU C 557 0.58 4.84 89.36
N SER C 558 0.54 6.07 89.88
CA SER C 558 0.39 7.23 89.00
C SER C 558 1.70 7.67 88.37
N THR C 559 2.73 6.83 88.41
CA THR C 559 4.05 7.14 87.88
C THR C 559 4.02 7.27 86.36
N ASN C 560 3.47 6.26 85.67
CA ASN C 560 3.36 6.31 84.22
C ASN C 560 2.28 7.30 83.84
N GLU C 561 2.33 7.81 82.60
CA GLU C 561 1.49 8.92 82.17
C GLU C 561 0.40 8.52 81.20
N PHE C 562 0.21 7.24 80.93
CA PHE C 562 -0.73 6.86 79.90
C PHE C 562 -2.09 6.54 80.48
N GLY C 563 -3.09 6.65 79.62
CA GLY C 563 -4.45 6.27 79.93
C GLY C 563 -5.20 6.14 78.62
N ILE C 564 -6.52 5.97 78.74
CA ILE C 564 -7.36 5.76 77.57
C ILE C 564 -7.38 6.97 76.66
N PHE C 565 -7.19 8.15 77.24
CA PHE C 565 -7.46 9.38 76.51
C PHE C 565 -6.18 9.86 75.82
N ASN C 566 -5.12 9.98 76.63
CA ASN C 566 -3.75 10.13 76.16
C ASN C 566 -3.43 9.12 75.08
N SER C 567 -3.82 7.87 75.27
CA SER C 567 -3.51 6.83 74.30
C SER C 567 -4.28 7.03 73.00
N LEU C 568 -5.56 7.42 73.11
CA LEU C 568 -6.36 7.65 71.93
C LEU C 568 -5.83 8.78 71.07
N TRP C 569 -5.19 9.78 71.67
CA TRP C 569 -4.66 10.71 70.67
C TRP C 569 -3.17 10.49 70.42
N PHE C 570 -2.52 9.65 71.22
CA PHE C 570 -1.15 9.24 70.88
C PHE C 570 -1.12 8.43 69.61
N SER C 571 -2.06 7.48 69.49
CA SER C 571 -2.08 6.66 68.28
C SER C 571 -2.42 7.49 67.06
N LEU C 572 -3.26 8.50 67.22
CA LEU C 572 -3.59 9.37 66.11
C LEU C 572 -2.40 10.23 65.72
N GLY C 573 -1.68 10.75 66.71
CA GLY C 573 -0.53 11.58 66.44
C GLY C 573 0.65 10.80 65.92
N ALA C 574 0.62 9.49 66.13
CA ALA C 574 1.63 8.66 65.47
C ALA C 574 1.19 8.30 64.07
N PHE C 575 -0.11 8.14 63.84
CA PHE C 575 -0.60 7.79 62.52
C PHE C 575 -0.41 8.92 61.54
N MET C 576 -1.02 10.07 61.78
CA MET C 576 -0.66 11.23 60.99
C MET C 576 0.64 11.78 61.54
N GLN C 577 1.59 12.07 60.66
CA GLN C 577 2.94 12.37 61.12
C GLN C 577 2.99 13.74 61.77
N GLN C 578 2.64 13.81 63.04
CA GLN C 578 2.65 15.09 63.72
C GLN C 578 3.40 15.00 65.03
N GLY C 579 4.06 13.89 65.26
CA GLY C 579 4.78 13.72 66.50
C GLY C 579 3.85 13.38 67.63
N CYS C 580 4.33 13.66 68.83
CA CYS C 580 3.59 13.28 70.03
C CYS C 580 3.91 14.29 71.12
N ASP C 581 3.57 13.95 72.35
CA ASP C 581 4.07 14.64 73.51
C ASP C 581 4.84 13.73 74.43
N ILE C 582 4.56 12.42 74.39
CA ILE C 582 5.18 11.43 75.26
C ILE C 582 5.38 10.13 74.50
N SER C 583 6.15 9.23 75.11
CA SER C 583 6.52 7.99 74.48
C SER C 583 6.26 6.87 75.47
N PRO C 584 5.97 5.65 74.99
CA PRO C 584 5.93 4.51 75.90
C PRO C 584 7.31 4.23 76.46
N ARG C 585 7.39 4.07 77.77
CA ARG C 585 8.65 3.80 78.43
C ARG C 585 8.78 2.35 78.86
N SER C 586 7.66 1.70 79.18
CA SER C 586 7.68 0.29 79.52
C SER C 586 8.01 -0.54 78.28
N LEU C 587 8.52 -1.76 78.52
CA LEU C 587 9.05 -2.58 77.43
C LEU C 587 7.95 -3.03 76.51
N SER C 588 6.83 -3.47 77.06
CA SER C 588 5.78 -3.95 76.19
C SER C 588 5.06 -2.78 75.52
N GLY C 589 5.09 -1.61 76.17
CA GLY C 589 4.59 -0.42 75.51
C GLY C 589 5.43 -0.03 74.31
N ARG C 590 6.75 -0.12 74.45
CA ARG C 590 7.61 0.13 73.30
C ARG C 590 7.45 -0.93 72.23
N ILE C 591 7.27 -2.18 72.62
CA ILE C 591 7.21 -3.24 71.63
C ILE C 591 5.82 -3.29 70.99
N VAL C 592 4.83 -2.62 71.55
CA VAL C 592 3.58 -2.45 70.84
C VAL C 592 3.57 -1.16 70.01
N GLY C 593 4.33 -0.14 70.40
CA GLY C 593 4.33 1.09 69.64
C GLY C 593 5.05 0.95 68.32
N GLY C 594 6.08 0.11 68.30
CA GLY C 594 6.85 -0.07 67.08
C GLY C 594 6.03 -0.75 65.99
N VAL C 595 5.06 -1.56 66.39
CA VAL C 595 4.21 -2.21 65.42
C VAL C 595 3.32 -1.19 64.74
N TRP C 596 2.82 -0.22 65.50
CA TRP C 596 1.98 0.81 64.93
C TRP C 596 2.78 1.75 64.04
N TRP C 597 4.02 2.02 64.46
CA TRP C 597 4.96 2.76 63.62
C TRP C 597 5.23 2.06 62.30
N PHE C 598 5.33 0.74 62.32
CA PHE C 598 5.48 0.06 61.05
C PHE C 598 4.20 0.05 60.25
N PHE C 599 3.08 0.03 60.94
CA PHE C 599 1.80 -0.07 60.27
C PHE C 599 1.47 1.19 59.49
N THR C 600 1.86 2.34 60.03
CA THR C 600 1.54 3.56 59.32
C THR C 600 2.41 3.75 58.08
N LEU C 601 3.64 3.27 58.12
CA LEU C 601 4.59 3.56 57.06
C LEU C 601 4.27 2.82 55.78
N ILE C 602 3.52 1.73 55.85
CA ILE C 602 3.05 1.07 54.66
C ILE C 602 1.80 1.71 54.09
N ILE C 603 0.84 2.09 54.92
CA ILE C 603 -0.43 2.55 54.39
C ILE C 603 -0.37 3.99 53.91
N ILE C 604 0.21 4.90 54.69
CA ILE C 604 0.16 6.31 54.29
C ILE C 604 1.07 6.55 53.09
N SER C 605 2.11 5.73 52.96
CA SER C 605 2.96 5.80 51.78
C SER C 605 2.22 5.32 50.55
N SER C 606 1.50 4.22 50.68
CA SER C 606 0.63 3.74 49.61
C SER C 606 -0.40 4.79 49.23
N TYR C 607 -0.92 5.50 50.21
CA TYR C 607 -1.90 6.55 50.00
C TYR C 607 -1.36 7.67 49.12
N THR C 608 -0.23 8.25 49.52
CA THR C 608 0.32 9.36 48.75
C THR C 608 0.81 8.90 47.38
N ALA C 609 1.46 7.73 47.32
CA ALA C 609 2.01 7.25 46.07
C ALA C 609 0.93 6.86 45.09
N ASN C 610 -0.26 6.52 45.58
CA ASN C 610 -1.33 6.25 44.65
C ASN C 610 -2.15 7.49 44.34
N LEU C 611 -2.18 8.46 45.24
CA LEU C 611 -2.89 9.71 44.95
C LEU C 611 -2.16 10.47 43.85
N ALA C 612 -0.84 10.31 43.81
CA ALA C 612 -0.06 10.78 42.68
C ALA C 612 -0.41 10.04 41.38
N ALA C 613 -1.02 8.86 41.46
CA ALA C 613 -1.47 8.21 40.24
C ALA C 613 -2.85 8.65 39.80
N PHE C 614 -3.77 8.97 40.73
CA PHE C 614 -5.07 9.51 40.36
C PHE C 614 -4.97 10.94 39.87
N LEU C 615 -3.94 11.66 40.26
CA LEU C 615 -3.88 13.05 39.81
C LEU C 615 -3.01 13.23 38.58
N THR C 616 -3.01 12.24 37.68
CA THR C 616 -2.33 12.38 36.40
C THR C 616 -3.29 12.33 35.21
N VAL C 617 -4.29 11.44 35.28
CA VAL C 617 -5.08 11.15 34.09
C VAL C 617 -6.53 10.98 34.48
N GLU C 618 -7.44 11.39 33.58
CA GLU C 618 -8.87 11.19 33.77
C GLU C 618 -9.52 10.82 32.44
N ARG C 619 -8.74 10.72 31.36
CA ARG C 619 -9.27 10.67 30.00
C ARG C 619 -9.45 9.21 29.57
N MET C 620 -10.50 8.96 28.79
CA MET C 620 -10.79 7.60 28.36
C MET C 620 -9.89 7.17 27.20
N VAL C 621 -9.83 5.86 26.97
CA VAL C 621 -8.78 5.28 26.16
C VAL C 621 -9.09 5.37 24.66
N SER C 622 -10.27 5.92 24.30
CA SER C 622 -10.68 6.24 22.93
C SER C 622 -10.68 5.05 21.97
N PRO C 623 -11.79 4.28 21.91
CA PRO C 623 -11.91 3.15 20.97
C PRO C 623 -11.88 3.52 19.49
N ILE C 624 -12.50 2.69 18.64
CA ILE C 624 -12.13 2.13 17.34
C ILE C 624 -11.58 3.11 16.28
N GLU C 625 -11.01 4.25 16.70
CA GLU C 625 -10.31 5.27 15.93
C GLU C 625 -9.60 4.87 14.63
N SER C 626 -9.80 5.69 13.60
CA SER C 626 -9.04 5.69 12.33
C SER C 626 -9.38 4.50 11.45
N ALA C 627 -10.48 3.83 11.81
CA ALA C 627 -11.19 2.85 10.98
C ALA C 627 -10.39 1.61 10.59
N GLU C 628 -9.18 1.47 11.10
CA GLU C 628 -8.36 0.34 10.71
C GLU C 628 -8.81 -0.87 11.51
N ASP C 629 -9.12 -0.66 12.78
CA ASP C 629 -9.75 -1.71 13.55
C ASP C 629 -11.18 -1.95 13.10
N LEU C 630 -11.80 -1.01 12.40
CA LEU C 630 -13.08 -1.33 11.75
C LEU C 630 -12.89 -2.36 10.65
N SER C 631 -11.72 -2.39 10.01
CA SER C 631 -11.43 -3.47 9.08
C SER C 631 -10.96 -4.71 9.82
N LYS C 632 -10.32 -4.55 10.97
CA LYS C 632 -9.71 -5.67 11.68
C LYS C 632 -10.73 -6.48 12.48
N GLN C 633 -11.44 -5.84 13.41
CA GLN C 633 -12.34 -6.55 14.30
C GLN C 633 -13.59 -7.00 13.54
N THR C 634 -14.35 -7.89 14.19
CA THR C 634 -15.64 -8.32 13.67
C THR C 634 -16.77 -7.96 14.62
N GLU C 635 -16.48 -7.22 15.68
CA GLU C 635 -17.48 -7.01 16.73
C GLU C 635 -18.46 -5.92 16.38
N ILE C 636 -17.99 -4.69 16.19
CA ILE C 636 -18.86 -3.55 15.95
C ILE C 636 -19.12 -3.46 14.45
N ALA C 637 -20.39 -3.44 14.08
CA ALA C 637 -20.74 -3.32 12.68
C ALA C 637 -20.69 -1.85 12.26
N TYR C 638 -20.90 -1.62 10.96
CA TYR C 638 -20.89 -0.27 10.40
C TYR C 638 -21.55 -0.28 9.03
N GLY C 639 -22.21 0.81 8.68
CA GLY C 639 -22.86 0.92 7.39
C GLY C 639 -22.84 2.34 6.88
N THR C 640 -23.44 2.51 5.70
CA THR C 640 -23.52 3.78 5.01
C THR C 640 -24.98 4.06 4.67
N LEU C 641 -25.18 5.06 3.84
CA LEU C 641 -26.50 5.34 3.30
C LEU C 641 -26.67 4.67 1.94
N ASP C 642 -27.81 4.03 1.75
CA ASP C 642 -28.12 3.45 0.45
C ASP C 642 -28.47 4.53 -0.54
N SER C 643 -28.24 4.23 -1.83
CA SER C 643 -28.28 5.19 -2.93
C SER C 643 -27.39 6.40 -2.64
N GLY C 644 -26.19 6.12 -2.13
CA GLY C 644 -25.31 7.16 -1.63
C GLY C 644 -23.93 7.15 -2.29
N SER C 645 -23.35 8.34 -2.34
CA SER C 645 -22.02 8.49 -2.94
C SER C 645 -20.95 7.80 -2.12
N THR C 646 -21.13 7.74 -0.80
CA THR C 646 -20.15 7.04 0.04
C THR C 646 -20.22 5.54 -0.18
N LYS C 647 -21.44 5.00 -0.28
CA LYS C 647 -21.61 3.59 -0.56
C LYS C 647 -21.08 3.23 -1.94
N GLU C 648 -21.19 4.16 -2.89
CA GLU C 648 -20.56 3.92 -4.18
C GLU C 648 -19.05 4.04 -4.10
N PHE C 649 -18.56 4.93 -3.22
CA PHE C 649 -17.12 5.15 -3.08
C PHE C 649 -16.42 3.94 -2.52
N PHE C 650 -17.04 3.25 -1.58
CA PHE C 650 -16.41 2.03 -1.08
C PHE C 650 -16.52 0.89 -2.07
N ARG C 651 -17.51 0.92 -2.97
CA ARG C 651 -17.55 -0.08 -4.03
C ARG C 651 -16.42 0.12 -5.02
N ARG C 652 -16.18 1.36 -5.42
CA ARG C 652 -15.19 1.64 -6.45
C ARG C 652 -13.79 1.84 -5.87
N SER C 653 -13.65 1.89 -4.56
CA SER C 653 -12.35 2.18 -3.96
C SER C 653 -11.41 0.99 -4.09
N LYS C 654 -10.12 1.27 -4.22
CA LYS C 654 -9.11 0.25 -4.45
C LYS C 654 -8.07 0.17 -3.35
N ILE C 655 -8.09 1.07 -2.38
CA ILE C 655 -7.23 0.95 -1.20
C ILE C 655 -7.69 -0.25 -0.39
N ALA C 656 -6.73 -1.07 0.07
CA ALA C 656 -7.01 -2.44 0.50
C ALA C 656 -7.83 -2.48 1.78
N VAL C 657 -7.59 -1.55 2.70
CA VAL C 657 -8.38 -1.50 3.92
C VAL C 657 -9.83 -1.12 3.59
N PHE C 658 -10.01 -0.23 2.62
CA PHE C 658 -11.36 0.13 2.19
C PHE C 658 -12.00 -1.02 1.44
N ASP C 659 -11.17 -1.83 0.78
CA ASP C 659 -11.66 -3.00 0.07
C ASP C 659 -12.20 -4.03 1.05
N LYS C 660 -11.48 -4.25 2.15
CA LYS C 660 -11.94 -5.19 3.15
C LYS C 660 -13.17 -4.64 3.88
N MET C 661 -13.24 -3.32 4.05
CA MET C 661 -14.44 -2.72 4.61
C MET C 661 -15.64 -2.92 3.70
N TRP C 662 -15.44 -2.77 2.39
CA TRP C 662 -16.52 -3.03 1.43
C TRP C 662 -16.91 -4.49 1.41
N THR C 663 -15.93 -5.38 1.60
CA THR C 663 -16.21 -6.81 1.69
C THR C 663 -17.09 -7.12 2.89
N TYR C 664 -16.77 -6.53 4.05
CA TYR C 664 -17.60 -6.73 5.22
C TYR C 664 -18.98 -6.10 5.06
N MET C 665 -19.05 -4.97 4.36
CA MET C 665 -20.36 -4.33 4.19
C MET C 665 -21.24 -5.11 3.23
N ARG C 666 -20.65 -5.69 2.17
CA ARG C 666 -21.46 -6.47 1.24
C ARG C 666 -21.78 -7.86 1.80
N SER C 667 -20.97 -8.36 2.73
CA SER C 667 -21.25 -9.64 3.38
C SER C 667 -21.78 -9.33 4.77
N ALA C 668 -23.08 -9.08 4.85
CA ALA C 668 -23.66 -8.56 6.09
C ALA C 668 -24.89 -9.37 6.44
N GLU C 669 -25.05 -9.63 7.73
CA GLU C 669 -26.17 -10.39 8.27
C GLU C 669 -26.59 -9.80 9.61
N PRO C 670 -27.68 -9.02 9.68
CA PRO C 670 -28.57 -8.51 8.62
C PRO C 670 -27.96 -7.36 7.83
N SER C 671 -28.81 -6.56 7.21
CA SER C 671 -28.38 -5.39 6.47
C SER C 671 -27.74 -4.37 7.38
N VAL C 672 -26.46 -4.10 7.14
CA VAL C 672 -25.78 -2.98 7.77
C VAL C 672 -26.15 -1.64 7.15
N PHE C 673 -26.82 -1.65 6.00
CA PHE C 673 -27.15 -0.42 5.32
C PHE C 673 -28.52 0.08 5.78
N VAL C 674 -28.71 1.39 5.67
CA VAL C 674 -29.97 2.02 6.07
C VAL C 674 -30.53 2.79 4.88
N ARG C 675 -31.74 3.31 5.08
CA ARG C 675 -32.45 3.98 4.00
C ARG C 675 -32.39 5.49 4.11
N THR C 676 -32.51 6.03 5.31
CA THR C 676 -32.38 7.46 5.49
C THR C 676 -31.40 7.74 6.63
N THR C 677 -31.02 9.01 6.82
CA THR C 677 -29.99 9.41 7.76
C THR C 677 -30.41 9.18 9.21
N ALA C 678 -31.60 9.69 9.57
CA ALA C 678 -32.13 9.55 10.92
C ALA C 678 -32.34 8.10 11.33
N GLU C 679 -32.56 7.21 10.36
CA GLU C 679 -32.63 5.78 10.63
C GLU C 679 -31.33 5.26 11.23
N GLY C 680 -30.22 5.53 10.55
CA GLY C 680 -28.93 5.15 11.10
C GLY C 680 -28.56 5.89 12.37
N VAL C 681 -29.02 7.13 12.51
CA VAL C 681 -28.83 7.88 13.75
C VAL C 681 -29.47 7.15 14.92
N ALA C 682 -30.74 6.78 14.79
CA ALA C 682 -31.42 6.02 15.83
C ALA C 682 -30.83 4.64 16.04
N ARG C 683 -30.33 4.02 14.97
CA ARG C 683 -29.73 2.69 15.09
C ARG C 683 -28.44 2.75 15.90
N VAL C 684 -27.64 3.80 15.72
CA VAL C 684 -26.43 3.92 16.52
C VAL C 684 -26.76 4.40 17.93
N ARG C 685 -27.82 5.20 18.09
CA ARG C 685 -28.25 5.61 19.42
C ARG C 685 -28.82 4.45 20.24
N LYS C 686 -29.23 3.37 19.58
CA LYS C 686 -29.74 2.22 20.31
C LYS C 686 -28.84 0.99 20.24
N SER C 687 -27.78 1.02 19.42
CA SER C 687 -26.94 -0.17 19.28
C SER C 687 -25.96 -0.36 20.42
N LYS C 688 -25.76 0.67 21.24
CA LYS C 688 -24.90 0.63 22.44
C LYS C 688 -23.46 0.25 22.11
N GLY C 689 -22.93 0.87 21.07
CA GLY C 689 -21.56 0.61 20.67
C GLY C 689 -21.37 -0.71 19.97
N LYS C 690 -22.36 -1.17 19.22
CA LYS C 690 -22.25 -2.38 18.43
C LYS C 690 -22.45 -2.12 16.95
N TYR C 691 -22.74 -0.88 16.58
CA TYR C 691 -22.93 -0.53 15.17
C TYR C 691 -22.41 0.89 14.96
N ALA C 692 -21.33 1.02 14.21
CA ALA C 692 -20.81 2.33 13.86
C ALA C 692 -21.62 2.92 12.72
N TYR C 693 -21.27 4.14 12.32
CA TYR C 693 -21.99 4.79 11.23
C TYR C 693 -21.03 5.67 10.46
N LEU C 694 -21.22 5.71 9.15
CA LEU C 694 -20.42 6.53 8.25
C LEU C 694 -21.30 7.63 7.66
N LEU C 695 -20.87 8.87 7.78
CA LEU C 695 -21.55 9.96 7.08
C LEU C 695 -20.54 11.04 6.77
N GLU C 696 -21.03 12.23 6.46
CA GLU C 696 -20.18 13.36 6.10
C GLU C 696 -20.06 14.31 7.27
N SER C 697 -18.91 15.00 7.33
CA SER C 697 -18.47 15.66 8.55
C SER C 697 -19.37 16.83 8.94
N THR C 698 -20.06 17.44 7.97
CA THR C 698 -20.98 18.51 8.32
C THR C 698 -22.22 17.99 9.01
N MET C 699 -22.79 16.89 8.49
CA MET C 699 -23.84 16.16 9.20
C MET C 699 -23.38 15.75 10.58
N ASN C 700 -22.11 15.33 10.69
CA ASN C 700 -21.55 14.84 11.95
C ASN C 700 -21.50 15.94 12.99
N GLU C 701 -20.98 17.11 12.62
CA GLU C 701 -20.88 18.18 13.60
C GLU C 701 -22.24 18.78 13.90
N TYR C 702 -23.19 18.72 12.96
CA TYR C 702 -24.53 19.18 13.30
C TYR C 702 -25.20 18.24 14.30
N ILE C 703 -25.04 16.93 14.11
CA ILE C 703 -25.58 15.99 15.09
C ILE C 703 -24.88 16.10 16.43
N GLU C 704 -23.59 16.41 16.45
CA GLU C 704 -22.91 16.68 17.70
C GLU C 704 -23.45 17.92 18.41
N GLN C 705 -23.80 18.97 17.67
CA GLN C 705 -24.25 20.19 18.33
C GLN C 705 -25.74 20.21 18.63
N ARG C 706 -26.37 19.07 18.81
CA ARG C 706 -27.77 19.03 19.24
C ARG C 706 -27.91 18.21 20.51
N LYS C 707 -29.05 18.36 21.14
CA LYS C 707 -29.43 17.47 22.23
C LYS C 707 -29.84 16.11 21.67
N PRO C 708 -29.55 15.01 22.37
CA PRO C 708 -29.00 14.86 23.72
C PRO C 708 -27.49 14.80 23.81
N CYS C 709 -26.77 15.17 22.74
CA CYS C 709 -25.31 15.10 22.67
C CYS C 709 -24.73 13.72 22.95
N ASP C 710 -25.49 12.65 22.73
CA ASP C 710 -24.98 11.33 23.07
C ASP C 710 -24.11 10.72 21.97
N THR C 711 -23.85 11.45 20.90
CA THR C 711 -23.05 10.95 19.79
C THR C 711 -21.67 11.58 19.85
N MET C 712 -20.75 11.06 19.03
CA MET C 712 -19.39 11.55 19.05
C MET C 712 -18.67 11.26 17.74
N LYS C 713 -17.96 12.27 17.23
CA LYS C 713 -17.07 12.07 16.09
C LYS C 713 -15.72 11.55 16.55
N VAL C 714 -15.27 10.47 15.94
CA VAL C 714 -13.94 9.94 16.23
C VAL C 714 -13.10 9.98 14.96
N GLY C 715 -11.79 9.91 15.15
CA GLY C 715 -10.85 9.91 14.05
C GLY C 715 -10.80 11.24 13.31
N GLY C 716 -10.08 11.20 12.19
CA GLY C 716 -9.99 12.32 11.29
C GLY C 716 -10.95 12.19 10.13
N ASN C 717 -10.59 12.81 9.02
CA ASN C 717 -11.36 12.68 7.80
C ASN C 717 -10.78 11.55 6.95
N LEU C 718 -11.36 11.33 5.77
CA LEU C 718 -10.84 10.35 4.85
C LEU C 718 -10.51 10.91 3.48
N ASP C 719 -11.16 11.98 3.06
CA ASP C 719 -10.99 12.50 1.70
C ASP C 719 -11.46 13.95 1.66
N SER C 720 -11.62 14.46 0.44
CA SER C 720 -12.03 15.84 0.20
C SER C 720 -13.10 15.84 -0.88
N LYS C 721 -14.34 15.75 -0.47
CA LYS C 721 -15.45 15.90 -1.40
C LYS C 721 -15.86 17.38 -1.42
N GLY C 722 -17.01 17.66 -2.00
CA GLY C 722 -17.50 19.03 -2.02
C GLY C 722 -18.91 19.12 -2.54
N TYR C 723 -19.72 19.97 -1.92
CA TYR C 723 -21.07 20.18 -2.44
C TYR C 723 -21.04 21.21 -3.55
N GLY C 724 -21.98 21.11 -4.47
CA GLY C 724 -22.03 22.03 -5.59
C GLY C 724 -23.45 22.23 -6.07
N ILE C 725 -23.60 23.14 -7.04
CA ILE C 725 -24.89 23.33 -7.70
C ILE C 725 -24.91 22.50 -8.96
N ALA C 726 -26.01 21.80 -9.20
CA ALA C 726 -26.13 20.89 -10.32
C ALA C 726 -27.15 21.40 -11.32
N THR C 727 -26.77 21.36 -12.60
CA THR C 727 -27.60 21.80 -13.72
C THR C 727 -27.68 20.69 -14.76
N PRO C 728 -28.72 20.66 -15.59
CA PRO C 728 -28.74 19.72 -16.72
C PRO C 728 -27.68 20.09 -17.74
N LYS C 729 -27.22 19.10 -18.47
CA LYS C 729 -26.05 19.28 -19.30
C LYS C 729 -26.40 20.07 -20.56
N GLY C 730 -25.87 21.27 -20.66
CA GLY C 730 -25.97 22.05 -21.88
C GLY C 730 -26.91 23.24 -21.82
N SER C 731 -27.63 23.45 -20.73
CA SER C 731 -28.55 24.56 -20.68
C SER C 731 -27.81 25.87 -20.44
N SER C 732 -28.56 26.98 -20.53
CA SER C 732 -27.94 28.29 -20.49
C SER C 732 -27.76 28.83 -19.09
N LEU C 733 -28.19 28.08 -18.07
CA LEU C 733 -28.08 28.55 -16.70
C LEU C 733 -26.70 28.33 -16.11
N GLY C 734 -25.87 27.51 -16.75
CA GLY C 734 -24.61 27.04 -16.20
C GLY C 734 -23.61 28.11 -15.85
N THR C 735 -23.18 28.88 -16.85
CA THR C 735 -22.24 29.97 -16.58
C THR C 735 -22.77 31.12 -15.73
N PRO C 736 -24.05 31.56 -15.79
CA PRO C 736 -24.46 32.57 -14.81
C PRO C 736 -24.58 32.03 -13.39
N VAL C 737 -24.96 30.76 -13.19
CA VAL C 737 -24.95 30.20 -11.84
C VAL C 737 -23.52 30.06 -11.33
N ASN C 738 -22.62 29.57 -12.17
CA ASN C 738 -21.21 29.45 -11.83
C ASN C 738 -20.56 30.80 -11.56
N LEU C 739 -21.01 31.85 -12.23
CA LEU C 739 -20.56 33.19 -11.90
C LEU C 739 -21.18 33.68 -10.61
N ALA C 740 -22.42 33.28 -10.32
CA ALA C 740 -23.12 33.73 -9.12
C ALA C 740 -22.51 33.17 -7.84
N VAL C 741 -21.97 31.96 -7.92
CA VAL C 741 -21.44 31.31 -6.71
C VAL C 741 -20.21 32.05 -6.20
N LEU C 742 -19.37 32.53 -7.12
CA LEU C 742 -18.12 33.15 -6.71
C LEU C 742 -18.31 34.50 -6.04
N LYS C 743 -19.36 35.24 -6.42
CA LYS C 743 -19.64 36.50 -5.75
C LYS C 743 -20.04 36.26 -4.30
N LEU C 744 -20.90 35.27 -4.06
CA LEU C 744 -21.28 34.89 -2.69
C LEU C 744 -20.10 34.33 -1.92
N SER C 745 -19.14 33.70 -2.61
CA SER C 745 -17.96 33.21 -1.91
C SER C 745 -17.07 34.37 -1.50
N GLU C 746 -16.87 35.34 -2.38
CA GLU C 746 -15.92 36.39 -2.09
C GLU C 746 -16.52 37.43 -1.15
N GLN C 747 -17.85 37.48 -1.03
CA GLN C 747 -18.48 38.46 -0.15
C GLN C 747 -18.80 37.92 1.24
N GLY C 748 -18.39 36.70 1.57
CA GLY C 748 -18.57 36.20 2.93
C GLY C 748 -19.97 35.77 3.29
N VAL C 749 -20.88 35.79 2.32
CA VAL C 749 -22.26 35.40 2.55
C VAL C 749 -22.35 33.93 2.94
N LEU C 750 -21.48 33.11 2.36
CA LEU C 750 -21.45 31.68 2.68
C LEU C 750 -21.03 31.44 4.12
N ASP C 751 -20.03 32.18 4.59
CA ASP C 751 -19.60 32.04 5.97
C ASP C 751 -20.66 32.54 6.94
N LYS C 752 -21.35 33.62 6.57
CA LYS C 752 -22.43 34.15 7.40
C LYS C 752 -23.56 33.13 7.53
N LEU C 753 -23.96 32.53 6.42
CA LEU C 753 -25.02 31.53 6.45
C LEU C 753 -24.60 30.27 7.17
N LYS C 754 -23.33 29.88 7.01
CA LYS C 754 -22.84 28.67 7.65
C LYS C 754 -22.81 28.82 9.16
N ASN C 755 -22.34 29.97 9.65
CA ASN C 755 -22.41 30.22 11.08
C ASN C 755 -23.84 30.30 11.57
N LYS C 756 -24.72 30.92 10.77
CA LYS C 756 -26.12 31.11 11.14
C LYS C 756 -26.84 29.78 11.30
N TRP C 757 -26.53 28.81 10.45
CA TRP C 757 -27.26 27.56 10.47
C TRP C 757 -26.46 26.39 11.05
N TRP C 758 -25.24 26.63 11.53
CA TRP C 758 -24.56 25.62 12.32
C TRP C 758 -24.27 26.03 13.76
N TYR C 759 -23.58 27.14 13.98
CA TYR C 759 -23.02 27.38 15.31
C TYR C 759 -23.86 28.33 16.14
N ASP C 760 -24.71 29.13 15.51
CA ASP C 760 -25.54 30.04 16.28
C ASP C 760 -26.73 29.35 16.90
N LYS C 761 -27.01 28.12 16.50
CA LYS C 761 -28.02 27.28 17.15
C LYS C 761 -27.35 26.40 18.21
N GLY C 762 -26.30 26.91 18.85
CA GLY C 762 -25.64 26.17 19.90
C GLY C 762 -26.56 26.03 21.10
N GLU C 763 -27.12 24.84 21.27
CA GLU C 763 -28.02 24.55 22.38
C GLU C 763 -27.33 23.65 23.39
N CYS C 764 -26.87 22.50 22.94
CA CYS C 764 -26.21 21.53 23.78
C CYS C 764 -24.72 21.83 23.72
N GLY C 765 -24.33 22.96 24.27
CA GLY C 765 -22.95 23.38 24.22
C GLY C 765 -22.06 22.61 25.17
N ALA C 766 -21.88 21.31 24.90
CA ALA C 766 -21.06 20.43 25.74
C ALA C 766 -19.60 20.84 25.68
N LYS C 767 -19.07 21.00 24.45
CA LYS C 767 -17.81 21.68 24.17
C LYS C 767 -16.62 20.95 24.78
N ASP C 768 -16.60 19.63 24.65
CA ASP C 768 -15.52 18.81 25.17
C ASP C 768 -14.52 18.48 24.06
N SER C 769 -13.29 18.98 24.20
CA SER C 769 -12.23 18.74 23.24
C SER C 769 -11.08 17.92 23.81
N GLY C 770 -10.48 18.38 24.91
CA GLY C 770 -9.42 17.64 25.56
C GLY C 770 -8.02 18.14 25.28
N SER C 771 -7.33 18.60 26.32
CA SER C 771 -5.94 19.04 26.22
C SER C 771 -5.06 18.09 27.01
N LYS C 772 -3.98 17.61 26.39
CA LYS C 772 -3.06 16.66 27.01
C LYS C 772 -2.10 17.29 28.00
N GLU C 773 -2.25 18.58 28.28
CA GLU C 773 -1.35 19.28 29.20
C GLU C 773 -1.59 18.80 30.62
N LYS C 774 -0.69 17.96 31.11
CA LYS C 774 -0.81 17.39 32.45
C LYS C 774 -0.37 18.34 33.55
N THR C 775 0.04 19.56 33.17
CA THR C 775 0.42 20.60 34.10
C THR C 775 -0.73 21.55 34.40
N SER C 776 -1.96 21.04 34.43
CA SER C 776 -3.10 21.86 34.81
C SER C 776 -3.30 21.80 36.31
N ALA C 777 -3.44 22.96 36.93
CA ALA C 777 -3.60 23.04 38.37
C ALA C 777 -4.97 22.53 38.80
N LEU C 778 -5.13 22.34 40.09
CA LEU C 778 -6.42 21.90 40.62
C LEU C 778 -7.37 23.06 40.76
N SER C 779 -8.65 22.81 40.50
CA SER C 779 -9.67 23.77 40.83
C SER C 779 -9.98 23.65 42.31
N LEU C 780 -10.79 24.58 42.83
CA LEU C 780 -11.32 24.41 44.16
C LEU C 780 -12.39 23.34 44.22
N SER C 781 -13.04 23.06 43.09
CA SER C 781 -14.18 22.14 43.01
C SER C 781 -13.80 20.69 43.27
N ASN C 782 -12.52 20.35 43.25
CA ASN C 782 -12.13 18.99 43.60
C ASN C 782 -11.82 18.83 45.08
N VAL C 783 -11.63 19.92 45.81
CA VAL C 783 -11.02 19.87 47.12
C VAL C 783 -12.01 20.29 48.21
N ALA C 784 -13.12 20.94 47.83
CA ALA C 784 -13.97 21.65 48.79
C ALA C 784 -14.65 20.70 49.78
N GLY C 785 -14.78 19.44 49.41
CA GLY C 785 -15.31 18.43 50.32
C GLY C 785 -14.45 18.26 51.55
N VAL C 786 -13.15 18.53 51.43
CA VAL C 786 -12.31 18.59 52.61
C VAL C 786 -12.71 19.75 53.51
N PHE C 787 -12.94 20.93 52.93
CA PHE C 787 -13.25 22.12 53.72
C PHE C 787 -14.54 21.98 54.49
N TYR C 788 -15.50 21.22 53.95
CA TYR C 788 -16.75 21.04 54.69
C TYR C 788 -16.51 20.26 55.98
N ILE C 789 -15.62 19.26 55.93
CA ILE C 789 -15.25 18.53 57.14
C ILE C 789 -14.59 19.45 58.15
N LEU C 790 -13.76 20.38 57.68
CA LEU C 790 -13.07 21.29 58.58
C LEU C 790 -14.05 22.22 59.28
N VAL C 791 -14.95 22.83 58.50
CA VAL C 791 -15.95 23.74 59.06
C VAL C 791 -16.87 23.02 60.02
N GLY C 792 -17.24 21.77 59.72
CA GLY C 792 -18.10 21.03 60.61
C GLY C 792 -17.43 20.65 61.92
N GLY C 793 -16.16 20.25 61.82
CA GLY C 793 -15.43 19.87 63.01
C GLY C 793 -15.19 21.04 63.94
N LEU C 794 -15.01 22.25 63.38
CA LEU C 794 -14.82 23.42 64.22
C LEU C 794 -16.06 23.70 65.07
N GLY C 795 -17.23 23.65 64.44
CA GLY C 795 -18.47 23.89 65.16
C GLY C 795 -18.75 22.80 66.18
N LEU C 796 -18.38 21.56 65.86
CA LEU C 796 -18.54 20.46 66.81
C LEU C 796 -17.70 20.67 68.05
N ALA C 797 -16.44 21.04 67.86
CA ALA C 797 -15.56 21.29 69.00
C ALA C 797 -16.02 22.45 69.84
N MET C 798 -16.50 23.51 69.18
CA MET C 798 -16.99 24.67 69.90
C MET C 798 -18.22 24.33 70.71
N LEU C 799 -19.10 23.49 70.15
CA LEU C 799 -20.28 23.03 70.86
C LEU C 799 -19.91 22.20 72.08
N VAL C 800 -18.90 21.34 71.94
CA VAL C 800 -18.52 20.48 73.05
C VAL C 800 -17.93 21.29 74.19
N ALA C 801 -17.10 22.28 73.85
CA ALA C 801 -16.53 23.14 74.88
C ALA C 801 -17.61 23.98 75.57
N LEU C 802 -18.62 24.40 74.81
CA LEU C 802 -19.71 25.18 75.40
C LEU C 802 -20.55 24.36 76.36
N ILE C 803 -20.88 23.12 75.98
CA ILE C 803 -21.72 22.33 76.89
C ILE C 803 -20.92 21.86 78.09
N GLU C 804 -19.59 21.73 77.94
CA GLU C 804 -18.79 21.41 79.11
C GLU C 804 -18.69 22.58 80.06
N PHE C 805 -18.66 23.80 79.51
CA PHE C 805 -18.69 24.98 80.39
C PHE C 805 -20.05 25.14 81.05
N CYS C 806 -21.11 24.71 80.36
CA CYS C 806 -22.43 24.74 80.98
C CYS C 806 -22.53 23.73 82.12
N TYR C 807 -21.91 22.56 81.95
CA TYR C 807 -21.84 21.58 83.03
C TYR C 807 -21.01 22.11 84.18
N LYS C 808 -19.93 22.83 83.88
CA LYS C 808 -19.14 23.45 84.94
C LYS C 808 -19.91 24.57 85.63
N SER C 809 -20.76 25.26 84.88
CA SER C 809 -21.48 26.41 85.44
C SER C 809 -22.59 25.94 86.36
N ARG C 810 -23.30 24.88 85.94
CA ARG C 810 -24.25 24.24 86.83
C ARG C 810 -23.52 23.57 87.98
N ALA C 811 -22.28 23.14 87.74
CA ALA C 811 -21.43 22.66 88.81
C ALA C 811 -20.92 23.82 89.66
N LEU C 821 -16.40 6.35 85.32
CA LEU C 821 -17.66 7.05 85.12
C LEU C 821 -18.19 7.64 86.42
N PHE C 822 -19.50 7.87 86.44
CA PHE C 822 -20.11 8.54 87.58
C PHE C 822 -20.82 7.53 88.48
N ASP C 823 -20.57 7.67 89.79
CA ASP C 823 -21.12 6.82 90.86
C ASP C 823 -20.81 5.34 90.65
N ARG C 824 -19.54 4.97 90.84
CA ARG C 824 -19.08 3.58 90.79
C ARG C 824 -19.98 2.65 91.61
N GLY C 825 -20.23 1.49 91.04
CA GLY C 825 -21.23 0.56 91.52
C GLY C 825 -22.18 0.24 90.39
N VAL C 826 -22.52 1.26 89.61
CA VAL C 826 -23.34 1.07 88.43
C VAL C 826 -22.50 0.50 87.30
N GLN C 827 -21.18 0.54 87.45
CA GLN C 827 -20.26 0.09 86.42
C GLN C 827 -20.37 -1.40 86.17
N MET C 828 -20.66 -2.17 87.24
CA MET C 828 -20.79 -3.61 87.09
C MET C 828 -22.06 -3.97 86.34
N LEU C 829 -23.16 -3.28 86.65
CA LEU C 829 -24.38 -3.36 85.87
C LEU C 829 -24.13 -3.03 84.41
N LEU C 830 -23.35 -1.97 84.18
CA LEU C 830 -23.14 -1.47 82.83
C LEU C 830 -22.28 -2.43 82.02
N THR C 831 -21.28 -3.04 82.66
CA THR C 831 -20.43 -3.97 81.92
C THR C 831 -21.12 -5.31 81.70
N THR C 832 -22.02 -5.70 82.61
CA THR C 832 -22.77 -6.93 82.40
C THR C 832 -23.76 -6.79 81.26
N VAL C 833 -24.47 -5.65 81.21
CA VAL C 833 -25.43 -5.46 80.12
C VAL C 833 -24.69 -5.23 78.81
N GLY C 834 -23.48 -4.66 78.86
CA GLY C 834 -22.67 -4.52 77.66
C GLY C 834 -22.18 -5.84 77.12
N ALA C 835 -21.67 -6.70 78.00
CA ALA C 835 -21.18 -8.00 77.57
C ALA C 835 -22.31 -8.88 77.09
N PHE C 836 -23.48 -8.72 77.70
CA PHE C 836 -24.66 -9.47 77.25
C PHE C 836 -25.10 -9.01 75.86
N ALA C 837 -25.05 -7.69 75.62
CA ALA C 837 -25.40 -7.17 74.31
C ALA C 837 -24.42 -7.63 73.25
N ALA C 838 -23.12 -7.65 73.59
CA ALA C 838 -22.12 -8.10 72.64
C ALA C 838 -22.25 -9.59 72.36
N PHE C 839 -22.55 -10.39 73.39
CA PHE C 839 -22.72 -11.82 73.19
C PHE C 839 -23.95 -12.11 72.34
N SER C 840 -25.04 -11.39 72.60
CA SER C 840 -26.26 -11.55 71.80
C SER C 840 -26.02 -11.17 70.35
N LEU C 841 -25.36 -10.02 70.12
CA LEU C 841 -25.14 -9.54 68.76
C LEU C 841 -24.17 -10.43 68.01
N MET C 842 -23.18 -11.01 68.71
CA MET C 842 -22.24 -11.90 68.04
C MET C 842 -22.89 -13.23 67.70
N THR C 843 -23.75 -13.74 68.59
CA THR C 843 -24.44 -14.98 68.29
C THR C 843 -25.44 -14.81 67.15
N ILE C 844 -26.15 -13.68 67.14
CA ILE C 844 -27.07 -13.35 66.06
C ILE C 844 -26.31 -13.22 64.75
N ALA C 845 -25.13 -12.59 64.81
CA ALA C 845 -24.29 -12.39 63.63
C ALA C 845 -23.67 -13.68 63.11
N VAL C 846 -23.34 -14.62 63.98
CA VAL C 846 -22.83 -15.90 63.51
C VAL C 846 -23.93 -16.77 62.94
N GLY C 847 -25.00 -16.99 63.70
CA GLY C 847 -26.07 -17.84 63.21
C GLY C 847 -26.96 -17.07 62.26
N THR C 848 -26.52 -16.88 61.01
CA THR C 848 -27.17 -15.90 60.17
C THR C 848 -27.15 -16.36 58.72
N ASP C 849 -28.26 -16.12 58.00
CA ASP C 849 -28.26 -16.25 56.56
C ASP C 849 -27.96 -14.94 55.85
N TYR C 850 -28.17 -13.79 56.50
CA TYR C 850 -28.05 -12.50 55.81
C TYR C 850 -26.78 -11.78 56.27
N TRP C 851 -25.71 -11.91 55.49
CA TRP C 851 -24.64 -10.93 55.55
C TRP C 851 -24.56 -10.10 54.28
N LEU C 852 -24.32 -10.71 53.13
CA LEU C 852 -24.15 -9.92 51.92
C LEU C 852 -25.22 -10.25 50.90
N TYR C 853 -25.23 -9.42 49.86
CA TYR C 853 -26.15 -9.56 48.75
C TYR C 853 -25.42 -9.32 47.44
N SER C 854 -25.54 -10.27 46.52
CA SER C 854 -24.82 -10.23 45.26
C SER C 854 -25.66 -10.92 44.20
N ARG C 855 -25.03 -11.30 43.11
CA ARG C 855 -25.70 -11.98 42.00
C ARG C 855 -25.02 -13.32 41.75
N GLY C 856 -25.76 -14.40 41.94
CA GLY C 856 -25.27 -15.75 41.70
C GLY C 856 -26.41 -16.71 41.42
N VAL C 857 -26.17 -17.97 41.78
CA VAL C 857 -27.10 -19.07 41.54
C VAL C 857 -27.70 -19.53 42.85
N CYS C 858 -28.73 -20.38 42.77
CA CYS C 858 -29.30 -21.02 43.95
C CYS C 858 -28.80 -22.45 44.10
N LYS C 859 -29.04 -23.29 43.10
CA LYS C 859 -28.63 -24.69 43.13
C LYS C 859 -28.59 -25.22 41.71
N THR C 860 -27.41 -25.58 41.24
CA THR C 860 -27.22 -26.06 39.88
C THR C 860 -27.11 -27.57 39.88
N LYS C 861 -27.17 -28.12 38.67
CA LYS C 861 -26.94 -29.54 38.38
C LYS C 861 -27.86 -30.49 39.13
N VAL C 875 -29.09 -14.20 39.79
CA VAL C 875 -30.11 -14.23 40.84
C VAL C 875 -29.60 -13.40 42.01
N MET C 876 -30.43 -12.50 42.54
CA MET C 876 -30.06 -11.77 43.74
C MET C 876 -29.98 -12.73 44.92
N THR C 877 -28.88 -12.69 45.66
CA THR C 877 -28.56 -13.80 46.54
C THR C 877 -28.45 -13.37 47.99
N HIS C 878 -29.26 -14.00 48.84
CA HIS C 878 -29.41 -13.70 50.26
C HIS C 878 -28.27 -14.34 51.05
N SER C 879 -27.04 -14.00 50.70
CA SER C 879 -25.92 -14.87 51.02
C SER C 879 -25.38 -14.60 52.41
N GLY C 880 -24.93 -15.66 53.08
CA GLY C 880 -24.38 -15.55 54.41
C GLY C 880 -23.10 -16.31 54.62
N LEU C 881 -23.04 -17.09 55.71
CA LEU C 881 -21.80 -17.73 56.11
C LEU C 881 -21.48 -18.93 55.23
N TRP C 882 -22.34 -19.95 55.24
CA TRP C 882 -22.16 -21.07 54.32
C TRP C 882 -23.45 -21.34 53.56
N ARG C 883 -24.59 -21.09 54.19
CA ARG C 883 -25.85 -21.20 53.48
C ARG C 883 -25.97 -20.05 52.52
N THR C 884 -25.50 -20.22 51.29
CA THR C 884 -25.67 -19.19 50.28
C THR C 884 -27.11 -19.18 49.76
N CYS C 885 -28.03 -18.80 50.62
CA CYS C 885 -29.45 -18.91 50.35
C CYS C 885 -29.84 -17.80 49.39
N CYS C 886 -30.99 -17.93 48.75
CA CYS C 886 -31.32 -17.03 47.67
C CYS C 886 -32.79 -16.65 47.70
N LEU C 887 -33.11 -15.61 46.94
CA LEU C 887 -34.45 -15.10 46.76
C LEU C 887 -34.59 -14.55 45.34
N GLU C 888 -35.81 -14.14 45.00
CA GLU C 888 -36.19 -13.47 43.75
C GLU C 888 -35.83 -14.32 42.53
N GLY C 889 -36.56 -15.43 42.41
CA GLY C 889 -36.37 -16.28 41.25
C GLY C 889 -37.52 -17.24 41.09
N ASN C 890 -37.19 -18.43 40.55
CA ASN C 890 -38.17 -19.49 40.39
C ASN C 890 -38.65 -20.01 41.75
N PHE C 891 -37.74 -20.11 42.71
CA PHE C 891 -38.10 -20.42 44.09
C PHE C 891 -37.34 -19.48 45.01
N LYS C 892 -37.93 -19.15 46.14
CA LYS C 892 -37.38 -18.19 47.09
C LYS C 892 -37.18 -18.86 48.44
N GLY C 893 -35.92 -19.03 48.83
CA GLY C 893 -35.59 -19.53 50.14
C GLY C 893 -35.16 -20.97 50.19
N LEU C 894 -34.33 -21.40 49.26
CA LEU C 894 -33.72 -22.73 49.28
C LEU C 894 -32.22 -22.55 49.50
N CYS C 895 -31.77 -22.90 50.70
CA CYS C 895 -30.47 -22.47 51.20
C CYS C 895 -29.43 -23.56 50.93
N LYS C 896 -28.72 -23.43 49.81
CA LYS C 896 -27.62 -24.33 49.48
C LYS C 896 -26.45 -24.09 50.43
N GLN C 897 -25.92 -25.18 50.98
CA GLN C 897 -24.72 -25.12 51.80
C GLN C 897 -23.50 -25.18 50.88
N ILE C 898 -22.59 -24.21 51.01
CA ILE C 898 -21.48 -24.06 50.07
C ILE C 898 -20.18 -24.38 50.80
N ASP C 899 -19.18 -24.78 50.03
CA ASP C 899 -17.81 -24.90 50.49
C ASP C 899 -16.92 -24.59 49.29
N HIS C 900 -15.63 -24.90 49.37
CA HIS C 900 -14.69 -24.61 48.30
C HIS C 900 -14.58 -25.83 47.39
N PHE C 901 -14.74 -25.61 46.08
CA PHE C 901 -14.25 -26.52 45.05
C PHE C 901 -14.15 -25.79 43.72
N PRO C 902 -13.02 -25.18 43.44
CA PRO C 902 -12.84 -24.55 42.12
C PRO C 902 -12.48 -25.55 41.04
N GLU C 903 -12.31 -25.07 39.80
CA GLU C 903 -11.77 -25.87 38.70
C GLU C 903 -10.57 -25.09 38.14
N ASP C 904 -9.45 -25.21 38.85
CA ASP C 904 -8.28 -24.38 38.60
C ASP C 904 -7.25 -25.05 37.71
N ALA C 905 -6.03 -24.48 37.73
CA ALA C 905 -4.85 -25.06 37.11
C ALA C 905 -4.14 -26.03 38.05
N ASP C 906 -4.88 -26.62 38.98
CA ASP C 906 -4.43 -27.58 39.98
C ASP C 906 -3.30 -27.01 40.85
N TYR C 907 -3.62 -26.00 41.65
CA TYR C 907 -2.67 -25.46 42.63
C TYR C 907 -2.40 -26.54 43.66
N GLU C 908 -1.14 -26.95 43.76
CA GLU C 908 -0.80 -28.12 44.57
C GLU C 908 -0.87 -27.80 46.06
N ALA C 909 0.00 -26.93 46.52
CA ALA C 909 0.02 -26.53 47.91
C ALA C 909 0.19 -25.02 47.97
N ASP C 910 -0.49 -24.32 47.06
CA ASP C 910 -0.47 -22.87 47.02
C ASP C 910 -1.14 -22.39 48.29
N THR C 911 -0.33 -21.98 49.26
CA THR C 911 -0.77 -21.93 50.64
C THR C 911 -1.62 -20.70 50.91
N ALA C 912 -1.24 -19.55 50.33
CA ALA C 912 -1.98 -18.32 50.54
C ALA C 912 -3.32 -18.33 49.82
N GLU C 913 -3.53 -19.30 48.92
CA GLU C 913 -4.82 -19.55 48.31
C GLU C 913 -5.45 -20.86 48.75
N TYR C 914 -4.80 -21.60 49.65
CA TYR C 914 -5.32 -22.87 50.10
C TYR C 914 -5.65 -22.89 51.58
N PHE C 915 -4.65 -22.60 52.40
CA PHE C 915 -4.79 -22.57 53.85
C PHE C 915 -5.68 -21.41 54.24
N LEU C 916 -5.65 -20.36 53.42
CA LEU C 916 -6.59 -19.25 53.57
C LEU C 916 -8.02 -19.73 53.37
N ARG C 917 -8.26 -20.57 52.36
CA ARG C 917 -9.59 -21.15 52.15
C ARG C 917 -9.96 -22.09 53.29
N ALA C 918 -8.95 -22.77 53.83
CA ALA C 918 -9.16 -23.69 54.93
C ALA C 918 -9.61 -22.95 56.18
N VAL C 919 -9.09 -21.75 56.39
CA VAL C 919 -9.52 -20.98 57.55
C VAL C 919 -10.83 -20.29 57.18
N ARG C 920 -11.06 -20.06 55.89
CA ARG C 920 -12.28 -19.40 55.46
C ARG C 920 -13.53 -20.26 55.59
N ALA C 921 -13.61 -21.39 54.89
CA ALA C 921 -14.86 -22.14 54.90
C ALA C 921 -14.86 -23.17 56.03
N SER C 922 -14.38 -22.70 57.18
CA SER C 922 -14.56 -23.25 58.51
C SER C 922 -14.24 -22.10 59.45
N SER C 923 -15.25 -21.40 59.94
CA SER C 923 -15.01 -20.21 60.74
C SER C 923 -14.47 -20.59 62.10
N ILE C 924 -13.17 -20.43 62.31
CA ILE C 924 -12.54 -20.70 63.59
C ILE C 924 -12.19 -19.42 64.33
N PHE C 925 -11.70 -18.42 63.63
CA PHE C 925 -11.54 -17.08 64.19
C PHE C 925 -12.86 -16.38 64.51
N PRO C 926 -13.94 -16.41 63.63
CA PRO C 926 -15.19 -15.77 64.07
C PRO C 926 -15.89 -16.53 65.19
N ILE C 927 -15.72 -17.85 65.24
CA ILE C 927 -16.40 -18.61 66.26
C ILE C 927 -15.73 -18.45 67.61
N LEU C 928 -14.47 -18.03 67.64
CA LEU C 928 -13.73 -18.01 68.89
C LEU C 928 -14.04 -16.75 69.68
N SER C 929 -14.60 -15.75 69.00
CA SER C 929 -15.11 -14.57 69.68
C SER C 929 -16.24 -14.92 70.64
N VAL C 930 -17.12 -15.84 70.21
CA VAL C 930 -18.21 -16.31 71.04
C VAL C 930 -17.66 -17.02 72.27
N ILE C 931 -16.61 -17.83 72.05
CA ILE C 931 -16.03 -18.66 73.09
C ILE C 931 -15.38 -17.80 74.17
N LEU C 932 -14.48 -16.90 73.75
CA LEU C 932 -13.85 -16.00 74.70
C LEU C 932 -14.85 -15.03 75.32
N LEU C 933 -15.88 -14.64 74.58
CA LEU C 933 -16.82 -13.64 75.06
C LEU C 933 -17.67 -14.22 76.18
N PHE C 934 -18.13 -15.45 76.03
CA PHE C 934 -18.85 -16.09 77.11
C PHE C 934 -17.90 -16.53 78.23
N MET C 935 -16.66 -16.84 77.89
CA MET C 935 -15.67 -17.22 78.89
C MET C 935 -15.37 -16.06 79.83
N GLY C 936 -15.36 -14.84 79.29
CA GLY C 936 -15.22 -13.68 80.14
C GLY C 936 -16.53 -13.27 80.81
N GLY C 937 -17.65 -13.55 80.15
CA GLY C 937 -18.95 -13.27 80.77
C GLY C 937 -19.21 -14.12 81.98
N LEU C 938 -18.63 -15.32 82.00
CA LEU C 938 -18.66 -16.14 83.21
C LEU C 938 -17.80 -15.54 84.30
N CYS C 939 -16.65 -14.99 83.93
CA CYS C 939 -15.72 -14.47 84.93
C CYS C 939 -16.25 -13.20 85.57
N ILE C 940 -16.95 -12.37 84.80
CA ILE C 940 -17.61 -11.21 85.39
C ILE C 940 -18.85 -11.64 86.16
N ALA C 941 -19.43 -12.78 85.77
CA ALA C 941 -20.48 -13.37 86.58
C ALA C 941 -19.94 -14.00 87.85
N ALA C 942 -18.75 -14.58 87.81
CA ALA C 942 -18.13 -15.17 88.99
C ALA C 942 -17.39 -14.15 89.82
N SER C 943 -17.61 -12.86 89.61
CA SER C 943 -16.92 -11.83 90.38
C SER C 943 -17.41 -11.79 91.82
N GLU C 944 -18.73 -11.93 91.99
CA GLU C 944 -19.34 -11.80 93.31
C GLU C 944 -18.93 -12.93 94.22
N PHE C 945 -19.07 -14.17 93.74
CA PHE C 945 -18.61 -15.30 94.53
C PHE C 945 -17.09 -15.36 94.48
N TYR C 946 -16.51 -15.91 95.55
CA TYR C 946 -15.07 -16.14 95.70
C TYR C 946 -14.30 -14.81 95.64
N LYS C 947 -14.93 -13.77 96.18
CA LYS C 947 -14.43 -12.41 96.04
C LYS C 947 -13.40 -12.06 97.10
N THR C 948 -12.99 -10.79 97.12
CA THR C 948 -11.96 -10.23 97.98
C THR C 948 -10.66 -11.02 97.83
N ARG C 949 -10.20 -11.08 96.59
CA ARG C 949 -8.86 -11.54 96.23
C ARG C 949 -8.29 -10.56 95.22
N HIS C 950 -9.15 -9.60 94.82
CA HIS C 950 -8.83 -8.40 94.03
C HIS C 950 -7.99 -8.69 92.79
N ASN C 951 -8.23 -9.84 92.18
CA ASN C 951 -7.38 -10.28 91.08
C ASN C 951 -8.20 -10.85 89.94
N ILE C 952 -9.41 -11.29 90.24
CA ILE C 952 -10.14 -12.14 89.31
C ILE C 952 -10.71 -11.39 88.13
N ILE C 953 -11.19 -10.15 88.32
CA ILE C 953 -11.89 -9.47 87.23
C ILE C 953 -10.89 -8.90 86.23
N LEU C 954 -9.61 -8.81 86.61
CA LEU C 954 -8.55 -8.53 85.65
C LEU C 954 -8.49 -9.60 84.59
N SER C 955 -8.70 -10.86 84.98
CA SER C 955 -8.65 -11.96 84.03
C SER C 955 -9.82 -11.90 83.07
N ALA C 956 -10.94 -11.29 83.50
CA ALA C 956 -12.15 -11.23 82.70
C ALA C 956 -11.98 -10.43 81.43
N GLY C 957 -11.47 -9.21 81.56
CA GLY C 957 -11.39 -8.26 80.46
C GLY C 957 -10.46 -8.65 79.34
N ILE C 958 -9.49 -9.50 79.66
CA ILE C 958 -8.54 -9.99 78.66
C ILE C 958 -9.26 -10.80 77.61
N PHE C 959 -10.27 -11.57 78.03
CA PHE C 959 -11.10 -12.31 77.08
C PHE C 959 -11.86 -11.38 76.17
N PHE C 960 -12.40 -10.29 76.73
CA PHE C 960 -13.18 -9.35 75.94
C PHE C 960 -12.30 -8.62 74.94
N VAL C 961 -11.05 -8.36 75.32
CA VAL C 961 -10.11 -7.75 74.39
C VAL C 961 -9.77 -8.73 73.27
N SER C 962 -9.37 -9.93 73.63
CA SER C 962 -8.88 -10.89 72.65
C SER C 962 -9.97 -11.42 71.75
N ALA C 963 -11.23 -11.39 72.18
CA ALA C 963 -12.32 -11.80 71.32
C ALA C 963 -12.49 -10.82 70.17
N GLY C 964 -12.29 -9.54 70.44
CA GLY C 964 -12.33 -8.55 69.40
C GLY C 964 -11.19 -8.71 68.42
N LEU C 965 -10.03 -9.10 68.95
CA LEU C 965 -8.85 -9.34 68.12
C LEU C 965 -9.06 -10.56 67.24
N SER C 966 -9.85 -11.52 67.71
CA SER C 966 -10.21 -12.63 66.83
C SER C 966 -11.23 -12.18 65.79
N ASN C 967 -12.17 -11.31 66.21
CA ASN C 967 -13.23 -10.84 65.34
C ASN C 967 -12.66 -10.06 64.16
N ILE C 968 -11.68 -9.23 64.43
CA ILE C 968 -11.14 -8.33 63.41
C ILE C 968 -10.35 -9.13 62.40
N ILE C 969 -9.80 -10.28 62.82
CA ILE C 969 -9.11 -11.16 61.89
C ILE C 969 -10.14 -11.87 61.03
N GLY C 970 -11.25 -12.29 61.66
CA GLY C 970 -12.29 -12.98 60.92
C GLY C 970 -12.91 -12.12 59.84
N ILE C 971 -13.07 -10.84 60.13
CA ILE C 971 -13.64 -9.91 59.14
C ILE C 971 -12.69 -9.76 57.96
N ILE C 972 -11.39 -9.64 58.25
CA ILE C 972 -10.38 -9.47 57.21
C ILE C 972 -10.29 -10.71 56.33
N VAL C 973 -10.34 -11.90 56.94
CA VAL C 973 -10.21 -13.09 56.11
C VAL C 973 -11.49 -13.35 55.34
N TYR C 974 -12.64 -12.90 55.85
CA TYR C 974 -13.87 -13.07 55.08
C TYR C 974 -13.90 -12.14 53.88
N ILE C 975 -13.52 -10.88 54.08
CA ILE C 975 -13.44 -9.94 52.96
C ILE C 975 -12.34 -10.36 51.99
N SER C 976 -11.29 -10.99 52.51
CA SER C 976 -10.22 -11.53 51.69
C SER C 976 -10.71 -12.64 50.77
N ALA C 977 -11.43 -13.62 51.29
CA ALA C 977 -11.82 -14.74 50.45
C ALA C 977 -13.15 -14.52 49.75
N ASN C 978 -13.82 -13.39 49.98
CA ASN C 978 -14.89 -13.01 49.08
C ASN C 978 -14.26 -12.63 47.76
N ALA C 979 -13.17 -11.89 47.82
CA ALA C 979 -12.44 -11.53 46.62
C ALA C 979 -11.31 -12.51 46.37
N GLY C 980 -11.27 -13.59 47.13
CA GLY C 980 -10.22 -14.59 46.98
C GLY C 980 -10.33 -15.41 45.71
N LYS C 988 -16.95 -7.71 36.48
CA LYS C 988 -16.68 -6.45 37.16
C LYS C 988 -17.98 -5.64 37.14
N LYS C 989 -18.09 -4.66 38.04
CA LYS C 989 -19.27 -3.83 38.28
C LYS C 989 -20.46 -4.71 38.69
N ASN C 990 -20.22 -5.41 39.80
CA ASN C 990 -21.19 -6.33 40.34
C ASN C 990 -22.01 -5.68 41.46
N SER C 991 -21.43 -4.66 42.11
CA SER C 991 -22.03 -3.83 43.15
C SER C 991 -22.57 -4.67 44.31
N TYR C 992 -21.75 -5.57 44.82
CA TYR C 992 -22.11 -6.46 45.91
C TYR C 992 -22.24 -5.61 47.17
N SER C 993 -23.20 -5.95 48.02
CA SER C 993 -23.44 -5.14 49.19
C SER C 993 -23.18 -5.93 50.46
N TYR C 994 -22.39 -5.34 51.36
CA TYR C 994 -22.11 -5.98 52.64
C TYR C 994 -23.30 -5.97 53.58
N GLY C 995 -24.34 -5.23 53.23
CA GLY C 995 -25.68 -5.46 53.72
C GLY C 995 -25.85 -5.33 55.20
N TRP C 996 -26.85 -6.05 55.68
CA TRP C 996 -27.26 -6.07 57.08
C TRP C 996 -26.37 -7.03 57.86
N SER C 997 -26.89 -7.64 58.92
CA SER C 997 -26.27 -8.02 60.20
C SER C 997 -24.77 -8.32 60.31
N PHE C 998 -24.02 -8.44 59.21
CA PHE C 998 -22.58 -8.24 59.24
C PHE C 998 -22.17 -7.04 60.09
N TYR C 999 -22.88 -5.91 59.98
CA TYR C 999 -22.66 -4.78 60.86
C TYR C 999 -22.95 -5.07 62.33
N PHE C 1000 -23.75 -6.09 62.65
CA PHE C 1000 -23.93 -6.41 64.06
C PHE C 1000 -22.64 -6.96 64.64
N GLY C 1001 -21.84 -7.64 63.81
CA GLY C 1001 -20.52 -8.07 64.26
C GLY C 1001 -19.59 -6.90 64.49
N ALA C 1002 -19.63 -5.92 63.59
CA ALA C 1002 -18.77 -4.74 63.73
C ALA C 1002 -19.19 -3.91 64.93
N LEU C 1003 -20.49 -3.83 65.18
CA LEU C 1003 -20.97 -3.16 66.38
C LEU C 1003 -20.58 -3.94 67.63
N SER C 1004 -20.62 -5.27 67.55
CA SER C 1004 -20.30 -6.11 68.69
C SER C 1004 -18.84 -5.99 69.08
N PHE C 1005 -17.97 -5.76 68.09
CA PHE C 1005 -16.56 -5.49 68.36
C PHE C 1005 -16.38 -4.26 69.23
N ILE C 1006 -17.07 -3.17 68.89
CA ILE C 1006 -16.91 -1.92 69.62
C ILE C 1006 -17.48 -2.05 71.03
N ILE C 1007 -18.62 -2.75 71.15
CA ILE C 1007 -19.26 -2.95 72.44
C ILE C 1007 -18.40 -3.84 73.33
N ALA C 1008 -17.86 -4.92 72.77
CA ALA C 1008 -17.02 -5.84 73.54
C ALA C 1008 -15.73 -5.18 73.97
N GLU C 1009 -15.20 -4.30 73.12
CA GLU C 1009 -13.96 -3.64 73.50
C GLU C 1009 -14.21 -2.56 74.54
N MET C 1010 -15.38 -1.92 74.47
CA MET C 1010 -15.73 -0.94 75.48
C MET C 1010 -16.04 -1.62 76.81
N VAL C 1011 -16.50 -2.88 76.75
CA VAL C 1011 -16.59 -3.68 77.95
C VAL C 1011 -15.22 -3.96 78.54
N GLY C 1012 -14.29 -4.48 77.73
CA GLY C 1012 -13.01 -4.93 78.22
C GLY C 1012 -12.13 -3.84 78.81
N VAL C 1013 -12.27 -2.61 78.33
CA VAL C 1013 -11.51 -1.50 78.90
C VAL C 1013 -12.03 -1.10 80.28
N LEU C 1014 -13.33 -1.24 80.52
CA LEU C 1014 -13.94 -0.74 81.75
C LEU C 1014 -13.60 -1.69 82.90
N ALA C 1015 -13.38 -2.96 82.55
CA ALA C 1015 -12.95 -3.97 83.49
C ALA C 1015 -11.61 -3.59 84.12
N VAL C 1016 -10.73 -3.00 83.32
CA VAL C 1016 -9.42 -2.64 83.82
C VAL C 1016 -9.52 -1.42 84.73
N HIS C 1017 -10.48 -0.53 84.44
CA HIS C 1017 -10.77 0.57 85.36
C HIS C 1017 -11.24 0.03 86.69
N MET C 1018 -12.15 -0.95 86.66
CA MET C 1018 -12.61 -1.58 87.89
C MET C 1018 -11.48 -2.28 88.64
N PHE C 1019 -10.56 -2.92 87.92
CA PHE C 1019 -9.42 -3.54 88.57
C PHE C 1019 -8.55 -2.52 89.27
N ILE C 1020 -8.13 -1.49 88.55
CA ILE C 1020 -7.12 -0.60 89.10
C ILE C 1020 -7.71 0.28 90.20
N ASP C 1021 -9.01 0.60 90.08
CA ASP C 1021 -9.66 1.37 91.10
C ASP C 1021 -9.93 0.51 92.33
N ARG C 1022 -10.34 -0.74 92.12
CA ARG C 1022 -10.60 -1.65 93.21
C ARG C 1022 -9.32 -2.03 93.94
N HIS C 1023 -8.19 -2.08 93.23
CA HIS C 1023 -6.93 -2.32 93.90
C HIS C 1023 -6.42 -1.09 94.60
N LYS C 1024 -6.64 0.10 94.02
CA LYS C 1024 -6.26 1.35 94.66
C LYS C 1024 -7.06 1.61 95.93
N GLN C 1025 -8.26 1.04 96.02
CA GLN C 1025 -9.01 1.09 97.27
C GLN C 1025 -8.28 0.37 98.41
N LEU C 1026 -7.67 -0.79 98.13
CA LEU C 1026 -6.87 -1.44 99.17
C LEU C 1026 -5.39 -1.05 99.06
N THR C 1027 -5.13 0.25 98.96
CA THR C 1027 -3.78 0.78 99.08
C THR C 1027 -3.64 1.80 100.20
N GLY C 1028 -4.68 2.52 100.57
CA GLY C 1028 -4.60 3.51 101.62
C GLY C 1028 -5.58 4.65 101.42
N ASN D 1 -52.77 -35.17 -71.87
CA ASN D 1 -53.31 -33.85 -71.54
C ASN D 1 -52.20 -32.82 -71.43
N SER D 2 -51.69 -32.33 -72.55
CA SER D 2 -50.68 -31.28 -72.53
C SER D 2 -51.35 -29.97 -72.13
N ILE D 3 -51.19 -29.58 -70.86
CA ILE D 3 -51.89 -28.45 -70.29
C ILE D 3 -51.02 -27.20 -70.42
N GLN D 4 -51.59 -26.13 -70.96
CA GLN D 4 -50.90 -24.86 -71.17
C GLN D 4 -50.54 -24.16 -69.87
N ILE D 5 -49.26 -23.85 -69.68
CA ILE D 5 -48.83 -23.04 -68.56
C ILE D 5 -47.98 -21.90 -69.10
N GLY D 6 -47.62 -20.97 -68.22
CA GLY D 6 -46.75 -19.87 -68.59
C GLY D 6 -45.53 -19.75 -67.68
N GLY D 7 -44.40 -19.33 -68.22
CA GLY D 7 -43.21 -19.24 -67.40
C GLY D 7 -42.47 -17.94 -67.61
N LEU D 8 -42.01 -17.33 -66.51
CA LEU D 8 -41.30 -16.06 -66.53
C LEU D 8 -39.86 -16.31 -66.08
N PHE D 9 -38.89 -15.86 -66.89
CA PHE D 9 -37.51 -16.08 -66.49
C PHE D 9 -36.65 -14.89 -66.83
N PRO D 10 -35.74 -14.50 -65.95
CA PRO D 10 -34.89 -13.35 -66.23
C PRO D 10 -33.82 -13.67 -67.26
N ARG D 11 -33.20 -12.63 -67.79
CA ARG D 11 -32.15 -12.82 -68.78
C ARG D 11 -30.80 -12.92 -68.09
N GLY D 12 -30.42 -14.16 -67.75
CA GLY D 12 -29.28 -14.43 -66.90
C GLY D 12 -29.52 -15.49 -65.86
N ALA D 13 -30.75 -16.02 -65.75
CA ALA D 13 -31.06 -17.09 -64.82
C ALA D 13 -30.90 -18.44 -65.50
N ASP D 14 -29.72 -18.67 -66.06
CA ASP D 14 -29.50 -19.81 -66.95
C ASP D 14 -29.46 -21.11 -66.17
N GLN D 15 -28.84 -21.10 -64.98
CA GLN D 15 -28.80 -22.28 -64.14
C GLN D 15 -30.20 -22.67 -63.67
N GLU D 16 -31.02 -21.67 -63.36
CA GLU D 16 -32.38 -21.92 -62.91
C GLU D 16 -33.25 -22.48 -64.03
N TYR D 17 -33.15 -21.90 -65.23
CA TYR D 17 -33.94 -22.41 -66.34
C TYR D 17 -33.46 -23.79 -66.77
N SER D 18 -32.16 -24.06 -66.63
CA SER D 18 -31.65 -25.39 -66.95
C SER D 18 -32.13 -26.42 -65.95
N ALA D 19 -32.21 -26.03 -64.68
CA ALA D 19 -32.75 -26.93 -63.66
C ALA D 19 -34.23 -27.17 -63.88
N PHE D 20 -34.96 -26.16 -64.38
CA PHE D 20 -36.35 -26.38 -64.74
C PHE D 20 -36.48 -27.36 -65.90
N ARG D 21 -35.61 -27.25 -66.89
CA ARG D 21 -35.63 -28.19 -68.01
C ARG D 21 -35.28 -29.60 -67.58
N VAL D 22 -34.39 -29.72 -66.59
CA VAL D 22 -34.09 -31.03 -66.02
C VAL D 22 -35.30 -31.61 -65.31
N GLY D 23 -35.90 -30.82 -64.41
CA GLY D 23 -37.04 -31.30 -63.65
C GLY D 23 -38.29 -31.54 -64.49
N MET D 24 -38.32 -30.97 -65.69
CA MET D 24 -39.38 -31.21 -66.65
C MET D 24 -39.51 -32.69 -67.01
N VAL D 25 -38.37 -33.36 -67.21
CA VAL D 25 -38.39 -34.75 -67.65
C VAL D 25 -37.78 -35.64 -66.59
N GLN D 26 -37.45 -35.06 -65.43
CA GLN D 26 -36.92 -35.86 -64.33
C GLN D 26 -37.97 -36.81 -63.79
N PHE D 27 -39.23 -36.37 -63.81
CA PHE D 27 -40.38 -37.22 -63.43
C PHE D 27 -41.64 -36.58 -64.03
N SER D 28 -42.23 -37.28 -65.00
CA SER D 28 -43.49 -36.92 -65.64
C SER D 28 -43.98 -38.07 -66.49
N THR D 29 -45.07 -37.82 -67.24
CA THR D 29 -45.50 -38.62 -68.39
C THR D 29 -45.82 -40.07 -68.01
N SER D 30 -46.80 -40.21 -67.14
CA SER D 30 -47.67 -41.37 -67.10
C SER D 30 -49.10 -40.93 -67.38
N GLU D 31 -49.25 -39.70 -67.85
CA GLU D 31 -50.46 -38.90 -67.73
C GLU D 31 -50.28 -37.64 -68.54
N PHE D 32 -51.02 -36.60 -68.16
CA PHE D 32 -50.88 -35.21 -68.60
C PHE D 32 -49.44 -34.72 -68.77
N ARG D 33 -49.21 -33.91 -69.78
CA ARG D 33 -47.94 -33.24 -69.96
C ARG D 33 -48.13 -31.74 -69.79
N LEU D 34 -47.04 -31.00 -69.91
CA LEU D 34 -47.05 -29.56 -69.71
C LEU D 34 -46.72 -28.88 -71.02
N THR D 35 -47.24 -27.67 -71.18
CA THR D 35 -46.98 -26.83 -72.35
C THR D 35 -46.38 -25.54 -71.82
N PRO D 36 -45.06 -25.49 -71.62
CA PRO D 36 -44.46 -24.28 -71.07
C PRO D 36 -44.15 -23.27 -72.16
N HIS D 37 -44.80 -22.11 -72.13
CA HIS D 37 -44.36 -21.00 -72.94
C HIS D 37 -43.45 -20.13 -72.08
N ILE D 38 -42.20 -20.04 -72.50
CA ILE D 38 -41.16 -19.42 -71.69
C ILE D 38 -41.00 -17.97 -72.15
N ASP D 39 -40.85 -17.06 -71.18
CA ASP D 39 -40.63 -15.65 -71.46
C ASP D 39 -39.32 -15.24 -70.82
N ASN D 40 -38.25 -15.26 -71.62
CA ASN D 40 -36.92 -14.85 -71.18
C ASN D 40 -36.83 -13.33 -71.25
N LEU D 41 -37.52 -12.68 -70.33
CA LEU D 41 -37.65 -11.24 -70.35
C LEU D 41 -37.19 -10.68 -69.02
N GLU D 42 -37.22 -9.36 -68.90
CA GLU D 42 -36.73 -8.73 -67.69
C GLU D 42 -37.74 -8.83 -66.56
N VAL D 43 -37.33 -8.34 -65.39
CA VAL D 43 -38.19 -8.35 -64.22
C VAL D 43 -38.23 -7.00 -63.52
N ALA D 44 -37.32 -6.09 -63.86
CA ALA D 44 -37.33 -4.77 -63.25
C ALA D 44 -38.46 -3.93 -63.78
N ASN D 45 -38.65 -3.93 -65.10
CA ASN D 45 -39.68 -3.10 -65.71
C ASN D 45 -41.04 -3.77 -65.51
N SER D 46 -41.85 -3.17 -64.64
CA SER D 46 -43.20 -3.68 -64.40
C SER D 46 -44.09 -3.53 -65.61
N PHE D 47 -43.78 -2.60 -66.52
CA PHE D 47 -44.47 -2.57 -67.80
C PHE D 47 -44.15 -3.81 -68.62
N ALA D 48 -42.90 -4.29 -68.56
CA ALA D 48 -42.57 -5.52 -69.24
C ALA D 48 -43.23 -6.72 -68.57
N VAL D 49 -43.33 -6.69 -67.25
CA VAL D 49 -44.06 -7.73 -66.53
C VAL D 49 -45.53 -7.73 -66.92
N THR D 50 -46.08 -6.53 -67.12
CA THR D 50 -47.47 -6.38 -67.52
C THR D 50 -47.70 -6.91 -68.92
N ASN D 51 -46.79 -6.59 -69.84
CA ASN D 51 -46.88 -7.09 -71.20
C ASN D 51 -46.79 -8.60 -71.25
N ALA D 52 -45.86 -9.19 -70.48
CA ALA D 52 -45.74 -10.64 -70.46
C ALA D 52 -46.93 -11.31 -69.80
N PHE D 53 -47.50 -10.66 -68.77
CA PHE D 53 -48.64 -11.25 -68.08
C PHE D 53 -49.88 -11.22 -68.95
N CYS D 54 -50.12 -10.11 -69.64
CA CYS D 54 -51.25 -10.06 -70.56
C CYS D 54 -51.04 -10.92 -71.79
N SER D 55 -49.79 -11.14 -72.22
CA SER D 55 -49.54 -12.05 -73.33
C SER D 55 -49.86 -13.49 -72.93
N GLN D 56 -49.41 -13.91 -71.75
CA GLN D 56 -49.73 -15.27 -71.32
C GLN D 56 -51.19 -15.44 -70.93
N PHE D 57 -51.88 -14.36 -70.53
CA PHE D 57 -53.30 -14.48 -70.30
C PHE D 57 -54.07 -14.45 -71.62
N SER D 58 -53.50 -13.81 -72.64
CA SER D 58 -54.06 -13.90 -73.98
C SER D 58 -53.91 -15.31 -74.53
N ARG D 59 -52.81 -15.98 -74.18
CA ARG D 59 -52.71 -17.42 -74.37
C ARG D 59 -53.79 -18.15 -73.59
N GLY D 60 -54.05 -17.72 -72.35
CA GLY D 60 -55.12 -18.30 -71.57
C GLY D 60 -54.70 -19.54 -70.83
N VAL D 61 -53.49 -19.51 -70.28
CA VAL D 61 -52.95 -20.66 -69.56
C VAL D 61 -53.63 -20.80 -68.20
N TYR D 62 -53.41 -21.95 -67.57
CA TYR D 62 -54.04 -22.26 -66.29
C TYR D 62 -53.17 -21.89 -65.10
N ALA D 63 -51.85 -21.81 -65.26
CA ALA D 63 -50.98 -21.47 -64.16
C ALA D 63 -49.70 -20.86 -64.72
N ILE D 64 -49.11 -19.94 -63.96
CA ILE D 64 -47.90 -19.24 -64.38
C ILE D 64 -46.87 -19.34 -63.27
N PHE D 65 -45.66 -19.76 -63.65
CA PHE D 65 -44.55 -19.95 -62.73
C PHE D 65 -43.41 -19.04 -63.14
N GLY D 66 -42.73 -18.47 -62.15
CA GLY D 66 -41.60 -17.63 -62.44
C GLY D 66 -41.19 -16.83 -61.23
N PHE D 67 -40.37 -15.81 -61.49
CA PHE D 67 -39.76 -14.99 -60.46
C PHE D 67 -40.48 -13.64 -60.38
N TYR D 68 -40.09 -12.86 -59.38
CA TYR D 68 -40.48 -11.46 -59.34
C TYR D 68 -39.44 -10.68 -58.55
N ASP D 69 -39.41 -9.39 -58.82
CA ASP D 69 -38.54 -8.43 -58.16
C ASP D 69 -39.38 -7.59 -57.21
N LYS D 70 -38.71 -6.86 -56.31
CA LYS D 70 -39.42 -6.00 -55.38
C LYS D 70 -40.07 -4.81 -56.05
N LYS D 71 -39.78 -4.54 -57.31
CA LYS D 71 -40.53 -3.52 -58.02
C LYS D 71 -41.71 -4.08 -58.78
N SER D 72 -42.01 -5.37 -58.58
CA SER D 72 -43.04 -6.05 -59.34
C SER D 72 -43.99 -6.86 -58.47
N VAL D 73 -43.67 -6.99 -57.18
CA VAL D 73 -44.47 -7.84 -56.30
C VAL D 73 -45.89 -7.28 -56.14
N ASN D 74 -46.01 -5.96 -56.11
CA ASN D 74 -47.31 -5.32 -56.05
C ASN D 74 -48.10 -5.56 -57.33
N THR D 75 -47.43 -5.55 -58.48
CA THR D 75 -48.12 -5.76 -59.74
C THR D 75 -48.62 -7.19 -59.86
N ILE D 76 -47.78 -8.16 -59.46
CA ILE D 76 -48.17 -9.56 -59.54
C ILE D 76 -49.30 -9.88 -58.58
N THR D 77 -49.21 -9.39 -57.33
CA THR D 77 -50.32 -9.60 -56.40
C THR D 77 -51.59 -8.89 -56.85
N SER D 78 -51.47 -7.69 -57.41
CA SER D 78 -52.63 -6.92 -57.83
C SER D 78 -53.34 -7.51 -59.03
N PHE D 79 -52.62 -8.14 -59.96
CA PHE D 79 -53.28 -8.84 -61.04
C PHE D 79 -53.78 -10.23 -60.65
N CYS D 80 -53.07 -10.96 -59.81
CA CYS D 80 -53.50 -12.31 -59.50
C CYS D 80 -54.67 -12.32 -58.52
N GLY D 81 -54.72 -11.37 -57.59
CA GLY D 81 -55.87 -11.27 -56.71
C GLY D 81 -57.13 -10.84 -57.42
N THR D 82 -56.98 -10.18 -58.57
CA THR D 82 -58.13 -9.90 -59.41
C THR D 82 -58.53 -11.13 -60.23
N LEU D 83 -57.63 -11.60 -61.09
CA LEU D 83 -58.04 -12.56 -62.10
C LEU D 83 -57.95 -14.01 -61.66
N HIS D 84 -57.69 -14.28 -60.37
CA HIS D 84 -57.86 -15.59 -59.74
C HIS D 84 -56.93 -16.66 -60.34
N VAL D 85 -55.85 -16.21 -60.96
CA VAL D 85 -54.87 -17.08 -61.60
C VAL D 85 -53.82 -17.42 -60.56
N SER D 86 -53.65 -18.70 -60.28
CA SER D 86 -52.69 -19.15 -59.27
C SER D 86 -51.27 -18.94 -59.76
N PHE D 87 -50.45 -18.28 -58.94
CA PHE D 87 -49.10 -17.91 -59.28
C PHE D 87 -48.14 -18.50 -58.25
N ILE D 88 -47.07 -19.14 -58.72
CA ILE D 88 -46.14 -19.88 -57.88
C ILE D 88 -44.74 -19.33 -58.13
N THR D 89 -43.96 -19.17 -57.05
CA THR D 89 -42.69 -18.48 -57.16
C THR D 89 -41.68 -18.98 -56.14
N PRO D 90 -40.39 -18.88 -56.47
CA PRO D 90 -39.31 -19.16 -55.51
C PRO D 90 -38.70 -17.95 -54.84
N SER D 91 -39.20 -16.74 -55.09
CA SER D 91 -38.51 -15.52 -54.73
C SER D 91 -38.65 -15.23 -53.24
N PHE D 92 -38.35 -14.00 -52.84
CA PHE D 92 -38.50 -13.62 -51.45
C PHE D 92 -39.98 -13.63 -51.06
N PRO D 93 -40.28 -14.09 -49.85
CA PRO D 93 -41.68 -14.20 -49.43
C PRO D 93 -42.33 -12.85 -49.29
N THR D 94 -43.63 -12.80 -49.57
CA THR D 94 -44.37 -11.56 -49.52
C THR D 94 -44.58 -11.12 -48.09
N ASP D 95 -44.98 -9.87 -47.94
CA ASP D 95 -45.18 -9.27 -46.61
C ASP D 95 -46.60 -9.50 -46.13
N GLY D 96 -47.58 -9.04 -46.90
CA GLY D 96 -48.97 -9.28 -46.53
C GLY D 96 -49.45 -10.62 -47.04
N THR D 97 -50.44 -11.17 -46.34
CA THR D 97 -51.04 -12.44 -46.72
C THR D 97 -51.86 -12.20 -47.98
N HIS D 98 -51.33 -12.62 -49.10
CA HIS D 98 -52.08 -12.38 -50.31
C HIS D 98 -52.63 -13.69 -50.87
N PRO D 99 -53.80 -13.66 -51.47
CA PRO D 99 -54.34 -14.89 -52.07
C PRO D 99 -53.66 -15.20 -53.40
N PHE D 100 -53.85 -16.45 -53.84
CA PHE D 100 -53.44 -16.95 -55.15
C PHE D 100 -51.94 -16.86 -55.39
N VAL D 101 -51.14 -16.94 -54.33
CA VAL D 101 -49.68 -16.94 -54.44
C VAL D 101 -49.16 -18.09 -53.61
N ILE D 102 -48.43 -18.99 -54.25
CA ILE D 102 -47.66 -20.02 -53.56
C ILE D 102 -46.21 -19.59 -53.65
N GLN D 103 -45.52 -19.58 -52.53
CA GLN D 103 -44.14 -19.11 -52.52
C GLN D 103 -43.22 -20.14 -51.88
N MET D 104 -42.16 -20.48 -52.62
CA MET D 104 -41.35 -21.66 -52.38
C MET D 104 -40.21 -21.43 -51.39
N ARG D 105 -39.91 -20.20 -51.01
CA ARG D 105 -38.78 -19.95 -50.16
C ARG D 105 -39.26 -19.90 -48.71
N PRO D 106 -38.59 -20.56 -47.77
CA PRO D 106 -39.04 -20.50 -46.38
C PRO D 106 -38.68 -19.16 -45.75
N ASP D 107 -39.14 -18.97 -44.53
CA ASP D 107 -38.71 -17.82 -43.77
C ASP D 107 -37.26 -17.97 -43.35
N LEU D 108 -36.59 -16.82 -43.21
CA LEU D 108 -35.26 -16.75 -42.64
C LEU D 108 -35.24 -16.10 -41.27
N LYS D 109 -36.27 -15.32 -40.93
CA LYS D 109 -36.15 -14.32 -39.89
C LYS D 109 -36.13 -14.94 -38.49
N GLY D 110 -37.01 -15.91 -38.24
CA GLY D 110 -36.99 -16.58 -36.96
C GLY D 110 -35.73 -17.40 -36.75
N ALA D 111 -35.21 -17.96 -37.84
CA ALA D 111 -33.93 -18.65 -37.80
C ALA D 111 -32.81 -17.70 -37.42
N LEU D 112 -32.83 -16.49 -37.97
CA LEU D 112 -31.72 -15.56 -37.72
C LEU D 112 -31.78 -15.00 -36.32
N LEU D 113 -32.99 -14.78 -35.82
CA LEU D 113 -33.15 -14.41 -34.41
C LEU D 113 -32.69 -15.52 -33.49
N SER D 114 -32.97 -16.77 -33.84
CA SER D 114 -32.49 -17.90 -33.05
C SER D 114 -30.97 -17.96 -33.04
N LEU D 115 -30.35 -17.67 -34.18
CA LEU D 115 -28.89 -17.74 -34.26
C LEU D 115 -28.24 -16.65 -33.43
N ILE D 116 -28.79 -15.43 -33.48
CA ILE D 116 -28.22 -14.33 -32.71
C ILE D 116 -28.40 -14.58 -31.22
N GLU D 117 -29.57 -15.10 -30.83
CA GLU D 117 -29.77 -15.42 -29.42
C GLU D 117 -28.89 -16.58 -28.97
N TYR D 118 -28.53 -17.47 -29.88
CA TYR D 118 -27.61 -18.54 -29.50
C TYR D 118 -26.20 -18.02 -29.29
N TYR D 119 -25.72 -17.18 -30.21
CA TYR D 119 -24.38 -16.62 -30.02
C TYR D 119 -24.30 -15.58 -28.91
N GLN D 120 -25.44 -15.05 -28.47
CA GLN D 120 -25.56 -14.09 -27.36
C GLN D 120 -24.74 -12.83 -27.64
N TRP D 121 -25.17 -12.10 -28.64
CA TRP D 121 -24.57 -10.81 -28.95
C TRP D 121 -25.33 -9.69 -28.28
N ASP D 122 -24.70 -8.52 -28.26
CA ASP D 122 -25.34 -7.32 -27.74
C ASP D 122 -25.18 -6.15 -28.69
N LYS D 123 -24.07 -6.09 -29.41
CA LYS D 123 -23.76 -4.92 -30.23
C LYS D 123 -23.14 -5.37 -31.53
N PHE D 124 -23.74 -4.96 -32.64
CA PHE D 124 -23.23 -5.43 -33.92
C PHE D 124 -23.60 -4.50 -35.04
N ALA D 125 -23.03 -4.78 -36.21
CA ALA D 125 -23.35 -4.03 -37.40
C ALA D 125 -24.11 -4.90 -38.38
N TYR D 126 -24.92 -4.24 -39.19
CA TYR D 126 -25.85 -4.95 -40.06
C TYR D 126 -25.79 -4.31 -41.44
N LEU D 127 -25.01 -4.91 -42.33
CA LEU D 127 -24.95 -4.39 -43.68
C LEU D 127 -26.07 -5.00 -44.50
N TYR D 128 -26.93 -4.14 -45.05
CA TYR D 128 -28.05 -4.69 -45.80
C TYR D 128 -28.01 -4.19 -47.22
N ASP D 129 -28.78 -4.85 -48.07
CA ASP D 129 -28.98 -4.45 -49.45
C ASP D 129 -30.44 -4.10 -49.64
N SER D 130 -30.67 -2.95 -50.27
CA SER D 130 -32.03 -2.44 -50.42
C SER D 130 -32.85 -3.21 -51.41
N ASP D 131 -32.23 -3.72 -52.48
CA ASP D 131 -33.00 -4.24 -53.60
C ASP D 131 -33.57 -5.62 -53.35
N ARG D 132 -33.25 -6.26 -52.22
CA ARG D 132 -33.95 -7.47 -51.83
C ARG D 132 -35.14 -7.18 -50.93
N GLY D 133 -35.36 -5.91 -50.60
CA GLY D 133 -36.40 -5.55 -49.67
C GLY D 133 -35.87 -5.33 -48.26
N LEU D 134 -36.79 -5.02 -47.34
CA LEU D 134 -36.38 -4.61 -46.01
C LEU D 134 -37.16 -5.32 -44.90
N SER D 135 -37.73 -6.50 -45.16
CA SER D 135 -38.53 -7.15 -44.14
C SER D 135 -37.69 -7.64 -42.97
N THR D 136 -36.50 -8.19 -43.25
CA THR D 136 -35.61 -8.60 -42.17
C THR D 136 -35.11 -7.39 -41.41
N LEU D 137 -34.90 -6.28 -42.10
CA LEU D 137 -34.46 -5.06 -41.43
C LEU D 137 -35.53 -4.55 -40.49
N GLN D 138 -36.79 -4.66 -40.89
CA GLN D 138 -37.87 -4.30 -39.97
C GLN D 138 -37.97 -5.28 -38.82
N ALA D 139 -37.67 -6.56 -39.07
CA ALA D 139 -37.87 -7.55 -38.03
C ALA D 139 -36.79 -7.47 -36.96
N VAL D 140 -35.55 -7.16 -37.35
CA VAL D 140 -34.49 -7.21 -36.35
C VAL D 140 -34.52 -5.99 -35.45
N LEU D 141 -35.11 -4.88 -35.89
CA LEU D 141 -35.13 -3.70 -35.06
C LEU D 141 -36.11 -3.82 -33.90
N ASP D 142 -37.21 -4.54 -34.08
CA ASP D 142 -38.15 -4.74 -32.98
C ASP D 142 -37.52 -5.55 -31.86
N SER D 143 -36.92 -6.69 -32.22
CA SER D 143 -36.29 -7.51 -31.21
C SER D 143 -35.00 -6.89 -30.71
N ALA D 144 -34.42 -5.94 -31.45
CA ALA D 144 -33.26 -5.22 -30.94
C ALA D 144 -33.67 -4.20 -29.91
N ALA D 145 -34.84 -3.60 -30.10
CA ALA D 145 -35.37 -2.70 -29.09
C ALA D 145 -35.79 -3.46 -27.84
N GLU D 146 -36.39 -4.63 -28.01
CA GLU D 146 -36.86 -5.38 -26.86
C GLU D 146 -35.70 -6.04 -26.11
N LYS D 147 -34.79 -6.65 -26.85
CA LYS D 147 -33.67 -7.39 -26.26
C LYS D 147 -32.44 -6.52 -26.03
N LYS D 148 -32.61 -5.19 -25.91
CA LYS D 148 -31.58 -4.18 -25.61
C LYS D 148 -30.31 -4.31 -26.46
N TRP D 149 -30.46 -4.69 -27.72
CA TRP D 149 -29.31 -4.76 -28.61
C TRP D 149 -28.88 -3.37 -29.06
N GLN D 150 -27.70 -3.29 -29.64
CA GLN D 150 -27.18 -2.04 -30.21
C GLN D 150 -26.82 -2.32 -31.66
N VAL D 151 -27.68 -1.90 -32.56
CA VAL D 151 -27.55 -2.17 -33.98
C VAL D 151 -27.05 -0.92 -34.68
N THR D 152 -25.97 -1.04 -35.44
CA THR D 152 -25.62 -0.05 -36.43
C THR D 152 -25.94 -0.63 -37.79
N ALA D 153 -27.08 -0.24 -38.34
CA ALA D 153 -27.51 -0.74 -39.64
C ALA D 153 -26.96 0.21 -40.70
N ILE D 154 -26.52 -0.34 -41.84
CA ILE D 154 -25.93 0.47 -42.90
C ILE D 154 -26.46 -0.01 -44.24
N ASN D 155 -27.01 0.90 -45.02
CA ASN D 155 -27.32 0.64 -46.41
C ASN D 155 -26.04 0.67 -47.24
N VAL D 156 -25.91 -0.31 -48.13
CA VAL D 156 -24.71 -0.42 -48.94
C VAL D 156 -25.00 -0.66 -50.41
N GLY D 157 -26.24 -0.99 -50.78
CA GLY D 157 -26.51 -1.56 -52.08
C GLY D 157 -26.50 -0.62 -53.26
N ASN D 158 -26.73 0.68 -53.03
CA ASN D 158 -26.81 1.59 -54.15
C ASN D 158 -25.46 2.12 -54.61
N ILE D 159 -24.37 1.58 -54.09
CA ILE D 159 -23.04 2.06 -54.44
C ILE D 159 -22.67 1.57 -55.83
N ASN D 160 -22.26 2.49 -56.69
CA ASN D 160 -21.88 2.17 -58.06
C ASN D 160 -20.60 1.34 -58.11
N ASN D 161 -20.31 0.82 -59.30
CA ASN D 161 -19.12 0.00 -59.49
C ASN D 161 -17.84 0.83 -59.53
N ASP D 162 -17.89 2.02 -60.13
CA ASP D 162 -16.69 2.76 -60.47
C ASP D 162 -16.06 3.46 -59.27
N LYS D 163 -16.69 3.42 -58.11
CA LYS D 163 -16.06 3.91 -56.88
C LYS D 163 -15.96 2.74 -55.90
N LYS D 164 -16.17 1.52 -56.38
CA LYS D 164 -16.37 0.35 -55.54
C LYS D 164 -15.02 -0.26 -55.14
N ASP D 165 -14.11 0.56 -54.67
CA ASP D 165 -12.91 0.03 -54.06
C ASP D 165 -12.57 0.86 -52.84
N GLU D 166 -13.04 2.10 -52.82
CA GLU D 166 -12.74 3.03 -51.75
C GLU D 166 -13.91 3.32 -50.85
N THR D 167 -15.13 3.10 -51.35
CA THR D 167 -16.32 3.22 -50.52
C THR D 167 -16.30 2.21 -49.39
N TYR D 168 -15.88 0.98 -49.68
CA TYR D 168 -15.81 -0.03 -48.63
C TYR D 168 -14.70 0.29 -47.65
N ARG D 169 -13.62 0.92 -48.12
CA ARG D 169 -12.55 1.31 -47.21
C ARG D 169 -13.00 2.41 -46.27
N SER D 170 -13.76 3.37 -46.79
CA SER D 170 -14.32 4.40 -45.93
C SER D 170 -15.33 3.81 -44.96
N LEU D 171 -16.09 2.81 -45.42
CA LEU D 171 -17.14 2.19 -44.62
C LEU D 171 -16.55 1.44 -43.44
N PHE D 172 -15.61 0.54 -43.70
CA PHE D 172 -15.03 -0.23 -42.61
C PHE D 172 -14.12 0.61 -41.72
N GLN D 173 -13.55 1.70 -42.22
CA GLN D 173 -12.80 2.58 -41.33
C GLN D 173 -13.74 3.40 -40.46
N ASP D 174 -14.96 3.66 -40.92
CA ASP D 174 -15.96 4.21 -40.02
C ASP D 174 -16.42 3.17 -39.01
N LEU D 175 -16.42 1.90 -39.40
CA LEU D 175 -16.72 0.86 -38.42
C LEU D 175 -15.59 0.71 -37.41
N GLU D 176 -14.37 1.06 -37.79
CA GLU D 176 -13.24 1.08 -36.88
C GLU D 176 -13.35 2.16 -35.80
N LEU D 177 -14.24 3.14 -35.98
CA LEU D 177 -14.40 4.18 -34.98
C LEU D 177 -14.98 3.63 -33.69
N LYS D 178 -16.07 2.89 -33.77
CA LYS D 178 -16.59 2.16 -32.63
C LYS D 178 -15.91 0.83 -32.41
N LYS D 179 -14.96 0.46 -33.29
CA LYS D 179 -14.19 -0.78 -33.25
C LYS D 179 -15.12 -2.00 -33.29
N GLU D 180 -15.77 -2.14 -34.44
CA GLU D 180 -16.74 -3.20 -34.63
C GLU D 180 -16.06 -4.57 -34.70
N ARG D 181 -16.81 -5.59 -34.32
CA ARG D 181 -16.32 -6.94 -34.30
C ARG D 181 -17.27 -7.94 -34.93
N ARG D 182 -18.55 -7.59 -35.07
CA ARG D 182 -19.59 -8.57 -35.38
C ARG D 182 -20.42 -8.01 -36.53
N VAL D 183 -20.44 -8.74 -37.64
CA VAL D 183 -21.04 -8.23 -38.87
C VAL D 183 -22.06 -9.23 -39.37
N ILE D 184 -23.26 -8.76 -39.66
CA ILE D 184 -24.25 -9.57 -40.35
C ILE D 184 -24.41 -9.02 -41.76
N LEU D 185 -24.14 -9.85 -42.74
CA LEU D 185 -24.28 -9.47 -44.14
C LEU D 185 -25.64 -9.93 -44.63
N ASP D 186 -26.30 -9.11 -45.45
CA ASP D 186 -27.57 -9.52 -46.04
C ASP D 186 -27.57 -9.07 -47.49
N CYS D 187 -27.10 -9.92 -48.39
CA CYS D 187 -26.97 -9.50 -49.77
C CYS D 187 -27.27 -10.68 -50.68
N GLU D 188 -27.24 -10.42 -51.98
CA GLU D 188 -27.16 -11.46 -52.99
C GLU D 188 -25.73 -12.01 -53.04
N ARG D 189 -25.58 -13.12 -53.76
CA ARG D 189 -24.30 -13.83 -53.78
C ARG D 189 -23.23 -13.01 -54.48
N ASP D 190 -23.63 -12.17 -55.43
CA ASP D 190 -22.67 -11.31 -56.13
C ASP D 190 -22.12 -10.25 -55.19
N LYS D 191 -22.98 -9.64 -54.38
CA LYS D 191 -22.49 -8.65 -53.44
C LYS D 191 -21.70 -9.30 -52.31
N VAL D 192 -22.00 -10.55 -51.98
CA VAL D 192 -21.19 -11.27 -50.99
C VAL D 192 -19.80 -11.53 -51.53
N ASN D 193 -19.71 -12.03 -52.77
CA ASN D 193 -18.40 -12.26 -53.37
C ASN D 193 -17.65 -10.97 -53.67
N ASP D 194 -18.36 -9.84 -53.78
CA ASP D 194 -17.64 -8.57 -53.88
C ASP D 194 -17.12 -8.13 -52.52
N ILE D 195 -17.93 -8.25 -51.47
CA ILE D 195 -17.54 -7.67 -50.20
C ILE D 195 -16.51 -8.54 -49.47
N VAL D 196 -16.50 -9.86 -49.71
CA VAL D 196 -15.52 -10.72 -49.07
C VAL D 196 -14.13 -10.42 -49.62
N ASP D 197 -14.05 -10.12 -50.92
CA ASP D 197 -12.76 -9.81 -51.51
C ASP D 197 -12.21 -8.49 -51.01
N GLN D 198 -13.08 -7.51 -50.77
CA GLN D 198 -12.57 -6.24 -50.26
C GLN D 198 -12.19 -6.34 -48.80
N VAL D 199 -12.89 -7.18 -48.03
CA VAL D 199 -12.48 -7.45 -46.66
C VAL D 199 -11.12 -8.14 -46.65
N ILE D 200 -10.93 -9.12 -47.54
CA ILE D 200 -9.69 -9.87 -47.53
C ILE D 200 -8.55 -9.05 -48.11
N THR D 201 -8.85 -7.97 -48.84
CA THR D 201 -7.78 -7.06 -49.24
C THR D 201 -7.39 -6.14 -48.10
N ILE D 202 -8.38 -5.51 -47.45
CA ILE D 202 -8.02 -4.58 -46.37
C ILE D 202 -7.68 -5.29 -45.08
N GLY D 203 -7.67 -6.61 -45.06
CA GLY D 203 -7.09 -7.32 -43.93
C GLY D 203 -7.97 -7.36 -42.70
N LYS D 204 -9.24 -7.74 -42.86
CA LYS D 204 -10.16 -7.86 -41.74
C LYS D 204 -10.74 -9.26 -41.62
N HIS D 205 -9.89 -10.29 -41.66
CA HIS D 205 -10.34 -11.66 -41.49
C HIS D 205 -9.42 -12.43 -40.55
N VAL D 206 -8.76 -11.74 -39.64
CA VAL D 206 -7.91 -12.35 -38.63
C VAL D 206 -8.77 -12.95 -37.53
N LYS D 207 -8.14 -13.64 -36.60
CA LYS D 207 -8.81 -14.01 -35.36
C LYS D 207 -9.35 -12.77 -34.64
N GLY D 208 -10.64 -12.81 -34.34
CA GLY D 208 -11.31 -11.74 -33.64
C GLY D 208 -12.61 -11.30 -34.26
N TYR D 209 -12.68 -11.22 -35.59
CA TYR D 209 -13.88 -10.79 -36.28
C TYR D 209 -14.82 -11.97 -36.45
N HIS D 210 -16.08 -11.66 -36.77
CA HIS D 210 -17.08 -12.72 -36.80
C HIS D 210 -18.20 -12.32 -37.74
N TYR D 211 -18.55 -13.24 -38.63
CA TYR D 211 -19.42 -12.92 -39.76
C TYR D 211 -20.59 -13.88 -39.81
N ILE D 212 -21.76 -13.35 -40.09
CA ILE D 212 -22.94 -14.17 -40.31
C ILE D 212 -23.52 -13.83 -41.68
N ILE D 213 -23.57 -14.82 -42.55
CA ILE D 213 -24.17 -14.67 -43.86
C ILE D 213 -25.65 -15.00 -43.75
N ALA D 214 -26.50 -14.10 -44.23
CA ALA D 214 -27.93 -14.31 -44.22
C ALA D 214 -28.37 -14.72 -45.62
N ASN D 215 -28.08 -15.96 -45.98
CA ASN D 215 -28.63 -16.52 -47.21
C ASN D 215 -29.01 -17.96 -46.97
N LEU D 216 -29.34 -18.63 -48.06
CA LEU D 216 -29.75 -20.02 -47.98
C LEU D 216 -28.69 -20.94 -48.57
N GLY D 217 -27.99 -20.47 -49.60
CA GLY D 217 -26.84 -21.17 -50.13
C GLY D 217 -25.55 -20.68 -49.49
N PHE D 218 -25.34 -21.05 -48.23
CA PHE D 218 -24.13 -20.66 -47.50
C PHE D 218 -22.86 -21.12 -48.18
N THR D 219 -22.84 -22.34 -48.71
CA THR D 219 -21.68 -22.83 -49.42
C THR D 219 -21.76 -22.59 -50.91
N ASP D 220 -22.79 -21.89 -51.38
CA ASP D 220 -22.90 -21.66 -52.81
C ASP D 220 -21.92 -20.59 -53.26
N GLY D 221 -21.53 -19.71 -52.35
CA GLY D 221 -20.53 -18.70 -52.62
C GLY D 221 -19.13 -19.21 -52.36
N ASP D 222 -18.17 -18.32 -52.57
CA ASP D 222 -16.75 -18.65 -52.39
C ASP D 222 -16.44 -18.70 -50.90
N LEU D 223 -15.81 -19.79 -50.48
CA LEU D 223 -15.32 -19.86 -49.11
C LEU D 223 -13.86 -20.28 -49.01
N LEU D 224 -13.17 -20.44 -50.14
CA LEU D 224 -11.75 -20.76 -50.06
C LEU D 224 -10.93 -19.56 -49.67
N LYS D 225 -11.51 -18.36 -49.78
CA LYS D 225 -10.76 -17.15 -49.46
C LYS D 225 -10.53 -17.03 -47.96
N ILE D 226 -11.61 -16.97 -47.19
CA ILE D 226 -11.51 -16.72 -45.77
C ILE D 226 -11.61 -18.01 -44.98
N GLN D 227 -11.29 -19.14 -45.59
CA GLN D 227 -11.29 -20.39 -44.83
C GLN D 227 -10.15 -20.44 -43.84
N PHE D 228 -8.98 -19.97 -44.23
CA PHE D 228 -7.78 -20.11 -43.41
C PHE D 228 -7.49 -18.84 -42.63
N GLY D 229 -8.46 -17.94 -42.52
CA GLY D 229 -8.16 -16.61 -42.01
C GLY D 229 -7.92 -16.59 -40.52
N GLY D 230 -8.95 -16.88 -39.74
CA GLY D 230 -8.89 -16.70 -38.31
C GLY D 230 -10.22 -16.18 -37.82
N ALA D 231 -10.93 -15.49 -38.71
CA ALA D 231 -12.30 -15.09 -38.44
C ALA D 231 -13.20 -16.32 -38.50
N GLU D 232 -14.40 -16.18 -37.96
CA GLU D 232 -15.35 -17.29 -37.90
C GLU D 232 -16.61 -16.89 -38.64
N VAL D 233 -17.09 -17.78 -39.50
CA VAL D 233 -18.14 -17.47 -40.47
C VAL D 233 -19.25 -18.50 -40.34
N SER D 234 -20.47 -18.03 -40.08
CA SER D 234 -21.60 -18.92 -39.94
C SER D 234 -22.73 -18.52 -40.88
N GLY D 235 -23.52 -19.52 -41.28
CA GLY D 235 -24.64 -19.30 -42.18
C GLY D 235 -25.67 -20.41 -42.18
N PHE D 236 -26.52 -20.44 -43.20
CA PHE D 236 -27.67 -21.34 -43.18
C PHE D 236 -27.73 -22.15 -44.48
N GLN D 237 -28.22 -23.38 -44.36
CA GLN D 237 -28.47 -24.23 -45.52
C GLN D 237 -29.85 -24.86 -45.48
N ILE D 238 -30.46 -24.96 -46.65
CA ILE D 238 -31.66 -25.75 -46.84
C ILE D 238 -31.45 -26.93 -47.76
N VAL D 239 -30.28 -27.06 -48.37
CA VAL D 239 -29.96 -28.17 -49.25
C VAL D 239 -28.81 -28.93 -48.64
N ASP D 240 -29.09 -30.12 -48.08
CA ASP D 240 -28.11 -30.89 -47.33
C ASP D 240 -27.58 -32.01 -48.21
N TYR D 241 -26.26 -32.01 -48.45
CA TYR D 241 -25.67 -32.92 -49.43
C TYR D 241 -25.52 -34.34 -48.91
N ASP D 242 -25.75 -34.59 -47.62
CA ASP D 242 -25.59 -35.92 -47.06
C ASP D 242 -26.68 -36.90 -47.48
N ASP D 243 -27.82 -36.42 -47.96
CA ASP D 243 -28.99 -37.27 -48.05
C ASP D 243 -29.04 -38.05 -49.36
N SER D 244 -29.97 -39.00 -49.39
CA SER D 244 -30.00 -40.01 -50.45
C SER D 244 -30.41 -39.41 -51.78
N LEU D 245 -31.60 -38.82 -51.84
CA LEU D 245 -32.10 -38.25 -53.08
C LEU D 245 -31.28 -37.03 -53.48
N VAL D 246 -30.72 -36.32 -52.51
CA VAL D 246 -29.83 -35.20 -52.80
C VAL D 246 -28.59 -35.68 -53.52
N SER D 247 -27.92 -36.70 -52.97
CA SER D 247 -26.70 -37.21 -53.61
C SER D 247 -27.00 -37.89 -54.93
N LYS D 248 -28.18 -38.48 -55.06
CA LYS D 248 -28.63 -39.00 -56.34
C LYS D 248 -28.74 -37.89 -57.37
N PHE D 249 -29.30 -36.74 -56.97
CA PHE D 249 -29.40 -35.62 -57.89
C PHE D 249 -28.02 -35.01 -58.15
N ILE D 250 -27.12 -35.11 -57.18
CA ILE D 250 -25.75 -34.62 -57.37
C ILE D 250 -25.05 -35.45 -58.45
N GLU D 251 -25.16 -36.78 -58.36
CA GLU D 251 -24.54 -37.64 -59.36
C GLU D 251 -25.21 -37.49 -60.71
N ARG D 252 -26.53 -37.33 -60.74
CA ARG D 252 -27.24 -37.03 -61.97
C ARG D 252 -26.82 -35.71 -62.57
N TRP D 253 -26.55 -34.72 -61.73
CA TRP D 253 -26.29 -33.36 -62.17
C TRP D 253 -24.87 -33.21 -62.67
N SER D 254 -23.93 -33.87 -62.00
CA SER D 254 -22.52 -33.75 -62.37
C SER D 254 -22.23 -34.41 -63.71
N THR D 255 -22.93 -35.49 -64.03
CA THR D 255 -22.67 -36.22 -65.26
C THR D 255 -23.29 -35.59 -66.49
N LEU D 256 -24.04 -34.50 -66.35
CA LEU D 256 -24.62 -33.88 -67.52
C LEU D 256 -23.57 -33.05 -68.25
N GLU D 257 -23.87 -32.73 -69.51
CA GLU D 257 -22.96 -31.95 -70.33
C GLU D 257 -23.22 -30.47 -70.11
N GLU D 258 -22.12 -29.71 -69.95
CA GLU D 258 -22.21 -28.26 -69.75
C GLU D 258 -22.78 -27.56 -70.98
N LYS D 259 -22.53 -28.11 -72.17
CA LYS D 259 -22.94 -27.44 -73.40
C LYS D 259 -24.45 -27.52 -73.60
N GLU D 260 -25.07 -28.60 -73.12
CA GLU D 260 -26.53 -28.72 -73.26
C GLU D 260 -27.24 -27.93 -72.16
N TYR D 261 -26.72 -27.98 -70.95
CA TYR D 261 -27.30 -27.23 -69.85
C TYR D 261 -26.19 -26.40 -69.22
N PRO D 262 -26.20 -25.08 -69.36
CA PRO D 262 -25.08 -24.28 -68.83
C PRO D 262 -25.13 -24.21 -67.32
N GLY D 263 -23.96 -24.22 -66.70
CA GLY D 263 -23.88 -24.22 -65.26
C GLY D 263 -24.28 -25.52 -64.60
N ALA D 264 -24.32 -26.62 -65.36
CA ALA D 264 -24.77 -27.88 -64.81
C ALA D 264 -23.65 -28.86 -64.51
N HIS D 265 -22.48 -28.71 -65.12
CA HIS D 265 -21.44 -29.72 -64.99
C HIS D 265 -20.49 -29.37 -63.84
N THR D 266 -21.10 -29.15 -62.67
CA THR D 266 -20.38 -28.85 -61.45
C THR D 266 -20.77 -29.85 -60.37
N ALA D 267 -20.32 -29.58 -59.14
CA ALA D 267 -20.64 -30.46 -58.03
C ALA D 267 -21.86 -29.95 -57.26
N THR D 268 -21.83 -28.70 -56.85
CA THR D 268 -22.90 -28.10 -56.06
C THR D 268 -23.90 -27.40 -56.98
N ILE D 269 -24.99 -26.92 -56.38
CA ILE D 269 -26.07 -26.30 -57.14
C ILE D 269 -26.64 -25.17 -56.29
N LYS D 270 -27.27 -24.20 -56.96
CA LYS D 270 -27.90 -23.10 -56.24
C LYS D 270 -29.21 -23.55 -55.60
N TYR D 271 -29.53 -22.93 -54.46
CA TYR D 271 -30.78 -23.21 -53.78
C TYR D 271 -31.97 -22.73 -54.60
N THR D 272 -31.78 -21.67 -55.40
CA THR D 272 -32.85 -21.20 -56.28
C THR D 272 -33.19 -22.26 -57.32
N SER D 273 -32.17 -22.89 -57.92
CA SER D 273 -32.40 -23.98 -58.84
C SER D 273 -33.00 -25.19 -58.13
N ALA D 274 -32.64 -25.41 -56.87
CA ALA D 274 -33.21 -26.52 -56.11
C ALA D 274 -34.71 -26.31 -55.86
N LEU D 275 -35.09 -25.09 -55.50
CA LEU D 275 -36.51 -24.81 -55.33
C LEU D 275 -37.24 -24.83 -56.65
N THR D 276 -36.56 -24.46 -57.74
CA THR D 276 -37.17 -24.56 -59.06
C THR D 276 -37.45 -26.01 -59.41
N TYR D 277 -36.55 -26.91 -59.01
CA TYR D 277 -36.77 -28.34 -59.20
C TYR D 277 -37.96 -28.83 -58.39
N ASP D 278 -38.04 -28.46 -57.11
CA ASP D 278 -39.16 -28.93 -56.28
C ASP D 278 -40.49 -28.32 -56.70
N ALA D 279 -40.44 -27.17 -57.38
CA ALA D 279 -41.66 -26.53 -57.88
C ALA D 279 -42.37 -27.40 -58.91
N VAL D 280 -41.59 -28.11 -59.73
CA VAL D 280 -42.20 -29.01 -60.70
C VAL D 280 -42.88 -30.17 -60.01
N GLN D 281 -42.31 -30.65 -58.91
CA GLN D 281 -42.92 -31.72 -58.13
C GLN D 281 -44.26 -31.30 -57.57
N VAL D 282 -44.32 -30.10 -57.01
CA VAL D 282 -45.58 -29.58 -56.48
C VAL D 282 -46.60 -29.38 -57.60
N MET D 283 -46.14 -28.79 -58.70
CA MET D 283 -47.04 -28.42 -59.78
C MET D 283 -47.60 -29.64 -60.50
N THR D 284 -46.85 -30.74 -60.50
CA THR D 284 -47.34 -31.96 -61.13
C THR D 284 -48.20 -32.76 -60.16
N GLU D 285 -47.91 -32.69 -58.86
CA GLU D 285 -48.78 -33.26 -57.84
C GLU D 285 -50.18 -32.64 -57.89
N ALA D 286 -50.26 -31.36 -58.26
CA ALA D 286 -51.53 -30.66 -58.40
C ALA D 286 -52.43 -31.30 -59.45
N PHE D 287 -51.96 -31.35 -60.70
CA PHE D 287 -52.74 -31.93 -61.78
C PHE D 287 -52.88 -33.44 -61.64
N ARG D 288 -52.01 -34.08 -60.87
CA ARG D 288 -52.22 -35.48 -60.51
C ARG D 288 -53.45 -35.64 -59.63
N ASN D 289 -53.54 -34.83 -58.58
CA ASN D 289 -54.65 -34.96 -57.64
C ASN D 289 -55.97 -34.49 -58.25
N LEU D 290 -55.92 -33.57 -59.22
CA LEU D 290 -57.17 -33.21 -59.88
C LEU D 290 -57.68 -34.29 -60.83
N ARG D 291 -56.81 -35.14 -61.36
CA ARG D 291 -57.31 -36.29 -62.10
C ARG D 291 -57.66 -37.43 -61.16
N LYS D 292 -57.08 -37.42 -59.95
CA LYS D 292 -57.56 -38.34 -58.92
C LYS D 292 -58.99 -38.02 -58.51
N GLN D 293 -59.31 -36.74 -58.32
CA GLN D 293 -60.70 -36.35 -58.04
C GLN D 293 -61.51 -36.12 -59.30
N ARG D 294 -60.89 -36.27 -60.48
CA ARG D 294 -61.56 -36.27 -61.79
C ARG D 294 -62.28 -34.96 -62.09
N ILE D 295 -61.76 -33.85 -61.59
CA ILE D 295 -62.38 -32.56 -61.80
C ILE D 295 -61.84 -31.96 -63.09
N GLU D 296 -62.73 -31.66 -64.02
CA GLU D 296 -62.31 -31.17 -65.32
C GLU D 296 -62.02 -29.68 -65.26
N ILE D 297 -60.95 -29.28 -65.93
CA ILE D 297 -60.51 -27.90 -65.96
C ILE D 297 -60.77 -27.30 -67.33
N SER D 298 -61.79 -27.81 -68.02
CA SER D 298 -62.13 -27.38 -69.38
C SER D 298 -62.53 -25.91 -69.36
N ARG D 299 -61.71 -25.10 -70.04
CA ARG D 299 -61.90 -23.66 -70.10
C ARG D 299 -63.17 -23.34 -70.89
N ARG D 300 -63.44 -24.16 -71.92
CA ARG D 300 -64.67 -24.20 -72.72
C ARG D 300 -64.90 -22.93 -73.53
N GLY D 301 -63.92 -22.04 -73.55
CA GLY D 301 -63.97 -20.81 -74.30
C GLY D 301 -62.59 -20.24 -74.44
N ASN D 302 -62.52 -19.08 -75.08
CA ASN D 302 -61.24 -18.40 -75.19
C ASN D 302 -61.08 -17.44 -74.02
N ALA D 303 -59.87 -16.94 -73.81
CA ALA D 303 -59.62 -15.81 -72.93
C ALA D 303 -59.71 -14.54 -73.77
N GLY D 304 -59.35 -13.37 -73.25
CA GLY D 304 -59.46 -12.16 -74.03
C GLY D 304 -58.55 -11.07 -73.53
N ASP D 305 -59.07 -9.85 -73.46
CA ASP D 305 -58.33 -8.71 -72.97
C ASP D 305 -58.17 -8.86 -71.46
N CYS D 306 -56.95 -8.58 -70.99
CA CYS D 306 -56.70 -8.44 -69.55
C CYS D 306 -57.26 -7.14 -69.00
N LEU D 307 -57.65 -6.21 -69.86
CA LEU D 307 -58.26 -4.95 -69.48
C LEU D 307 -59.79 -4.98 -69.59
N ALA D 308 -60.40 -6.15 -69.44
CA ALA D 308 -61.85 -6.28 -69.61
C ALA D 308 -62.57 -5.58 -68.49
N ASN D 309 -63.58 -4.79 -68.85
CA ASN D 309 -64.21 -3.86 -67.91
C ASN D 309 -65.68 -4.18 -67.77
N PRO D 310 -66.13 -4.83 -66.69
CA PRO D 310 -65.28 -5.48 -65.67
C PRO D 310 -64.90 -6.89 -66.09
N ALA D 311 -63.67 -7.30 -65.79
CA ALA D 311 -63.28 -8.68 -66.06
C ALA D 311 -63.89 -9.60 -65.01
N VAL D 312 -64.26 -10.80 -65.46
CA VAL D 312 -64.87 -11.78 -64.56
C VAL D 312 -64.08 -13.08 -64.59
N PRO D 313 -63.58 -13.54 -63.45
CA PRO D 313 -62.77 -14.77 -63.41
C PRO D 313 -63.57 -16.04 -63.17
N TRP D 314 -62.86 -17.16 -63.02
CA TRP D 314 -63.44 -18.50 -62.94
C TRP D 314 -62.88 -19.23 -61.72
N GLY D 315 -63.78 -19.73 -60.87
CA GLY D 315 -63.45 -20.24 -59.55
C GLY D 315 -62.89 -21.66 -59.50
N GLN D 316 -62.77 -22.29 -60.66
CA GLN D 316 -62.03 -23.54 -60.68
C GLN D 316 -60.55 -23.31 -60.43
N GLY D 317 -60.06 -22.10 -60.74
CA GLY D 317 -58.75 -21.70 -60.26
C GLY D 317 -58.66 -21.59 -58.74
N VAL D 318 -59.76 -21.19 -58.09
CA VAL D 318 -59.80 -21.22 -56.63
C VAL D 318 -59.68 -22.65 -56.14
N GLU D 319 -60.32 -23.58 -56.84
CA GLU D 319 -60.17 -24.98 -56.47
C GLU D 319 -58.76 -25.50 -56.78
N ILE D 320 -58.13 -24.96 -57.84
CA ILE D 320 -56.74 -25.30 -58.16
C ILE D 320 -55.82 -24.89 -57.03
N GLU D 321 -55.98 -23.66 -56.54
CA GLU D 321 -55.16 -23.16 -55.45
C GLU D 321 -55.47 -23.91 -54.16
N ARG D 322 -56.73 -24.32 -53.99
CA ARG D 322 -57.15 -25.10 -52.83
C ARG D 322 -56.49 -26.47 -52.81
N ALA D 323 -56.38 -27.11 -53.96
CA ALA D 323 -55.66 -28.36 -54.06
C ALA D 323 -54.15 -28.16 -54.00
N LEU D 324 -53.67 -26.98 -54.40
CA LEU D 324 -52.25 -26.68 -54.27
C LEU D 324 -51.84 -26.59 -52.81
N LYS D 325 -52.70 -26.00 -51.96
CA LYS D 325 -52.33 -25.83 -50.56
C LYS D 325 -52.33 -27.14 -49.75
N GLN D 326 -52.73 -28.25 -50.34
CA GLN D 326 -52.78 -29.52 -49.65
C GLN D 326 -51.69 -30.49 -50.10
N VAL D 327 -50.84 -30.05 -51.02
CA VAL D 327 -49.73 -30.85 -51.53
C VAL D 327 -48.70 -31.06 -50.42
N GLN D 328 -48.27 -32.31 -50.24
CA GLN D 328 -47.24 -32.61 -49.25
C GLN D 328 -46.38 -33.75 -49.81
N VAL D 329 -45.20 -33.40 -50.31
CA VAL D 329 -44.27 -34.37 -50.87
C VAL D 329 -42.92 -34.19 -50.21
N GLU D 330 -41.92 -34.91 -50.69
CA GLU D 330 -40.55 -34.74 -50.24
C GLU D 330 -39.71 -34.25 -51.41
N GLY D 331 -38.82 -33.31 -51.14
CA GLY D 331 -37.98 -32.76 -52.18
C GLY D 331 -36.61 -32.35 -51.68
N LEU D 332 -35.95 -31.46 -52.44
CA LEU D 332 -34.58 -31.09 -52.14
C LEU D 332 -34.47 -30.29 -50.86
N SER D 333 -35.50 -29.53 -50.52
CA SER D 333 -35.52 -28.84 -49.24
C SER D 333 -36.00 -29.72 -48.10
N GLY D 334 -36.45 -30.94 -48.39
CA GLY D 334 -37.03 -31.77 -47.36
C GLY D 334 -38.53 -31.89 -47.51
N ASN D 335 -39.25 -31.90 -46.39
CA ASN D 335 -40.71 -31.93 -46.47
C ASN D 335 -41.22 -30.53 -46.74
N ILE D 336 -42.42 -30.44 -47.30
CA ILE D 336 -43.11 -29.17 -47.50
C ILE D 336 -44.50 -29.28 -46.90
N LYS D 337 -44.98 -28.18 -46.35
CA LYS D 337 -46.40 -28.00 -46.08
C LYS D 337 -46.76 -26.56 -46.36
N PHE D 338 -48.04 -26.32 -46.60
CA PHE D 338 -48.50 -24.98 -46.90
C PHE D 338 -49.47 -24.51 -45.81
N ASP D 339 -49.65 -23.20 -45.75
CA ASP D 339 -50.61 -22.60 -44.86
C ASP D 339 -51.95 -22.45 -45.57
N GLN D 340 -52.83 -21.63 -45.02
CA GLN D 340 -54.07 -21.25 -45.69
C GLN D 340 -53.86 -20.16 -46.75
N ASN D 341 -52.62 -19.76 -47.01
CA ASN D 341 -52.36 -18.62 -47.87
C ASN D 341 -51.39 -18.93 -48.99
N GLY D 342 -50.61 -20.00 -48.87
CA GLY D 342 -49.57 -20.28 -49.83
C GLY D 342 -48.16 -20.10 -49.33
N LYS D 343 -47.98 -19.81 -48.05
CA LYS D 343 -46.65 -19.72 -47.48
C LYS D 343 -46.22 -21.09 -47.00
N ARG D 344 -44.92 -21.35 -47.02
CA ARG D 344 -44.42 -22.65 -46.61
C ARG D 344 -44.23 -22.73 -45.11
N ILE D 345 -44.77 -23.79 -44.54
CA ILE D 345 -44.45 -24.25 -43.21
C ILE D 345 -43.89 -25.66 -43.35
N ASN D 346 -43.51 -26.23 -42.19
CA ASN D 346 -42.88 -27.56 -42.09
C ASN D 346 -41.61 -27.63 -42.93
N TYR D 347 -40.63 -26.84 -42.56
CA TYR D 347 -39.30 -26.88 -43.15
C TYR D 347 -38.27 -27.09 -42.04
N THR D 348 -37.02 -27.26 -42.45
CA THR D 348 -35.93 -27.48 -41.51
C THR D 348 -34.68 -26.84 -42.09
N ILE D 349 -33.96 -26.07 -41.29
CA ILE D 349 -32.79 -25.33 -41.76
C ILE D 349 -31.57 -25.74 -40.94
N ASN D 350 -30.50 -26.11 -41.63
CA ASN D 350 -29.26 -26.53 -40.99
C ASN D 350 -28.34 -25.32 -40.78
N ILE D 351 -27.73 -25.29 -39.61
CA ILE D 351 -26.81 -24.23 -39.23
C ILE D 351 -25.40 -24.67 -39.59
N MET D 352 -24.70 -23.86 -40.39
CA MET D 352 -23.44 -24.27 -40.99
C MET D 352 -22.34 -23.33 -40.58
N GLU D 353 -21.33 -23.86 -39.87
CA GLU D 353 -20.19 -23.07 -39.44
C GLU D 353 -18.97 -23.48 -40.26
N LEU D 354 -18.13 -22.51 -40.63
CA LEU D 354 -16.95 -22.81 -41.42
C LEU D 354 -15.78 -23.20 -40.53
N LYS D 355 -15.14 -24.32 -40.84
CA LYS D 355 -13.93 -24.71 -40.15
C LYS D 355 -12.77 -24.87 -41.10
N THR D 356 -11.61 -25.30 -40.58
CA THR D 356 -10.38 -25.34 -41.36
C THR D 356 -10.47 -26.38 -42.46
N ASN D 357 -10.99 -27.56 -42.13
CA ASN D 357 -11.24 -28.58 -43.15
C ASN D 357 -12.33 -28.15 -44.12
N GLY D 358 -13.28 -27.34 -43.67
CA GLY D 358 -14.33 -26.84 -44.52
C GLY D 358 -15.61 -26.59 -43.76
N PRO D 359 -16.72 -26.56 -44.47
CA PRO D 359 -18.01 -26.36 -43.81
C PRO D 359 -18.45 -27.60 -43.07
N ARG D 360 -19.26 -27.40 -42.03
CA ARG D 360 -19.84 -28.50 -41.28
C ARG D 360 -21.08 -27.97 -40.56
N LYS D 361 -21.95 -28.88 -40.16
CA LYS D 361 -23.18 -28.50 -39.47
C LYS D 361 -22.98 -28.68 -37.98
N ILE D 362 -23.73 -27.92 -37.19
CA ILE D 362 -23.74 -28.10 -35.75
C ILE D 362 -25.15 -28.28 -35.21
N GLY D 363 -26.17 -28.05 -36.01
CA GLY D 363 -27.52 -28.21 -35.51
C GLY D 363 -28.54 -27.84 -36.56
N TYR D 364 -29.80 -27.99 -36.18
CA TYR D 364 -30.92 -27.68 -37.04
C TYR D 364 -31.87 -26.73 -36.32
N TRP D 365 -32.79 -26.18 -37.11
CA TRP D 365 -33.82 -25.29 -36.59
C TRP D 365 -35.07 -25.56 -37.39
N SER D 366 -36.19 -25.79 -36.70
CA SER D 366 -37.39 -26.16 -37.41
C SER D 366 -38.35 -24.96 -37.49
N GLU D 367 -39.54 -25.23 -38.01
CA GLU D 367 -40.53 -24.16 -38.18
C GLU D 367 -41.16 -23.77 -36.84
N VAL D 368 -41.16 -24.68 -35.87
CA VAL D 368 -41.72 -24.40 -34.56
C VAL D 368 -40.66 -24.63 -33.50
N ASP D 369 -39.86 -25.67 -33.67
CA ASP D 369 -38.83 -25.99 -32.69
C ASP D 369 -37.67 -25.01 -32.84
N LYS D 370 -37.08 -24.64 -31.72
CA LYS D 370 -35.96 -23.70 -31.74
C LYS D 370 -34.68 -24.43 -32.08
N MET D 371 -33.54 -23.76 -31.90
CA MET D 371 -32.25 -24.30 -32.34
C MET D 371 -31.88 -25.52 -31.52
N VAL D 372 -31.75 -26.65 -32.20
CA VAL D 372 -31.33 -27.89 -31.57
C VAL D 372 -29.98 -28.26 -32.14
N LEU D 373 -28.95 -28.13 -31.33
CA LEU D 373 -27.63 -28.59 -31.71
C LEU D 373 -27.58 -30.11 -31.70
N THR D 374 -26.74 -30.68 -32.57
CA THR D 374 -26.72 -32.12 -32.78
C THR D 374 -25.61 -32.79 -31.99
N GLU D 375 -25.09 -32.09 -30.97
CA GLU D 375 -24.13 -32.59 -29.99
C GLU D 375 -22.85 -33.09 -30.65
N ASP D 376 -22.39 -32.30 -31.61
CA ASP D 376 -21.19 -32.64 -32.36
C ASP D 376 -20.00 -32.12 -31.57
N ASP D 377 -19.58 -32.88 -30.56
CA ASP D 377 -18.49 -32.48 -29.69
C ASP D 377 -17.20 -33.19 -30.12
N THR D 378 -16.58 -32.63 -31.15
CA THR D 378 -15.28 -33.08 -31.61
C THR D 378 -14.12 -32.38 -30.91
N SER D 379 -14.36 -31.78 -29.75
CA SER D 379 -13.28 -31.13 -29.00
C SER D 379 -12.38 -32.17 -28.35
N GLY D 380 -11.29 -32.53 -29.04
CA GLY D 380 -10.42 -33.58 -28.55
C GLY D 380 -9.55 -33.18 -27.37
N LEU D 381 -9.31 -31.88 -27.18
CA LEU D 381 -8.46 -31.40 -26.11
C LEU D 381 -9.30 -30.53 -25.18
N GLU D 382 -9.62 -31.06 -24.00
CA GLU D 382 -10.27 -30.28 -22.96
C GLU D 382 -9.33 -30.22 -21.76
N GLN D 383 -9.06 -29.01 -21.30
CA GLN D 383 -8.19 -28.80 -20.16
C GLN D 383 -8.90 -29.30 -18.92
N LYS D 384 -8.46 -30.44 -18.40
CA LYS D 384 -9.14 -31.07 -17.28
C LYS D 384 -8.92 -30.28 -16.00
N THR D 385 -10.01 -30.08 -15.27
CA THR D 385 -9.94 -29.49 -13.95
C THR D 385 -9.18 -30.42 -13.02
N VAL D 386 -7.94 -30.05 -12.68
CA VAL D 386 -7.00 -30.99 -12.08
C VAL D 386 -7.41 -31.32 -10.66
N VAL D 387 -6.87 -32.41 -10.13
CA VAL D 387 -7.25 -32.89 -8.81
C VAL D 387 -6.35 -32.20 -7.79
N VAL D 388 -6.97 -31.46 -6.88
CA VAL D 388 -6.27 -30.79 -5.79
C VAL D 388 -6.77 -31.38 -4.50
N THR D 389 -5.91 -32.13 -3.81
CA THR D 389 -6.28 -32.69 -2.52
C THR D 389 -5.75 -31.83 -1.39
N THR D 390 -6.47 -31.83 -0.28
CA THR D 390 -6.12 -31.07 0.92
C THR D 390 -6.83 -31.70 2.11
N ILE D 391 -6.86 -30.98 3.22
CA ILE D 391 -7.59 -31.43 4.40
C ILE D 391 -8.07 -30.20 5.17
N LEU D 392 -9.16 -30.36 5.92
CA LEU D 392 -9.71 -29.24 6.68
C LEU D 392 -8.82 -28.90 7.86
N GLU D 393 -8.33 -27.68 7.89
CA GLU D 393 -7.55 -27.19 9.02
C GLU D 393 -7.66 -25.68 9.09
N SER D 394 -7.94 -25.18 10.26
CA SER D 394 -8.00 -23.74 10.38
C SER D 394 -6.59 -23.17 10.53
N PRO D 395 -6.28 -22.06 9.87
CA PRO D 395 -7.12 -21.39 8.89
C PRO D 395 -6.65 -21.73 7.49
N TYR D 396 -6.11 -22.93 7.35
CA TYR D 396 -5.56 -23.36 6.07
C TYR D 396 -6.66 -23.66 5.08
N VAL D 397 -7.54 -24.60 5.41
CA VAL D 397 -8.74 -24.92 4.63
C VAL D 397 -9.89 -25.03 5.61
N MET D 398 -10.90 -24.19 5.44
CA MET D 398 -12.06 -24.17 6.32
C MET D 398 -13.33 -24.18 5.48
N MET D 399 -14.39 -24.76 6.05
CA MET D 399 -15.70 -24.68 5.45
C MET D 399 -16.24 -23.26 5.54
N LYS D 400 -17.16 -22.93 4.65
CA LYS D 400 -17.99 -21.76 4.86
C LYS D 400 -19.30 -22.20 5.51
N LYS D 401 -20.02 -21.25 6.11
CA LYS D 401 -21.25 -21.60 6.79
C LYS D 401 -22.40 -21.82 5.82
N ASN D 402 -22.26 -21.33 4.60
CA ASN D 402 -23.32 -21.35 3.60
C ASN D 402 -22.93 -22.25 2.45
N HIS D 403 -22.30 -23.37 2.80
CA HIS D 403 -21.67 -24.25 1.82
C HIS D 403 -22.68 -25.04 0.99
N GLU D 404 -23.87 -25.28 1.53
CA GLU D 404 -24.85 -26.08 0.79
C GLU D 404 -25.41 -25.30 -0.39
N MET D 405 -25.68 -24.00 -0.19
CA MET D 405 -26.21 -23.20 -1.28
C MET D 405 -25.15 -22.92 -2.34
N LEU D 406 -23.92 -22.67 -1.92
CA LEU D 406 -22.83 -22.43 -2.85
C LEU D 406 -22.32 -23.77 -3.39
N GLU D 407 -21.28 -23.73 -4.21
CA GLU D 407 -20.90 -24.95 -4.89
C GLU D 407 -19.39 -25.08 -5.07
N GLY D 408 -18.89 -26.27 -4.76
CA GLY D 408 -17.62 -26.75 -5.29
C GLY D 408 -16.44 -25.98 -4.76
N ASN D 409 -15.74 -25.33 -5.69
CA ASN D 409 -14.55 -24.57 -5.37
C ASN D 409 -14.87 -23.24 -4.69
N GLU D 410 -16.16 -22.88 -4.58
CA GLU D 410 -16.52 -21.69 -3.83
C GLU D 410 -16.71 -21.99 -2.36
N ARG D 411 -16.86 -23.28 -2.01
CA ARG D 411 -17.26 -23.65 -0.66
C ARG D 411 -16.16 -23.49 0.36
N TYR D 412 -14.90 -23.55 -0.06
CA TYR D 412 -13.79 -23.63 0.87
C TYR D 412 -13.13 -22.27 0.98
N GLU D 413 -12.48 -22.01 2.12
CA GLU D 413 -11.93 -20.70 2.38
C GLU D 413 -10.78 -20.84 3.36
N GLY D 414 -9.70 -20.12 3.09
CA GLY D 414 -8.58 -20.14 3.99
C GLY D 414 -7.31 -19.71 3.31
N TYR D 415 -6.19 -20.06 3.95
CA TYR D 415 -4.88 -19.72 3.42
C TYR D 415 -4.59 -20.50 2.15
N CYS D 416 -4.85 -21.81 2.18
CA CYS D 416 -4.55 -22.67 1.04
C CYS D 416 -5.46 -22.38 -0.14
N VAL D 417 -6.72 -22.00 0.11
CA VAL D 417 -7.63 -21.64 -0.96
C VAL D 417 -7.15 -20.39 -1.67
N ASP D 418 -6.68 -19.40 -0.92
CA ASP D 418 -6.13 -18.20 -1.51
C ASP D 418 -4.84 -18.49 -2.26
N LEU D 419 -4.04 -19.42 -1.76
CA LEU D 419 -2.78 -19.75 -2.42
C LEU D 419 -2.99 -20.47 -3.73
N ALA D 420 -3.93 -21.42 -3.77
CA ALA D 420 -4.16 -22.22 -4.96
C ALA D 420 -4.71 -21.38 -6.10
N ALA D 421 -5.50 -20.36 -5.77
CA ALA D 421 -5.96 -19.43 -6.79
C ALA D 421 -4.81 -18.65 -7.39
N GLU D 422 -3.80 -18.30 -6.58
CA GLU D 422 -2.64 -17.59 -7.10
C GLU D 422 -1.82 -18.48 -8.01
N ILE D 423 -1.68 -19.75 -7.62
CA ILE D 423 -0.95 -20.71 -8.44
C ILE D 423 -1.66 -20.94 -9.77
N ALA D 424 -2.98 -21.12 -9.73
CA ALA D 424 -3.74 -21.32 -10.96
C ALA D 424 -3.79 -20.06 -11.80
N LYS D 425 -3.70 -18.89 -11.18
CA LYS D 425 -3.62 -17.66 -11.95
C LYS D 425 -2.28 -17.53 -12.65
N HIS D 426 -1.20 -17.96 -12.00
CA HIS D 426 0.10 -17.83 -12.63
C HIS D 426 0.33 -18.94 -13.67
N CYS D 427 -0.36 -20.06 -13.53
CA CYS D 427 -0.07 -21.21 -14.38
C CYS D 427 -1.17 -21.55 -15.38
N GLY D 428 -2.33 -20.90 -15.29
CA GLY D 428 -3.34 -21.00 -16.32
C GLY D 428 -4.11 -22.30 -16.41
N PHE D 429 -3.96 -23.22 -15.47
CA PHE D 429 -4.68 -24.48 -15.55
C PHE D 429 -6.04 -24.36 -14.86
N LYS D 430 -6.87 -25.39 -15.01
CA LYS D 430 -8.13 -25.54 -14.30
C LYS D 430 -7.97 -26.54 -13.16
N TYR D 431 -8.78 -26.36 -12.12
CA TYR D 431 -8.60 -27.16 -10.92
C TYR D 431 -9.94 -27.37 -10.23
N LYS D 432 -10.04 -28.49 -9.52
CA LYS D 432 -11.18 -28.78 -8.66
C LYS D 432 -10.67 -29.16 -7.29
N LEU D 433 -11.24 -28.56 -6.25
CA LEU D 433 -10.73 -28.75 -4.90
C LEU D 433 -11.37 -29.98 -4.27
N THR D 434 -10.54 -30.94 -3.86
CA THR D 434 -11.01 -32.19 -3.29
C THR D 434 -10.49 -32.34 -1.87
N ILE D 435 -11.02 -33.35 -1.18
CA ILE D 435 -10.65 -33.65 0.20
C ILE D 435 -10.12 -35.08 0.25
N VAL D 436 -9.10 -35.31 1.07
CA VAL D 436 -8.60 -36.66 1.31
C VAL D 436 -9.68 -37.45 2.04
N GLY D 437 -9.74 -38.76 1.76
CA GLY D 437 -10.81 -39.58 2.27
C GLY D 437 -10.64 -40.00 3.70
N ASP D 438 -9.52 -40.65 4.00
CA ASP D 438 -9.31 -41.22 5.33
C ASP D 438 -8.95 -40.18 6.40
N GLY D 439 -8.80 -38.91 6.03
CA GLY D 439 -8.65 -37.86 7.02
C GLY D 439 -7.32 -37.85 7.72
N LYS D 440 -6.27 -38.28 7.05
CA LYS D 440 -4.94 -38.35 7.64
C LYS D 440 -3.95 -37.52 6.83
N TYR D 441 -2.78 -37.31 7.40
CA TYR D 441 -1.68 -36.78 6.60
C TYR D 441 -1.01 -37.91 5.81
N GLY D 442 -0.62 -38.98 6.48
CA GLY D 442 -0.22 -40.17 5.76
C GLY D 442 1.17 -40.69 6.05
N ALA D 443 1.27 -41.99 6.30
CA ALA D 443 2.55 -42.67 6.47
C ALA D 443 2.48 -44.01 5.78
N ARG D 444 3.61 -44.69 5.72
CA ARG D 444 3.65 -45.98 5.05
C ARG D 444 3.20 -47.08 5.99
N ASP D 445 2.75 -48.19 5.41
CA ASP D 445 2.40 -49.36 6.19
C ASP D 445 3.66 -50.14 6.53
N ALA D 446 3.63 -50.83 7.67
CA ALA D 446 4.66 -51.82 7.95
C ALA D 446 4.47 -53.01 7.03
N ASP D 447 5.59 -53.46 6.44
CA ASP D 447 5.76 -54.71 5.70
C ASP D 447 5.08 -54.74 4.33
N THR D 448 4.29 -53.72 4.00
CA THR D 448 3.67 -53.64 2.69
C THR D 448 3.88 -52.30 2.02
N LYS D 449 4.46 -51.32 2.72
CA LYS D 449 4.77 -49.98 2.23
C LYS D 449 3.54 -49.22 1.71
N ILE D 450 2.36 -49.51 2.26
CA ILE D 450 1.15 -48.87 1.77
C ILE D 450 1.07 -47.48 2.39
N TRP D 451 1.43 -46.47 1.62
CA TRP D 451 1.26 -45.09 2.04
C TRP D 451 -0.22 -44.75 2.00
N ASN D 452 -0.80 -44.44 3.16
CA ASN D 452 -2.19 -44.00 3.19
C ASN D 452 -2.30 -42.49 3.11
N GLY D 453 -3.48 -41.95 3.33
CA GLY D 453 -3.63 -40.53 3.59
C GLY D 453 -3.37 -39.70 2.35
N MET D 454 -2.86 -38.49 2.58
CA MET D 454 -2.53 -37.62 1.46
C MET D 454 -1.26 -38.03 0.74
N VAL D 455 -0.49 -38.96 1.30
CA VAL D 455 0.70 -39.42 0.58
C VAL D 455 0.30 -40.37 -0.54
N GLY D 456 -0.52 -41.37 -0.24
CA GLY D 456 -0.90 -42.36 -1.22
C GLY D 456 -1.76 -41.83 -2.33
N GLU D 457 -2.46 -40.71 -2.11
CA GLU D 457 -3.20 -40.03 -3.16
C GLU D 457 -2.28 -39.53 -4.26
N LEU D 458 -1.03 -39.23 -3.93
CA LEU D 458 -0.06 -38.78 -4.91
C LEU D 458 0.89 -39.88 -5.35
N VAL D 459 1.16 -40.85 -4.48
CA VAL D 459 2.02 -41.97 -4.85
C VAL D 459 1.29 -42.88 -5.83
N TYR D 460 0.05 -43.22 -5.52
CA TYR D 460 -0.70 -44.22 -6.26
C TYR D 460 -1.47 -43.62 -7.43
N GLY D 461 -1.14 -42.40 -7.83
CA GLY D 461 -1.74 -41.81 -9.01
C GLY D 461 -3.17 -41.37 -8.87
N LYS D 462 -3.65 -41.17 -7.65
CA LYS D 462 -5.03 -40.76 -7.45
C LYS D 462 -5.20 -39.26 -7.61
N ALA D 463 -4.49 -38.48 -6.82
CA ALA D 463 -4.57 -37.03 -6.84
C ALA D 463 -3.43 -36.45 -7.66
N ASP D 464 -3.67 -35.27 -8.21
CA ASP D 464 -2.74 -34.66 -9.17
C ASP D 464 -1.80 -33.66 -8.53
N ILE D 465 -2.25 -32.88 -7.54
CA ILE D 465 -1.38 -31.94 -6.85
C ILE D 465 -1.98 -31.71 -5.46
N ALA D 466 -1.14 -31.26 -4.52
CA ALA D 466 -1.53 -31.12 -3.12
C ALA D 466 -0.96 -29.83 -2.54
N ILE D 467 -1.74 -28.75 -2.61
CA ILE D 467 -1.42 -27.52 -1.89
C ILE D 467 -2.07 -27.64 -0.52
N ALA D 468 -1.25 -27.88 0.50
CA ALA D 468 -1.73 -28.29 1.81
C ALA D 468 -0.59 -28.15 2.80
N PRO D 469 -0.88 -28.11 4.11
CA PRO D 469 0.18 -28.14 5.11
C PRO D 469 0.89 -29.48 5.20
N LEU D 470 1.84 -29.73 4.31
CA LEU D 470 2.58 -30.98 4.29
C LEU D 470 4.04 -30.67 4.57
N THR D 471 4.69 -31.53 5.34
CA THR D 471 6.04 -31.27 5.81
C THR D 471 7.06 -32.08 5.03
N ILE D 472 8.09 -31.40 4.52
CA ILE D 472 9.18 -32.07 3.82
C ILE D 472 10.00 -32.87 4.82
N THR D 473 10.05 -34.18 4.60
CA THR D 473 10.83 -35.09 5.43
C THR D 473 11.91 -35.74 4.57
N LEU D 474 12.56 -36.75 5.12
CA LEU D 474 13.47 -37.57 4.33
C LEU D 474 12.74 -38.71 3.64
N VAL D 475 11.75 -39.30 4.31
CA VAL D 475 11.07 -40.46 3.77
C VAL D 475 10.01 -40.09 2.74
N ARG D 476 9.81 -38.81 2.46
CA ARG D 476 8.79 -38.43 1.48
C ARG D 476 9.38 -38.03 0.14
N GLU D 477 10.65 -37.66 0.08
CA GLU D 477 11.25 -37.28 -1.19
C GLU D 477 11.42 -38.46 -2.13
N GLU D 478 11.49 -39.67 -1.58
CA GLU D 478 11.71 -40.84 -2.42
C GLU D 478 10.51 -41.18 -3.28
N VAL D 479 9.31 -40.81 -2.84
CA VAL D 479 8.10 -41.22 -3.55
C VAL D 479 7.41 -40.06 -4.24
N ILE D 480 7.49 -38.83 -3.71
CA ILE D 480 6.89 -37.66 -4.34
C ILE D 480 7.94 -36.56 -4.34
N ASP D 481 7.63 -35.47 -5.03
CA ASP D 481 8.57 -34.37 -5.06
C ASP D 481 7.97 -33.11 -4.45
N PHE D 482 8.85 -32.27 -3.91
CA PHE D 482 8.46 -31.03 -3.28
C PHE D 482 9.12 -29.87 -3.97
N SER D 483 8.44 -28.74 -3.94
CA SER D 483 8.98 -27.48 -4.43
C SER D 483 9.89 -26.87 -3.39
N LYS D 484 10.25 -25.61 -3.59
CA LYS D 484 10.95 -24.89 -2.55
C LYS D 484 9.97 -24.56 -1.43
N PRO D 485 10.42 -24.60 -0.18
CA PRO D 485 9.51 -24.38 0.94
C PRO D 485 9.06 -22.94 1.03
N PHE D 486 7.80 -22.77 1.41
CA PHE D 486 7.19 -21.45 1.40
C PHE D 486 6.83 -20.91 2.77
N MET D 487 6.87 -21.72 3.82
CA MET D 487 6.61 -21.22 5.16
C MET D 487 7.33 -22.10 6.18
N SER D 488 8.08 -21.46 7.07
CA SER D 488 8.92 -22.15 8.03
C SER D 488 8.20 -22.31 9.36
N LEU D 489 8.60 -23.32 10.12
CA LEU D 489 7.98 -23.64 11.40
C LEU D 489 8.91 -24.55 12.19
N GLY D 490 8.39 -25.05 13.31
CA GLY D 490 9.13 -25.97 14.15
C GLY D 490 8.20 -26.66 15.13
N ILE D 491 8.74 -27.66 15.82
CA ILE D 491 8.00 -28.38 16.84
C ILE D 491 7.83 -27.45 18.04
N SER D 492 6.59 -27.15 18.38
CA SER D 492 6.28 -26.35 19.55
C SER D 492 5.40 -27.13 20.50
N ILE D 493 5.43 -26.69 21.75
CA ILE D 493 4.72 -27.33 22.85
C ILE D 493 3.54 -26.46 23.22
N MET D 494 2.34 -27.01 23.13
CA MET D 494 1.14 -26.35 23.62
C MET D 494 0.82 -26.89 25.00
N ILE D 495 0.53 -25.99 25.94
CA ILE D 495 -0.12 -26.35 27.19
C ILE D 495 -1.27 -25.38 27.42
N LYS D 496 -1.92 -25.53 28.56
CA LYS D 496 -3.11 -24.77 28.88
C LYS D 496 -2.76 -23.31 29.18
N LYS D 497 -3.76 -22.56 29.49
CA LYS D 497 -3.47 -21.26 30.09
C LYS D 497 -3.24 -21.46 31.59
N PRO D 498 -2.34 -20.71 32.21
CA PRO D 498 -2.28 -20.72 33.67
C PRO D 498 -3.15 -19.62 34.25
N GLN D 499 -3.31 -19.65 35.57
CA GLN D 499 -4.09 -18.64 36.27
C GLN D 499 -3.18 -17.57 36.84
N LYS D 500 -3.69 -16.34 36.83
CA LYS D 500 -2.90 -15.16 37.18
C LYS D 500 -2.62 -15.13 38.68
N SER D 501 -1.39 -15.52 39.02
CA SER D 501 -0.95 -15.54 40.41
C SER D 501 -0.80 -14.13 40.97
N LYS D 502 -1.66 -13.79 41.91
CA LYS D 502 -1.62 -12.52 42.62
C LYS D 502 -0.54 -12.57 43.69
N PRO D 503 0.03 -11.42 44.07
CA PRO D 503 1.17 -11.46 45.00
C PRO D 503 0.77 -11.84 46.41
N GLY D 504 1.72 -12.47 47.09
CA GLY D 504 1.47 -13.15 48.35
C GLY D 504 1.38 -12.21 49.53
N VAL D 505 1.54 -12.79 50.72
CA VAL D 505 1.43 -12.08 51.98
C VAL D 505 2.58 -11.10 52.14
N PHE D 506 3.80 -11.62 52.17
CA PHE D 506 4.96 -10.78 52.39
C PHE D 506 5.44 -10.17 51.08
N SER D 507 4.62 -9.33 50.49
CA SER D 507 4.98 -8.64 49.26
C SER D 507 5.32 -7.19 49.47
N PHE D 508 5.00 -6.64 50.64
CA PHE D 508 5.22 -5.22 50.92
C PHE D 508 6.70 -4.88 50.94
N LEU D 509 7.55 -5.85 51.30
CA LEU D 509 8.99 -5.62 51.38
C LEU D 509 9.63 -5.99 50.05
N ASP D 510 8.77 -6.27 49.08
CA ASP D 510 9.16 -6.61 47.73
C ASP D 510 9.98 -5.57 46.95
N PRO D 511 9.73 -4.23 47.01
CA PRO D 511 10.52 -3.33 46.15
C PRO D 511 11.99 -3.18 46.50
N LEU D 512 12.41 -3.67 47.64
CA LEU D 512 13.81 -3.63 48.03
C LEU D 512 14.30 -5.06 48.18
N ALA D 513 15.42 -5.36 47.52
CA ALA D 513 15.95 -6.72 47.54
C ALA D 513 16.52 -7.07 48.92
N TYR D 514 16.54 -8.36 49.22
CA TYR D 514 16.79 -8.90 50.55
C TYR D 514 18.14 -8.51 51.13
N GLU D 515 19.14 -8.36 50.26
CA GLU D 515 20.48 -7.99 50.69
C GLU D 515 20.48 -6.60 51.30
N ILE D 516 19.68 -5.70 50.74
CA ILE D 516 19.56 -4.36 51.25
C ILE D 516 18.91 -4.40 52.63
N TRP D 517 17.90 -5.25 52.80
CA TRP D 517 17.28 -5.43 54.10
C TRP D 517 18.23 -6.00 55.14
N MET D 518 19.13 -6.88 54.72
CA MET D 518 20.16 -7.41 55.60
C MET D 518 21.11 -6.32 56.08
N CYS D 519 21.60 -5.51 55.14
CA CYS D 519 22.50 -4.42 55.49
C CYS D 519 21.82 -3.38 56.35
N ILE D 520 20.50 -3.21 56.18
CA ILE D 520 19.73 -2.32 57.04
C ILE D 520 19.78 -2.79 58.49
N VAL D 521 19.55 -4.08 58.73
CA VAL D 521 19.54 -4.59 60.10
C VAL D 521 20.91 -4.49 60.73
N PHE D 522 21.95 -4.76 59.93
CA PHE D 522 23.31 -4.67 60.45
C PHE D 522 23.68 -3.24 60.79
N ALA D 523 23.33 -2.30 59.92
CA ALA D 523 23.63 -0.89 60.19
C ALA D 523 22.81 -0.37 61.35
N TYR D 524 21.57 -0.84 61.48
CA TYR D 524 20.71 -0.48 62.60
C TYR D 524 21.28 -0.94 63.93
N ILE D 525 21.89 -2.12 63.97
CA ILE D 525 22.54 -2.53 65.20
C ILE D 525 23.78 -1.70 65.47
N GLY D 526 24.56 -1.47 64.41
CA GLY D 526 25.84 -0.80 64.58
C GLY D 526 25.69 0.65 65.01
N VAL D 527 24.70 1.34 64.46
CA VAL D 527 24.50 2.75 64.78
C VAL D 527 24.06 2.93 66.22
N SER D 528 23.17 2.04 66.67
CA SER D 528 22.72 2.11 68.06
C SER D 528 23.83 1.76 69.03
N VAL D 529 24.69 0.81 68.67
CA VAL D 529 25.76 0.45 69.59
C VAL D 529 26.84 1.52 69.64
N VAL D 530 27.22 2.07 68.48
CA VAL D 530 28.17 3.18 68.44
C VAL D 530 27.63 4.40 69.18
N LEU D 531 26.34 4.69 69.05
CA LEU D 531 25.76 5.78 69.82
C LEU D 531 25.71 5.48 71.30
N PHE D 532 25.57 4.22 71.68
CA PHE D 532 25.73 3.86 73.08
C PHE D 532 27.13 4.10 73.58
N LEU D 533 28.15 3.91 72.74
CA LEU D 533 29.53 4.02 73.18
C LEU D 533 29.93 5.46 73.41
N VAL D 534 29.40 6.38 72.62
CA VAL D 534 29.81 7.78 72.70
C VAL D 534 29.30 8.39 73.99
N SER D 535 28.06 8.12 74.33
CA SER D 535 27.61 8.44 75.67
C SER D 535 28.06 7.35 76.64
N ARG D 536 27.77 7.57 77.93
CA ARG D 536 28.08 6.65 79.03
C ARG D 536 29.56 6.29 79.09
N PHE D 537 30.40 7.29 78.85
CA PHE D 537 31.82 7.07 78.61
C PHE D 537 32.60 7.80 79.69
N SER D 538 32.15 7.66 80.94
CA SER D 538 32.55 8.46 82.10
C SER D 538 32.49 9.95 81.81
N PRO D 539 31.30 10.57 81.72
CA PRO D 539 31.28 12.02 81.47
C PRO D 539 31.63 12.85 82.69
N TYR D 540 32.82 13.45 82.67
CA TYR D 540 33.19 14.34 83.75
C TYR D 540 33.71 15.65 83.17
N GLN D 554 26.61 15.41 91.88
CA GLN D 554 27.69 14.45 91.72
C GLN D 554 27.44 13.59 90.50
N SER D 555 26.61 14.10 89.58
CA SER D 555 26.25 13.37 88.38
C SER D 555 27.46 13.26 87.46
N SER D 556 28.06 12.08 87.42
CA SER D 556 29.29 11.86 86.69
C SER D 556 29.11 10.77 85.64
N GLU D 557 27.95 10.11 85.66
CA GLU D 557 27.69 9.05 84.70
C GLU D 557 26.29 9.16 84.12
N SER D 558 25.33 9.62 84.91
CA SER D 558 23.93 9.72 84.51
C SER D 558 23.60 11.08 83.91
N THR D 559 24.59 11.72 83.28
CA THR D 559 24.43 13.01 82.61
C THR D 559 23.41 12.89 81.48
N ASN D 560 23.47 11.78 80.76
CA ASN D 560 22.52 11.54 79.67
C ASN D 560 21.50 10.50 80.08
N GLU D 561 20.53 10.25 79.20
CA GLU D 561 19.50 9.25 79.46
C GLU D 561 19.67 8.08 78.49
N PHE D 562 20.70 8.11 77.66
CA PHE D 562 20.92 7.09 76.64
C PHE D 562 21.57 5.85 77.23
N GLY D 563 20.75 4.87 77.59
CA GLY D 563 21.29 3.55 77.80
C GLY D 563 21.35 2.83 76.47
N ILE D 564 21.77 1.57 76.47
CA ILE D 564 21.75 0.79 75.25
C ILE D 564 20.34 0.55 74.74
N PHE D 565 19.36 0.38 75.63
CA PHE D 565 18.02 0.15 75.13
C PHE D 565 17.34 1.45 74.72
N ASN D 566 17.68 2.57 75.37
CA ASN D 566 17.17 3.85 74.90
C ASN D 566 17.71 4.20 73.53
N SER D 567 18.98 3.84 73.27
CA SER D 567 19.53 4.06 71.94
C SER D 567 18.90 3.14 70.92
N LEU D 568 18.62 1.90 71.33
CA LEU D 568 17.95 0.96 70.47
C LEU D 568 16.54 1.42 70.15
N TRP D 569 15.94 2.17 71.06
CA TRP D 569 14.67 2.82 70.80
C TRP D 569 14.80 4.04 69.90
N PHE D 570 15.82 4.87 70.12
CA PHE D 570 16.02 6.09 69.36
C PHE D 570 16.32 5.87 67.90
N SER D 571 17.11 4.85 67.57
CA SER D 571 17.44 4.60 66.17
C SER D 571 16.23 4.13 65.39
N LEU D 572 15.49 3.18 65.96
CA LEU D 572 14.23 2.75 65.36
C LEU D 572 13.22 3.88 65.32
N GLY D 573 13.27 4.79 66.29
CA GLY D 573 12.37 5.93 66.25
C GLY D 573 12.70 6.87 65.10
N ALA D 574 13.98 7.16 64.93
CA ALA D 574 14.37 8.09 63.88
C ALA D 574 14.24 7.48 62.50
N PHE D 575 14.20 6.15 62.40
CA PHE D 575 14.12 5.56 61.08
C PHE D 575 12.74 5.73 60.47
N MET D 576 11.69 5.60 61.27
CA MET D 576 10.34 5.56 60.73
C MET D 576 9.59 6.87 60.98
N GLN D 577 10.33 7.97 60.87
CA GLN D 577 9.84 9.33 60.72
C GLN D 577 9.22 9.96 61.96
N GLN D 578 9.05 9.23 63.06
CA GLN D 578 8.62 9.93 64.26
C GLN D 578 9.74 9.96 65.28
N GLY D 579 10.32 11.12 65.52
CA GLY D 579 11.36 11.23 66.52
C GLY D 579 10.82 11.00 67.92
N CYS D 580 11.68 10.47 68.77
CA CYS D 580 11.29 10.19 70.15
C CYS D 580 11.42 11.45 70.99
N ASP D 581 11.30 11.30 72.31
CA ASP D 581 11.27 12.46 73.19
C ASP D 581 12.67 12.98 73.43
N ILE D 582 13.62 12.09 73.67
CA ILE D 582 14.98 12.48 74.00
C ILE D 582 15.72 12.95 72.76
N SER D 583 16.88 13.57 72.97
CA SER D 583 17.75 14.03 71.91
C SER D 583 19.17 13.80 72.37
N PRO D 584 20.15 13.64 71.44
CA PRO D 584 21.53 13.29 71.83
C PRO D 584 22.23 14.21 72.82
N ARG D 585 21.91 15.50 72.79
CA ARG D 585 22.18 16.48 73.86
C ARG D 585 23.68 16.81 74.03
N SER D 586 24.56 16.07 73.35
CA SER D 586 25.98 16.41 73.39
C SER D 586 26.56 16.15 72.01
N LEU D 587 27.78 16.63 71.80
CA LEU D 587 28.49 16.47 70.55
C LEU D 587 28.93 15.02 70.41
N SER D 588 29.25 14.63 69.18
CA SER D 588 29.96 13.41 68.76
C SER D 588 29.11 12.17 68.86
N GLY D 589 27.90 12.29 69.40
CA GLY D 589 26.90 11.28 69.17
C GLY D 589 26.05 11.81 68.05
N ARG D 590 26.13 13.12 67.85
CA ARG D 590 25.24 13.72 66.89
C ARG D 590 25.81 13.64 65.49
N ILE D 591 27.13 13.50 65.36
CA ILE D 591 27.63 13.16 64.04
C ILE D 591 27.57 11.66 63.79
N VAL D 592 26.97 10.89 64.72
CA VAL D 592 26.31 9.67 64.31
C VAL D 592 24.91 9.98 63.85
N GLY D 593 24.16 10.71 64.67
CA GLY D 593 22.72 10.84 64.44
C GLY D 593 22.36 11.61 63.18
N GLY D 594 23.18 12.59 62.83
CA GLY D 594 22.95 13.32 61.59
C GLY D 594 23.22 12.46 60.38
N VAL D 595 24.23 11.61 60.46
CA VAL D 595 24.49 10.70 59.37
C VAL D 595 23.39 9.66 59.29
N TRP D 596 22.84 9.26 60.42
CA TRP D 596 21.72 8.32 60.41
C TRP D 596 20.45 8.98 59.88
N TRP D 597 20.29 10.28 60.13
CA TRP D 597 19.17 11.02 59.56
C TRP D 597 19.32 11.14 58.05
N PHE D 598 20.55 11.35 57.57
CA PHE D 598 20.76 11.39 56.14
C PHE D 598 20.51 10.03 55.51
N PHE D 599 20.91 8.98 56.22
CA PHE D 599 20.61 7.62 55.80
C PHE D 599 19.12 7.36 55.74
N THR D 600 18.36 7.81 56.72
CA THR D 600 16.95 7.51 56.67
C THR D 600 16.20 8.42 55.72
N LEU D 601 16.78 9.55 55.34
CA LEU D 601 16.15 10.31 54.27
C LEU D 601 16.36 9.67 52.92
N ILE D 602 17.58 9.25 52.61
CA ILE D 602 17.87 8.70 51.29
C ILE D 602 17.26 7.31 51.08
N ILE D 603 17.00 6.56 52.14
CA ILE D 603 16.50 5.20 51.98
C ILE D 603 15.00 5.16 51.77
N ILE D 604 14.21 5.75 52.66
CA ILE D 604 12.77 5.54 52.51
C ILE D 604 12.18 6.38 51.40
N SER D 605 12.85 7.46 51.00
CA SER D 605 12.40 8.19 49.81
C SER D 605 12.64 7.37 48.55
N SER D 606 13.64 6.50 48.58
CA SER D 606 13.81 5.51 47.53
C SER D 606 12.88 4.32 47.69
N TYR D 607 12.44 4.05 48.92
CA TYR D 607 11.47 3.00 49.14
C TYR D 607 10.14 3.34 48.52
N THR D 608 9.62 4.53 48.83
CA THR D 608 8.25 4.88 48.52
C THR D 608 8.11 5.57 47.18
N ALA D 609 8.98 5.27 46.24
CA ALA D 609 8.90 5.92 44.95
C ALA D 609 7.78 5.36 44.10
N ASN D 610 7.69 4.04 44.00
CA ASN D 610 6.68 3.43 43.15
C ASN D 610 6.06 2.21 43.83
N LEU D 611 5.71 2.35 45.11
CA LEU D 611 5.26 1.23 45.92
C LEU D 611 3.97 0.60 45.39
N ALA D 612 3.05 1.43 44.89
CA ALA D 612 1.76 0.92 44.47
C ALA D 612 1.85 0.02 43.24
N ALA D 613 2.89 0.20 42.43
CA ALA D 613 3.12 -0.70 41.31
C ALA D 613 3.56 -2.08 41.76
N PHE D 614 4.09 -2.21 42.97
CA PHE D 614 4.55 -3.49 43.46
C PHE D 614 3.49 -4.28 44.20
N LEU D 615 2.32 -3.72 44.44
CA LEU D 615 1.30 -4.48 45.13
C LEU D 615 0.17 -4.92 44.21
N THR D 616 0.24 -4.56 42.93
CA THR D 616 -0.66 -5.13 41.93
C THR D 616 0.21 -5.54 40.74
N VAL D 617 0.68 -6.77 40.73
CA VAL D 617 1.61 -7.20 39.69
C VAL D 617 1.00 -8.29 38.81
N GLU D 618 0.64 -9.43 39.42
CA GLU D 618 -0.02 -10.56 38.77
C GLU D 618 0.78 -11.10 37.58
N ARG D 619 1.94 -11.66 37.90
CA ARG D 619 2.76 -12.36 36.92
C ARG D 619 2.43 -13.85 36.94
N MET D 620 2.84 -14.55 35.87
CA MET D 620 2.46 -15.94 35.69
C MET D 620 3.46 -16.90 36.30
N VAL D 621 3.25 -18.20 36.14
CA VAL D 621 4.00 -19.19 36.89
C VAL D 621 4.89 -20.05 36.00
N SER D 622 4.37 -20.49 34.83
CA SER D 622 5.09 -21.18 33.76
C SER D 622 5.87 -22.41 34.25
N PRO D 623 5.18 -23.55 34.50
CA PRO D 623 5.86 -24.74 35.03
C PRO D 623 7.03 -25.29 34.21
N ILE D 624 6.86 -25.44 32.90
CA ILE D 624 7.90 -26.03 32.06
C ILE D 624 8.06 -25.21 30.78
N GLU D 625 9.30 -25.12 30.30
CA GLU D 625 9.46 -24.47 29.00
C GLU D 625 10.31 -25.24 27.99
N SER D 626 11.42 -25.83 28.39
CA SER D 626 12.36 -26.49 27.48
C SER D 626 12.38 -27.95 27.85
N ALA D 627 11.45 -28.72 27.27
CA ALA D 627 10.54 -29.54 28.07
C ALA D 627 11.18 -30.30 29.21
N GLU D 628 11.83 -31.42 28.93
CA GLU D 628 12.81 -32.12 29.78
C GLU D 628 12.32 -32.55 31.17
N ASP D 629 11.29 -31.89 31.70
CA ASP D 629 10.55 -32.44 32.81
C ASP D 629 9.49 -33.37 32.30
N LEU D 630 9.13 -33.23 31.02
CA LEU D 630 8.33 -34.25 30.37
C LEU D 630 9.13 -35.55 30.23
N SER D 631 10.46 -35.47 30.29
CA SER D 631 11.25 -36.65 30.58
C SER D 631 11.25 -36.94 32.08
N LYS D 632 11.47 -35.92 32.91
CA LYS D 632 11.79 -36.15 34.32
C LYS D 632 10.61 -36.60 35.17
N GLN D 633 9.59 -35.78 35.32
CA GLN D 633 8.44 -36.17 36.14
C GLN D 633 7.60 -37.21 35.41
N THR D 634 6.60 -37.72 36.13
CA THR D 634 5.62 -38.64 35.57
C THR D 634 4.22 -38.06 35.53
N GLU D 635 4.04 -36.82 36.01
CA GLU D 635 2.70 -36.31 36.28
C GLU D 635 1.99 -35.86 35.03
N ILE D 636 2.52 -34.86 34.35
CA ILE D 636 1.83 -34.23 33.23
C ILE D 636 2.11 -35.05 31.98
N ALA D 637 1.04 -35.49 31.32
CA ALA D 637 1.19 -36.29 30.12
C ALA D 637 1.45 -35.41 28.91
N TYR D 638 1.75 -36.05 27.78
CA TYR D 638 2.01 -35.38 26.52
C TYR D 638 1.99 -36.39 25.38
N GLY D 639 1.41 -36.02 24.25
CA GLY D 639 1.37 -36.88 23.09
C GLY D 639 1.22 -36.05 21.84
N THR D 640 1.26 -36.73 20.69
CA THR D 640 1.22 -36.07 19.39
C THR D 640 0.07 -36.62 18.58
N LEU D 641 0.06 -36.27 17.30
CA LEU D 641 -0.97 -36.75 16.39
C LEU D 641 -0.61 -38.14 15.90
N ASP D 642 -1.63 -38.93 15.56
CA ASP D 642 -1.39 -40.18 14.84
C ASP D 642 -0.97 -39.90 13.41
N SER D 643 -0.21 -40.84 12.84
CA SER D 643 0.26 -40.82 11.46
C SER D 643 1.08 -39.56 11.15
N GLY D 644 1.80 -39.09 12.15
CA GLY D 644 2.44 -37.79 12.10
C GLY D 644 3.93 -37.86 11.80
N SER D 645 4.41 -36.83 11.10
CA SER D 645 5.84 -36.72 10.84
C SER D 645 6.62 -36.48 12.11
N THR D 646 6.03 -35.78 13.08
CA THR D 646 6.68 -35.63 14.37
C THR D 646 6.68 -36.95 15.14
N LYS D 647 5.60 -37.72 14.97
CA LYS D 647 5.52 -39.06 15.53
C LYS D 647 6.60 -39.98 14.96
N GLU D 648 7.02 -39.75 13.72
CA GLU D 648 8.15 -40.50 13.19
C GLU D 648 9.48 -39.85 13.57
N PHE D 649 9.48 -38.53 13.76
CA PHE D 649 10.67 -37.80 14.16
C PHE D 649 11.19 -38.29 15.50
N PHE D 650 10.28 -38.52 16.44
CA PHE D 650 10.72 -39.11 17.70
C PHE D 650 11.09 -40.58 17.56
N ARG D 651 10.47 -41.30 16.62
CA ARG D 651 10.75 -42.71 16.46
C ARG D 651 12.15 -42.93 15.89
N ARG D 652 12.61 -41.98 15.08
CA ARG D 652 13.93 -42.09 14.46
C ARG D 652 14.93 -41.13 15.12
N SER D 653 14.51 -40.39 16.13
CA SER D 653 15.41 -39.42 16.77
C SER D 653 16.50 -40.13 17.56
N LYS D 654 17.61 -39.42 17.80
CA LYS D 654 18.80 -40.00 18.40
C LYS D 654 19.26 -39.28 19.65
N ILE D 655 18.72 -38.10 19.93
CA ILE D 655 19.10 -37.35 21.13
C ILE D 655 18.56 -38.11 22.35
N ALA D 656 19.32 -38.09 23.45
CA ALA D 656 19.00 -38.94 24.60
C ALA D 656 17.71 -38.49 25.30
N VAL D 657 17.51 -37.18 25.41
CA VAL D 657 16.29 -36.67 26.01
C VAL D 657 15.09 -36.99 25.11
N PHE D 658 15.28 -36.92 23.79
CA PHE D 658 14.22 -37.34 22.87
C PHE D 658 13.98 -38.83 22.94
N ASP D 659 15.03 -39.60 23.25
CA ASP D 659 14.91 -41.04 23.35
C ASP D 659 14.08 -41.42 24.55
N LYS D 660 14.30 -40.72 25.66
CA LYS D 660 13.47 -40.93 26.85
C LYS D 660 12.03 -40.49 26.60
N MET D 661 11.85 -39.42 25.81
CA MET D 661 10.51 -38.98 25.43
C MET D 661 9.79 -40.03 24.60
N TRP D 662 10.44 -40.55 23.56
CA TRP D 662 9.81 -41.57 22.72
C TRP D 662 9.63 -42.88 23.47
N THR D 663 10.47 -43.13 24.47
CA THR D 663 10.28 -44.29 25.35
C THR D 663 9.00 -44.15 26.16
N TYR D 664 8.75 -42.97 26.72
CA TYR D 664 7.47 -42.75 27.39
C TYR D 664 6.30 -42.81 26.42
N MET D 665 6.47 -42.27 25.21
CA MET D 665 5.42 -42.26 24.20
C MET D 665 5.03 -43.67 23.80
N ARG D 666 6.00 -44.56 23.67
CA ARG D 666 5.66 -45.93 23.31
C ARG D 666 5.17 -46.73 24.52
N SER D 667 5.62 -46.38 25.73
CA SER D 667 5.13 -47.05 26.93
C SER D 667 3.89 -46.38 27.50
N ALA D 668 3.25 -45.49 26.74
CA ALA D 668 2.09 -44.75 27.23
C ALA D 668 0.88 -45.66 27.40
N GLU D 669 0.38 -45.74 28.62
CA GLU D 669 -0.83 -46.50 28.94
C GLU D 669 -1.76 -45.61 29.75
N PRO D 670 -2.90 -45.18 29.20
CA PRO D 670 -3.47 -45.41 27.87
C PRO D 670 -2.85 -44.54 26.78
N SER D 671 -3.58 -44.37 25.68
CA SER D 671 -3.09 -43.62 24.53
C SER D 671 -2.89 -42.16 24.87
N VAL D 672 -1.65 -41.69 24.77
CA VAL D 672 -1.42 -40.26 24.68
C VAL D 672 -1.53 -39.82 23.23
N PHE D 673 -1.59 -40.78 22.31
CA PHE D 673 -1.80 -40.47 20.90
C PHE D 673 -3.26 -40.10 20.66
N VAL D 674 -3.47 -39.07 19.85
CA VAL D 674 -4.81 -38.68 19.45
C VAL D 674 -4.86 -38.53 17.93
N ARG D 675 -6.08 -38.66 17.40
CA ARG D 675 -6.26 -38.85 15.98
C ARG D 675 -6.45 -37.55 15.20
N THR D 676 -7.09 -36.54 15.78
CA THR D 676 -7.30 -35.29 15.08
C THR D 676 -6.84 -34.13 15.95
N THR D 677 -6.81 -32.94 15.32
CA THR D 677 -6.26 -31.74 15.94
C THR D 677 -7.12 -31.26 17.08
N ALA D 678 -8.41 -31.04 16.81
CA ALA D 678 -9.34 -30.57 17.82
C ALA D 678 -9.54 -31.58 18.94
N GLU D 679 -9.33 -32.88 18.66
CA GLU D 679 -9.32 -33.90 19.69
C GLU D 679 -8.25 -33.60 20.74
N GLY D 680 -7.02 -33.38 20.30
CA GLY D 680 -5.97 -33.03 21.24
C GLY D 680 -6.15 -31.69 21.88
N VAL D 681 -6.72 -30.72 21.16
CA VAL D 681 -6.98 -29.40 21.72
C VAL D 681 -7.97 -29.50 22.88
N ALA D 682 -9.09 -30.18 22.65
CA ALA D 682 -10.06 -30.39 23.72
C ALA D 682 -9.51 -31.29 24.82
N ARG D 683 -8.58 -32.19 24.50
CA ARG D 683 -7.97 -33.01 25.53
C ARG D 683 -7.11 -32.17 26.46
N VAL D 684 -6.33 -31.24 25.90
CA VAL D 684 -5.52 -30.34 26.71
C VAL D 684 -6.41 -29.40 27.53
N ARG D 685 -7.53 -28.95 26.94
CA ARG D 685 -8.44 -28.07 27.65
C ARG D 685 -9.09 -28.78 28.84
N LYS D 686 -9.57 -30.00 28.63
CA LYS D 686 -10.29 -30.70 29.68
C LYS D 686 -9.36 -31.38 30.67
N SER D 687 -8.08 -31.58 30.34
CA SER D 687 -7.20 -32.30 31.23
C SER D 687 -6.79 -31.49 32.44
N LYS D 688 -6.93 -30.16 32.36
CA LYS D 688 -6.62 -29.21 33.45
C LYS D 688 -5.17 -29.34 33.89
N GLY D 689 -4.26 -29.20 32.92
CA GLY D 689 -2.84 -29.22 33.23
C GLY D 689 -2.28 -30.59 33.50
N LYS D 690 -2.88 -31.63 32.91
CA LYS D 690 -2.34 -32.98 33.02
C LYS D 690 -1.86 -33.54 31.70
N TYR D 691 -2.08 -32.84 30.60
CA TYR D 691 -1.73 -33.37 29.29
C TYR D 691 -1.21 -32.25 28.40
N ALA D 692 0.09 -32.27 28.13
CA ALA D 692 0.69 -31.34 27.18
C ALA D 692 0.44 -31.81 25.76
N TYR D 693 0.91 -31.02 24.79
CA TYR D 693 0.65 -31.37 23.41
C TYR D 693 1.81 -30.88 22.56
N LEU D 694 2.07 -31.56 21.45
CA LEU D 694 3.14 -31.20 20.54
C LEU D 694 2.58 -31.00 19.16
N LEU D 695 2.81 -29.83 18.57
CA LEU D 695 2.39 -29.62 17.18
C LEU D 695 3.34 -28.63 16.53
N GLU D 696 2.92 -28.03 15.43
CA GLU D 696 3.73 -27.09 14.68
C GLU D 696 3.30 -25.65 14.96
N SER D 697 4.29 -24.76 15.03
CA SER D 697 4.16 -23.51 15.77
C SER D 697 3.20 -22.54 15.12
N THR D 698 2.96 -22.68 13.81
CA THR D 698 1.94 -21.87 13.17
C THR D 698 0.56 -22.15 13.73
N MET D 699 0.18 -23.42 13.82
CA MET D 699 -1.04 -23.83 14.49
C MET D 699 -1.07 -23.42 15.96
N ASN D 700 0.08 -23.49 16.63
CA ASN D 700 0.17 -23.13 18.03
C ASN D 700 -0.16 -21.68 18.26
N GLU D 701 0.45 -20.77 17.49
CA GLU D 701 0.15 -19.37 17.71
C GLU D 701 -1.20 -18.98 17.12
N TYR D 702 -1.69 -19.71 16.12
CA TYR D 702 -3.02 -19.39 15.61
C TYR D 702 -4.10 -19.76 16.61
N ILE D 703 -3.99 -20.93 17.24
CA ILE D 703 -4.92 -21.28 18.30
C ILE D 703 -4.70 -20.41 19.53
N GLU D 704 -3.47 -19.95 19.75
CA GLU D 704 -3.21 -18.97 20.80
C GLU D 704 -3.94 -17.65 20.55
N GLN D 705 -4.17 -17.29 19.29
CA GLN D 705 -4.97 -16.10 19.03
C GLN D 705 -6.44 -16.40 18.77
N ARG D 706 -7.00 -17.42 19.43
CA ARG D 706 -8.43 -17.69 19.37
C ARG D 706 -9.07 -17.56 20.74
N LYS D 707 -10.36 -17.42 20.73
CA LYS D 707 -11.12 -17.37 21.98
C LYS D 707 -11.34 -18.80 22.50
N PRO D 708 -11.34 -19.00 23.82
CA PRO D 708 -11.13 -18.03 24.90
C PRO D 708 -9.71 -17.96 25.45
N CYS D 709 -8.69 -17.94 24.59
CA CYS D 709 -7.28 -17.79 24.96
C CYS D 709 -6.80 -18.78 26.00
N ASP D 710 -7.35 -19.98 26.01
CA ASP D 710 -6.98 -20.91 27.06
C ASP D 710 -5.73 -21.71 26.75
N THR D 711 -5.12 -21.48 25.60
CA THR D 711 -3.89 -22.16 25.21
C THR D 711 -2.69 -21.26 25.47
N MET D 712 -1.51 -21.86 25.53
CA MET D 712 -0.28 -21.09 25.71
C MET D 712 0.89 -21.89 25.15
N LYS D 713 1.67 -21.24 24.30
CA LYS D 713 2.95 -21.76 23.86
C LYS D 713 3.97 -21.60 24.97
N VAL D 714 4.82 -22.61 25.16
CA VAL D 714 5.95 -22.47 26.05
C VAL D 714 7.22 -22.78 25.27
N GLY D 715 8.33 -22.23 25.75
CA GLY D 715 9.66 -22.49 25.26
C GLY D 715 9.90 -22.12 23.80
N GLY D 716 11.13 -22.41 23.37
CA GLY D 716 11.50 -22.26 21.99
C GLY D 716 11.05 -23.45 21.16
N ASN D 717 11.52 -23.47 19.92
CA ASN D 717 11.22 -24.59 19.06
C ASN D 717 12.26 -25.69 19.26
N LEU D 718 12.16 -26.74 18.45
CA LEU D 718 13.07 -27.87 18.53
C LEU D 718 13.85 -28.10 17.26
N ASP D 719 13.35 -27.61 16.13
CA ASP D 719 14.01 -27.78 14.85
C ASP D 719 13.54 -26.69 13.91
N SER D 720 13.78 -26.88 12.63
CA SER D 720 13.29 -25.99 11.59
C SER D 720 12.77 -26.88 10.46
N LYS D 721 11.48 -26.81 10.21
CA LYS D 721 10.87 -27.54 9.12
C LYS D 721 10.11 -26.57 8.23
N GLY D 722 9.72 -27.03 7.05
CA GLY D 722 9.04 -26.17 6.11
C GLY D 722 7.92 -26.82 5.35
N TYR D 723 6.87 -26.07 5.05
CA TYR D 723 5.83 -26.58 4.19
C TYR D 723 6.21 -26.42 2.73
N GLY D 724 5.84 -27.40 1.91
CA GLY D 724 6.15 -27.34 0.49
C GLY D 724 4.99 -27.82 -0.35
N ILE D 725 5.00 -27.43 -1.62
CA ILE D 725 4.00 -27.90 -2.57
C ILE D 725 4.40 -29.30 -3.04
N ALA D 726 3.48 -30.24 -2.91
CA ALA D 726 3.76 -31.64 -3.20
C ALA D 726 3.17 -32.05 -4.54
N THR D 727 4.02 -32.61 -5.40
CA THR D 727 3.54 -33.18 -6.65
C THR D 727 3.96 -34.65 -6.70
N PRO D 728 3.23 -35.49 -7.42
CA PRO D 728 3.76 -36.83 -7.72
C PRO D 728 5.00 -36.75 -8.59
N LYS D 729 5.86 -37.74 -8.41
CA LYS D 729 7.21 -37.69 -8.98
C LYS D 729 7.15 -37.81 -10.50
N GLY D 730 8.05 -37.12 -11.18
CA GLY D 730 8.19 -37.21 -12.61
C GLY D 730 7.18 -36.43 -13.43
N SER D 731 6.32 -35.65 -12.79
CA SER D 731 5.31 -34.92 -13.53
C SER D 731 5.92 -33.73 -14.26
N SER D 732 5.09 -33.10 -15.10
CA SER D 732 5.53 -31.92 -15.82
C SER D 732 5.20 -30.63 -15.09
N LEU D 733 4.54 -30.71 -13.94
CA LEU D 733 4.16 -29.53 -13.18
C LEU D 733 5.19 -29.12 -12.15
N GLY D 734 6.39 -29.68 -12.19
CA GLY D 734 7.40 -29.38 -11.20
C GLY D 734 8.00 -28.01 -11.34
N THR D 735 8.71 -27.78 -12.45
CA THR D 735 9.31 -26.49 -12.71
C THR D 735 8.37 -25.28 -12.78
N PRO D 736 7.09 -25.36 -13.22
CA PRO D 736 6.25 -24.17 -13.09
C PRO D 736 5.91 -23.81 -11.66
N VAL D 737 5.68 -24.79 -10.79
CA VAL D 737 5.47 -24.50 -9.37
C VAL D 737 6.76 -23.97 -8.75
N ASN D 738 7.89 -24.53 -9.16
CA ASN D 738 9.21 -24.10 -8.68
C ASN D 738 9.48 -22.64 -9.05
N LEU D 739 9.08 -22.23 -10.24
CA LEU D 739 9.27 -20.83 -10.61
C LEU D 739 8.14 -19.96 -10.07
N ALA D 740 7.03 -20.57 -9.71
CA ALA D 740 5.86 -19.78 -9.31
C ALA D 740 5.91 -19.35 -7.86
N VAL D 741 6.35 -20.25 -6.97
CA VAL D 741 6.35 -19.93 -5.54
C VAL D 741 7.38 -18.86 -5.24
N LEU D 742 8.47 -18.84 -6.01
CA LEU D 742 9.49 -17.81 -5.83
C LEU D 742 9.02 -16.42 -6.23
N LYS D 743 8.08 -16.32 -7.17
CA LYS D 743 7.48 -15.03 -7.47
C LYS D 743 6.71 -14.48 -6.29
N LEU D 744 5.93 -15.36 -5.64
CA LEU D 744 5.16 -14.95 -4.49
C LEU D 744 6.03 -14.64 -3.30
N SER D 745 7.19 -15.29 -3.21
CA SER D 745 8.14 -14.94 -2.15
C SER D 745 8.84 -13.62 -2.47
N GLU D 746 9.05 -13.35 -3.76
CA GLU D 746 9.73 -12.13 -4.15
C GLU D 746 8.85 -10.90 -3.96
N GLN D 747 7.56 -11.04 -4.26
CA GLN D 747 6.67 -9.89 -4.27
C GLN D 747 5.85 -9.76 -2.99
N GLY D 748 6.19 -10.49 -1.93
CA GLY D 748 5.54 -10.29 -0.65
C GLY D 748 4.11 -10.76 -0.55
N VAL D 749 3.64 -11.52 -1.54
CA VAL D 749 2.28 -12.02 -1.53
C VAL D 749 2.09 -13.01 -0.39
N LEU D 750 3.13 -13.78 -0.08
CA LEU D 750 3.10 -14.67 1.08
C LEU D 750 2.96 -13.89 2.37
N ASP D 751 3.67 -12.77 2.48
CA ASP D 751 3.56 -11.90 3.64
C ASP D 751 2.16 -11.33 3.76
N LYS D 752 1.56 -10.94 2.63
CA LYS D 752 0.23 -10.36 2.65
C LYS D 752 -0.82 -11.38 3.07
N LEU D 753 -0.71 -12.61 2.55
CA LEU D 753 -1.63 -13.67 2.93
C LEU D 753 -1.47 -14.07 4.38
N LYS D 754 -0.22 -14.16 4.86
CA LYS D 754 0.03 -14.50 6.25
C LYS D 754 -0.50 -13.43 7.19
N ASN D 755 -0.35 -12.16 6.81
CA ASN D 755 -0.93 -11.06 7.57
C ASN D 755 -2.45 -11.14 7.60
N LYS D 756 -3.06 -11.44 6.45
CA LYS D 756 -4.51 -11.52 6.36
C LYS D 756 -5.07 -12.64 7.23
N TRP D 757 -4.43 -13.79 7.23
CA TRP D 757 -5.01 -14.95 7.90
C TRP D 757 -4.40 -15.24 9.27
N TRP D 758 -3.49 -14.42 9.75
CA TRP D 758 -3.11 -14.52 11.15
C TRP D 758 -3.25 -13.21 11.92
N TYR D 759 -2.86 -12.08 11.33
CA TYR D 759 -2.70 -10.88 12.13
C TYR D 759 -3.86 -9.91 12.01
N ASP D 760 -4.65 -9.96 10.93
CA ASP D 760 -5.84 -9.13 10.85
C ASP D 760 -6.98 -9.67 11.71
N LYS D 761 -6.89 -10.91 12.17
CA LYS D 761 -7.91 -11.52 13.02
C LYS D 761 -7.40 -11.68 14.45
N GLY D 762 -6.70 -10.66 14.93
CA GLY D 762 -6.42 -10.56 16.35
C GLY D 762 -7.71 -10.32 17.11
N GLU D 763 -8.19 -11.33 17.80
CA GLU D 763 -9.51 -11.32 18.42
C GLU D 763 -9.44 -11.36 19.94
N CYS D 764 -8.78 -12.38 20.47
CA CYS D 764 -8.92 -12.76 21.86
C CYS D 764 -7.89 -12.02 22.71
N GLY D 765 -8.38 -11.06 23.48
CA GLY D 765 -7.69 -10.57 24.66
C GLY D 765 -6.37 -9.85 24.48
N ALA D 766 -5.29 -10.54 24.87
CA ALA D 766 -4.00 -9.96 25.18
C ALA D 766 -3.34 -9.24 24.01
N LYS D 767 -3.57 -9.69 22.77
CA LYS D 767 -3.03 -9.01 21.60
C LYS D 767 -3.58 -7.60 21.46
N ASP D 768 -4.88 -7.46 21.70
CA ASP D 768 -5.53 -6.16 21.61
C ASP D 768 -5.31 -5.33 22.88
N SER D 769 -5.65 -5.90 24.03
CA SER D 769 -5.66 -5.17 25.30
C SER D 769 -4.32 -5.20 26.03
N GLY D 770 -3.25 -5.67 25.40
CA GLY D 770 -1.96 -5.71 26.07
C GLY D 770 -1.28 -4.36 26.19
N SER D 771 -1.72 -3.38 25.41
CA SER D 771 -1.09 -2.06 25.38
C SER D 771 -1.99 -0.95 25.91
N LYS D 772 -2.87 -1.26 26.85
CA LYS D 772 -3.74 -0.26 27.47
C LYS D 772 -3.32 -0.05 28.91
N GLU D 773 -4.05 0.81 29.63
CA GLU D 773 -3.65 1.23 30.96
C GLU D 773 -4.88 1.46 31.83
N LYS D 774 -4.80 0.95 33.05
CA LYS D 774 -5.77 1.24 34.10
C LYS D 774 -4.99 1.83 35.26
N THR D 775 -5.63 2.75 36.01
CA THR D 775 -4.85 3.47 36.99
C THR D 775 -4.62 2.64 38.24
N SER D 776 -5.66 2.51 39.08
CA SER D 776 -5.69 1.68 40.29
C SER D 776 -7.03 1.80 41.01
N ALA D 777 -7.23 0.89 41.97
CA ALA D 777 -8.11 1.05 43.12
C ALA D 777 -7.70 0.01 44.13
N LEU D 778 -7.20 0.41 45.29
CA LEU D 778 -6.65 -0.54 46.24
C LEU D 778 -7.72 -1.26 47.04
N SER D 779 -7.70 -2.59 46.98
CA SER D 779 -8.64 -3.39 47.75
C SER D 779 -7.92 -4.02 48.92
N LEU D 780 -8.65 -4.74 49.76
CA LEU D 780 -8.07 -5.30 50.97
C LEU D 780 -7.22 -6.51 50.68
N SER D 781 -7.44 -7.20 49.57
CA SER D 781 -6.66 -8.39 49.23
C SER D 781 -5.19 -8.07 49.00
N ASN D 782 -4.91 -6.85 48.57
CA ASN D 782 -3.52 -6.41 48.45
C ASN D 782 -2.88 -6.28 49.83
N VAL D 783 -3.49 -5.50 50.70
CA VAL D 783 -2.91 -5.24 52.01
C VAL D 783 -3.60 -6.13 53.04
N ALA D 784 -3.02 -7.29 53.31
CA ALA D 784 -3.54 -8.16 54.36
C ALA D 784 -2.49 -8.59 55.35
N GLY D 785 -1.27 -8.84 54.88
CA GLY D 785 -0.22 -9.27 55.78
C GLY D 785 0.21 -8.17 56.71
N VAL D 786 -0.03 -6.92 56.31
CA VAL D 786 0.25 -5.79 57.18
C VAL D 786 -0.66 -5.83 58.40
N PHE D 787 -1.95 -6.09 58.16
CA PHE D 787 -2.88 -6.25 59.28
C PHE D 787 -2.55 -7.48 60.11
N TYR D 788 -2.07 -8.55 59.45
CA TYR D 788 -1.73 -9.77 60.17
C TYR D 788 -0.57 -9.53 61.13
N ILE D 789 0.46 -8.84 60.64
CA ILE D 789 1.58 -8.43 61.47
C ILE D 789 1.13 -7.51 62.60
N LEU D 790 0.23 -6.57 62.29
CA LEU D 790 -0.28 -5.64 63.29
C LEU D 790 -1.00 -6.35 64.42
N VAL D 791 -1.84 -7.33 64.09
CA VAL D 791 -2.56 -8.06 65.13
C VAL D 791 -1.66 -9.00 65.90
N GLY D 792 -0.72 -9.68 65.23
CA GLY D 792 0.18 -10.56 65.94
C GLY D 792 1.11 -9.83 66.89
N GLY D 793 1.50 -8.61 66.54
CA GLY D 793 2.33 -7.82 67.43
C GLY D 793 1.62 -7.47 68.72
N LEU D 794 0.30 -7.26 68.63
CA LEU D 794 -0.50 -6.95 69.80
C LEU D 794 -0.51 -8.11 70.78
N GLY D 795 -0.75 -9.32 70.28
CA GLY D 795 -0.77 -10.48 71.15
C GLY D 795 0.59 -10.77 71.75
N LEU D 796 1.64 -10.53 70.97
CA LEU D 796 2.99 -10.70 71.49
C LEU D 796 3.28 -9.70 72.61
N ALA D 797 2.89 -8.44 72.41
CA ALA D 797 3.14 -7.42 73.42
C ALA D 797 2.34 -7.67 74.68
N MET D 798 1.11 -8.11 74.56
CA MET D 798 0.29 -8.42 75.71
C MET D 798 0.83 -9.63 76.48
N LEU D 799 1.25 -10.68 75.76
CA LEU D 799 1.91 -11.82 76.35
C LEU D 799 3.19 -11.45 77.10
N VAL D 800 3.94 -10.47 76.60
CA VAL D 800 5.10 -10.01 77.33
C VAL D 800 4.76 -9.42 78.69
N ALA D 801 3.79 -8.53 78.77
CA ALA D 801 3.46 -7.94 80.06
C ALA D 801 2.78 -8.92 81.00
N LEU D 802 2.10 -9.93 80.47
CA LEU D 802 1.55 -10.95 81.35
C LEU D 802 2.64 -11.71 82.08
N ILE D 803 3.71 -12.09 81.40
CA ILE D 803 4.76 -12.81 82.12
C ILE D 803 5.62 -11.84 82.91
N GLU D 804 5.59 -10.55 82.58
CA GLU D 804 6.24 -9.55 83.43
C GLU D 804 5.55 -9.46 84.78
N PHE D 805 4.22 -9.37 84.77
CA PHE D 805 3.47 -9.36 86.03
C PHE D 805 3.54 -10.70 86.72
N CYS D 806 3.73 -11.79 85.96
CA CYS D 806 3.93 -13.10 86.56
C CYS D 806 5.25 -13.15 87.33
N TYR D 807 6.34 -12.67 86.72
CA TYR D 807 7.62 -12.71 87.41
C TYR D 807 7.69 -11.72 88.57
N LYS D 808 7.22 -10.50 88.38
CA LYS D 808 7.25 -9.54 89.48
C LYS D 808 5.95 -9.61 90.27
N SER D 809 5.60 -10.82 90.67
CA SER D 809 4.58 -11.05 91.69
C SER D 809 5.25 -11.91 92.75
N ARG D 810 6.12 -12.79 92.29
CA ARG D 810 7.00 -13.53 93.17
C ARG D 810 8.18 -12.66 93.54
N LEU D 821 23.73 -8.16 84.22
CA LEU D 821 23.43 -9.57 84.45
C LEU D 821 23.59 -9.95 85.90
N PHE D 822 23.56 -11.26 86.13
CA PHE D 822 23.72 -11.82 87.46
C PHE D 822 25.19 -12.11 87.72
N ASP D 823 25.63 -11.81 88.94
CA ASP D 823 27.00 -11.98 89.39
C ASP D 823 28.02 -11.25 88.51
N ARG D 824 28.02 -9.93 88.63
CA ARG D 824 29.16 -9.09 88.26
C ARG D 824 30.42 -9.77 88.81
N GLY D 825 31.33 -10.12 87.93
CA GLY D 825 31.99 -11.39 88.13
C GLY D 825 31.81 -12.21 86.87
N VAL D 826 30.93 -13.21 86.88
CA VAL D 826 30.76 -14.20 85.80
C VAL D 826 30.36 -13.59 84.46
N GLN D 827 30.02 -12.29 84.45
CA GLN D 827 30.03 -11.53 83.22
C GLN D 827 31.38 -11.59 82.52
N MET D 828 32.47 -11.65 83.28
CA MET D 828 33.79 -11.82 82.69
C MET D 828 33.91 -13.18 82.02
N LEU D 829 33.35 -14.22 82.65
CA LEU D 829 33.27 -15.53 82.02
C LEU D 829 32.48 -15.48 80.73
N LEU D 830 31.34 -14.79 80.75
CA LEU D 830 30.46 -14.67 79.60
C LEU D 830 31.15 -13.95 78.44
N THR D 831 31.84 -12.85 78.74
CA THR D 831 32.48 -12.11 77.67
C THR D 831 33.74 -12.81 77.16
N THR D 832 34.43 -13.58 78.01
CA THR D 832 35.61 -14.29 77.53
C THR D 832 35.23 -15.49 76.68
N VAL D 833 34.13 -16.17 77.02
CA VAL D 833 33.69 -17.24 76.13
C VAL D 833 33.07 -16.65 74.87
N GLY D 834 32.47 -15.46 74.96
CA GLY D 834 31.89 -14.85 73.77
C GLY D 834 32.93 -14.35 72.80
N ALA D 835 34.04 -13.83 73.31
CA ALA D 835 35.11 -13.34 72.46
C ALA D 835 35.77 -14.47 71.69
N PHE D 836 35.95 -15.61 72.35
CA PHE D 836 36.48 -16.80 71.68
C PHE D 836 35.50 -17.35 70.66
N ALA D 837 34.21 -17.40 71.02
CA ALA D 837 33.19 -17.92 70.12
C ALA D 837 33.01 -17.01 68.91
N ALA D 838 33.25 -15.72 69.09
CA ALA D 838 33.32 -14.81 67.96
C ALA D 838 34.54 -15.02 67.10
N PHE D 839 35.73 -15.08 67.71
CA PHE D 839 36.98 -15.09 66.95
C PHE D 839 37.17 -16.37 66.17
N SER D 840 36.90 -17.51 66.81
CA SER D 840 37.09 -18.80 66.14
C SER D 840 36.14 -18.95 64.98
N LEU D 841 34.87 -18.59 65.18
CA LEU D 841 33.89 -18.72 64.12
C LEU D 841 34.14 -17.70 63.02
N MET D 842 34.75 -16.56 63.36
CA MET D 842 35.14 -15.58 62.36
C MET D 842 36.26 -16.10 61.47
N THR D 843 37.28 -16.71 62.09
CA THR D 843 38.39 -17.26 61.33
C THR D 843 37.95 -18.43 60.47
N ILE D 844 37.03 -19.26 60.99
CA ILE D 844 36.43 -20.34 60.23
C ILE D 844 35.68 -19.78 59.03
N ALA D 845 34.93 -18.69 59.24
CA ALA D 845 34.17 -18.07 58.16
C ALA D 845 35.08 -17.48 57.09
N VAL D 846 36.23 -16.95 57.48
CA VAL D 846 37.15 -16.43 56.48
C VAL D 846 37.78 -17.56 55.68
N GLY D 847 38.42 -18.50 56.36
CA GLY D 847 39.09 -19.56 55.64
C GLY D 847 38.15 -20.67 55.22
N THR D 848 37.35 -20.46 54.17
CA THR D 848 36.29 -21.42 53.85
C THR D 848 35.92 -21.26 52.37
N ASP D 849 35.61 -22.40 51.72
CA ASP D 849 35.20 -22.38 50.31
C ASP D 849 33.70 -22.24 50.08
N TYR D 850 32.86 -22.24 51.12
CA TYR D 850 31.44 -22.05 50.85
C TYR D 850 31.01 -20.61 51.14
N TRP D 851 31.11 -19.77 50.12
CA TRP D 851 30.50 -18.44 50.16
C TRP D 851 29.25 -18.39 49.30
N LEU D 852 29.33 -18.70 48.01
CA LEU D 852 28.12 -18.67 47.17
C LEU D 852 28.10 -19.87 46.23
N TYR D 853 26.91 -20.45 46.09
CA TYR D 853 26.68 -21.49 45.10
C TYR D 853 26.06 -20.86 43.85
N SER D 854 26.71 -21.08 42.72
CA SER D 854 26.28 -20.52 41.44
C SER D 854 26.75 -21.48 40.35
N ARG D 855 26.75 -21.00 39.11
CA ARG D 855 27.21 -21.82 37.99
C ARG D 855 28.10 -21.00 37.06
N GLY D 856 29.29 -21.53 36.82
CA GLY D 856 30.28 -21.04 35.88
C GLY D 856 31.15 -22.20 35.43
N VAL D 857 32.45 -21.93 35.32
CA VAL D 857 33.40 -22.94 34.86
C VAL D 857 34.31 -23.36 36.01
N CYS D 858 35.10 -24.41 35.81
CA CYS D 858 36.07 -24.86 36.81
C CYS D 858 37.47 -24.38 36.48
N LYS D 859 38.00 -24.76 35.31
CA LYS D 859 39.36 -24.42 34.94
C LYS D 859 39.49 -24.52 33.43
N THR D 860 39.73 -23.39 32.78
CA THR D 860 39.79 -23.30 31.33
C THR D 860 41.24 -23.17 30.88
N LYS D 861 41.44 -23.47 29.59
CA LYS D 861 42.69 -23.25 28.86
C LYS D 861 43.91 -23.94 29.47
N VAL D 875 28.30 -25.00 34.91
CA VAL D 875 28.86 -25.87 35.94
C VAL D 875 28.53 -25.31 37.31
N MET D 876 27.84 -26.09 38.14
CA MET D 876 27.61 -25.65 39.52
C MET D 876 28.93 -25.60 40.28
N THR D 877 29.03 -24.66 41.21
CA THR D 877 30.32 -24.34 41.82
C THR D 877 30.14 -24.13 43.32
N HIS D 878 31.02 -24.78 44.09
CA HIS D 878 31.10 -24.63 45.54
C HIS D 878 32.07 -23.48 45.83
N SER D 879 31.70 -22.29 45.35
CA SER D 879 32.64 -21.20 45.20
C SER D 879 32.76 -20.37 46.47
N GLY D 880 33.98 -19.94 46.77
CA GLY D 880 34.25 -19.21 47.98
C GLY D 880 34.87 -17.85 47.76
N LEU D 881 35.60 -17.37 48.76
CA LEU D 881 36.21 -16.05 48.73
C LEU D 881 37.38 -16.01 47.77
N TRP D 882 38.23 -17.05 47.79
CA TRP D 882 39.30 -17.13 46.81
C TRP D 882 39.19 -18.34 45.89
N ARG D 883 38.80 -19.49 46.39
CA ARG D 883 38.66 -20.69 45.58
C ARG D 883 37.26 -20.69 44.97
N THR D 884 37.20 -20.70 43.64
CA THR D 884 35.96 -21.04 42.94
C THR D 884 35.93 -22.56 42.71
N CYS D 885 36.13 -23.30 43.79
CA CYS D 885 36.27 -24.74 43.73
C CYS D 885 34.92 -25.35 43.42
N CYS D 886 34.89 -26.27 42.47
CA CYS D 886 33.63 -26.69 41.89
C CYS D 886 33.28 -28.11 42.29
N LEU D 887 31.99 -28.40 42.24
CA LEU D 887 31.46 -29.75 42.32
C LEU D 887 30.65 -30.02 41.07
N GLU D 888 30.06 -31.22 41.01
CA GLU D 888 29.20 -31.69 39.92
C GLU D 888 29.92 -31.62 38.58
N GLY D 889 30.96 -32.44 38.41
CA GLY D 889 31.70 -32.38 37.17
C GLY D 889 32.48 -33.65 36.91
N ASN D 890 33.15 -33.66 35.75
CA ASN D 890 34.10 -34.71 35.40
C ASN D 890 35.27 -34.79 36.39
N PHE D 891 35.61 -33.68 37.04
CA PHE D 891 36.49 -33.71 38.21
C PHE D 891 35.82 -32.86 39.29
N LYS D 892 35.77 -33.40 40.51
CA LYS D 892 35.24 -32.69 41.66
C LYS D 892 36.35 -32.41 42.66
N GLY D 893 36.39 -31.17 43.16
CA GLY D 893 37.27 -30.83 44.25
C GLY D 893 38.57 -30.18 43.81
N LEU D 894 38.71 -29.92 42.52
CA LEU D 894 39.89 -29.24 41.99
C LEU D 894 39.61 -27.76 41.95
N CYS D 895 40.25 -27.03 42.83
CA CYS D 895 39.92 -25.64 43.12
C CYS D 895 40.64 -24.75 42.12
N LYS D 896 40.05 -23.60 41.83
CA LYS D 896 40.68 -22.57 41.03
C LYS D 896 40.65 -21.25 41.80
N GLN D 897 41.69 -20.44 41.63
CA GLN D 897 41.76 -19.16 42.32
C GLN D 897 41.27 -18.05 41.39
N ILE D 898 40.32 -17.25 41.87
CA ILE D 898 39.61 -16.31 41.00
C ILE D 898 39.70 -14.89 41.56
N ASP D 899 39.98 -13.95 40.64
CA ASP D 899 39.89 -12.52 40.86
C ASP D 899 39.61 -11.82 39.53
N HIS D 900 39.89 -10.53 39.44
CA HIS D 900 39.49 -9.73 38.28
C HIS D 900 40.31 -10.09 37.05
N PHE D 901 39.92 -9.48 35.93
CA PHE D 901 40.50 -9.74 34.64
C PHE D 901 40.46 -8.49 33.78
N PRO D 902 41.54 -8.17 33.08
CA PRO D 902 41.56 -6.98 32.21
C PRO D 902 40.85 -7.21 30.90
N GLU D 903 39.74 -6.49 30.70
CA GLU D 903 38.97 -6.52 29.46
C GLU D 903 39.49 -5.44 28.51
N ASP D 904 38.71 -5.10 27.48
CA ASP D 904 39.09 -4.11 26.48
C ASP D 904 39.19 -2.74 27.14
N ALA D 905 40.43 -2.25 27.30
CA ALA D 905 40.80 -0.93 27.82
C ALA D 905 40.40 -0.68 29.27
N ASP D 906 39.85 -1.70 29.94
CA ASP D 906 39.64 -1.80 31.39
C ASP D 906 38.61 -0.82 31.96
N TYR D 907 38.07 0.05 31.11
CA TYR D 907 37.42 1.32 31.48
C TYR D 907 38.15 2.00 32.65
N GLU D 908 39.44 2.27 32.39
CA GLU D 908 40.34 2.86 33.40
C GLU D 908 39.91 4.28 33.77
N ALA D 909 39.10 4.92 32.92
CA ALA D 909 38.42 6.15 33.31
C ALA D 909 37.51 5.94 34.51
N ASP D 910 36.98 4.74 34.70
CA ASP D 910 36.37 4.35 35.97
C ASP D 910 37.44 3.72 36.87
N THR D 911 38.44 4.55 37.20
CA THR D 911 39.44 4.11 38.16
C THR D 911 38.87 4.03 39.57
N ALA D 912 37.73 4.68 39.83
CA ALA D 912 36.99 4.39 41.07
C ALA D 912 36.51 2.96 41.08
N GLU D 913 36.03 2.45 39.95
CA GLU D 913 35.65 1.05 39.84
C GLU D 913 36.88 0.16 39.97
N TYR D 914 38.00 0.60 39.41
CA TYR D 914 39.26 -0.14 39.59
C TYR D 914 39.67 -0.20 41.05
N PHE D 915 39.48 0.89 41.78
CA PHE D 915 39.81 0.96 43.19
C PHE D 915 38.93 0.02 44.01
N LEU D 916 37.62 0.02 43.71
CA LEU D 916 36.70 -0.88 44.40
C LEU D 916 36.98 -2.34 44.07
N ARG D 917 37.33 -2.61 42.81
CA ARG D 917 37.68 -3.97 42.40
C ARG D 917 38.96 -4.42 43.08
N ALA D 918 39.91 -3.50 43.27
CA ALA D 918 41.16 -3.81 43.94
C ALA D 918 40.93 -4.12 45.40
N VAL D 919 40.04 -3.37 46.05
CA VAL D 919 39.69 -3.69 47.43
C VAL D 919 38.91 -4.99 47.51
N ARG D 920 38.17 -5.35 46.46
CA ARG D 920 37.51 -6.65 46.44
C ARG D 920 38.51 -7.80 46.41
N ALA D 921 39.43 -7.78 45.45
CA ALA D 921 40.34 -8.90 45.24
C ALA D 921 41.26 -9.08 46.44
N SER D 922 41.81 -7.98 46.94
CA SER D 922 42.55 -7.99 48.19
C SER D 922 41.55 -7.67 49.30
N SER D 923 40.86 -8.69 49.79
CA SER D 923 39.83 -8.49 50.79
C SER D 923 40.45 -8.13 52.13
N ILE D 924 40.94 -6.89 52.24
CA ILE D 924 41.66 -6.45 53.42
C ILE D 924 40.73 -6.22 54.60
N PHE D 925 39.45 -5.94 54.38
CA PHE D 925 38.56 -5.66 55.50
C PHE D 925 38.16 -6.90 56.32
N PRO D 926 37.78 -8.06 55.74
CA PRO D 926 37.53 -9.20 56.63
C PRO D 926 38.79 -9.75 57.26
N ILE D 927 39.95 -9.51 56.64
CA ILE D 927 41.21 -9.88 57.26
C ILE D 927 41.51 -8.98 58.44
N LEU D 928 41.33 -7.67 58.27
CA LEU D 928 41.62 -6.72 59.33
C LEU D 928 40.61 -6.82 60.46
N SER D 929 39.41 -7.30 60.15
CA SER D 929 38.45 -7.62 61.21
C SER D 929 38.98 -8.73 62.10
N VAL D 930 39.62 -9.73 61.51
CA VAL D 930 40.22 -10.82 62.28
C VAL D 930 41.40 -10.31 63.10
N ILE D 931 42.14 -9.35 62.54
CA ILE D 931 43.29 -8.77 63.24
C ILE D 931 42.84 -8.00 64.47
N LEU D 932 41.84 -7.13 64.32
CA LEU D 932 41.39 -6.33 65.45
C LEU D 932 40.62 -7.16 66.45
N LEU D 933 39.93 -8.21 65.98
CA LEU D 933 39.24 -9.11 66.90
C LEU D 933 40.26 -9.95 67.68
N PHE D 934 41.37 -10.28 67.03
CA PHE D 934 42.46 -11.00 67.70
C PHE D 934 43.16 -10.11 68.71
N MET D 935 43.34 -8.83 68.37
CA MET D 935 43.86 -7.85 69.31
C MET D 935 42.93 -7.66 70.50
N GLY D 936 41.62 -7.70 70.29
CA GLY D 936 40.68 -7.65 71.38
C GLY D 936 40.75 -8.90 72.23
N GLY D 937 40.97 -10.05 71.60
CA GLY D 937 41.15 -11.29 72.32
C GLY D 937 42.37 -11.30 73.20
N LEU D 938 43.47 -10.70 72.71
CA LEU D 938 44.65 -10.56 73.53
C LEU D 938 44.43 -9.56 74.66
N CYS D 939 43.61 -8.55 74.41
CA CYS D 939 43.37 -7.52 75.40
C CYS D 939 42.45 -8.01 76.51
N ILE D 940 41.50 -8.87 76.18
CA ILE D 940 40.51 -9.32 77.17
C ILE D 940 41.14 -10.34 78.12
N ALA D 941 42.09 -11.12 77.62
CA ALA D 941 42.81 -12.07 78.46
C ALA D 941 43.85 -11.38 79.32
N ALA D 942 44.33 -10.20 78.91
CA ALA D 942 45.32 -9.44 79.64
C ALA D 942 44.70 -8.47 80.63
N SER D 943 43.51 -8.81 81.14
CA SER D 943 42.74 -7.90 81.96
C SER D 943 43.13 -7.99 83.44
N GLU D 944 42.97 -9.18 84.03
CA GLU D 944 43.25 -9.33 85.45
C GLU D 944 44.74 -9.47 85.70
N PHE D 945 45.44 -10.14 84.78
CA PHE D 945 46.89 -10.09 84.81
C PHE D 945 47.34 -8.67 84.51
N TYR D 946 48.02 -8.06 85.47
CA TYR D 946 48.26 -6.62 85.56
C TYR D 946 46.92 -5.88 85.48
N LYS D 947 46.11 -6.09 86.51
CA LYS D 947 44.86 -5.37 86.66
C LYS D 947 45.14 -4.05 87.37
N THR D 948 44.07 -3.37 87.79
CA THR D 948 44.01 -2.09 88.48
C THR D 948 44.53 -0.94 87.59
N ARG D 949 44.85 -1.21 86.33
CA ARG D 949 44.94 -0.15 85.33
C ARG D 949 43.55 0.23 84.84
N HIS D 950 42.71 -0.78 84.58
CA HIS D 950 41.29 -0.73 84.25
C HIS D 950 40.87 0.34 83.25
N ASN D 951 41.75 0.63 82.28
CA ASN D 951 41.39 1.41 81.11
C ASN D 951 41.71 0.65 79.83
N ILE D 952 42.61 -0.33 79.94
CA ILE D 952 42.82 -1.25 78.85
C ILE D 952 41.59 -2.14 78.66
N ILE D 953 40.88 -2.43 79.75
CA ILE D 953 39.61 -3.15 79.65
C ILE D 953 38.57 -2.28 78.94
N LEU D 954 38.68 -0.95 79.05
CA LEU D 954 37.83 -0.07 78.26
C LEU D 954 38.21 -0.15 76.79
N SER D 955 39.50 -0.08 76.48
CA SER D 955 39.95 -0.15 75.11
C SER D 955 39.68 -1.50 74.44
N ALA D 956 39.41 -2.54 75.24
CA ALA D 956 39.00 -3.84 74.71
C ALA D 956 37.74 -3.77 73.84
N GLY D 957 36.76 -2.94 74.20
CA GLY D 957 35.51 -2.93 73.46
C GLY D 957 35.56 -2.18 72.15
N ILE D 958 36.41 -1.15 72.06
CA ILE D 958 36.53 -0.36 70.84
C ILE D 958 37.02 -1.21 69.68
N PHE D 959 37.92 -2.16 69.93
CA PHE D 959 38.37 -3.07 68.88
C PHE D 959 37.24 -3.96 68.40
N PHE D 960 36.37 -4.38 69.32
CA PHE D 960 35.24 -5.22 68.95
C PHE D 960 34.25 -4.47 68.08
N VAL D 961 33.94 -3.23 68.48
CA VAL D 961 33.01 -2.41 67.72
C VAL D 961 33.60 -2.06 66.35
N SER D 962 34.91 -1.82 66.31
CA SER D 962 35.57 -1.58 65.04
C SER D 962 35.62 -2.81 64.17
N ALA D 963 35.73 -3.99 64.78
CA ALA D 963 35.72 -5.23 64.03
C ALA D 963 34.37 -5.46 63.39
N GLY D 964 33.31 -5.10 64.11
CA GLY D 964 31.97 -5.21 63.54
C GLY D 964 31.76 -4.28 62.36
N LEU D 965 32.25 -3.04 62.48
CA LEU D 965 32.16 -2.07 61.40
C LEU D 965 32.95 -2.53 60.19
N SER D 966 34.13 -3.10 60.43
CA SER D 966 34.94 -3.61 59.34
C SER D 966 34.27 -4.82 58.70
N ASN D 967 33.55 -5.61 59.50
CA ASN D 967 32.86 -6.77 58.97
C ASN D 967 31.73 -6.35 58.03
N ILE D 968 30.91 -5.40 58.47
CA ILE D 968 29.78 -5.01 57.63
C ILE D 968 30.25 -4.21 56.42
N ILE D 969 31.35 -3.47 56.53
CA ILE D 969 31.84 -2.79 55.34
C ILE D 969 32.49 -3.79 54.38
N GLY D 970 33.04 -4.89 54.90
CA GLY D 970 33.63 -5.87 54.01
C GLY D 970 32.63 -6.71 53.27
N ILE D 971 31.51 -7.02 53.92
CA ILE D 971 30.45 -7.77 53.25
C ILE D 971 29.85 -6.98 52.09
N ILE D 972 29.75 -5.66 52.24
CA ILE D 972 29.14 -4.80 51.22
C ILE D 972 29.91 -4.81 49.91
N VAL D 973 31.24 -4.68 49.94
CA VAL D 973 32.00 -4.63 48.69
C VAL D 973 32.00 -5.98 48.00
N TYR D 974 31.89 -7.06 48.79
CA TYR D 974 31.79 -8.39 48.23
C TYR D 974 30.48 -8.58 47.48
N ILE D 975 29.38 -8.16 48.10
CA ILE D 975 28.08 -8.32 47.46
C ILE D 975 27.96 -7.37 46.27
N SER D 976 28.61 -6.21 46.36
CA SER D 976 28.58 -5.26 45.25
C SER D 976 29.40 -5.75 44.07
N ALA D 977 30.53 -6.42 44.32
CA ALA D 977 31.36 -6.84 43.21
C ALA D 977 31.04 -8.26 42.75
N ASN D 978 30.08 -8.92 43.39
CA ASN D 978 29.52 -10.14 42.79
C ASN D 978 28.88 -9.82 41.45
N ALA D 979 27.85 -8.97 41.47
CA ALA D 979 27.19 -8.61 40.22
C ALA D 979 27.93 -7.54 39.45
N GLY D 980 29.03 -7.02 39.98
CA GLY D 980 29.79 -5.99 39.31
C GLY D 980 30.56 -6.47 38.10
N LYS D 988 16.30 -13.23 38.02
CA LYS D 988 17.67 -12.78 38.28
C LYS D 988 18.72 -13.04 37.13
N LYS D 989 18.86 -14.21 36.48
CA LYS D 989 18.19 -15.49 36.75
C LYS D 989 19.05 -16.34 37.67
N ASN D 990 20.15 -16.88 37.15
CA ASN D 990 21.43 -17.24 37.78
C ASN D 990 21.40 -18.03 39.10
N SER D 991 20.20 -18.26 39.67
CA SER D 991 19.86 -19.14 40.79
C SER D 991 20.90 -19.26 41.91
N TYR D 992 21.47 -18.14 42.34
CA TYR D 992 22.61 -18.20 43.24
C TYR D 992 22.12 -18.43 44.67
N SER D 993 23.03 -18.81 45.56
CA SER D 993 22.70 -19.02 46.97
C SER D 993 23.94 -18.73 47.78
N TYR D 994 23.77 -18.63 49.11
CA TYR D 994 24.85 -18.20 49.99
C TYR D 994 25.30 -19.35 50.87
N GLY D 995 26.60 -19.62 50.85
CA GLY D 995 27.18 -20.65 51.68
C GLY D 995 27.16 -20.29 53.15
N TRP D 996 27.51 -21.26 53.98
CA TRP D 996 27.40 -21.09 55.42
C TRP D 996 28.40 -20.10 55.97
N SER D 997 29.53 -19.88 55.28
CA SER D 997 30.55 -18.95 55.78
C SER D 997 30.04 -17.52 55.82
N PHE D 998 29.20 -17.17 54.85
CA PHE D 998 28.61 -15.85 54.75
C PHE D 998 27.70 -15.60 55.95
N TYR D 999 26.85 -16.58 56.23
CA TYR D 999 25.97 -16.54 57.39
C TYR D 999 26.80 -16.65 58.66
N PHE D 1000 27.96 -17.31 58.58
CA PHE D 1000 28.86 -17.34 59.73
C PHE D 1000 29.47 -15.97 59.98
N GLY D 1001 29.82 -15.23 58.93
CA GLY D 1001 30.32 -13.88 59.13
C GLY D 1001 29.25 -12.95 59.68
N ALA D 1002 28.02 -13.13 59.21
CA ALA D 1002 26.88 -12.40 59.73
C ALA D 1002 26.64 -12.74 61.20
N LEU D 1003 26.89 -14.00 61.57
CA LEU D 1003 26.80 -14.39 62.95
C LEU D 1003 27.90 -13.74 63.77
N SER D 1004 29.10 -13.67 63.21
CA SER D 1004 30.27 -13.14 63.90
C SER D 1004 30.08 -11.67 64.21
N PHE D 1005 29.43 -10.95 63.30
CA PHE D 1005 29.14 -9.55 63.52
C PHE D 1005 28.24 -9.32 64.73
N ILE D 1006 27.12 -10.04 64.79
CA ILE D 1006 26.18 -9.91 65.90
C ILE D 1006 26.83 -10.32 67.22
N ILE D 1007 27.60 -11.41 67.20
CA ILE D 1007 28.28 -11.85 68.41
C ILE D 1007 29.34 -10.87 68.88
N ALA D 1008 30.11 -10.28 67.95
CA ALA D 1008 31.09 -9.27 68.30
C ALA D 1008 30.43 -8.03 68.89
N GLU D 1009 29.26 -7.66 68.37
CA GLU D 1009 28.54 -6.52 68.94
C GLU D 1009 28.03 -6.82 70.34
N MET D 1010 27.52 -8.03 70.55
CA MET D 1010 26.98 -8.40 71.85
C MET D 1010 28.09 -8.56 72.87
N VAL D 1011 29.29 -8.90 72.40
CA VAL D 1011 30.45 -8.90 73.30
C VAL D 1011 30.85 -7.47 73.64
N GLY D 1012 30.97 -6.61 72.62
CA GLY D 1012 31.47 -5.26 72.82
C GLY D 1012 30.57 -4.37 73.66
N VAL D 1013 29.26 -4.62 73.63
CA VAL D 1013 28.34 -3.87 74.47
C VAL D 1013 28.52 -4.22 75.94
N LEU D 1014 28.97 -5.44 76.24
CA LEU D 1014 29.22 -5.86 77.61
C LEU D 1014 30.48 -5.26 78.18
N ALA D 1015 31.45 -4.93 77.32
CA ALA D 1015 32.74 -4.45 77.77
C ALA D 1015 32.62 -3.08 78.44
N VAL D 1016 31.75 -2.23 77.88
CA VAL D 1016 31.58 -0.90 78.44
C VAL D 1016 30.85 -1.00 79.77
N HIS D 1017 29.94 -1.98 79.88
CA HIS D 1017 29.28 -2.21 81.16
C HIS D 1017 30.27 -2.71 82.21
N MET D 1018 31.22 -3.55 81.79
CA MET D 1018 32.29 -3.98 82.70
C MET D 1018 33.14 -2.79 83.13
N PHE D 1019 33.39 -1.87 82.20
CA PHE D 1019 34.15 -0.67 82.53
C PHE D 1019 33.40 0.23 83.51
N ILE D 1020 32.10 0.41 83.29
CA ILE D 1020 31.28 1.22 84.17
C ILE D 1020 31.17 0.59 85.55
N ASP D 1021 31.10 -0.74 85.59
CA ASP D 1021 31.09 -1.47 86.85
C ASP D 1021 32.38 -1.24 87.64
N ARG D 1022 33.54 -1.48 87.00
CA ARG D 1022 34.81 -1.31 87.69
C ARG D 1022 35.07 0.15 88.05
N HIS D 1023 34.61 1.07 87.21
CA HIS D 1023 34.82 2.48 87.48
C HIS D 1023 33.93 2.96 88.62
N LYS D 1024 32.72 2.41 88.71
CA LYS D 1024 31.80 2.69 89.79
C LYS D 1024 32.34 2.15 91.11
N GLN D 1025 32.94 0.96 91.04
CA GLN D 1025 33.59 0.35 92.20
C GLN D 1025 34.79 1.16 92.65
N LEU D 1026 35.51 1.76 91.69
CA LEU D 1026 36.62 2.63 92.04
C LEU D 1026 36.12 3.91 92.71
N THR D 1027 35.07 4.53 92.15
CA THR D 1027 34.56 5.79 92.70
C THR D 1027 33.89 5.57 94.04
N GLY D 1028 33.35 4.37 94.28
CA GLY D 1028 32.69 4.08 95.54
C GLY D 1028 31.22 4.47 95.55
N GLU E . 23.76 -14.36 -0.16
CA GLU E . 23.80 -13.05 -0.78
C GLU E . 24.44 -13.18 -2.15
O GLU E . 25.29 -14.03 -2.34
CB GLU E . 24.57 -12.05 0.10
CG GLU E . 24.61 -10.63 -0.44
CD GLU E . 23.26 -9.95 -0.44
OE1 GLU E . 22.44 -10.25 0.45
OE2 GLU E . 23.02 -9.11 -1.33
OXT GLU E . 24.10 -12.46 -3.10
C1 CYZ F . 14.49 -28.43 5.41
C2 CYZ F . 13.43 -28.28 5.05
C3 CYZ F . 12.40 -28.24 5.50
C4 CYZ F . 12.43 -29.51 6.47
C5 CYZ F . 13.40 -29.92 6.24
C6 CYZ F . 14.44 -29.50 6.31
C7 CYZ F . 13.31 -29.83 4.93
C8 CYZ F . 14.98 -27.02 6.26
N1 CYZ F . 15.21 -25.97 5.34
S1 CYZ F . 15.42 -24.67 6.24
C9 CYZ F . 16.29 -24.86 7.62
C10 CYZ F . 16.64 -26.08 8.01
N2 CYZ F . 16.18 -27.29 7.13
C11 CYZ F . 16.65 -23.72 8.35
C12 CYZ F . 17.38 -23.89 9.49
C13 CYZ F . 17.74 -25.15 9.92
C14 CYZ F . 17.38 -26.26 9.19
CL CYZ F . 18.70 -25.35 11.43
S2 CYZ F . 17.84 -22.39 10.44
O1 CYZ F . 14.12 -24.20 6.64
O2 CYZ F . 16.15 -23.68 5.42
O3 CYZ F . 17.68 -21.17 9.58
O4 CYZ F . 19.30 -22.38 10.71
N3 CYZ F . 16.92 -22.29 11.91
N GLU G . -2.47 32.06 -5.36
CA GLU G . -2.43 33.50 -5.28
C GLU G . -2.37 34.08 -6.68
O GLU G . -2.88 35.15 -6.97
CB GLU G . -1.23 33.95 -4.45
CG GLU G . -1.16 35.45 -4.20
CD GLU G . -2.26 35.93 -3.27
OE1 GLU G . -2.74 35.15 -2.42
OE2 GLU G . -2.65 37.10 -3.41
OXT GLU G . -1.84 33.44 -7.59
C1 CYZ H . -12.82 17.90 -5.83
C2 CYZ H . -13.65 18.65 -5.84
C3 CYZ H . -14.57 18.90 -5.21
C4 CYZ H . -15.17 17.44 -4.95
C5 CYZ H . -14.53 16.84 -5.57
C6 CYZ H . -13.42 16.66 -5.55
C7 CYZ H . -14.53 17.63 -6.61
C8 CYZ H . -11.73 18.28 -4.57
N1 CYZ H . -11.43 19.66 -4.62
S1 CYZ H . -10.55 20.00 -3.33
C9 CYZ H . -9.46 18.89 -2.87
C10 CYZ H . -9.44 17.70 -3.50
N2 CYZ H . -10.48 17.44 -4.64
C11 CYZ H . -8.56 19.19 -1.84
C12 CYZ H . -7.64 18.25 -1.47
C13 CYZ H . -7.61 17.01 -2.10
C14 CYZ H . -8.50 16.73 -3.12
CL CYZ H . -6.40 15.79 -1.61
S2 CYZ H . -6.47 18.64 -0.12
O1 CYZ H . -11.45 20.20 -2.22
O2 CYZ H . -9.78 21.23 -3.63
O3 CYZ H . -6.43 20.12 0.14
O4 CYZ H . -5.07 18.41 -0.55
N3 CYZ H . -6.87 17.74 1.32
N GLU I . -23.89 14.11 -0.90
CA GLU I . -24.00 12.65 -0.85
C GLU I . -24.94 12.21 -1.97
O GLU I . -25.85 12.94 -2.31
CB GLU I . -24.48 12.19 0.52
CG GLU I . -24.58 10.68 0.68
CD GLU I . -23.23 10.00 0.67
OE1 GLU I . -22.25 10.61 1.12
OE2 GLU I . -23.14 8.85 0.20
OXT GLU I . -24.78 11.14 -2.55
C1 CYZ J . -14.35 28.68 -4.42
C2 CYZ J . -13.40 28.33 -4.89
C3 CYZ J . -12.29 28.46 -4.72
C4 CYZ J . -12.20 30.02 -4.43
C5 CYZ J . -13.21 30.32 -4.60
C6 CYZ J . -14.18 30.02 -4.12
C7 CYZ J . -13.40 29.66 -5.71
C8 CYZ J . -14.56 27.80 -2.96
N1 CYZ J . -14.95 26.47 -3.23
S1 CYZ J . -14.87 25.72 -1.84
C9 CYZ J . -15.41 26.53 -0.53
C10 CYZ J . -15.72 27.83 -0.64
N2 CYZ J . -15.55 28.49 -2.05
C11 CYZ J . -15.53 25.86 0.70
C12 CYZ J . -15.97 26.55 1.78
C13 CYZ J . -16.30 27.89 1.69
C14 CYZ J . -16.17 28.54 0.48
CL CYZ J . -16.88 28.78 3.13
S2 CYZ J . -16.13 25.65 3.38
O1 CYZ J . -13.49 25.40 -1.58
O2 CYZ J . -15.73 24.50 -1.93
O3 CYZ J . -16.10 24.17 3.13
O4 CYZ J . -17.47 25.84 3.95
N3 CYZ J . -14.88 26.16 4.49
CAA GYY K . 6.78 9.67 53.36
CAB GYY K . 6.58 10.39 54.53
CAD GYY K . 6.69 10.29 52.13
CAE GYY K . 6.29 11.76 54.47
CAF GYY K . 6.07 12.49 55.78
CAG GYY K . 7.20 13.47 56.16
CAI GYY K . 6.89 13.19 58.68
CAJ GYY K . 6.70 14.28 59.69
CAK GYY K . 7.94 14.54 60.48
CAM GYY K . 7.99 15.20 62.74
CAN GYY K . 7.66 14.81 64.17
CAO GYY K . 8.44 15.60 65.23
CAP GYY K . 8.12 15.19 66.66
CAR GYY K . 8.56 15.63 68.93
CAS GYY K . 8.82 16.71 69.99
CAT GYY K . 9.06 16.14 71.39
CAV GYY K . 6.39 11.68 52.06
CAW GYY K . 6.18 12.40 53.20
CAX GYY K . 6.29 12.31 50.79
CAY GYY K . 5.88 13.79 53.11
CAZ GYY K . 6.00 13.66 50.71
CBA GYY K . 5.79 14.40 51.87
NAH GYY K . 7.56 13.78 57.54
NAL GYY K . 7.66 14.13 61.83
NAQ GYY K . 8.58 16.19 67.59
NAU GYY K . 7.81 15.83 72.04
OAC GYY K . 7.82 14.00 55.31
HAA1 GYY K . 6.98 8.77 53.41
HAB1 GYY K . 6.64 9.98 55.37
HAD1 GYY K . 6.83 9.81 51.36
HAF1 GYY K . 5.24 13.00 55.74
HAF2 GYY K . 5.99 11.82 56.47
HAI1 GYY K . 6.03 12.86 58.45
HAI2 GYY K . 7.43 12.49 59.05
HAJ2 GYY K . 6.44 15.09 59.23
HAJ1 GYY K . 6.01 14.00 60.32
HAK1 GYY K . 8.67 14.03 60.11
HAK2 GYY K . 8.15 15.47 60.44
HAM2 GYY K . 8.93 15.40 62.66
HAM1 GYY K . 7.46 15.99 62.51
HAN2 GYY K . 6.71 14.95 64.33
HAN1 GYY K . 7.87 13.87 64.29
HAO2 GYY K . 9.39 15.47 65.08
HAO1 GYY K . 8.23 16.54 65.13
HAP1 GYY K . 7.16 15.10 66.74
HAP2 GYY K . 8.54 14.34 66.85
HAR1 GYY K . 7.70 15.22 69.09
HAR2 GYY K . 9.26 14.95 68.99
HAS2 GYY K . 9.59 17.23 69.72
HAS1 GYY K . 8.04 17.28 70.02
HAT2 GYY K . 9.61 15.34 71.33
HAT1 GYY K . 9.54 16.80 71.92
HAX1 GYY K . 6.43 11.81 50.02
HAY1 GYY K . 5.74 14.28 53.88
HAZ1 GYY K . 5.93 14.08 49.89
HBA1 GYY K . 5.59 15.30 51.82
HAH1 GYY K . 8.19 14.32 57.69
H1 GYY K . 8.15 13.42 62.02
H2 GYY K . 8.04 16.90 67.56
H3 GYY K . 7.96 15.63 72.90
HAU2 GYY K . 7.27 16.54 71.99
N GLU L . 2.95 -31.23 8.84
CA GLU L . 3.00 -32.49 9.55
C GLU L . 2.67 -33.62 8.59
O GLU L . 3.14 -34.75 8.71
CB GLU L . 2.03 -32.47 10.73
CG GLU L . 2.11 -33.70 11.63
CD GLU L . 3.41 -33.78 12.40
OE1 GLU L . 4.02 -32.73 12.69
OE2 GLU L . 3.84 -34.90 12.72
OXT GLU L . 1.93 -33.40 7.62
C1 CYZ M . 12.10 -19.29 -0.22
C2 CYZ M . 12.95 -20.03 -0.08
C3 CYZ M . 13.98 -20.03 0.35
C4 CYZ M . 14.57 -18.66 -0.18
C5 CYZ M . 13.77 -18.34 -0.83
C6 CYZ M . 12.68 -18.10 -0.63
C7 CYZ M . 13.57 -19.49 -1.41
C8 CYZ M . 11.35 -19.04 1.30
N1 CYZ M . 11.12 -20.28 1.93
S1 CYZ M . 10.58 -19.99 3.40
C9 CYZ M . 9.57 -18.72 3.55
C10 CYZ M . 9.33 -17.93 2.51
N2 CYZ M . 10.08 -18.25 1.17
C11 CYZ M . 8.93 -18.49 4.80
C12 CYZ M . 8.09 -17.43 4.92
C13 CYZ M . 7.86 -16.59 3.84
C14 CYZ M . 8.46 -16.83 2.64
CL CYZ M . 6.73 -15.19 4.02
S2 CYZ M . 7.27 -17.13 6.54
O1 CYZ M . 11.70 -19.75 4.25
O2 CYZ M . 9.81 -21.18 3.82
O3 CYZ M . 7.37 -18.33 7.42
O4 CYZ M . 5.81 -17.02 6.40
N3 CYZ M . 7.96 -15.71 7.31
#